data_6W1X
#
_entry.id   6W1X
#
loop_
_entity.id
_entity.type
_entity.pdbx_description
1 polymer 'CRISPR-associated protein Csy1'
2 polymer 'Type I-F CRISPR-associated protein Csy2'
3 polymer 'CRISPR-associated protein Csy3'
4 polymer 'RNA (60-MER)'
5 polymer 'CRISPR-associated endonuclease Cas6/Csy4'
6 polymer 'anti-CRISPR AcrIF9'
#
loop_
_entity_poly.entity_id
_entity_poly.type
_entity_poly.pdbx_seq_one_letter_code
_entity_poly.pdbx_strand_id
1 'polypeptide(L)'
;MTSPLPTPTWQELRQFIESFIQERLQGKLDKLQPDEDDKRQTLLATHRREAWLADAARRVGQLQLVTHTLKPIHPDARGS
NLHSLPQAPGQPGLAGSHELGDRLVSDVVGNAAALDVFKFLSLQYQGKNLLNWLTEDSAEALQALSDNAEQAREWRQAFI
GITTVKGAPASHSLAKQLYFPLPGSGYHLLAPLFPTSLVHHVHALLREARFGDAAKAAREARSRQESWPHGFSEYPNLAI
QKFGGTKPQNISQLNNERRGENWLLPSLPPNWQRQNVNAPMRHSSVFEHDFGRTPEVSRLTRTLQRFLAKTVHNNLAIRQ
RRAQLVAQICDEALQYAARLRELEPGWSATPGCQLHDAEQLWLDPLRAQTDETFLQRRLRGDWPAEVGNRFANWLNRAVS
SDSQILGSPEAAQWSQELSKELTMFKEILEDERD
;
A
2 'polypeptide(L)'
;MSVTDPEALLLLPRLSIQNANAISSPLTWGFPSPGAFTGFVHALQRRVGISLDIELDGVGIVCHRFEAQISQPAGKRTKV
FNLTRNPLNRDGSTAAIVEEGRAHLEVSLLLGVHGDGLDDHPAQEIARQVQEQAGAMRLAGGSILPWCNERFPAPNAELL
MLGGSDEQRRKNQRRLTRRLLPGFALVSREALLQQHLETLRTTLPEATTLDALLDLCRINFEPPATSSEEEASPPDAAWQ
VRDKPGWLVPIPAGYNALSPLYLPGEVRNARDRETPLRFVENLFGLGEWLSPHRVAALSDLLWYHHAEPDKGLYRWSTPR
FVEHAIA
;
B
3 'polypeptide(L)'
;MKSSHHHHHHENLYFQSNASKPILSTASVLAFERKLDPSDALMSAGAWAQRDASQEWPAVTVREKSVRGTISNRLKTKDR
DPAKLDASIQSPNLQTVDVANLPSDADTLKVRFTLRVLGGAGTPSACNDAAYRDKLLQTVATYVNDQGFAELARRYAHNL
ANARFLWRNRVGAEAVEVRINHIRQGEVARAWRFDALAIGLRDFKADAELDALAELIASGLSGSGHVLLEVVAFARIGDG
QEVFPSQELILDKGDKKGQKSKTLYSVRDAAAIHSQKIGNALRTIDTWYPDEDGLGPIAVEPYGSVTSQGKAYRQPKQKL
DFYTLLDNWVLRDEAPAVEQQHYVIANLIRGGVFGEAEEK
;
C,D,E,F,G,H
4 'polyribonucleotide' CUAAGAAAUUCACGGCGGGCUUGAUGUCCGCGUCUACCUGGUUCACUGCCGUGUAGGCAG M
5 'polypeptide(L)'
;MDHYLDIRLRPDPEFPPAQLMSVLFGKLHQALVAQGGDRIGVSFPDLDESRSRLGERLRIHASADDLRALLARPWLEGLR
DHLQFGEPAVVPHPTPYRQVSRVQAKSNPERLRRRLMRRHDLSEEEARKRIPDTVARALDLPFVTLRSQSTGQHFRLFIR
HGPLQVTAEEGGFTCYGLSKGGFVPWF
;
L
6 'polypeptide(L)' MKSTYIIKEVQNINSDREGVKVETTSLTSAKRIASKNQFFHGTVLRIESESGNWLAYKEDGKRWIECE I,J
#
# COMPACT_ATOMS: atom_id res chain seq x y z
N GLN A 64 58.00 -26.51 0.54
CA GLN A 64 57.18 -27.71 0.86
C GLN A 64 55.87 -27.69 0.06
N LEU A 65 55.27 -28.86 -0.16
CA LEU A 65 53.96 -28.93 -0.85
C LEU A 65 52.99 -29.69 0.04
N VAL A 66 51.85 -29.07 0.31
CA VAL A 66 50.83 -29.70 1.19
C VAL A 66 49.44 -29.31 0.69
N THR A 67 48.45 -30.11 1.04
CA THR A 67 47.05 -29.87 0.65
C THR A 67 46.28 -29.12 1.73
N HIS A 68 46.88 -28.88 2.89
CA HIS A 68 46.24 -28.13 3.98
C HIS A 68 47.28 -27.31 4.72
N THR A 69 46.91 -26.09 5.10
CA THR A 69 47.82 -25.21 5.86
C THR A 69 47.06 -24.41 6.89
N LEU A 70 47.75 -23.99 7.95
CA LEU A 70 47.14 -23.18 9.01
C LEU A 70 47.44 -21.69 8.83
N LYS A 71 48.23 -21.32 7.83
CA LYS A 71 48.57 -19.89 7.66
C LYS A 71 47.31 -19.08 7.32
N PRO A 72 46.48 -19.44 6.32
CA PRO A 72 45.29 -18.65 6.04
C PRO A 72 44.23 -18.81 7.14
N ILE A 73 44.22 -19.94 7.83
CA ILE A 73 43.22 -20.16 8.90
C ILE A 73 43.51 -19.25 10.08
N HIS A 74 44.74 -19.22 10.57
CA HIS A 74 45.11 -18.36 11.71
C HIS A 74 46.57 -17.97 11.58
N PRO A 75 46.98 -16.78 12.06
CA PRO A 75 48.37 -16.40 11.98
C PRO A 75 49.29 -17.24 12.87
N ASP A 76 48.82 -17.60 14.05
CA ASP A 76 49.62 -18.39 15.02
C ASP A 76 49.33 -19.89 14.93
N ALA A 77 48.51 -20.31 13.98
CA ALA A 77 48.17 -21.74 13.84
C ALA A 77 49.34 -22.47 13.21
N ARG A 78 49.88 -23.46 13.91
CA ARG A 78 51.01 -24.27 13.39
C ARG A 78 50.75 -25.74 13.74
N GLY A 79 50.99 -26.61 12.79
CA GLY A 79 50.71 -28.04 13.02
C GLY A 79 51.13 -28.89 11.85
N SER A 80 50.63 -30.12 11.83
CA SER A 80 50.98 -31.09 10.77
C SER A 80 50.14 -30.81 9.51
N ASN A 81 50.80 -30.59 8.39
CA ASN A 81 50.10 -30.32 7.11
C ASN A 81 50.28 -31.55 6.22
N LEU A 82 49.18 -32.17 5.81
CA LEU A 82 49.26 -33.38 4.97
C LEU A 82 49.81 -33.02 3.60
N HIS A 83 50.66 -33.88 3.06
CA HIS A 83 51.24 -33.65 1.71
C HIS A 83 50.16 -33.74 0.64
N SER A 84 49.28 -34.74 0.74
CA SER A 84 48.20 -34.94 -0.25
C SER A 84 47.26 -36.02 0.26
N LEU A 85 46.19 -36.28 -0.48
CA LEU A 85 45.21 -37.33 -0.10
C LEU A 85 45.58 -38.63 -0.83
N PRO A 86 46.10 -39.67 -0.15
CA PRO A 86 46.41 -40.92 -0.84
C PRO A 86 45.17 -41.65 -1.35
N GLN A 87 44.07 -41.62 -0.59
CA GLN A 87 42.81 -42.28 -0.97
C GLN A 87 41.67 -41.28 -0.91
N ALA A 88 40.53 -41.63 -1.50
CA ALA A 88 39.33 -40.78 -1.50
C ALA A 88 38.32 -41.32 -0.49
N PRO A 89 38.35 -40.89 0.78
CA PRO A 89 37.37 -41.37 1.75
C PRO A 89 35.95 -40.85 1.51
N GLY A 90 35.81 -39.80 0.71
CA GLY A 90 34.49 -39.23 0.45
C GLY A 90 33.60 -40.23 -0.26
N GLN A 91 32.41 -40.45 0.26
CA GLN A 91 31.47 -41.40 -0.34
C GLN A 91 30.72 -40.73 -1.48
N PRO A 92 30.14 -41.49 -2.42
CA PRO A 92 29.39 -40.90 -3.51
C PRO A 92 28.15 -40.13 -3.05
N GLY A 93 27.58 -40.50 -1.90
CA GLY A 93 26.37 -39.84 -1.40
C GLY A 93 26.61 -38.38 -1.07
N LEU A 94 27.85 -37.97 -0.85
CA LEU A 94 28.18 -36.58 -0.49
C LEU A 94 29.20 -36.00 -1.46
N ALA A 95 29.64 -34.77 -1.20
CA ALA A 95 30.63 -34.10 -2.05
C ALA A 95 31.78 -33.60 -1.18
N GLY A 96 33.00 -33.89 -1.59
CA GLY A 96 34.20 -33.50 -0.83
C GLY A 96 35.40 -33.29 -1.74
N SER A 97 36.50 -32.84 -1.18
CA SER A 97 37.75 -32.62 -1.95
C SER A 97 38.29 -33.94 -2.50
N HIS A 98 37.96 -35.06 -1.87
CA HIS A 98 38.46 -36.39 -2.30
C HIS A 98 37.73 -36.90 -3.53
N GLU A 99 36.66 -36.23 -3.97
CA GLU A 99 35.88 -36.67 -5.14
C GLU A 99 36.46 -36.17 -6.46
N LEU A 100 37.42 -35.24 -6.43
CA LEU A 100 38.02 -34.70 -7.66
C LEU A 100 39.25 -35.53 -8.05
N GLY A 101 40.20 -35.68 -7.14
CA GLY A 101 41.41 -36.48 -7.41
C GLY A 101 42.21 -35.94 -8.57
N ASP A 102 41.98 -34.69 -8.95
CA ASP A 102 42.69 -34.08 -10.10
C ASP A 102 42.64 -32.58 -9.96
N ARG A 103 43.41 -31.89 -10.78
CA ARG A 103 43.48 -30.40 -10.75
C ARG A 103 43.93 -29.92 -9.38
N LEU A 104 44.81 -30.67 -8.73
CA LEU A 104 45.27 -30.30 -7.37
C LEU A 104 46.35 -29.23 -7.51
N VAL A 105 46.13 -28.07 -6.91
CA VAL A 105 47.12 -26.98 -6.94
C VAL A 105 47.68 -26.81 -5.54
N SER A 106 48.96 -27.12 -5.34
CA SER A 106 49.63 -26.97 -4.03
C SER A 106 50.77 -25.98 -4.16
N ASP A 107 50.71 -24.89 -3.41
CA ASP A 107 51.75 -23.84 -3.49
C ASP A 107 52.80 -24.07 -2.44
N VAL A 108 53.89 -23.31 -2.52
CA VAL A 108 54.99 -23.42 -1.54
C VAL A 108 54.74 -22.41 -0.42
N VAL A 109 54.56 -22.91 0.79
CA VAL A 109 54.35 -22.02 1.95
C VAL A 109 55.57 -21.14 2.12
N GLY A 110 55.37 -19.83 2.18
CA GLY A 110 56.49 -18.90 2.36
C GLY A 110 57.34 -18.76 1.11
N ALA A 168 55.83 -37.41 13.99
CA ALA A 168 55.32 -36.83 15.25
C ALA A 168 54.46 -35.61 14.91
N PRO A 169 53.24 -35.82 14.41
CA PRO A 169 52.36 -34.70 14.10
C PRO A 169 52.08 -33.84 15.34
N ALA A 170 52.07 -32.53 15.14
CA ALA A 170 51.81 -31.56 16.22
C ALA A 170 50.57 -30.73 15.89
N SER A 171 49.85 -30.33 16.92
CA SER A 171 48.61 -29.54 16.78
C SER A 171 48.79 -28.22 17.53
N HIS A 172 47.75 -27.40 17.50
CA HIS A 172 47.78 -26.12 18.22
C HIS A 172 46.41 -25.85 18.84
N SER A 173 46.34 -24.84 19.67
CA SER A 173 45.06 -24.46 20.31
C SER A 173 44.04 -24.02 19.25
N LEU A 174 44.50 -23.33 18.21
CA LEU A 174 43.61 -22.82 17.15
C LEU A 174 43.20 -23.92 16.17
N ALA A 175 43.57 -25.16 16.42
CA ALA A 175 43.22 -26.27 15.51
C ALA A 175 41.70 -26.47 15.45
N LYS A 176 40.94 -25.88 16.37
CA LYS A 176 39.48 -26.04 16.40
C LYS A 176 39.10 -27.51 16.59
N GLN A 177 39.76 -28.18 17.52
CA GLN A 177 39.44 -29.59 17.80
C GLN A 177 38.04 -29.72 18.34
N LEU A 178 37.27 -30.66 17.82
CA LEU A 178 35.89 -30.89 18.29
C LEU A 178 35.66 -32.38 18.50
N TYR A 179 35.08 -32.74 19.63
CA TYR A 179 34.79 -34.15 19.89
C TYR A 179 33.62 -34.62 19.05
N PHE A 180 33.57 -35.92 18.81
CA PHE A 180 32.45 -36.51 18.05
C PHE A 180 31.90 -37.71 18.83
N PRO A 181 30.58 -37.83 18.96
CA PRO A 181 30.02 -38.96 19.68
C PRO A 181 30.04 -40.25 18.87
N LEU A 182 30.11 -41.37 19.57
CA LEU A 182 30.14 -42.70 18.93
C LEU A 182 29.01 -43.55 19.51
N PRO A 183 28.42 -44.48 18.73
CA PRO A 183 27.33 -45.26 19.27
C PRO A 183 27.83 -46.31 20.28
N GLY A 184 27.54 -46.08 21.56
CA GLY A 184 27.93 -47.04 22.60
C GLY A 184 29.42 -47.14 22.77
N SER A 185 30.18 -46.14 22.33
CA SER A 185 31.66 -46.16 22.43
C SER A 185 32.14 -44.84 23.05
N GLY A 186 33.44 -44.64 23.07
CA GLY A 186 34.01 -43.42 23.65
C GLY A 186 33.88 -42.24 22.71
N TYR A 187 34.72 -41.23 22.87
CA TYR A 187 34.68 -40.01 22.05
C TYR A 187 35.97 -39.88 21.27
N HIS A 188 35.88 -39.31 20.08
CA HIS A 188 37.05 -39.10 19.20
C HIS A 188 37.11 -37.63 18.83
N LEU A 189 38.22 -36.98 19.13
CA LEU A 189 38.40 -35.56 18.79
C LEU A 189 38.86 -35.45 17.35
N LEU A 190 38.31 -34.48 16.63
CA LEU A 190 38.68 -34.25 15.22
C LEU A 190 39.31 -32.88 15.11
N ALA A 191 40.43 -32.78 14.39
CA ALA A 191 41.15 -31.51 14.20
C ALA A 191 41.13 -31.21 12.71
N PRO A 192 40.06 -30.56 12.20
CA PRO A 192 39.99 -30.28 10.79
C PRO A 192 41.02 -29.23 10.37
N LEU A 193 41.34 -29.23 9.09
CA LEU A 193 42.31 -28.27 8.51
C LEU A 193 41.62 -27.42 7.47
N PHE A 194 42.37 -26.52 6.86
CA PHE A 194 41.83 -25.61 5.83
C PHE A 194 42.14 -26.16 4.45
N PRO A 195 41.13 -26.63 3.68
CA PRO A 195 41.42 -27.16 2.37
C PRO A 195 41.85 -26.05 1.41
N THR A 196 43.03 -26.19 0.83
CA THR A 196 43.58 -25.18 -0.10
C THR A 196 43.33 -25.56 -1.56
N SER A 197 43.57 -26.82 -1.93
CA SER A 197 43.39 -27.24 -3.33
C SER A 197 41.92 -27.09 -3.74
N LEU A 198 41.01 -27.56 -2.90
CA LEU A 198 39.57 -27.48 -3.24
C LEU A 198 39.14 -26.02 -3.28
N VAL A 199 39.66 -25.21 -2.36
CA VAL A 199 39.27 -23.79 -2.32
C VAL A 199 39.72 -23.11 -3.61
N HIS A 200 40.96 -23.33 -4.00
CA HIS A 200 41.49 -22.69 -5.23
C HIS A 200 40.71 -23.21 -6.44
N HIS A 201 40.36 -24.48 -6.43
CA HIS A 201 39.64 -25.08 -7.58
C HIS A 201 38.27 -24.41 -7.72
N VAL A 202 37.54 -24.31 -6.62
CA VAL A 202 36.19 -23.70 -6.67
C VAL A 202 36.34 -22.23 -7.06
N HIS A 203 37.36 -21.58 -6.53
CA HIS A 203 37.57 -20.15 -6.83
C HIS A 203 37.79 -19.97 -8.33
N ALA A 204 38.62 -20.79 -8.94
CA ALA A 204 38.90 -20.66 -10.39
C ALA A 204 37.63 -21.02 -11.18
N LEU A 205 36.90 -22.03 -10.73
CA LEU A 205 35.70 -22.47 -11.46
C LEU A 205 34.69 -21.33 -11.47
N LEU A 206 34.58 -20.59 -10.37
CA LEU A 206 33.61 -19.49 -10.31
C LEU A 206 34.16 -18.23 -10.96
N ARG A 207 35.46 -18.04 -10.95
CA ARG A 207 36.07 -16.84 -11.58
C ARG A 207 35.91 -16.93 -13.09
N GLU A 208 36.15 -18.11 -13.66
CA GLU A 208 36.07 -18.23 -15.12
C GLU A 208 34.61 -18.07 -15.54
N ALA A 209 33.66 -18.38 -14.64
CA ALA A 209 32.24 -18.19 -14.95
C ALA A 209 31.79 -16.72 -14.82
N ARG A 210 32.09 -16.09 -13.70
CA ARG A 210 31.65 -14.69 -13.48
C ARG A 210 32.34 -13.76 -14.46
N PHE A 211 33.63 -13.99 -14.72
CA PHE A 211 34.42 -13.15 -15.63
C PHE A 211 34.67 -13.90 -16.93
N GLY A 212 35.41 -13.25 -17.82
CA GLY A 212 35.76 -13.87 -19.10
C GLY A 212 34.89 -13.30 -20.20
N ASP A 213 35.44 -13.26 -21.41
CA ASP A 213 34.68 -12.75 -22.56
C ASP A 213 33.57 -13.74 -22.93
N ALA A 214 33.75 -15.02 -22.65
CA ALA A 214 32.73 -16.01 -23.02
C ALA A 214 31.43 -15.76 -22.25
N ALA A 215 31.52 -15.69 -20.92
CA ALA A 215 30.32 -15.47 -20.09
C ALA A 215 29.83 -14.04 -20.27
N LYS A 216 30.73 -13.11 -20.55
CA LYS A 216 30.33 -11.69 -20.68
C LYS A 216 29.30 -11.56 -21.79
N ALA A 217 29.55 -12.17 -22.94
CA ALA A 217 28.60 -12.10 -24.08
C ALA A 217 27.28 -12.75 -23.69
N ALA A 218 27.33 -13.80 -22.88
CA ALA A 218 26.10 -14.51 -22.49
C ALA A 218 25.15 -13.56 -21.76
N ARG A 219 25.65 -12.84 -20.76
CA ARG A 219 24.76 -11.93 -20.00
C ARG A 219 24.23 -10.84 -20.92
N GLU A 220 25.09 -10.34 -21.81
CA GLU A 220 24.63 -9.26 -22.73
C GLU A 220 23.49 -9.78 -23.60
N ALA A 221 23.56 -11.03 -24.02
CA ALA A 221 22.51 -11.62 -24.88
C ALA A 221 21.18 -11.60 -24.16
N ARG A 222 21.18 -11.83 -22.85
CA ARG A 222 19.89 -11.85 -22.10
C ARG A 222 19.19 -10.51 -22.23
N SER A 223 19.94 -9.41 -22.15
CA SER A 223 19.31 -8.07 -22.30
C SER A 223 18.76 -7.89 -23.71
N ARG A 224 19.50 -8.36 -24.71
CA ARG A 224 19.07 -8.24 -26.12
C ARG A 224 17.97 -9.24 -26.46
N GLN A 225 17.68 -10.19 -25.58
CA GLN A 225 16.65 -11.23 -25.78
C GLN A 225 17.10 -12.30 -26.77
N GLU A 226 18.36 -12.26 -27.21
CA GLU A 226 18.86 -13.25 -28.18
C GLU A 226 18.93 -14.61 -27.49
N SER A 227 18.39 -15.63 -28.12
CA SER A 227 18.40 -17.00 -27.57
C SER A 227 19.76 -17.64 -27.90
N TRP A 228 20.78 -17.22 -27.19
CA TRP A 228 22.14 -17.75 -27.42
C TRP A 228 22.20 -19.20 -26.94
N PRO A 229 22.99 -20.06 -27.61
CA PRO A 229 23.06 -21.45 -27.19
C PRO A 229 23.60 -21.64 -25.77
N HIS A 230 24.69 -20.95 -25.44
CA HIS A 230 25.30 -21.07 -24.10
C HIS A 230 24.41 -20.45 -23.04
N GLY A 231 24.46 -21.00 -21.83
CA GLY A 231 23.69 -20.47 -20.70
C GLY A 231 24.59 -20.02 -19.57
N PHE A 232 24.39 -18.81 -19.07
CA PHE A 232 25.23 -18.27 -17.98
C PHE A 232 24.50 -18.34 -16.67
N SER A 233 25.21 -18.76 -15.62
CA SER A 233 24.64 -18.88 -14.26
C SER A 233 25.17 -17.75 -13.39
N GLU A 234 24.29 -17.18 -12.57
CA GLU A 234 24.67 -16.08 -11.66
C GLU A 234 24.74 -16.58 -10.23
N TYR A 235 25.42 -15.82 -9.38
CA TYR A 235 25.60 -16.17 -7.95
C TYR A 235 25.23 -14.95 -7.12
N PRO A 236 23.94 -14.75 -6.83
CA PRO A 236 23.54 -13.61 -6.06
C PRO A 236 23.88 -13.72 -4.58
N ASN A 237 23.99 -12.57 -3.92
CA ASN A 237 24.27 -12.51 -2.46
C ASN A 237 25.59 -13.17 -2.11
N LEU A 238 26.63 -12.85 -2.86
CA LEU A 238 27.97 -13.41 -2.58
C LEU A 238 28.63 -12.69 -1.41
N ALA A 239 29.63 -13.34 -0.83
CA ALA A 239 30.35 -12.79 0.33
C ALA A 239 31.83 -12.85 0.10
N ILE A 240 32.56 -11.88 0.63
CA ILE A 240 34.03 -11.79 0.48
C ILE A 240 34.66 -12.02 1.83
N GLN A 241 35.77 -12.74 1.85
CA GLN A 241 36.54 -13.02 3.07
C GLN A 241 38.01 -12.73 2.79
N LYS A 242 38.63 -11.93 3.65
CA LYS A 242 40.04 -11.55 3.50
C LYS A 242 40.94 -12.50 4.26
N PHE A 243 42.11 -12.79 3.70
CA PHE A 243 43.10 -13.67 4.33
C PHE A 243 44.38 -12.89 4.56
N GLY A 244 44.89 -12.92 5.78
CA GLY A 244 46.16 -12.25 6.13
C GLY A 244 45.97 -10.83 6.59
N GLY A 245 44.81 -10.22 6.32
CA GLY A 245 44.55 -8.85 6.78
C GLY A 245 45.57 -7.88 6.17
N THR A 246 46.28 -7.16 7.02
CA THR A 246 47.25 -6.15 6.55
C THR A 246 48.38 -6.83 5.78
N LYS A 247 48.72 -8.05 6.13
CA LYS A 247 49.84 -8.79 5.48
C LYS A 247 49.25 -10.01 4.79
N PRO A 248 48.70 -9.84 3.57
CA PRO A 248 48.15 -10.97 2.85
C PRO A 248 49.22 -12.01 2.45
N GLN A 249 50.47 -11.60 2.34
CA GLN A 249 51.55 -12.52 1.95
C GLN A 249 51.70 -13.63 2.98
N ASN A 250 51.38 -13.35 4.24
CA ASN A 250 51.54 -14.35 5.31
C ASN A 250 50.71 -15.59 5.01
N ILE A 251 49.59 -15.42 4.32
CA ILE A 251 48.72 -16.57 3.98
C ILE A 251 49.47 -17.51 3.04
N SER A 252 49.29 -18.80 3.23
CA SER A 252 49.95 -19.82 2.39
C SER A 252 49.20 -20.01 1.07
N GLN A 253 49.93 -20.07 -0.04
CA GLN A 253 49.32 -20.30 -1.37
C GLN A 253 48.36 -19.17 -1.73
N LEU A 254 48.59 -17.99 -1.18
CA LEU A 254 47.76 -16.81 -1.50
C LEU A 254 48.63 -15.86 -2.33
N ASN A 255 48.31 -15.73 -3.61
CA ASN A 255 49.06 -14.83 -4.51
C ASN A 255 48.61 -13.40 -4.28
N ASN A 256 49.20 -12.46 -5.00
CA ASN A 256 48.83 -11.03 -4.83
C ASN A 256 47.36 -10.84 -5.16
N GLU A 257 46.91 -11.36 -6.29
CA GLU A 257 45.49 -11.23 -6.70
C GLU A 257 44.61 -12.25 -5.95
N ARG A 258 45.15 -13.43 -5.67
CA ARG A 258 44.37 -14.49 -5.01
C ARG A 258 44.11 -14.16 -3.55
N ARG A 259 44.86 -13.23 -2.97
CA ARG A 259 44.69 -12.90 -1.55
C ARG A 259 43.43 -12.08 -1.37
N GLY A 260 42.51 -12.60 -0.56
CA GLY A 260 41.26 -11.86 -0.26
C GLY A 260 40.27 -11.90 -1.40
N GLU A 261 40.61 -12.51 -2.52
CA GLU A 261 39.72 -12.56 -3.70
C GLU A 261 38.81 -13.78 -3.62
N ASN A 262 38.96 -14.62 -2.59
CA ASN A 262 38.17 -15.85 -2.47
C ASN A 262 36.77 -15.49 -1.98
N TRP A 263 35.78 -15.72 -2.83
CA TRP A 263 34.39 -15.42 -2.49
C TRP A 263 33.68 -16.69 -2.08
N LEU A 264 32.79 -16.58 -1.10
CA LEU A 264 32.01 -17.73 -0.61
C LEU A 264 30.62 -17.76 -1.25
N LEU A 265 29.78 -18.67 -0.79
CA LEU A 265 28.41 -18.82 -1.30
C LEU A 265 27.41 -18.58 -0.18
N PRO A 266 26.29 -17.92 -0.46
CA PRO A 266 25.31 -17.64 0.57
C PRO A 266 24.46 -18.86 0.91
N SER A 267 24.42 -19.21 2.19
CA SER A 267 23.63 -20.36 2.68
C SER A 267 22.45 -19.88 3.53
N LEU A 268 22.17 -18.58 3.54
CA LEU A 268 21.08 -18.04 4.38
C LEU A 268 19.77 -18.69 3.98
N PRO A 269 18.86 -18.97 4.93
CA PRO A 269 17.58 -19.53 4.57
C PRO A 269 16.71 -18.53 3.83
N PRO A 270 15.74 -18.97 3.00
CA PRO A 270 14.93 -18.04 2.25
C PRO A 270 14.22 -17.00 3.14
N ASN A 271 14.06 -17.30 4.42
CA ASN A 271 13.40 -16.38 5.38
C ASN A 271 14.40 -15.42 6.01
N TRP A 272 15.62 -15.37 5.53
CA TRP A 272 16.64 -14.47 6.11
C TRP A 272 16.21 -13.03 5.98
N GLN A 273 15.57 -12.67 4.87
CA GLN A 273 15.13 -11.28 4.64
C GLN A 273 13.73 -11.14 5.23
N ARG A 274 13.64 -10.47 6.37
CA ARG A 274 12.35 -10.28 7.05
C ARG A 274 11.95 -8.81 6.97
N GLN A 275 10.69 -8.57 6.68
CA GLN A 275 10.16 -7.21 6.55
C GLN A 275 9.09 -7.00 7.61
N ASN A 276 8.55 -5.79 7.69
CA ASN A 276 7.54 -5.48 8.71
C ASN A 276 6.19 -6.10 8.33
N VAL A 277 5.30 -6.17 9.30
CA VAL A 277 3.93 -6.70 9.07
C VAL A 277 2.95 -5.58 9.38
N ASN A 278 2.08 -5.27 8.42
CA ASN A 278 1.11 -4.18 8.58
C ASN A 278 -0.30 -4.70 8.29
N ALA A 279 -1.18 -4.67 9.29
CA ALA A 279 -2.60 -5.02 9.09
C ALA A 279 -3.44 -3.95 9.80
N PRO A 280 -3.83 -2.87 9.09
CA PRO A 280 -4.60 -1.81 9.70
C PRO A 280 -6.10 -2.07 9.79
N MET A 281 -6.81 -1.18 10.47
CA MET A 281 -8.26 -1.30 10.66
C MET A 281 -9.04 -0.44 9.66
N ARG A 282 -8.36 0.30 8.79
CA ARG A 282 -9.05 1.16 7.81
C ARG A 282 -9.45 0.35 6.60
N HIS A 283 -9.94 1.01 5.56
CA HIS A 283 -10.36 0.33 4.30
C HIS A 283 -9.21 0.19 3.32
N SER A 284 -8.07 0.81 3.59
CA SER A 284 -6.94 0.77 2.63
C SER A 284 -6.51 -0.68 2.42
N SER A 285 -6.28 -1.39 3.50
CA SER A 285 -5.82 -2.80 3.42
C SER A 285 -6.94 -3.75 3.84
N VAL A 286 -8.10 -3.27 4.22
CA VAL A 286 -9.24 -4.15 4.59
C VAL A 286 -9.71 -4.93 3.36
N PHE A 287 -9.86 -4.26 2.23
CA PHE A 287 -10.33 -4.89 0.99
C PHE A 287 -9.24 -5.78 0.37
N GLU A 288 -8.00 -5.34 0.43
CA GLU A 288 -6.88 -6.08 -0.22
C GLU A 288 -6.20 -7.03 0.76
N HIS A 289 -6.67 -7.14 1.99
CA HIS A 289 -6.07 -8.08 2.98
C HIS A 289 -6.25 -9.53 2.53
N ASP A 290 -7.37 -9.83 1.88
CA ASP A 290 -7.65 -11.22 1.48
C ASP A 290 -6.54 -11.72 0.56
N PHE A 291 -6.03 -10.86 -0.31
CA PHE A 291 -4.97 -11.29 -1.25
C PHE A 291 -3.65 -11.49 -0.52
N GLY A 292 -3.17 -10.50 0.20
CA GLY A 292 -1.89 -10.58 0.91
C GLY A 292 -0.71 -10.87 0.00
N ARG A 293 -0.58 -10.11 -1.08
CA ARG A 293 0.51 -10.34 -2.06
C ARG A 293 1.85 -10.05 -1.39
N THR A 294 2.80 -10.95 -1.55
CA THR A 294 4.15 -10.82 -0.97
C THR A 294 5.19 -10.99 -2.07
N PRO A 295 6.36 -10.37 -1.97
CA PRO A 295 7.37 -10.51 -3.02
C PRO A 295 7.79 -11.97 -3.24
N GLU A 296 7.73 -12.81 -2.20
CA GLU A 296 8.08 -14.24 -2.35
C GLU A 296 7.05 -14.99 -3.18
N VAL A 297 5.77 -14.76 -2.94
CA VAL A 297 4.69 -15.45 -3.69
C VAL A 297 4.60 -14.86 -5.11
N SER A 298 4.98 -13.60 -5.28
CA SER A 298 4.84 -12.96 -6.60
C SER A 298 5.79 -13.65 -7.58
N ARG A 299 7.01 -13.98 -7.09
CA ARG A 299 7.98 -14.64 -8.01
C ARG A 299 7.57 -16.08 -8.30
N LEU A 300 6.90 -16.72 -7.34
CA LEU A 300 6.41 -18.12 -7.57
C LEU A 300 5.22 -18.16 -8.52
N THR A 301 4.32 -17.20 -8.42
CA THR A 301 3.09 -17.21 -9.26
C THR A 301 3.52 -17.06 -10.72
N ARG A 302 4.58 -16.26 -10.96
CA ARG A 302 4.98 -16.06 -12.38
C ARG A 302 5.56 -17.35 -12.94
N THR A 303 6.32 -18.10 -12.13
CA THR A 303 6.84 -19.40 -12.59
C THR A 303 5.74 -20.43 -12.76
N LEU A 304 4.75 -20.43 -11.88
CA LEU A 304 3.63 -21.40 -11.96
C LEU A 304 2.76 -21.12 -13.18
N GLN A 305 2.50 -19.83 -13.47
CA GLN A 305 1.60 -19.51 -14.61
C GLN A 305 2.33 -19.73 -15.93
N ARG A 306 3.65 -19.94 -15.92
CA ARG A 306 4.41 -20.20 -17.15
C ARG A 306 4.34 -21.65 -17.61
N PHE A 307 3.82 -22.55 -16.79
CA PHE A 307 3.74 -23.99 -17.13
C PHE A 307 2.40 -24.34 -17.76
N LEU A 308 1.50 -23.37 -17.92
CA LEU A 308 0.18 -23.63 -18.54
C LEU A 308 0.22 -23.49 -20.05
N ALA A 309 1.32 -22.99 -20.62
CA ALA A 309 1.44 -22.81 -22.08
C ALA A 309 2.12 -24.01 -22.74
N LYS A 310 2.53 -25.01 -21.97
CA LYS A 310 3.23 -26.17 -22.54
C LYS A 310 2.23 -27.03 -23.32
N THR A 311 2.70 -27.63 -24.40
CA THR A 311 1.84 -28.48 -25.23
C THR A 311 1.77 -29.88 -24.63
N VAL A 312 1.20 -30.82 -25.35
CA VAL A 312 1.09 -32.23 -24.88
C VAL A 312 2.49 -32.82 -24.72
N HIS A 313 3.43 -32.47 -25.58
CA HIS A 313 4.80 -33.00 -25.51
C HIS A 313 5.44 -32.64 -24.16
N ASN A 314 5.14 -31.47 -23.64
CA ASN A 314 5.74 -30.98 -22.37
C ASN A 314 4.88 -31.36 -21.17
N ASN A 315 3.80 -32.11 -21.37
CA ASN A 315 2.91 -32.52 -20.26
C ASN A 315 3.54 -33.60 -19.38
N LEU A 316 4.60 -34.26 -19.85
CA LEU A 316 5.23 -35.32 -19.04
C LEU A 316 5.94 -34.74 -17.82
N ALA A 317 6.79 -33.73 -18.01
CA ALA A 317 7.54 -33.12 -16.89
C ALA A 317 6.64 -32.20 -16.08
N ILE A 318 5.61 -31.64 -16.70
CA ILE A 318 4.73 -30.68 -16.01
C ILE A 318 4.02 -31.37 -14.84
N ARG A 319 3.98 -32.70 -14.84
CA ARG A 319 3.29 -33.46 -13.78
C ARG A 319 4.05 -33.38 -12.45
N GLN A 320 5.31 -32.94 -12.46
CA GLN A 320 6.12 -32.88 -11.23
C GLN A 320 6.37 -31.44 -10.78
N ARG A 321 6.86 -30.59 -11.66
CA ARG A 321 7.17 -29.20 -11.27
C ARG A 321 5.88 -28.48 -10.89
N ARG A 322 4.84 -28.63 -11.68
CA ARG A 322 3.56 -27.96 -11.38
C ARG A 322 2.96 -28.54 -10.10
N ALA A 323 3.11 -29.84 -9.88
CA ALA A 323 2.57 -30.47 -8.65
C ALA A 323 3.28 -29.93 -7.42
N GLN A 324 4.60 -29.78 -7.49
CA GLN A 324 5.38 -29.30 -6.33
C GLN A 324 5.15 -27.81 -6.13
N LEU A 325 4.87 -27.06 -7.20
CA LEU A 325 4.71 -25.60 -7.08
C LEU A 325 3.43 -25.25 -6.33
N VAL A 326 2.43 -26.14 -6.36
CA VAL A 326 1.16 -25.87 -5.63
C VAL A 326 1.38 -25.84 -4.12
N ALA A 327 2.17 -26.78 -3.61
CA ALA A 327 2.41 -26.85 -2.15
C ALA A 327 3.13 -25.59 -1.69
N GLN A 328 4.07 -25.09 -2.50
CA GLN A 328 4.86 -23.92 -2.07
C GLN A 328 3.93 -22.72 -1.93
N ILE A 329 2.89 -22.64 -2.77
CA ILE A 329 1.94 -21.50 -2.63
C ILE A 329 1.23 -21.54 -1.26
N CYS A 330 0.72 -22.70 -0.88
CA CYS A 330 0.05 -22.81 0.45
C CYS A 330 1.07 -22.56 1.56
N ASP A 331 2.29 -23.02 1.37
CA ASP A 331 3.33 -22.83 2.42
C ASP A 331 3.62 -21.35 2.59
N GLU A 332 3.84 -20.63 1.50
CA GLU A 332 4.15 -19.19 1.59
C GLU A 332 2.93 -18.44 2.12
N ALA A 333 1.72 -18.92 1.83
CA ALA A 333 0.49 -18.26 2.32
C ALA A 333 0.34 -18.43 3.83
N LEU A 334 0.54 -19.64 4.34
CA LEU A 334 0.37 -19.89 5.78
C LEU A 334 1.40 -19.08 6.56
N GLN A 335 2.60 -18.90 5.98
CA GLN A 335 3.66 -18.18 6.72
C GLN A 335 3.23 -16.73 6.93
N TYR A 336 2.57 -16.14 5.94
CA TYR A 336 2.09 -14.75 6.10
C TYR A 336 1.10 -14.64 7.27
N ALA A 337 0.14 -15.55 7.34
CA ALA A 337 -0.84 -15.51 8.45
C ALA A 337 -0.13 -15.74 9.78
N ALA A 338 0.84 -16.65 9.81
CA ALA A 338 1.57 -16.93 11.05
C ALA A 338 2.31 -15.69 11.52
N ARG A 339 3.04 -15.05 10.62
CA ARG A 339 3.82 -13.85 10.99
C ARG A 339 2.86 -12.74 11.41
N LEU A 340 1.70 -12.65 10.77
CA LEU A 340 0.73 -11.61 11.12
C LEU A 340 0.22 -11.82 12.54
N ARG A 341 -0.19 -13.04 12.87
CA ARG A 341 -0.72 -13.33 14.21
C ARG A 341 0.39 -13.19 15.25
N GLU A 342 1.63 -13.44 14.85
CA GLU A 342 2.78 -13.37 15.78
C GLU A 342 3.34 -11.96 15.90
N LEU A 343 2.81 -11.00 15.16
CA LEU A 343 3.31 -9.61 15.21
C LEU A 343 2.25 -8.60 15.61
N GLU A 344 0.99 -8.80 15.24
CA GLU A 344 -0.08 -7.84 15.55
C GLU A 344 -0.81 -8.34 16.80
N PRO A 345 -0.96 -7.46 17.82
CA PRO A 345 -1.66 -7.84 19.03
C PRO A 345 -3.13 -8.17 18.78
N GLY A 346 -3.73 -7.57 17.75
CA GLY A 346 -5.12 -7.89 17.39
C GLY A 346 -5.64 -6.98 16.32
N TRP A 347 -6.86 -7.24 15.89
CA TRP A 347 -7.54 -6.41 14.87
C TRP A 347 -8.97 -6.18 15.33
N SER A 348 -9.39 -4.92 15.38
CA SER A 348 -10.76 -4.56 15.79
C SER A 348 -11.67 -4.52 14.57
N ALA A 349 -12.87 -3.95 14.70
CA ALA A 349 -13.81 -3.85 13.57
C ALA A 349 -13.19 -3.01 12.45
N THR A 350 -13.36 -3.45 11.22
CA THR A 350 -12.81 -2.74 10.05
C THR A 350 -13.89 -2.66 8.98
N PRO A 351 -13.80 -1.71 8.04
CA PRO A 351 -14.78 -1.62 6.99
C PRO A 351 -14.59 -2.69 5.92
N GLY A 352 -15.60 -2.83 5.06
CA GLY A 352 -15.56 -3.85 4.00
C GLY A 352 -15.61 -5.24 4.55
N CYS A 353 -16.58 -5.54 5.40
CA CYS A 353 -16.70 -6.87 6.05
C CYS A 353 -17.55 -7.83 5.24
N GLN A 354 -18.02 -7.44 4.06
CA GLN A 354 -18.88 -8.33 3.25
C GLN A 354 -18.12 -9.61 2.87
N LEU A 355 -17.00 -9.48 2.19
CA LEU A 355 -16.20 -10.66 1.77
C LEU A 355 -14.98 -10.83 2.66
N HIS A 356 -14.66 -9.86 3.50
CA HIS A 356 -13.47 -9.92 4.36
C HIS A 356 -13.77 -10.60 5.69
N ASP A 357 -14.99 -11.04 5.91
CA ASP A 357 -15.35 -11.71 7.18
C ASP A 357 -14.57 -13.01 7.34
N ALA A 358 -14.43 -13.77 6.25
CA ALA A 358 -13.69 -15.05 6.30
C ALA A 358 -12.21 -14.81 6.58
N GLU A 359 -11.64 -13.74 6.02
CA GLU A 359 -10.21 -13.44 6.24
C GLU A 359 -9.96 -13.08 7.70
N GLN A 360 -10.85 -12.29 8.31
CA GLN A 360 -10.63 -11.88 9.71
C GLN A 360 -10.57 -13.14 10.61
N LEU A 361 -11.30 -14.19 10.22
CA LEU A 361 -11.28 -15.44 11.04
C LEU A 361 -9.98 -16.21 10.89
N TRP A 362 -9.13 -15.90 9.91
CA TRP A 362 -7.81 -16.56 9.83
C TRP A 362 -6.90 -16.23 11.02
N LEU A 363 -6.81 -14.95 11.40
CA LEU A 363 -5.94 -14.52 12.52
C LEU A 363 -6.85 -14.14 13.68
N ASP A 364 -6.88 -14.97 14.72
CA ASP A 364 -7.86 -14.76 15.81
C ASP A 364 -7.13 -14.28 17.05
N PRO A 365 -7.33 -13.02 17.49
CA PRO A 365 -6.71 -12.57 18.73
C PRO A 365 -7.43 -13.14 19.95
N LEU A 366 -6.81 -12.98 21.12
CA LEU A 366 -7.43 -13.47 22.37
C LEU A 366 -8.53 -12.51 22.80
N ARG A 367 -9.47 -12.99 23.60
CA ARG A 367 -10.56 -12.13 24.09
C ARG A 367 -10.00 -11.10 25.05
N ALA A 368 -10.40 -9.85 24.89
CA ALA A 368 -9.88 -8.76 25.72
C ALA A 368 -10.44 -8.87 27.14
N GLN A 369 -9.70 -8.33 28.11
CA GLN A 369 -10.14 -8.35 29.51
C GLN A 369 -11.38 -7.47 29.68
N THR A 370 -11.46 -6.37 28.96
CA THR A 370 -12.59 -5.42 29.06
C THR A 370 -13.70 -5.75 28.06
N ASP A 371 -13.55 -6.81 27.28
CA ASP A 371 -14.57 -7.20 26.29
C ASP A 371 -15.60 -8.15 26.92
N GLU A 372 -16.52 -8.65 26.11
CA GLU A 372 -17.56 -9.58 26.59
C GLU A 372 -17.14 -11.02 26.30
N THR A 373 -17.96 -11.98 26.74
CA THR A 373 -17.68 -13.41 26.52
C THR A 373 -18.41 -13.93 25.28
N PHE A 374 -19.07 -13.07 24.52
CA PHE A 374 -19.77 -13.47 23.29
C PHE A 374 -18.86 -13.43 22.06
N LEU A 375 -17.63 -12.92 22.17
CA LEU A 375 -16.72 -12.92 21.01
C LEU A 375 -16.18 -14.31 20.71
N GLN A 376 -15.57 -14.96 21.70
CA GLN A 376 -15.02 -16.31 21.50
C GLN A 376 -16.14 -17.33 21.35
N ARG A 377 -17.27 -17.07 22.02
CA ARG A 377 -18.38 -18.04 21.98
C ARG A 377 -18.89 -18.20 20.55
N ARG A 378 -19.02 -17.09 19.82
CA ARG A 378 -19.51 -17.15 18.43
C ARG A 378 -18.42 -17.73 17.51
N LEU A 379 -17.16 -17.36 17.74
CA LEU A 379 -16.06 -17.88 16.90
C LEU A 379 -15.75 -19.34 17.24
N ARG A 380 -16.11 -19.82 18.42
CA ARG A 380 -15.77 -21.22 18.80
C ARG A 380 -16.64 -22.18 17.99
N GLY A 381 -17.94 -21.88 17.87
CA GLY A 381 -18.84 -22.79 17.14
C GLY A 381 -18.81 -22.60 15.63
N ASP A 382 -17.98 -21.69 15.13
CA ASP A 382 -17.89 -21.40 13.68
C ASP A 382 -16.55 -21.92 13.17
N TRP A 383 -16.56 -22.74 12.13
CA TRP A 383 -15.30 -23.27 11.54
C TRP A 383 -14.88 -22.39 10.36
N PRO A 384 -13.59 -22.08 10.18
CA PRO A 384 -13.20 -21.31 8.99
C PRO A 384 -13.25 -22.17 7.72
N ALA A 385 -14.30 -22.02 6.91
CA ALA A 385 -14.47 -22.81 5.67
C ALA A 385 -14.52 -21.93 4.43
N GLU A 386 -14.73 -20.63 4.56
CA GLU A 386 -14.76 -19.72 3.39
C GLU A 386 -13.35 -19.32 2.97
N VAL A 387 -12.36 -19.54 3.82
CA VAL A 387 -10.97 -19.15 3.47
C VAL A 387 -10.53 -19.96 2.27
N GLY A 388 -10.89 -21.23 2.22
CA GLY A 388 -10.51 -22.09 1.09
C GLY A 388 -11.14 -21.59 -0.19
N ASN A 389 -12.41 -21.21 -0.15
CA ASN A 389 -13.10 -20.72 -1.36
C ASN A 389 -12.46 -19.40 -1.80
N ARG A 390 -12.16 -18.52 -0.86
CA ARG A 390 -11.57 -17.21 -1.21
C ARG A 390 -10.19 -17.42 -1.81
N PHE A 391 -9.44 -18.39 -1.29
CA PHE A 391 -8.09 -18.67 -1.83
C PHE A 391 -8.18 -19.28 -3.22
N ALA A 392 -9.12 -20.21 -3.40
CA ALA A 392 -9.26 -20.87 -4.71
C ALA A 392 -9.67 -19.83 -5.76
N ASN A 393 -10.61 -18.96 -5.41
CA ASN A 393 -11.07 -17.96 -6.40
C ASN A 393 -9.93 -16.97 -6.65
N TRP A 394 -9.19 -16.63 -5.61
CA TRP A 394 -8.08 -15.67 -5.76
C TRP A 394 -7.04 -16.24 -6.71
N LEU A 395 -6.68 -17.49 -6.53
CA LEU A 395 -5.67 -18.13 -7.41
C LEU A 395 -6.23 -18.26 -8.82
N ASN A 396 -7.51 -18.58 -8.94
CA ASN A 396 -8.12 -18.76 -10.27
C ASN A 396 -8.05 -17.44 -11.03
N ARG A 397 -8.32 -16.33 -10.34
CA ARG A 397 -8.29 -15.00 -10.99
C ARG A 397 -6.85 -14.54 -11.22
N ALA A 398 -5.92 -14.95 -10.36
CA ALA A 398 -4.50 -14.55 -10.50
C ALA A 398 -3.83 -15.26 -11.68
N VAL A 399 -4.10 -16.55 -11.83
CA VAL A 399 -3.47 -17.36 -12.91
C VAL A 399 -4.47 -17.44 -14.05
N SER A 400 -4.00 -17.15 -15.26
CA SER A 400 -4.87 -17.15 -16.46
C SER A 400 -4.94 -18.54 -17.06
N SER A 401 -6.09 -18.88 -17.64
CA SER A 401 -6.30 -20.17 -18.32
C SER A 401 -7.04 -19.91 -19.62
N ASP A 402 -7.12 -20.92 -20.48
CA ASP A 402 -7.83 -20.81 -21.77
C ASP A 402 -9.19 -21.50 -21.68
N SER A 403 -10.22 -20.87 -22.24
CA SER A 403 -11.57 -21.46 -22.24
C SER A 403 -11.63 -22.71 -23.10
N GLN A 404 -11.04 -22.67 -24.29
CA GLN A 404 -11.09 -23.82 -25.22
C GLN A 404 -10.32 -25.01 -24.64
N ILE A 405 -9.39 -24.77 -23.72
CA ILE A 405 -8.55 -25.85 -23.15
C ILE A 405 -9.26 -26.54 -21.98
N LEU A 406 -10.47 -26.13 -21.64
CA LEU A 406 -11.21 -26.73 -20.51
C LEU A 406 -11.44 -28.21 -20.79
N GLY A 407 -11.62 -28.59 -22.05
CA GLY A 407 -11.88 -29.99 -22.43
C GLY A 407 -10.62 -30.72 -22.79
N SER A 408 -9.46 -30.16 -22.47
CA SER A 408 -8.15 -30.78 -22.78
C SER A 408 -7.64 -31.58 -21.58
N PRO A 409 -6.60 -32.41 -21.77
CA PRO A 409 -6.04 -33.16 -20.65
C PRO A 409 -5.37 -32.28 -19.59
N GLU A 410 -4.84 -31.12 -19.97
CA GLU A 410 -4.18 -30.21 -19.01
C GLU A 410 -5.18 -29.67 -17.99
N ALA A 411 -6.40 -29.38 -18.40
CA ALA A 411 -7.42 -28.83 -17.47
C ALA A 411 -7.72 -29.85 -16.38
N ALA A 412 -7.76 -31.13 -16.72
CA ALA A 412 -8.07 -32.17 -15.73
C ALA A 412 -6.99 -32.19 -14.67
N GLN A 413 -5.72 -32.19 -15.08
CA GLN A 413 -4.62 -32.24 -14.09
C GLN A 413 -4.60 -30.94 -13.29
N TRP A 414 -4.91 -29.82 -13.92
CA TRP A 414 -4.90 -28.52 -13.20
C TRP A 414 -5.97 -28.53 -12.10
N SER A 415 -7.17 -29.01 -12.43
CA SER A 415 -8.26 -29.07 -11.44
C SER A 415 -7.90 -30.07 -10.34
N GLN A 416 -7.28 -31.18 -10.72
CA GLN A 416 -6.92 -32.21 -9.72
C GLN A 416 -5.88 -31.63 -8.75
N GLU A 417 -4.91 -30.90 -9.27
CA GLU A 417 -3.86 -30.31 -8.41
C GLU A 417 -4.48 -29.26 -7.51
N LEU A 418 -5.36 -28.44 -8.06
CA LEU A 418 -5.96 -27.35 -7.25
C LEU A 418 -6.82 -27.98 -6.15
N SER A 419 -7.51 -29.07 -6.46
CA SER A 419 -8.37 -29.73 -5.46
C SER A 419 -7.49 -30.37 -4.38
N LYS A 420 -6.39 -31.00 -4.78
CA LYS A 420 -5.51 -31.65 -3.80
C LYS A 420 -4.93 -30.60 -2.87
N GLU A 421 -4.56 -29.43 -3.43
CA GLU A 421 -3.97 -28.36 -2.60
C GLU A 421 -5.04 -27.78 -1.67
N LEU A 422 -6.24 -27.56 -2.19
CA LEU A 422 -7.31 -26.96 -1.38
C LEU A 422 -7.66 -27.91 -0.24
N THR A 423 -7.58 -29.22 -0.48
CA THR A 423 -7.95 -30.18 0.58
C THR A 423 -7.00 -30.03 1.76
N MET A 424 -5.69 -30.02 1.48
CA MET A 424 -4.71 -29.90 2.58
C MET A 424 -4.83 -28.51 3.22
N PHE A 425 -5.12 -27.50 2.42
CA PHE A 425 -5.23 -26.13 2.96
C PHE A 425 -6.40 -26.06 3.95
N LYS A 426 -7.54 -26.60 3.56
CA LYS A 426 -8.73 -26.57 4.43
C LYS A 426 -8.47 -27.43 5.66
N GLU A 427 -7.77 -28.54 5.48
CA GLU A 427 -7.48 -29.45 6.63
C GLU A 427 -6.59 -28.73 7.64
N ILE A 428 -5.64 -27.95 7.16
CA ILE A 428 -4.69 -27.26 8.07
C ILE A 428 -5.49 -26.29 8.94
N LEU A 429 -6.44 -25.56 8.33
CA LEU A 429 -7.25 -24.59 9.13
C LEU A 429 -8.32 -25.29 9.97
N GLU A 430 -8.77 -26.48 9.56
CA GLU A 430 -9.81 -27.19 10.32
C GLU A 430 -9.34 -27.45 11.74
N ASP A 431 -8.09 -27.87 11.93
CA ASP A 431 -7.56 -28.09 13.30
C ASP A 431 -7.26 -26.79 14.03
N GLU A 432 -7.23 -25.65 13.33
CA GLU A 432 -6.89 -24.38 14.00
C GLU A 432 -7.96 -24.03 15.04
N ARG A 433 -9.22 -23.97 14.63
CA ARG A 433 -10.31 -23.62 15.55
C ARG A 433 -10.55 -24.77 16.53
N ASP A 434 -10.52 -25.99 16.02
CA ASP A 434 -10.75 -27.19 16.86
C ASP A 434 -9.50 -27.49 17.69
N VAL B 3 18.97 -44.82 14.25
CA VAL B 3 17.60 -44.43 13.83
C VAL B 3 16.60 -45.00 14.82
N THR B 4 16.93 -44.98 16.10
CA THR B 4 16.04 -45.52 17.14
C THR B 4 14.76 -44.69 17.21
N ASP B 5 13.65 -45.35 17.47
CA ASP B 5 12.36 -44.65 17.57
C ASP B 5 12.34 -43.85 18.88
N PRO B 6 12.14 -42.51 18.84
CA PRO B 6 12.09 -41.74 20.07
C PRO B 6 10.76 -41.93 20.80
N GLU B 7 10.83 -42.25 22.09
CA GLU B 7 9.61 -42.45 22.88
C GLU B 7 8.84 -41.13 23.02
N ALA B 8 9.54 -40.05 23.34
CA ALA B 8 8.92 -38.74 23.53
C ALA B 8 9.75 -37.68 22.83
N LEU B 9 9.17 -36.50 22.69
CA LEU B 9 9.85 -35.36 22.03
C LEU B 9 9.63 -34.10 22.84
N LEU B 10 10.72 -33.40 23.16
CA LEU B 10 10.66 -32.12 23.88
C LEU B 10 10.84 -31.01 22.85
N LEU B 11 9.95 -30.03 22.84
CA LEU B 11 10.02 -28.94 21.86
C LEU B 11 10.39 -27.64 22.56
N LEU B 12 11.53 -27.08 22.20
CA LEU B 12 11.95 -25.79 22.78
C LEU B 12 11.20 -24.69 22.02
N PRO B 13 10.35 -23.90 22.69
CA PRO B 13 9.54 -22.94 21.94
C PRO B 13 10.34 -21.89 21.18
N ARG B 14 11.27 -21.22 21.85
CA ARG B 14 12.10 -20.19 21.19
C ARG B 14 13.42 -20.08 21.93
N LEU B 15 14.53 -20.24 21.22
CA LEU B 15 15.86 -20.09 21.80
C LEU B 15 16.61 -19.06 20.97
N SER B 16 16.93 -17.92 21.56
CA SER B 16 17.67 -16.85 20.87
C SER B 16 19.16 -17.05 21.07
N ILE B 17 19.94 -16.70 20.06
CA ILE B 17 21.42 -16.78 20.15
C ILE B 17 21.98 -15.51 19.54
N GLN B 18 23.04 -14.97 20.13
CA GLN B 18 23.70 -13.75 19.63
C GLN B 18 25.17 -14.00 19.40
N ASN B 19 25.71 -13.44 18.33
CA ASN B 19 27.14 -13.61 17.99
C ASN B 19 27.49 -15.08 17.86
N ALA B 20 26.71 -15.81 17.08
CA ALA B 20 26.95 -17.23 16.80
C ALA B 20 27.96 -17.36 15.67
N ASN B 21 28.20 -18.58 15.22
CA ASN B 21 29.13 -18.82 14.10
C ASN B 21 28.31 -18.89 12.82
N ALA B 22 28.47 -17.89 11.97
CA ALA B 22 27.70 -17.80 10.72
C ALA B 22 28.49 -18.31 9.53
N ILE B 23 29.78 -18.61 9.66
CA ILE B 23 30.53 -19.13 8.51
C ILE B 23 30.24 -20.62 8.33
N SER B 24 30.56 -21.43 9.31
CA SER B 24 30.26 -22.89 9.31
C SER B 24 31.08 -23.65 8.27
N SER B 25 31.89 -23.00 7.44
CA SER B 25 32.62 -23.73 6.39
C SER B 25 33.63 -22.78 5.73
N PRO B 26 34.75 -23.28 5.17
CA PRO B 26 35.68 -22.41 4.50
C PRO B 26 35.13 -21.77 3.22
N LEU B 27 34.38 -22.51 2.42
CA LEU B 27 33.85 -22.00 1.14
C LEU B 27 32.40 -21.57 1.23
N THR B 28 31.74 -21.69 2.38
CA THR B 28 30.34 -21.25 2.50
C THR B 28 30.12 -20.49 3.78
N TRP B 29 28.99 -19.79 3.85
CA TRP B 29 28.62 -19.01 5.04
C TRP B 29 27.11 -19.02 5.18
N GLY B 30 26.65 -18.96 6.41
CA GLY B 30 25.22 -18.88 6.68
C GLY B 30 24.84 -19.64 7.92
N PHE B 31 23.70 -20.30 7.87
CA PHE B 31 23.22 -21.07 9.02
C PHE B 31 24.35 -21.95 9.52
N PRO B 32 24.52 -22.08 10.85
CA PRO B 32 25.61 -22.89 11.36
C PRO B 32 25.46 -24.37 10.99
N SER B 33 26.59 -25.08 11.01
CA SER B 33 26.62 -26.50 10.65
C SER B 33 25.70 -27.26 11.59
N PRO B 34 25.00 -28.31 11.12
CA PRO B 34 24.14 -29.06 12.01
C PRO B 34 24.91 -29.71 13.15
N GLY B 35 26.19 -29.99 12.96
CA GLY B 35 27.02 -30.61 13.99
C GLY B 35 27.02 -29.79 15.25
N ALA B 36 26.99 -28.47 15.14
CA ALA B 36 27.01 -27.61 16.33
C ALA B 36 25.78 -27.90 17.18
N PHE B 37 24.64 -28.09 16.56
CA PHE B 37 23.39 -28.42 17.29
C PHE B 37 23.40 -29.85 17.80
N THR B 38 23.86 -30.79 16.98
CA THR B 38 23.85 -32.20 17.38
C THR B 38 24.76 -32.39 18.60
N GLY B 39 25.98 -31.83 18.53
CA GLY B 39 26.91 -31.99 19.65
C GLY B 39 26.35 -31.34 20.89
N PHE B 40 25.57 -30.27 20.72
CA PHE B 40 24.99 -29.58 21.89
C PHE B 40 24.10 -30.53 22.67
N VAL B 41 23.18 -31.21 22.00
CA VAL B 41 22.29 -32.14 22.73
C VAL B 41 23.14 -33.23 23.36
N HIS B 42 24.18 -33.67 22.66
CA HIS B 42 25.05 -34.72 23.22
C HIS B 42 25.74 -34.23 24.50
N ALA B 43 26.26 -33.02 24.49
CA ALA B 43 26.93 -32.45 25.68
C ALA B 43 25.91 -32.29 26.80
N LEU B 44 24.68 -31.94 26.47
CA LEU B 44 23.63 -31.82 27.51
C LEU B 44 23.30 -33.19 28.10
N GLN B 45 23.15 -34.19 27.27
CA GLN B 45 22.80 -35.55 27.74
C GLN B 45 23.91 -36.05 28.65
N ARG B 46 25.16 -35.72 28.35
CA ARG B 46 26.29 -36.21 29.17
C ARG B 46 26.17 -35.64 30.58
N ARG B 47 25.61 -34.45 30.73
CA ARG B 47 25.45 -33.84 32.08
C ARG B 47 24.08 -34.09 32.70
N VAL B 48 23.01 -33.74 32.01
CA VAL B 48 21.65 -33.92 32.55
C VAL B 48 21.14 -35.35 32.33
N GLY B 49 21.64 -36.05 31.33
CA GLY B 49 21.14 -37.40 31.06
C GLY B 49 21.32 -38.31 32.25
N ILE B 50 22.42 -38.19 32.97
CA ILE B 50 22.66 -39.04 34.16
C ILE B 50 21.76 -38.59 35.31
N SER B 51 21.55 -37.30 35.48
CA SER B 51 20.72 -36.80 36.59
C SER B 51 19.25 -37.18 36.37
N LEU B 52 18.75 -37.01 35.16
CA LEU B 52 17.33 -37.31 34.87
C LEU B 52 17.17 -38.70 34.28
N ASP B 53 18.24 -39.42 34.01
CA ASP B 53 18.16 -40.78 33.44
C ASP B 53 17.35 -40.77 32.15
N ILE B 54 17.75 -39.94 31.21
CA ILE B 54 17.05 -39.84 29.91
C ILE B 54 18.03 -40.13 28.77
N GLU B 55 17.48 -40.47 27.61
CA GLU B 55 18.29 -40.78 26.42
C GLU B 55 17.87 -39.85 25.28
N LEU B 56 18.84 -39.12 24.73
CA LEU B 56 18.59 -38.19 23.61
C LEU B 56 19.48 -38.58 22.45
N ASP B 57 18.86 -38.95 21.34
CA ASP B 57 19.63 -39.37 20.14
C ASP B 57 19.19 -38.59 18.91
N GLY B 58 17.97 -38.07 18.89
CA GLY B 58 17.44 -37.32 17.76
C GLY B 58 17.30 -35.86 18.09
N VAL B 59 17.79 -35.00 17.20
CA VAL B 59 17.71 -33.54 17.38
C VAL B 59 17.12 -32.92 16.13
N GLY B 60 16.01 -32.21 16.29
CA GLY B 60 15.35 -31.51 15.19
C GLY B 60 15.68 -30.05 15.25
N ILE B 61 15.90 -29.42 14.10
CA ILE B 61 16.29 -27.99 14.03
C ILE B 61 15.27 -27.22 13.21
N VAL B 62 14.70 -26.19 13.80
CA VAL B 62 13.74 -25.31 13.11
C VAL B 62 14.19 -23.88 13.33
N CYS B 63 14.54 -23.19 12.26
CA CYS B 63 15.03 -21.81 12.33
C CYS B 63 13.86 -20.84 12.16
N HIS B 64 13.50 -20.15 13.23
CA HIS B 64 12.40 -19.17 13.19
C HIS B 64 12.87 -17.85 12.60
N ARG B 65 14.00 -17.33 13.07
CA ARG B 65 14.51 -16.03 12.58
C ARG B 65 16.03 -16.06 12.43
N PHE B 66 16.54 -15.54 11.33
CA PHE B 66 17.99 -15.46 11.10
C PHE B 66 18.31 -14.06 10.61
N GLU B 67 19.11 -13.31 11.37
CA GLU B 67 19.53 -11.95 10.99
C GLU B 67 21.05 -11.87 11.08
N ALA B 68 21.71 -11.71 9.96
CA ALA B 68 23.18 -11.63 9.92
C ALA B 68 23.63 -10.19 10.06
N GLN B 69 24.94 -9.98 10.09
CA GLN B 69 25.51 -8.62 10.17
C GLN B 69 26.39 -8.43 8.95
N ILE B 70 25.78 -7.99 7.86
CA ILE B 70 26.52 -7.79 6.60
C ILE B 70 26.14 -6.44 5.99
N SER B 71 27.06 -5.88 5.23
CA SER B 71 26.85 -4.58 4.55
C SER B 71 27.22 -4.78 3.08
N GLN B 72 26.37 -4.33 2.18
CA GLN B 72 26.65 -4.45 0.74
C GLN B 72 27.46 -3.24 0.30
N PRO B 73 28.63 -3.44 -0.33
CA PRO B 73 29.40 -2.30 -0.80
C PRO B 73 28.88 -1.69 -2.10
N ALA B 74 29.22 -0.44 -2.35
CA ALA B 74 28.80 0.26 -3.57
C ALA B 74 29.66 -0.14 -4.77
N GLY B 75 30.88 -0.60 -4.54
CA GLY B 75 31.75 -0.98 -5.66
C GLY B 75 31.25 -2.22 -6.38
N LYS B 76 30.86 -3.25 -5.64
CA LYS B 76 30.42 -4.54 -6.23
C LYS B 76 29.16 -5.01 -5.50
N ARG B 77 28.53 -6.04 -6.03
CA ARG B 77 27.28 -6.58 -5.45
C ARG B 77 27.57 -7.70 -4.44
N THR B 78 28.82 -7.96 -4.12
CA THR B 78 29.18 -8.99 -3.13
C THR B 78 29.22 -8.34 -1.75
N LYS B 79 28.42 -8.86 -0.83
CA LYS B 79 28.34 -8.31 0.52
C LYS B 79 29.54 -8.72 1.36
N VAL B 80 29.71 -8.06 2.49
CA VAL B 80 30.81 -8.35 3.43
C VAL B 80 30.22 -8.41 4.83
N PHE B 81 30.94 -9.03 5.74
CA PHE B 81 30.50 -9.17 7.14
C PHE B 81 31.06 -8.06 8.00
N ASN B 82 30.42 -7.86 9.15
CA ASN B 82 30.83 -6.82 10.10
C ASN B 82 31.76 -7.46 11.12
N LEU B 83 33.04 -7.12 11.05
CA LEU B 83 34.04 -7.69 11.98
C LEU B 83 34.06 -6.92 13.29
N THR B 84 34.82 -7.43 14.25
CA THR B 84 34.96 -6.83 15.58
C THR B 84 36.35 -6.22 15.72
N ARG B 85 36.61 -5.58 16.86
CA ARG B 85 37.92 -4.97 17.13
C ARG B 85 38.66 -5.80 18.16
N ASN B 86 39.82 -6.33 17.80
CA ASN B 86 40.62 -7.15 18.72
C ASN B 86 41.34 -6.22 19.71
N PRO B 87 41.60 -6.68 20.95
CA PRO B 87 42.31 -5.86 21.90
C PRO B 87 43.77 -5.66 21.52
N LEU B 88 44.37 -4.63 22.07
CA LEU B 88 45.77 -4.31 21.77
C LEU B 88 46.68 -5.47 22.15
N ASN B 89 47.69 -5.71 21.33
CA ASN B 89 48.63 -6.82 21.59
C ASN B 89 49.51 -6.47 22.78
N ARG B 90 50.14 -7.48 23.35
CA ARG B 90 51.02 -7.27 24.52
C ARG B 90 52.19 -6.37 24.16
N ASP B 91 52.66 -6.44 22.93
CA ASP B 91 53.82 -5.63 22.48
C ASP B 91 53.48 -4.14 22.46
N GLY B 92 52.20 -3.78 22.55
CA GLY B 92 51.77 -2.36 22.54
C GLY B 92 51.42 -1.88 21.14
N SER B 93 51.67 -2.67 20.12
CA SER B 93 51.34 -2.31 18.73
C SER B 93 49.85 -2.50 18.49
N THR B 94 49.35 -1.98 17.38
CA THR B 94 47.93 -2.11 17.07
C THR B 94 47.58 -3.58 16.87
N ALA B 95 46.33 -3.92 17.16
CA ALA B 95 45.86 -5.31 17.04
C ALA B 95 45.79 -5.71 15.57
N ALA B 96 45.77 -7.02 15.32
CA ALA B 96 45.63 -7.54 13.94
C ALA B 96 44.17 -7.92 13.71
N ILE B 97 43.62 -7.51 12.58
CA ILE B 97 42.20 -7.84 12.26
C ILE B 97 42.12 -9.32 11.89
N VAL B 98 41.11 -10.01 12.42
CA VAL B 98 40.92 -11.45 12.18
C VAL B 98 39.50 -11.67 11.69
N GLU B 99 39.30 -12.70 10.89
CA GLU B 99 37.98 -13.00 10.33
C GLU B 99 37.08 -13.57 11.41
N GLU B 100 35.85 -13.08 11.47
CA GLU B 100 34.87 -13.58 12.44
C GLU B 100 33.48 -13.26 11.93
N GLY B 101 32.49 -13.95 12.49
CA GLY B 101 31.09 -13.71 12.12
C GLY B 101 30.19 -13.62 13.34
N ARG B 102 29.13 -12.84 13.23
CA ARG B 102 28.16 -12.69 14.34
C ARG B 102 26.78 -12.53 13.73
N ALA B 103 25.76 -12.98 14.44
CA ALA B 103 24.38 -12.85 13.96
C ALA B 103 23.40 -13.18 15.07
N HIS B 104 22.15 -12.87 14.83
CA HIS B 104 21.03 -13.14 15.77
C HIS B 104 20.26 -14.30 15.19
N LEU B 105 20.23 -15.41 15.90
CA LEU B 105 19.54 -16.62 15.43
C LEU B 105 18.53 -17.09 16.44
N GLU B 106 17.26 -17.06 16.04
CA GLU B 106 16.16 -17.57 16.90
C GLU B 106 15.81 -18.93 16.32
N VAL B 107 16.09 -19.97 17.09
CA VAL B 107 15.87 -21.36 16.63
C VAL B 107 15.14 -22.16 17.70
N SER B 108 14.48 -23.22 17.26
CA SER B 108 13.75 -24.15 18.15
C SER B 108 14.29 -25.56 17.90
N LEU B 109 14.64 -26.24 18.98
CA LEU B 109 15.18 -27.60 18.87
C LEU B 109 14.20 -28.63 19.42
N LEU B 110 14.19 -29.80 18.77
CA LEU B 110 13.35 -30.93 19.19
C LEU B 110 14.29 -32.00 19.73
N LEU B 111 14.09 -32.40 20.99
CA LEU B 111 14.94 -33.42 21.62
C LEU B 111 14.14 -34.71 21.76
N GLY B 112 14.56 -35.74 21.05
CA GLY B 112 13.87 -37.02 21.15
C GLY B 112 14.26 -37.72 22.43
N VAL B 113 13.29 -38.03 23.27
CA VAL B 113 13.55 -38.73 24.55
C VAL B 113 13.26 -40.21 24.37
N HIS B 114 14.32 -41.01 24.30
CA HIS B 114 14.19 -42.47 24.16
C HIS B 114 14.36 -43.20 25.49
N GLY B 115 14.70 -42.50 26.55
CA GLY B 115 14.90 -43.14 27.85
C GLY B 115 13.58 -43.54 28.46
N ASP B 116 13.48 -44.78 28.91
CA ASP B 116 12.23 -45.28 29.51
C ASP B 116 12.03 -44.67 30.90
N GLY B 117 13.07 -44.14 31.52
CA GLY B 117 12.96 -43.58 32.87
C GLY B 117 12.07 -42.36 32.92
N LEU B 118 11.72 -41.78 31.77
CA LEU B 118 10.87 -40.57 31.74
C LEU B 118 9.56 -40.83 32.48
N ASP B 119 9.03 -42.05 32.38
CA ASP B 119 7.74 -42.38 33.04
C ASP B 119 7.88 -42.30 34.55
N ASP B 120 9.08 -42.49 35.08
CA ASP B 120 9.30 -42.49 36.55
C ASP B 120 9.38 -41.07 37.11
N HIS B 121 9.38 -40.05 36.26
CA HIS B 121 9.45 -38.65 36.72
C HIS B 121 8.43 -37.82 35.96
N PRO B 122 7.97 -36.70 36.52
CA PRO B 122 7.02 -35.86 35.81
C PRO B 122 7.60 -35.24 34.54
N ALA B 123 6.80 -35.27 33.47
CA ALA B 123 7.25 -34.74 32.16
C ALA B 123 7.52 -33.23 32.26
N GLN B 124 6.65 -32.50 32.95
CA GLN B 124 6.84 -31.05 33.08
C GLN B 124 8.14 -30.76 33.83
N GLU B 125 8.42 -31.53 34.87
CA GLU B 125 9.66 -31.31 35.63
C GLU B 125 10.88 -31.64 34.76
N ILE B 126 10.81 -32.71 33.99
CA ILE B 126 11.94 -33.06 33.11
C ILE B 126 12.15 -31.93 32.11
N ALA B 127 11.07 -31.42 31.54
CA ALA B 127 11.18 -30.34 30.54
C ALA B 127 11.82 -29.11 31.18
N ARG B 128 11.36 -28.73 32.37
CA ARG B 128 11.90 -27.53 33.03
C ARG B 128 13.38 -27.75 33.34
N GLN B 129 13.75 -28.93 33.81
CA GLN B 129 15.15 -29.20 34.15
C GLN B 129 16.02 -29.12 32.89
N VAL B 130 15.52 -29.60 31.77
CA VAL B 130 16.28 -29.54 30.51
C VAL B 130 16.41 -28.10 30.06
N GLN B 131 15.33 -27.34 30.13
CA GLN B 131 15.36 -25.93 29.67
C GLN B 131 16.31 -25.13 30.56
N GLU B 132 16.41 -25.48 31.84
CA GLU B 132 17.30 -24.71 32.73
C GLU B 132 18.75 -24.87 32.27
N GLN B 133 19.15 -26.10 31.92
CA GLN B 133 20.53 -26.30 31.44
C GLN B 133 20.70 -25.70 30.04
N ALA B 134 19.68 -25.77 29.21
CA ALA B 134 19.77 -25.22 27.84
C ALA B 134 19.99 -23.72 27.91
N GLY B 135 19.36 -23.05 28.89
CA GLY B 135 19.51 -21.60 28.98
C GLY B 135 20.94 -21.22 29.32
N ALA B 136 21.51 -21.89 30.32
CA ALA B 136 22.89 -21.58 30.73
C ALA B 136 23.89 -22.05 29.69
N MET B 137 23.52 -23.01 28.85
CA MET B 137 24.44 -23.52 27.84
C MET B 137 24.60 -22.52 26.70
N ARG B 138 25.69 -22.65 25.94
CA ARG B 138 25.96 -21.77 24.79
C ARG B 138 25.91 -22.61 23.52
N LEU B 139 24.93 -22.35 22.67
CA LEU B 139 24.74 -23.10 21.42
C LEU B 139 25.33 -22.35 20.25
N ALA B 140 25.97 -23.07 19.34
CA ALA B 140 26.58 -22.53 18.12
C ALA B 140 27.78 -21.63 18.43
N GLY B 141 28.21 -21.51 19.67
CA GLY B 141 29.34 -20.66 20.03
C GLY B 141 28.97 -19.33 20.64
N GLY B 142 27.72 -19.13 21.01
CA GLY B 142 27.28 -17.88 21.61
C GLY B 142 26.29 -18.08 22.72
N SER B 143 26.06 -17.02 23.47
CA SER B 143 25.11 -17.07 24.60
C SER B 143 23.71 -17.29 24.08
N ILE B 144 22.90 -17.98 24.87
CA ILE B 144 21.49 -18.21 24.53
C ILE B 144 20.64 -17.25 25.35
N LEU B 145 20.05 -16.26 24.70
CA LEU B 145 19.24 -15.27 25.40
C LEU B 145 17.87 -15.88 25.67
N PRO B 146 17.44 -16.02 26.93
CA PRO B 146 16.14 -16.62 27.19
C PRO B 146 15.00 -15.72 26.70
N TRP B 147 13.81 -16.28 26.66
CA TRP B 147 12.63 -15.54 26.19
C TRP B 147 12.12 -14.67 27.32
N CYS B 148 12.45 -13.39 27.28
CA CYS B 148 11.95 -12.41 28.26
C CYS B 148 11.47 -11.19 27.48
N ASN B 149 10.20 -10.84 27.62
CA ASN B 149 9.64 -9.67 26.91
C ASN B 149 8.34 -9.29 27.62
N GLU B 150 7.58 -8.38 27.03
CA GLU B 150 6.28 -7.99 27.60
C GLU B 150 5.35 -9.20 27.69
N ARG B 151 5.33 -10.02 26.65
CA ARG B 151 4.47 -11.20 26.62
C ARG B 151 4.98 -12.25 27.61
N PHE B 152 4.12 -13.21 27.92
CA PHE B 152 4.48 -14.26 28.89
C PHE B 152 5.60 -15.12 28.30
N PRO B 153 6.40 -15.76 29.17
CA PRO B 153 7.47 -16.61 28.68
C PRO B 153 6.95 -17.87 28.01
N ALA B 154 7.81 -18.55 27.26
CA ALA B 154 7.42 -19.77 26.54
C ALA B 154 8.06 -20.99 27.21
N PRO B 155 7.29 -21.87 27.86
CA PRO B 155 7.85 -23.09 28.44
C PRO B 155 8.12 -24.20 27.43
N ASN B 156 8.92 -25.16 27.86
CA ASN B 156 9.28 -26.32 27.02
C ASN B 156 8.29 -27.45 27.29
N ALA B 157 7.69 -28.01 26.24
CA ALA B 157 6.69 -29.08 26.37
C ALA B 157 7.23 -30.40 25.85
N GLU B 158 7.13 -31.45 26.66
CA GLU B 158 7.55 -32.81 26.27
C GLU B 158 6.31 -33.64 26.04
N LEU B 159 6.19 -34.26 24.87
CA LEU B 159 5.01 -35.09 24.54
C LEU B 159 5.46 -36.47 24.08
N LEU B 160 4.82 -37.51 24.61
CA LEU B 160 5.14 -38.89 24.22
C LEU B 160 4.43 -39.23 22.92
N MET B 161 5.19 -39.74 21.95
CA MET B 161 4.62 -40.12 20.65
C MET B 161 4.41 -41.63 20.54
N LEU B 162 4.84 -42.41 21.53
CA LEU B 162 4.59 -43.87 21.51
C LEU B 162 3.13 -44.23 21.80
N GLY B 163 2.59 -43.73 22.89
CA GLY B 163 1.23 -44.09 23.29
C GLY B 163 0.18 -43.27 22.56
N GLY B 164 -1.03 -43.81 22.50
CA GLY B 164 -2.16 -43.12 21.86
C GLY B 164 -2.43 -43.62 20.46
N SER B 165 -3.66 -43.43 20.01
CA SER B 165 -4.07 -43.86 18.66
C SER B 165 -3.46 -42.95 17.59
N ASP B 166 -3.49 -43.40 16.36
CA ASP B 166 -2.94 -42.60 15.25
C ASP B 166 -3.68 -41.26 15.15
N GLU B 167 -4.95 -41.23 15.53
CA GLU B 167 -5.71 -39.97 15.50
C GLU B 167 -5.08 -38.97 16.46
N GLN B 168 -4.80 -39.39 17.67
CA GLN B 168 -4.18 -38.48 18.66
C GLN B 168 -2.78 -38.11 18.19
N ARG B 169 -2.07 -39.06 17.58
CA ARG B 169 -0.70 -38.77 17.10
C ARG B 169 -0.75 -37.67 16.03
N ARG B 170 -1.68 -37.77 15.10
CA ARG B 170 -1.80 -36.77 14.03
C ARG B 170 -2.25 -35.43 14.64
N LYS B 171 -3.14 -35.46 15.61
CA LYS B 171 -3.60 -34.21 16.25
C LYS B 171 -2.42 -33.53 16.93
N ASN B 172 -1.57 -34.31 17.57
CA ASN B 172 -0.39 -33.74 18.26
C ASN B 172 0.58 -33.17 17.25
N GLN B 173 0.81 -33.88 16.16
CA GLN B 173 1.75 -33.38 15.13
C GLN B 173 1.21 -32.08 14.55
N ARG B 174 -0.10 -32.00 14.35
CA ARG B 174 -0.70 -30.76 13.80
C ARG B 174 -0.55 -29.63 14.81
N ARG B 175 -0.77 -29.92 16.08
CA ARG B 175 -0.66 -28.87 17.12
C ARG B 175 0.78 -28.36 17.14
N LEU B 176 1.74 -29.25 16.99
CA LEU B 176 3.16 -28.83 17.01
C LEU B 176 3.49 -28.00 15.76
N THR B 177 3.05 -28.44 14.60
CA THR B 177 3.32 -27.70 13.36
C THR B 177 2.66 -26.33 13.43
N ARG B 178 1.55 -26.22 14.15
CA ARG B 178 0.84 -24.94 14.25
C ARG B 178 1.77 -23.91 14.89
N ARG B 179 2.51 -24.31 15.91
CA ARG B 179 3.45 -23.37 16.57
C ARG B 179 4.81 -23.32 15.88
N LEU B 180 5.12 -24.30 15.03
CA LEU B 180 6.43 -24.35 14.34
C LEU B 180 6.31 -23.80 12.92
N LEU B 181 5.16 -23.30 12.52
CA LEU B 181 4.95 -22.77 11.16
C LEU B 181 5.78 -21.51 10.91
N PRO B 182 5.90 -20.57 11.87
CA PRO B 182 6.66 -19.35 11.58
C PRO B 182 8.08 -19.64 11.08
N GLY B 183 8.71 -20.69 11.58
CA GLY B 183 10.07 -21.07 11.19
C GLY B 183 10.10 -22.18 10.18
N PHE B 184 11.27 -22.40 9.60
CA PHE B 184 11.48 -23.48 8.62
C PHE B 184 12.39 -24.55 9.21
N ALA B 185 12.09 -25.81 8.93
CA ALA B 185 12.88 -26.92 9.48
C ALA B 185 14.11 -27.17 8.62
N LEU B 186 15.03 -27.98 9.14
CA LEU B 186 16.26 -28.33 8.41
C LEU B 186 16.36 -29.84 8.27
N VAL B 187 16.59 -30.32 7.06
CA VAL B 187 16.72 -31.77 6.79
C VAL B 187 17.74 -31.97 5.69
N SER B 188 18.36 -33.14 5.66
CA SER B 188 19.38 -33.49 4.65
C SER B 188 18.71 -34.24 3.51
N ARG B 189 18.96 -33.80 2.28
CA ARG B 189 18.40 -34.45 1.08
C ARG B 189 19.54 -34.98 0.23
N GLU B 190 19.82 -36.26 0.34
CA GLU B 190 20.90 -36.90 -0.46
C GLU B 190 20.34 -37.66 -1.67
N ALA B 191 19.03 -37.89 -1.72
CA ALA B 191 18.44 -38.63 -2.86
C ALA B 191 18.64 -37.84 -4.15
N LEU B 192 18.24 -36.57 -4.16
CA LEU B 192 18.37 -35.74 -5.37
C LEU B 192 19.85 -35.57 -5.67
N LEU B 193 20.68 -35.46 -4.65
CA LEU B 193 22.13 -35.26 -4.88
C LEU B 193 22.69 -36.46 -5.62
N GLN B 194 22.42 -37.67 -5.15
CA GLN B 194 22.96 -38.87 -5.81
C GLN B 194 22.33 -39.02 -7.19
N GLN B 195 21.06 -38.65 -7.33
CA GLN B 195 20.37 -38.80 -8.62
C GLN B 195 21.08 -37.92 -9.65
N HIS B 196 21.36 -36.67 -9.30
CA HIS B 196 22.04 -35.77 -10.23
C HIS B 196 23.48 -36.23 -10.46
N LEU B 197 24.11 -36.78 -9.43
CA LEU B 197 25.50 -37.25 -9.57
C LEU B 197 25.55 -38.35 -10.64
N GLU B 198 24.65 -39.32 -10.54
CA GLU B 198 24.63 -40.43 -11.51
C GLU B 198 24.20 -39.89 -12.88
N THR B 199 23.29 -38.92 -12.90
CA THR B 199 22.80 -38.38 -14.18
C THR B 199 23.92 -37.69 -14.96
N LEU B 200 24.72 -36.88 -14.28
CA LEU B 200 25.81 -36.13 -14.95
C LEU B 200 27.15 -36.85 -14.82
N ARG B 201 27.16 -38.08 -14.34
CA ARG B 201 28.42 -38.83 -14.18
C ARG B 201 29.11 -38.99 -15.54
N THR B 202 28.32 -39.17 -16.60
CA THR B 202 28.91 -39.38 -17.93
C THR B 202 29.75 -38.17 -18.33
N THR B 203 29.27 -36.96 -18.07
CA THR B 203 30.01 -35.76 -18.47
C THR B 203 31.35 -35.72 -17.73
N LEU B 204 31.33 -35.81 -16.41
CA LEU B 204 32.57 -35.81 -15.61
C LEU B 204 32.22 -36.22 -14.18
N PRO B 205 33.08 -36.97 -13.48
CA PRO B 205 32.81 -37.34 -12.09
C PRO B 205 33.25 -36.26 -11.09
N GLU B 206 32.58 -35.11 -11.14
CA GLU B 206 32.91 -33.97 -10.25
C GLU B 206 31.73 -33.75 -9.32
N ALA B 207 31.98 -33.80 -8.02
CA ALA B 207 30.91 -33.60 -7.01
C ALA B 207 30.73 -32.12 -6.69
N THR B 208 31.81 -31.39 -6.48
CA THR B 208 31.72 -29.97 -6.13
C THR B 208 31.02 -29.21 -7.27
N THR B 209 31.29 -29.60 -8.51
CA THR B 209 30.68 -28.91 -9.65
C THR B 209 29.16 -29.05 -9.59
N LEU B 210 28.67 -30.21 -9.19
CA LEU B 210 27.22 -30.41 -9.09
C LEU B 210 26.62 -29.50 -8.03
N ASP B 211 27.26 -29.40 -6.88
CA ASP B 211 26.73 -28.52 -5.82
C ASP B 211 26.74 -27.07 -6.31
N ALA B 212 27.81 -26.66 -6.97
CA ALA B 212 27.91 -25.28 -7.44
C ALA B 212 26.79 -25.02 -8.45
N LEU B 213 26.57 -25.96 -9.37
CA LEU B 213 25.54 -25.77 -10.41
C LEU B 213 24.14 -25.74 -9.77
N LEU B 214 23.90 -26.58 -8.78
CA LEU B 214 22.58 -26.60 -8.13
C LEU B 214 22.33 -25.32 -7.34
N ASP B 215 23.32 -24.84 -6.61
CA ASP B 215 23.17 -23.62 -5.80
C ASP B 215 23.56 -22.40 -6.62
N LEU B 216 22.69 -22.01 -7.53
CA LEU B 216 22.91 -20.79 -8.34
C LEU B 216 21.66 -20.53 -9.15
N CYS B 217 21.60 -19.38 -9.79
CA CYS B 217 20.47 -19.00 -10.65
C CYS B 217 20.76 -19.50 -12.05
N ARG B 218 20.18 -20.65 -12.42
CA ARG B 218 20.45 -21.25 -13.75
C ARG B 218 19.47 -20.67 -14.76
N ILE B 219 19.97 -20.26 -15.92
CA ILE B 219 19.11 -19.69 -16.99
C ILE B 219 19.23 -20.58 -18.23
N ASN B 220 18.09 -20.91 -18.83
CA ASN B 220 18.05 -21.74 -20.04
C ASN B 220 17.73 -20.90 -21.27
N PHE B 221 18.26 -21.32 -22.42
CA PHE B 221 18.02 -20.59 -23.68
C PHE B 221 16.66 -20.98 -24.24
N GLU B 222 15.80 -20.00 -24.45
CA GLU B 222 14.45 -20.24 -24.98
C GLU B 222 13.86 -18.95 -25.56
N TRP B 239 14.22 -16.58 -23.36
CA TRP B 239 15.01 -17.14 -22.23
C TRP B 239 14.11 -17.69 -21.13
N GLN B 240 14.68 -18.48 -20.25
CA GLN B 240 13.92 -19.05 -19.13
C GLN B 240 14.88 -19.38 -17.99
N VAL B 241 14.34 -19.55 -16.79
CA VAL B 241 15.14 -19.88 -15.60
C VAL B 241 14.73 -21.26 -15.10
N ARG B 242 15.71 -22.09 -14.79
CA ARG B 242 15.42 -23.46 -14.33
C ARG B 242 14.65 -23.38 -13.03
N ASP B 243 13.78 -24.36 -12.80
CA ASP B 243 12.91 -24.33 -11.61
C ASP B 243 13.33 -25.43 -10.64
N LYS B 244 13.18 -25.14 -9.35
CA LYS B 244 13.45 -26.14 -8.30
C LYS B 244 12.17 -26.35 -7.49
N PRO B 245 11.88 -27.57 -7.01
CA PRO B 245 10.66 -27.79 -6.26
C PRO B 245 10.63 -26.99 -4.95
N GLY B 246 11.77 -26.84 -4.30
CA GLY B 246 11.84 -26.12 -3.02
C GLY B 246 13.18 -25.48 -2.82
N TRP B 247 13.38 -24.87 -1.64
CA TRP B 247 14.66 -24.22 -1.32
C TRP B 247 15.74 -25.28 -1.11
N LEU B 248 16.79 -25.24 -1.93
CA LEU B 248 17.91 -26.19 -1.82
C LEU B 248 19.19 -25.41 -1.59
N VAL B 249 19.98 -25.81 -0.60
CA VAL B 249 21.24 -25.09 -0.30
C VAL B 249 22.30 -26.07 0.16
N PRO B 250 23.60 -25.84 -0.13
CA PRO B 250 24.63 -26.74 0.33
C PRO B 250 24.79 -26.67 1.84
N ILE B 251 25.23 -27.78 2.43
CA ILE B 251 25.44 -27.83 3.89
C ILE B 251 26.64 -28.72 4.19
N PRO B 252 27.30 -28.54 5.36
CA PRO B 252 28.44 -29.37 5.73
C PRO B 252 27.99 -30.72 6.30
N ALA B 253 27.76 -31.67 5.41
CA ALA B 253 27.23 -32.99 5.82
C ALA B 253 28.13 -33.58 6.91
N GLY B 254 29.42 -33.33 6.85
CA GLY B 254 30.31 -33.88 7.87
C GLY B 254 31.76 -33.62 7.58
N TYR B 255 32.63 -34.28 8.33
CA TYR B 255 34.08 -34.13 8.18
C TYR B 255 34.69 -35.49 7.86
N ASN B 256 35.31 -35.61 6.70
CA ASN B 256 35.94 -36.88 6.28
C ASN B 256 37.35 -36.99 6.85
N ALA B 257 37.76 -38.20 7.16
CA ALA B 257 39.10 -38.44 7.73
C ALA B 257 40.15 -38.16 6.67
N LEU B 258 41.11 -37.31 7.01
CA LEU B 258 42.19 -36.96 6.06
C LEU B 258 43.48 -37.70 6.37
N SER B 259 43.63 -38.25 7.57
CA SER B 259 44.85 -38.98 7.95
C SER B 259 44.46 -40.15 8.84
N PRO B 260 45.33 -41.15 9.01
CA PRO B 260 45.02 -42.26 9.89
C PRO B 260 45.02 -41.86 11.36
N LEU B 261 44.31 -42.65 12.17
CA LEU B 261 44.21 -42.36 13.61
C LEU B 261 45.60 -42.41 14.24
N TYR B 262 45.83 -41.53 15.20
CA TYR B 262 47.12 -41.47 15.91
C TYR B 262 46.86 -41.50 17.41
N LEU B 263 47.67 -42.26 18.12
CA LEU B 263 47.51 -42.39 19.58
C LEU B 263 47.62 -41.00 20.20
N PRO B 264 47.04 -40.77 21.39
CA PRO B 264 47.09 -39.45 21.99
C PRO B 264 48.52 -38.92 22.13
N GLY B 265 49.50 -39.81 22.29
CA GLY B 265 50.91 -39.40 22.40
C GLY B 265 51.50 -38.93 21.09
N GLU B 266 51.05 -39.49 19.98
CA GLU B 266 51.61 -39.14 18.65
C GLU B 266 51.25 -37.69 18.29
N VAL B 267 50.06 -37.25 18.66
CA VAL B 267 49.60 -35.88 18.31
C VAL B 267 50.08 -34.95 19.42
N ARG B 268 50.98 -34.04 19.07
CA ARG B 268 51.53 -33.10 20.06
C ARG B 268 50.53 -32.00 20.37
N ASN B 269 50.56 -31.50 21.60
CA ASN B 269 49.68 -30.40 22.05
C ASN B 269 48.23 -30.86 22.10
N ALA B 270 47.98 -32.15 22.27
CA ALA B 270 46.60 -32.66 22.36
C ALA B 270 45.97 -32.20 23.67
N ARG B 271 44.72 -31.78 23.60
CA ARG B 271 44.02 -31.26 24.79
C ARG B 271 43.50 -32.40 25.66
N ASP B 272 43.61 -33.63 25.20
CA ASP B 272 43.16 -34.79 26.01
C ASP B 272 44.02 -35.99 25.70
N ARG B 273 44.39 -36.74 26.72
CA ARG B 273 45.19 -37.97 26.53
C ARG B 273 44.33 -39.23 26.63
N GLU B 274 43.04 -39.10 26.92
CA GLU B 274 42.13 -40.25 27.00
C GLU B 274 41.75 -40.78 25.62
N THR B 275 41.49 -39.88 24.66
CA THR B 275 41.04 -40.29 23.31
C THR B 275 42.08 -39.88 22.28
N PRO B 276 42.30 -40.68 21.23
CA PRO B 276 43.26 -40.32 20.21
C PRO B 276 42.76 -39.21 19.29
N LEU B 277 43.71 -38.50 18.69
CA LEU B 277 43.38 -37.39 17.78
C LEU B 277 43.43 -37.88 16.34
N ARG B 278 42.55 -37.32 15.51
CA ARG B 278 42.51 -37.69 14.09
C ARG B 278 42.35 -36.45 13.24
N PHE B 279 43.15 -36.32 12.19
CA PHE B 279 43.07 -35.17 11.28
C PHE B 279 41.98 -35.44 10.27
N VAL B 280 41.03 -34.52 10.14
CA VAL B 280 39.89 -34.71 9.21
C VAL B 280 39.81 -33.55 8.24
N GLU B 281 38.92 -33.65 7.27
CA GLU B 281 38.72 -32.60 6.25
C GLU B 281 37.25 -32.21 6.27
N ASN B 282 36.84 -31.37 5.35
CA ASN B 282 35.44 -30.90 5.28
C ASN B 282 34.69 -31.64 4.19
N LEU B 283 33.43 -31.96 4.47
CA LEU B 283 32.56 -32.65 3.49
C LEU B 283 31.26 -31.87 3.39
N PHE B 284 30.86 -31.54 2.18
CA PHE B 284 29.62 -30.78 1.95
C PHE B 284 28.50 -31.69 1.53
N GLY B 285 27.32 -31.10 1.35
CA GLY B 285 26.13 -31.85 0.93
C GLY B 285 25.10 -30.92 0.38
N LEU B 286 23.88 -31.41 0.23
CA LEU B 286 22.76 -30.58 -0.26
C LEU B 286 21.56 -30.78 0.63
N GLY B 287 21.13 -29.72 1.31
CA GLY B 287 19.95 -29.77 2.19
C GLY B 287 18.79 -29.03 1.59
N GLU B 288 17.59 -29.28 2.10
CA GLU B 288 16.36 -28.64 1.58
C GLU B 288 15.55 -28.06 2.72
N TRP B 289 14.99 -26.87 2.50
CA TRP B 289 14.15 -26.20 3.51
C TRP B 289 12.68 -26.46 3.17
N LEU B 290 12.01 -27.23 4.01
CA LEU B 290 10.59 -27.58 3.79
C LEU B 290 9.79 -27.14 4.99
N SER B 291 8.61 -26.61 4.76
CA SER B 291 7.73 -26.18 5.86
C SER B 291 7.40 -27.41 6.72
N PRO B 292 7.25 -27.26 8.04
CA PRO B 292 6.93 -28.40 8.89
C PRO B 292 5.66 -29.13 8.44
N HIS B 293 4.68 -28.43 7.91
CA HIS B 293 3.43 -29.07 7.46
C HIS B 293 3.71 -30.07 6.35
N ARG B 294 4.74 -29.84 5.55
CA ARG B 294 5.08 -30.77 4.46
C ARG B 294 5.52 -32.13 5.02
N VAL B 295 6.31 -32.13 6.08
CA VAL B 295 6.78 -33.39 6.69
C VAL B 295 5.59 -34.11 7.32
N ALA B 296 5.49 -35.42 7.12
CA ALA B 296 4.41 -36.22 7.71
C ALA B 296 4.80 -36.73 9.10
N ALA B 297 5.94 -37.42 9.19
CA ALA B 297 6.41 -37.99 10.47
C ALA B 297 7.42 -37.02 11.06
N LEU B 298 7.20 -36.59 12.30
CA LEU B 298 8.12 -35.65 12.97
C LEU B 298 9.44 -36.35 13.30
N SER B 299 9.40 -37.64 13.60
CA SER B 299 10.63 -38.38 13.97
C SER B 299 11.63 -38.32 12.82
N ASP B 300 11.15 -38.20 11.58
CA ASP B 300 12.05 -38.14 10.42
C ASP B 300 12.84 -36.84 10.39
N LEU B 301 12.38 -35.80 11.07
CA LEU B 301 13.10 -34.51 11.12
C LEU B 301 14.34 -34.56 12.02
N LEU B 302 14.27 -35.30 13.11
CA LEU B 302 15.40 -35.34 14.06
C LEU B 302 16.66 -35.83 13.33
N TRP B 303 17.77 -35.17 13.59
CA TRP B 303 19.06 -35.52 12.99
C TRP B 303 19.75 -36.56 13.86
N TYR B 304 20.27 -37.61 13.24
CA TYR B 304 20.96 -38.69 13.97
C TYR B 304 22.38 -38.78 13.45
N HIS B 305 23.34 -38.70 14.36
CA HIS B 305 24.76 -38.80 13.99
C HIS B 305 25.16 -40.26 13.77
N HIS B 306 25.74 -40.55 12.62
CA HIS B 306 26.20 -41.92 12.30
C HIS B 306 27.66 -41.88 11.92
N ALA B 307 28.44 -42.76 12.52
CA ALA B 307 29.89 -42.85 12.28
C ALA B 307 30.24 -44.27 11.86
N GLU B 308 31.26 -44.39 11.01
CA GLU B 308 31.73 -45.72 10.56
C GLU B 308 33.15 -45.94 11.08
N PRO B 309 33.43 -46.99 11.87
CA PRO B 309 34.79 -47.16 12.36
C PRO B 309 35.79 -47.42 11.24
N ASP B 310 35.40 -48.19 10.23
CA ASP B 310 36.33 -48.49 9.12
C ASP B 310 36.62 -47.24 8.28
N LYS B 311 35.57 -46.59 7.78
CA LYS B 311 35.71 -45.40 6.94
C LYS B 311 35.49 -44.19 7.83
N GLY B 312 36.22 -43.12 7.58
CA GLY B 312 36.13 -41.94 8.44
C GLY B 312 34.93 -41.08 8.13
N LEU B 313 33.94 -41.62 7.42
CA LEU B 313 32.73 -40.85 7.09
C LEU B 313 31.83 -40.74 8.31
N TYR B 314 31.55 -39.51 8.72
CA TYR B 314 30.65 -39.24 9.87
C TYR B 314 29.60 -38.24 9.40
N ARG B 315 28.33 -38.63 9.37
CA ARG B 315 27.27 -37.74 8.86
C ARG B 315 26.08 -37.71 9.82
N TRP B 316 25.45 -36.54 9.90
CA TRP B 316 24.27 -36.34 10.78
C TRP B 316 22.97 -36.44 9.98
N SER B 317 23.04 -36.72 8.70
CA SER B 317 21.85 -36.80 7.84
C SER B 317 20.83 -37.75 8.46
N THR B 318 19.56 -37.44 8.31
CA THR B 318 18.47 -38.27 8.84
C THR B 318 18.12 -39.34 7.80
N PRO B 319 18.47 -40.61 8.01
CA PRO B 319 18.14 -41.63 7.01
C PRO B 319 16.65 -41.91 6.89
N ARG B 320 15.92 -41.81 8.00
CA ARG B 320 14.48 -42.13 7.99
C ARG B 320 13.69 -41.12 7.15
N PHE B 321 14.29 -40.00 6.78
CA PHE B 321 13.58 -39.00 5.97
C PHE B 321 13.24 -39.53 4.59
N VAL B 322 14.15 -40.30 4.00
CA VAL B 322 13.93 -40.86 2.64
C VAL B 322 12.89 -41.97 2.73
N LEU C 24 -27.10 -39.24 -22.09
CA LEU C 24 -27.98 -38.07 -21.82
C LEU C 24 -27.70 -37.55 -20.42
N SER C 25 -26.67 -36.76 -20.24
CA SER C 25 -26.29 -36.25 -18.91
C SER C 25 -27.18 -35.08 -18.51
N THR C 26 -27.01 -34.59 -17.30
CA THR C 26 -27.80 -33.45 -16.80
C THR C 26 -27.22 -32.13 -17.30
N ALA C 27 -27.93 -31.04 -17.02
CA ALA C 27 -27.51 -29.69 -17.44
C ALA C 27 -26.75 -29.03 -16.29
N SER C 28 -25.57 -28.52 -16.57
CA SER C 28 -24.73 -27.87 -15.55
C SER C 28 -25.45 -26.67 -14.94
N VAL C 29 -26.40 -26.09 -15.67
CA VAL C 29 -27.16 -24.91 -15.18
C VAL C 29 -28.64 -25.26 -15.22
N LEU C 30 -29.26 -25.30 -14.05
CA LEU C 30 -30.71 -25.59 -13.95
C LEU C 30 -31.31 -24.72 -12.88
N ALA C 31 -32.46 -24.12 -13.17
CA ALA C 31 -33.16 -23.26 -12.21
C ALA C 31 -34.65 -23.38 -12.41
N PHE C 32 -35.41 -23.33 -11.34
CA PHE C 32 -36.88 -23.44 -11.38
C PHE C 32 -37.47 -22.32 -10.55
N GLU C 33 -38.23 -21.44 -11.19
CA GLU C 33 -38.85 -20.31 -10.49
C GLU C 33 -39.84 -20.83 -9.46
N ARG C 34 -39.86 -20.21 -8.30
CA ARG C 34 -40.76 -20.64 -7.23
C ARG C 34 -42.20 -20.36 -7.58
N LYS C 35 -43.10 -21.18 -7.07
CA LYS C 35 -44.55 -21.04 -7.30
C LYS C 35 -45.19 -20.84 -5.94
N LEU C 36 -46.40 -20.32 -5.92
CA LEU C 36 -47.10 -20.04 -4.65
C LEU C 36 -46.23 -19.15 -3.79
N ASP C 37 -45.84 -18.02 -4.34
CA ASP C 37 -44.98 -17.07 -3.61
C ASP C 37 -45.86 -16.00 -2.98
N PRO C 38 -46.03 -15.98 -1.65
CA PRO C 38 -46.82 -14.95 -1.03
C PRO C 38 -46.03 -13.66 -0.85
N SER C 39 -46.69 -12.66 -0.30
CA SER C 39 -46.07 -11.33 -0.08
C SER C 39 -45.97 -11.10 1.42
N ASP C 40 -45.49 -9.92 1.79
CA ASP C 40 -45.32 -9.59 3.21
C ASP C 40 -46.67 -9.62 3.89
N ALA C 41 -46.66 -9.87 5.19
CA ALA C 41 -47.89 -9.94 5.99
C ALA C 41 -47.94 -8.74 6.92
N LEU C 42 -48.87 -7.84 6.68
CA LEU C 42 -49.03 -6.68 7.55
C LEU C 42 -49.72 -7.11 8.84
N MET C 43 -49.44 -6.39 9.91
CA MET C 43 -50.04 -6.72 11.21
C MET C 43 -50.68 -5.48 11.83
N SER C 44 -51.78 -5.72 12.52
CA SER C 44 -52.51 -4.64 13.20
C SER C 44 -53.12 -5.21 14.48
N ALA C 45 -53.85 -4.38 15.21
CA ALA C 45 -54.49 -4.82 16.46
C ALA C 45 -55.92 -4.31 16.51
N GLY C 46 -56.75 -5.02 17.27
CA GLY C 46 -58.15 -4.64 17.41
C GLY C 46 -58.85 -5.52 18.41
N ALA C 47 -60.17 -5.41 18.45
CA ALA C 47 -61.02 -6.21 19.35
C ALA C 47 -61.85 -7.20 18.55
N TRP C 48 -62.18 -8.32 19.17
CA TRP C 48 -62.98 -9.36 18.50
C TRP C 48 -64.31 -8.77 18.00
N ALA C 49 -64.87 -7.80 18.71
CA ALA C 49 -66.14 -7.19 18.31
C ALA C 49 -65.98 -6.50 16.95
N GLN C 50 -64.83 -5.90 16.71
CA GLN C 50 -64.59 -5.16 15.45
C GLN C 50 -64.25 -6.12 14.30
N ARG C 51 -64.18 -7.41 14.55
CA ARG C 51 -63.82 -8.37 13.48
C ARG C 51 -64.77 -8.22 12.30
N ASP C 52 -66.02 -7.88 12.56
CA ASP C 52 -67.02 -7.75 11.47
C ASP C 52 -66.53 -6.70 10.46
N ALA C 53 -65.97 -5.59 10.93
CA ALA C 53 -65.45 -4.52 10.06
C ALA C 53 -64.02 -4.21 10.47
N SER C 54 -63.06 -4.92 9.89
CA SER C 54 -61.64 -4.73 10.23
C SER C 54 -61.12 -3.42 9.68
N GLN C 55 -61.86 -2.76 8.80
CA GLN C 55 -61.39 -1.52 8.17
C GLN C 55 -61.06 -0.48 9.24
N GLU C 56 -60.00 0.29 9.03
CA GLU C 56 -59.58 1.39 9.94
C GLU C 56 -58.95 0.84 11.22
N TRP C 57 -58.50 -0.41 11.23
CA TRP C 57 -57.83 -0.95 12.42
C TRP C 57 -56.46 -0.31 12.55
N PRO C 58 -56.11 0.28 13.71
CA PRO C 58 -54.82 0.92 13.83
C PRO C 58 -53.70 -0.10 13.81
N ALA C 59 -52.60 0.26 13.17
CA ALA C 59 -51.43 -0.63 13.05
C ALA C 59 -50.57 -0.57 14.30
N VAL C 60 -49.72 -1.56 14.46
CA VAL C 60 -48.80 -1.61 15.61
C VAL C 60 -47.44 -1.11 15.16
N THR C 61 -46.97 -0.03 15.77
CA THR C 61 -45.69 0.58 15.39
C THR C 61 -44.60 0.06 16.32
N VAL C 62 -43.44 -0.21 15.75
CA VAL C 62 -42.29 -0.67 16.55
C VAL C 62 -41.83 0.43 17.49
N ARG C 63 -41.38 0.03 18.68
CA ARG C 63 -40.89 0.98 19.68
C ARG C 63 -39.63 0.44 20.34
N GLU C 64 -38.93 1.30 21.06
CA GLU C 64 -37.67 0.91 21.73
C GLU C 64 -37.85 0.93 23.25
N LYS C 65 -37.12 0.06 23.94
CA LYS C 65 -37.22 -0.02 25.41
C LYS C 65 -35.82 -0.10 26.01
N VAL C 97 -32.44 -2.34 22.78
CA VAL C 97 -33.15 -3.34 21.93
C VAL C 97 -34.43 -2.73 21.41
N ASP C 98 -35.18 -3.50 20.62
CA ASP C 98 -36.46 -3.05 20.05
C ASP C 98 -37.56 -4.03 20.42
N VAL C 99 -38.70 -3.52 20.84
CA VAL C 99 -39.85 -4.36 21.22
C VAL C 99 -41.11 -3.78 20.60
N ALA C 100 -42.09 -4.64 20.37
CA ALA C 100 -43.38 -4.24 19.78
C ALA C 100 -44.51 -4.77 20.66
N ASN C 101 -45.38 -3.88 21.10
CA ASN C 101 -46.51 -4.26 21.97
C ASN C 101 -47.79 -3.73 21.33
N LEU C 102 -48.89 -4.42 21.60
CA LEU C 102 -50.18 -4.03 21.04
C LEU C 102 -50.57 -2.65 21.60
N PRO C 103 -51.53 -1.96 20.98
CA PRO C 103 -51.94 -0.67 21.50
C PRO C 103 -52.43 -0.77 22.94
N SER C 104 -52.58 0.37 23.61
CA SER C 104 -52.95 0.37 25.03
C SER C 104 -54.20 -0.49 25.24
N ASP C 105 -55.20 -0.34 24.39
CA ASP C 105 -56.46 -1.11 24.51
C ASP C 105 -56.65 -1.93 23.25
N ALA C 106 -56.06 -3.11 23.23
CA ALA C 106 -56.20 -4.05 22.09
C ALA C 106 -55.91 -5.44 22.61
N ASP C 107 -56.81 -6.38 22.39
CA ASP C 107 -56.63 -7.76 22.89
C ASP C 107 -56.51 -8.77 21.76
N THR C 108 -56.66 -8.36 20.51
CA THR C 108 -56.59 -9.29 19.37
C THR C 108 -55.61 -8.78 18.33
N LEU C 109 -54.76 -9.67 17.83
CA LEU C 109 -53.79 -9.32 16.78
C LEU C 109 -54.35 -9.75 15.44
N LYS C 110 -54.08 -8.96 14.41
CA LYS C 110 -54.56 -9.26 13.05
C LYS C 110 -53.37 -9.32 12.09
N VAL C 111 -53.40 -10.30 11.20
CA VAL C 111 -52.35 -10.48 10.18
C VAL C 111 -53.04 -10.61 8.82
N ARG C 112 -52.58 -9.85 7.85
CA ARG C 112 -53.18 -9.87 6.49
C ARG C 112 -52.09 -10.08 5.46
N PHE C 113 -52.23 -11.12 4.64
CA PHE C 113 -51.26 -11.40 3.57
C PHE C 113 -51.97 -12.02 2.38
N THR C 114 -51.52 -11.68 1.19
CA THR C 114 -52.09 -12.22 -0.06
C THR C 114 -51.29 -13.42 -0.55
N LEU C 115 -51.86 -14.16 -1.49
CA LEU C 115 -51.17 -15.30 -2.09
C LEU C 115 -51.57 -15.44 -3.55
N ARG C 116 -50.60 -15.67 -4.41
CA ARG C 116 -50.85 -15.85 -5.85
C ARG C 116 -50.44 -17.23 -6.30
N VAL C 117 -51.08 -17.73 -7.33
CA VAL C 117 -50.77 -19.06 -7.90
C VAL C 117 -50.32 -18.81 -9.34
N LEU C 118 -49.06 -19.05 -9.64
CA LEU C 118 -48.56 -18.75 -10.99
C LEU C 118 -48.86 -19.93 -11.92
N GLY C 119 -48.44 -21.13 -11.53
CA GLY C 119 -48.61 -22.33 -12.36
C GLY C 119 -47.39 -22.69 -13.17
N GLY C 120 -47.49 -23.76 -13.93
CA GLY C 120 -46.34 -24.26 -14.69
C GLY C 120 -45.17 -24.65 -13.81
N ALA C 121 -45.44 -25.33 -12.69
CA ALA C 121 -44.37 -25.73 -11.77
C ALA C 121 -43.32 -26.57 -12.49
N GLY C 122 -43.76 -27.59 -13.20
CA GLY C 122 -42.81 -28.47 -13.88
C GLY C 122 -42.09 -27.78 -15.01
N THR C 123 -42.66 -26.71 -15.56
CA THR C 123 -42.02 -26.01 -16.69
C THR C 123 -40.70 -25.41 -16.20
N PRO C 124 -39.54 -25.85 -16.72
CA PRO C 124 -38.28 -25.29 -16.29
C PRO C 124 -38.07 -23.89 -16.84
N SER C 125 -37.50 -23.02 -16.03
CA SER C 125 -37.20 -21.64 -16.47
C SER C 125 -35.99 -21.57 -17.40
N ALA C 126 -34.92 -22.28 -17.06
CA ALA C 126 -33.70 -22.31 -17.91
C ALA C 126 -33.10 -23.69 -17.94
N CYS C 127 -32.73 -24.18 -19.11
CA CYS C 127 -32.09 -25.50 -19.24
C CYS C 127 -31.08 -25.44 -20.37
N ASN C 128 -29.88 -25.96 -20.11
CA ASN C 128 -28.81 -25.96 -21.14
C ASN C 128 -29.13 -26.92 -22.27
N ASP C 129 -29.57 -28.13 -21.95
CA ASP C 129 -29.84 -29.17 -22.95
C ASP C 129 -31.33 -29.24 -23.22
N ALA C 130 -31.70 -29.38 -24.48
CA ALA C 130 -33.12 -29.51 -24.87
C ALA C 130 -33.66 -30.88 -24.50
N ALA C 131 -32.85 -31.93 -24.67
CA ALA C 131 -33.31 -33.30 -24.39
C ALA C 131 -33.76 -33.39 -22.93
N TYR C 132 -32.97 -32.84 -22.03
CA TYR C 132 -33.31 -32.91 -20.59
C TYR C 132 -34.63 -32.19 -20.33
N ARG C 133 -34.80 -31.01 -20.92
CA ARG C 133 -36.02 -30.23 -20.71
C ARG C 133 -37.23 -31.01 -21.24
N ASP C 134 -37.10 -31.60 -22.43
CA ASP C 134 -38.22 -32.36 -23.01
C ASP C 134 -38.54 -33.56 -22.13
N LYS C 135 -37.51 -34.25 -21.65
CA LYS C 135 -37.75 -35.43 -20.81
C LYS C 135 -38.47 -35.01 -19.54
N LEU C 136 -38.05 -33.91 -18.95
CA LEU C 136 -38.68 -33.45 -17.69
C LEU C 136 -40.14 -33.08 -17.96
N LEU C 137 -40.41 -32.37 -19.03
CA LEU C 137 -41.79 -31.97 -19.34
C LEU C 137 -42.63 -33.23 -19.57
N GLN C 138 -42.07 -34.23 -20.24
CA GLN C 138 -42.82 -35.46 -20.52
C GLN C 138 -43.13 -36.18 -19.20
N THR C 139 -42.15 -36.27 -18.32
CA THR C 139 -42.35 -36.96 -17.03
C THR C 139 -43.41 -36.21 -16.24
N VAL C 140 -43.37 -34.89 -16.27
CA VAL C 140 -44.35 -34.08 -15.51
C VAL C 140 -45.74 -34.32 -16.08
N ALA C 141 -45.88 -34.30 -17.39
CA ALA C 141 -47.21 -34.50 -18.00
C ALA C 141 -47.71 -35.89 -17.64
N THR C 142 -46.83 -36.88 -17.66
CA THR C 142 -47.24 -38.26 -17.35
C THR C 142 -47.71 -38.33 -15.91
N TYR C 143 -46.96 -37.73 -15.00
CA TYR C 143 -47.34 -37.77 -13.58
C TYR C 143 -48.70 -37.10 -13.40
N VAL C 144 -48.89 -35.93 -14.01
CA VAL C 144 -50.17 -35.20 -13.85
C VAL C 144 -51.30 -36.06 -14.40
N ASN C 145 -51.09 -36.70 -15.53
CA ASN C 145 -52.15 -37.53 -16.15
C ASN C 145 -52.48 -38.68 -15.21
N ASP C 146 -51.47 -39.33 -14.66
CA ASP C 146 -51.71 -40.49 -13.78
C ASP C 146 -52.47 -40.04 -12.54
N GLN C 147 -51.99 -38.98 -11.89
CA GLN C 147 -52.66 -38.46 -10.69
C GLN C 147 -52.43 -36.96 -10.63
N GLY C 148 -53.44 -36.24 -10.16
CA GLY C 148 -53.37 -34.78 -10.07
C GLY C 148 -52.72 -34.31 -8.80
N PHE C 149 -52.51 -33.00 -8.69
CA PHE C 149 -51.86 -32.40 -7.51
C PHE C 149 -52.85 -32.28 -6.35
N ALA C 150 -54.03 -32.86 -6.45
CA ALA C 150 -55.08 -32.69 -5.43
C ALA C 150 -54.50 -32.98 -4.04
N GLU C 151 -53.56 -33.91 -3.90
CA GLU C 151 -52.99 -34.17 -2.57
C GLU C 151 -52.20 -32.97 -2.06
N LEU C 152 -51.32 -32.40 -2.88
CA LEU C 152 -50.55 -31.23 -2.46
C LEU C 152 -51.50 -30.07 -2.18
N ALA C 153 -52.52 -29.90 -3.02
CA ALA C 153 -53.45 -28.79 -2.84
C ALA C 153 -54.20 -28.96 -1.53
N ARG C 154 -54.56 -30.18 -1.19
CA ARG C 154 -55.29 -30.44 0.07
C ARG C 154 -54.37 -30.12 1.25
N ARG C 155 -53.13 -30.53 1.17
CA ARG C 155 -52.20 -30.25 2.28
C ARG C 155 -52.00 -28.74 2.43
N TYR C 156 -51.86 -28.04 1.31
CA TYR C 156 -51.68 -26.57 1.36
C TYR C 156 -52.92 -25.92 1.95
N ALA C 157 -54.10 -26.39 1.57
CA ALA C 157 -55.35 -25.81 2.09
C ALA C 157 -55.39 -25.97 3.59
N HIS C 158 -55.03 -27.16 4.10
CA HIS C 158 -55.05 -27.39 5.55
C HIS C 158 -54.04 -26.46 6.22
N ASN C 159 -52.84 -26.35 5.65
CA ASN C 159 -51.79 -25.49 6.25
C ASN C 159 -52.29 -24.06 6.32
N LEU C 160 -52.91 -23.56 5.28
CA LEU C 160 -53.44 -22.19 5.27
C LEU C 160 -54.57 -22.05 6.28
N ALA C 161 -55.42 -23.06 6.39
CA ALA C 161 -56.56 -22.98 7.31
C ALA C 161 -56.05 -22.89 8.74
N ASN C 162 -55.13 -23.75 9.11
CA ASN C 162 -54.60 -23.75 10.49
C ASN C 162 -53.64 -22.59 10.63
N ALA C 163 -53.12 -22.41 11.83
CA ALA C 163 -52.18 -21.34 12.16
C ALA C 163 -50.73 -21.83 12.07
N ARG C 164 -50.46 -22.91 11.35
CA ARG C 164 -49.08 -23.45 11.30
C ARG C 164 -48.15 -22.36 10.81
N PHE C 165 -48.62 -21.43 10.00
CA PHE C 165 -47.72 -20.38 9.47
C PHE C 165 -47.16 -19.54 10.61
N LEU C 166 -48.00 -19.06 11.51
CA LEU C 166 -47.52 -18.23 12.64
C LEU C 166 -46.47 -19.03 13.40
N TRP C 167 -45.32 -18.44 13.66
CA TRP C 167 -44.24 -19.16 14.38
C TRP C 167 -44.37 -18.92 15.88
N ARG C 168 -44.39 -17.67 16.29
CA ARG C 168 -44.48 -17.32 17.73
C ARG C 168 -45.85 -16.74 18.08
N ASN C 169 -46.57 -16.16 17.13
CA ASN C 169 -47.88 -15.54 17.41
C ASN C 169 -48.87 -16.62 17.88
N ARG C 170 -48.81 -17.80 17.29
CA ARG C 170 -49.75 -18.87 17.66
C ARG C 170 -49.54 -19.28 19.11
N VAL C 171 -48.30 -19.20 19.60
CA VAL C 171 -48.03 -19.62 20.98
C VAL C 171 -48.85 -18.75 21.92
N GLY C 172 -49.68 -19.36 22.76
CA GLY C 172 -50.52 -18.59 23.68
C GLY C 172 -51.69 -17.87 23.01
N ALA C 173 -52.34 -18.53 22.05
CA ALA C 173 -53.52 -17.96 21.38
C ALA C 173 -54.76 -18.75 21.78
N GLU C 174 -55.71 -18.08 22.42
CA GLU C 174 -56.95 -18.75 22.86
C GLU C 174 -57.86 -19.02 21.66
N ALA C 175 -58.07 -18.04 20.80
CA ALA C 175 -58.94 -18.17 19.62
C ALA C 175 -58.22 -17.62 18.40
N VAL C 176 -58.03 -18.46 17.40
CA VAL C 176 -57.39 -18.04 16.12
C VAL C 176 -58.40 -18.28 15.01
N GLU C 177 -58.88 -17.21 14.39
CA GLU C 177 -59.86 -17.30 13.30
C GLU C 177 -59.20 -16.86 12.00
N VAL C 178 -59.19 -17.75 11.02
CA VAL C 178 -58.58 -17.49 9.70
C VAL C 178 -59.70 -17.27 8.69
N ARG C 179 -59.51 -16.29 7.81
CA ARG C 179 -60.48 -16.00 6.74
C ARG C 179 -59.72 -15.92 5.43
N ILE C 180 -59.98 -16.85 4.53
CA ILE C 180 -59.31 -16.89 3.21
C ILE C 180 -60.34 -16.52 2.16
N ASN C 181 -60.14 -15.37 1.54
CA ASN C 181 -61.05 -14.89 0.48
C ASN C 181 -60.48 -15.27 -0.88
N HIS C 182 -61.26 -15.04 -1.92
CA HIS C 182 -60.81 -15.30 -3.31
C HIS C 182 -61.08 -14.05 -4.11
N ILE C 183 -60.03 -13.43 -4.63
CA ILE C 183 -60.17 -12.20 -5.41
C ILE C 183 -60.00 -12.53 -6.88
N ARG C 184 -61.08 -12.32 -7.65
CA ARG C 184 -61.07 -12.56 -9.10
C ARG C 184 -61.59 -11.31 -9.79
N GLN C 185 -60.81 -10.78 -10.72
CA GLN C 185 -61.20 -9.56 -11.46
C GLN C 185 -61.47 -8.42 -10.49
N GLY C 186 -60.79 -8.42 -9.34
CA GLY C 186 -60.96 -7.35 -8.34
C GLY C 186 -62.17 -7.51 -7.46
N GLU C 187 -62.95 -8.56 -7.64
CA GLU C 187 -64.17 -8.81 -6.84
C GLU C 187 -63.97 -10.07 -6.02
N VAL C 188 -64.55 -10.10 -4.82
CA VAL C 188 -64.41 -11.27 -3.93
C VAL C 188 -65.42 -12.31 -4.43
N ALA C 189 -64.94 -13.28 -5.19
CA ALA C 189 -65.82 -14.32 -5.76
C ALA C 189 -66.37 -15.22 -4.66
N ARG C 190 -65.51 -15.77 -3.82
CA ARG C 190 -65.95 -16.65 -2.73
C ARG C 190 -65.00 -16.52 -1.55
N ALA C 191 -65.55 -16.51 -0.35
CA ALA C 191 -64.76 -16.41 0.88
C ALA C 191 -64.88 -17.70 1.68
N TRP C 192 -64.01 -17.85 2.65
CA TRP C 192 -64.04 -19.03 3.54
C TRP C 192 -63.56 -18.60 4.92
N ARG C 193 -64.14 -19.19 5.95
CA ARG C 193 -63.75 -18.86 7.33
C ARG C 193 -63.55 -20.17 8.08
N PHE C 194 -62.38 -20.35 8.67
CA PHE C 194 -62.05 -21.58 9.41
C PHE C 194 -61.60 -21.24 10.81
N ASP C 195 -61.30 -22.28 11.58
CA ASP C 195 -60.78 -22.11 12.95
C ASP C 195 -59.50 -22.95 13.10
N ALA C 196 -58.38 -22.30 13.33
CA ALA C 196 -57.10 -23.02 13.50
C ALA C 196 -57.15 -23.89 14.75
N LEU C 197 -57.74 -23.39 15.82
CA LEU C 197 -57.78 -24.18 17.07
C LEU C 197 -58.64 -25.43 16.89
N ALA C 198 -59.83 -25.28 16.32
CA ALA C 198 -60.74 -26.42 16.14
C ALA C 198 -60.10 -27.43 15.20
N ILE C 199 -59.46 -26.94 14.15
CA ILE C 199 -58.82 -27.85 13.17
C ILE C 199 -57.59 -28.46 13.79
N GLY C 200 -57.43 -29.76 13.62
CA GLY C 200 -56.27 -30.44 14.19
C GLY C 200 -54.98 -29.97 13.55
N LEU C 201 -53.97 -29.69 14.34
CA LEU C 201 -52.65 -29.27 13.82
C LEU C 201 -51.87 -30.47 13.28
N ARG C 202 -51.91 -31.60 13.97
CA ARG C 202 -51.14 -32.79 13.56
C ARG C 202 -52.01 -33.79 12.80
N ASP C 203 -53.29 -33.51 12.63
CA ASP C 203 -54.22 -34.43 11.93
C ASP C 203 -54.88 -33.69 10.78
N PHE C 204 -55.04 -34.37 9.65
CA PHE C 204 -55.68 -33.77 8.46
C PHE C 204 -57.09 -34.33 8.33
N LYS C 205 -58.07 -33.44 8.37
CA LYS C 205 -59.49 -33.85 8.27
C LYS C 205 -60.08 -33.26 7.00
N ALA C 206 -61.05 -33.97 6.43
CA ALA C 206 -61.70 -33.54 5.18
C ALA C 206 -62.85 -32.57 5.48
N ASP C 207 -63.00 -31.57 4.62
CA ASP C 207 -64.09 -30.60 4.75
C ASP C 207 -64.46 -30.10 3.36
N ALA C 208 -65.71 -29.72 3.16
CA ALA C 208 -66.16 -29.24 1.85
C ALA C 208 -65.35 -28.02 1.44
N GLU C 209 -65.17 -27.07 2.35
CA GLU C 209 -64.43 -25.84 2.03
C GLU C 209 -62.98 -26.21 1.70
N LEU C 210 -62.38 -27.10 2.48
CA LEU C 210 -60.98 -27.48 2.22
C LEU C 210 -60.87 -28.13 0.83
N ASP C 211 -61.81 -28.99 0.48
CA ASP C 211 -61.77 -29.65 -0.84
C ASP C 211 -61.91 -28.59 -1.93
N ALA C 212 -62.82 -27.64 -1.77
CA ALA C 212 -63.02 -26.60 -2.78
C ALA C 212 -61.74 -25.78 -2.94
N LEU C 213 -61.10 -25.44 -1.83
CA LEU C 213 -59.86 -24.65 -1.90
C LEU C 213 -58.77 -25.45 -2.59
N ALA C 214 -58.67 -26.73 -2.28
CA ALA C 214 -57.65 -27.59 -2.92
C ALA C 214 -57.91 -27.65 -4.41
N GLU C 215 -59.17 -27.75 -4.81
CA GLU C 215 -59.50 -27.80 -6.25
C GLU C 215 -59.09 -26.49 -6.91
N LEU C 216 -59.40 -25.37 -6.27
CA LEU C 216 -59.03 -24.05 -6.85
C LEU C 216 -57.52 -23.97 -6.99
N ILE C 217 -56.78 -24.41 -5.99
CA ILE C 217 -55.31 -24.34 -6.04
C ILE C 217 -54.80 -25.26 -7.15
N ALA C 218 -55.35 -26.45 -7.27
CA ALA C 218 -54.90 -27.39 -8.31
C ALA C 218 -55.14 -26.76 -9.67
N SER C 219 -56.29 -26.12 -9.85
CA SER C 219 -56.62 -25.51 -11.15
C SER C 219 -55.60 -24.40 -11.45
N GLY C 220 -55.37 -23.54 -10.47
CA GLY C 220 -54.43 -22.43 -10.67
C GLY C 220 -53.08 -22.97 -11.05
N LEU C 221 -52.61 -23.99 -10.34
CA LEU C 221 -51.28 -24.55 -10.62
C LEU C 221 -51.28 -25.14 -12.03
N SER C 222 -52.35 -25.81 -12.42
CA SER C 222 -52.46 -26.39 -13.77
C SER C 222 -52.55 -25.31 -14.84
N GLY C 223 -52.84 -24.07 -14.45
CA GLY C 223 -52.91 -22.98 -15.42
C GLY C 223 -54.30 -22.72 -15.96
N SER C 224 -55.35 -23.10 -15.24
CA SER C 224 -56.72 -22.79 -15.69
C SER C 224 -56.97 -21.28 -15.72
N GLY C 225 -56.63 -20.59 -14.64
CA GLY C 225 -56.90 -19.16 -14.56
C GLY C 225 -56.13 -18.51 -13.43
N HIS C 226 -56.06 -17.19 -13.43
CA HIS C 226 -55.38 -16.47 -12.34
C HIS C 226 -56.09 -16.76 -11.03
N VAL C 227 -55.32 -16.91 -9.96
CA VAL C 227 -55.91 -17.17 -8.62
C VAL C 227 -55.25 -16.26 -7.61
N LEU C 228 -56.05 -15.55 -6.83
CA LEU C 228 -55.54 -14.65 -5.77
C LEU C 228 -56.34 -14.95 -4.50
N LEU C 229 -55.65 -15.19 -3.40
CA LEU C 229 -56.31 -15.48 -2.13
C LEU C 229 -55.79 -14.54 -1.06
N GLU C 230 -56.70 -13.79 -0.43
CA GLU C 230 -56.34 -12.86 0.66
C GLU C 230 -56.62 -13.56 1.97
N VAL C 231 -55.58 -13.85 2.73
CA VAL C 231 -55.72 -14.53 4.03
C VAL C 231 -55.61 -13.49 5.13
N VAL C 232 -56.55 -13.53 6.05
CA VAL C 232 -56.57 -12.61 7.20
C VAL C 232 -56.82 -13.43 8.44
N ALA C 233 -55.90 -13.36 9.41
CA ALA C 233 -56.03 -14.12 10.66
C ALA C 233 -56.19 -13.19 11.83
N PHE C 234 -56.96 -13.63 12.81
CA PHE C 234 -57.19 -12.86 14.06
C PHE C 234 -56.92 -13.79 15.22
N ALA C 235 -55.92 -13.46 16.04
CA ALA C 235 -55.54 -14.30 17.18
C ALA C 235 -55.71 -13.54 18.47
N ARG C 236 -56.41 -14.14 19.43
CA ARG C 236 -56.61 -13.53 20.75
C ARG C 236 -55.41 -13.86 21.62
N ILE C 237 -54.66 -12.86 22.03
CA ILE C 237 -53.48 -13.08 22.90
C ILE C 237 -53.74 -12.44 24.25
N GLY C 238 -54.01 -11.14 24.26
CA GLY C 238 -54.28 -10.42 25.49
C GLY C 238 -53.91 -8.96 25.39
N ASP C 239 -54.42 -8.17 26.32
CA ASP C 239 -54.15 -6.71 26.30
C ASP C 239 -52.69 -6.45 26.67
N GLY C 240 -52.04 -5.59 25.92
CA GLY C 240 -50.66 -5.21 26.25
C GLY C 240 -49.66 -6.32 26.08
N GLN C 241 -50.01 -7.37 25.36
CA GLN C 241 -49.08 -8.48 25.15
C GLN C 241 -47.93 -8.02 24.25
N GLU C 242 -46.91 -8.88 24.14
CA GLU C 242 -45.73 -8.57 23.32
C GLU C 242 -45.72 -9.48 22.10
N VAL C 243 -45.74 -8.89 20.92
CA VAL C 243 -45.70 -9.67 19.67
C VAL C 243 -44.27 -10.11 19.39
N PHE C 244 -44.10 -11.09 18.52
CA PHE C 244 -42.78 -11.62 18.16
C PHE C 244 -42.61 -11.49 16.65
N PRO C 245 -42.38 -10.27 16.15
CA PRO C 245 -42.18 -10.08 14.72
C PRO C 245 -40.86 -10.68 14.26
N SER C 246 -40.61 -10.64 12.95
CA SER C 246 -39.37 -11.23 12.41
C SER C 246 -38.19 -10.32 12.72
N GLN C 247 -37.20 -10.87 13.42
CA GLN C 247 -36.02 -10.07 13.80
C GLN C 247 -35.19 -9.77 12.57
N GLU C 248 -34.63 -8.58 12.52
CA GLU C 248 -33.79 -8.14 11.39
C GLU C 248 -32.35 -8.03 11.84
N LEU C 249 -31.43 -8.25 10.92
CA LEU C 249 -29.99 -8.16 11.23
C LEU C 249 -29.44 -6.77 10.86
N LYS C 262 -30.94 -5.33 18.52
CA LYS C 262 -32.13 -6.08 18.05
C LYS C 262 -33.03 -5.15 17.23
N THR C 263 -33.22 -5.46 15.96
CA THR C 263 -34.06 -4.65 15.06
C THR C 263 -35.22 -5.50 14.57
N LEU C 264 -36.45 -5.03 14.78
CA LEU C 264 -37.66 -5.77 14.37
C LEU C 264 -38.06 -5.32 12.97
N TYR C 265 -38.46 -6.28 12.14
CA TYR C 265 -38.85 -5.99 10.75
C TYR C 265 -40.09 -5.13 10.76
N SER C 266 -40.02 -3.99 10.09
CA SER C 266 -41.17 -3.07 10.01
C SER C 266 -41.22 -2.45 8.63
N VAL C 267 -42.41 -2.40 8.05
CA VAL C 267 -42.63 -1.78 6.73
C VAL C 267 -43.69 -0.71 6.88
N ARG C 268 -43.45 0.44 6.26
CA ARG C 268 -44.39 1.58 6.34
C ARG C 268 -44.70 1.87 7.81
N ASP C 269 -43.67 1.83 8.66
CA ASP C 269 -43.86 2.09 10.11
C ASP C 269 -44.89 1.12 10.68
N ALA C 270 -44.93 -0.10 10.16
CA ALA C 270 -45.85 -1.14 10.64
C ALA C 270 -45.10 -2.47 10.66
N ALA C 271 -45.31 -3.25 11.70
CA ALA C 271 -44.64 -4.55 11.83
C ALA C 271 -45.21 -5.52 10.81
N ALA C 272 -44.38 -6.46 10.37
CA ALA C 272 -44.80 -7.46 9.40
C ALA C 272 -43.88 -8.66 9.47
N ILE C 273 -44.16 -9.68 8.68
CA ILE C 273 -43.36 -10.92 8.62
C ILE C 273 -42.82 -11.05 7.21
N HIS C 274 -41.61 -11.55 7.09
CA HIS C 274 -40.98 -11.69 5.78
C HIS C 274 -41.76 -12.61 4.87
N SER C 275 -41.76 -12.31 3.58
CA SER C 275 -42.47 -13.13 2.59
C SER C 275 -41.91 -14.54 2.61
N GLN C 276 -40.60 -14.67 2.57
CA GLN C 276 -39.97 -16.00 2.58
C GLN C 276 -40.23 -16.67 3.91
N LYS C 277 -40.25 -15.91 5.00
CA LYS C 277 -40.48 -16.51 6.31
C LYS C 277 -41.89 -17.10 6.38
N ILE C 278 -42.83 -16.52 5.66
CA ILE C 278 -44.21 -17.04 5.64
C ILE C 278 -44.28 -18.23 4.68
N GLY C 279 -43.70 -18.10 3.52
CA GLY C 279 -43.73 -19.18 2.52
C GLY C 279 -42.97 -20.40 2.99
N ASN C 280 -42.08 -20.24 3.95
CA ASN C 280 -41.37 -21.41 4.49
C ASN C 280 -42.30 -22.32 5.25
N ALA C 281 -43.09 -21.75 6.15
CA ALA C 281 -44.07 -22.53 6.92
C ALA C 281 -45.19 -23.01 6.01
N LEU C 282 -45.63 -22.16 5.10
CA LEU C 282 -46.75 -22.51 4.20
C LEU C 282 -46.40 -23.75 3.38
N ARG C 283 -45.13 -23.98 3.10
CA ARG C 283 -44.70 -25.11 2.25
C ARG C 283 -44.35 -26.33 3.10
N THR C 284 -44.91 -26.45 4.30
CA THR C 284 -44.66 -27.63 5.16
C THR C 284 -45.49 -28.79 4.62
N ILE C 285 -45.02 -29.36 3.53
CA ILE C 285 -45.70 -30.49 2.86
C ILE C 285 -44.87 -31.75 2.93
N ASP C 286 -43.70 -31.71 3.57
CA ASP C 286 -42.82 -32.91 3.60
C ASP C 286 -43.23 -33.76 4.78
N THR C 287 -44.08 -34.75 4.55
CA THR C 287 -44.55 -35.68 5.61
C THR C 287 -44.27 -37.14 5.23
N TRP C 288 -43.38 -37.39 4.29
CA TRP C 288 -43.04 -38.76 3.84
C TRP C 288 -41.62 -39.13 4.22
N TYR C 289 -41.08 -38.54 5.27
CA TYR C 289 -39.69 -38.82 5.67
C TYR C 289 -39.56 -40.29 6.02
N PRO C 290 -38.35 -40.87 5.90
CA PRO C 290 -38.18 -42.28 6.19
C PRO C 290 -38.52 -42.66 7.64
N ASP C 291 -38.14 -41.82 8.60
CA ASP C 291 -38.38 -42.08 10.02
C ASP C 291 -39.20 -40.93 10.61
N GLU C 292 -40.23 -41.26 11.38
CA GLU C 292 -41.09 -40.25 12.02
C GLU C 292 -41.00 -40.41 13.54
N ASP C 293 -40.71 -39.33 14.24
CA ASP C 293 -40.66 -39.32 15.72
C ASP C 293 -41.88 -38.61 16.31
N GLY C 294 -42.88 -38.30 15.49
CA GLY C 294 -44.09 -37.61 15.96
C GLY C 294 -43.97 -36.10 15.87
N LEU C 295 -42.92 -35.58 15.26
CA LEU C 295 -42.69 -34.12 15.20
C LEU C 295 -43.78 -33.45 14.38
N GLY C 296 -44.20 -34.06 13.29
CA GLY C 296 -45.20 -33.46 12.41
C GLY C 296 -44.60 -33.01 11.09
N PRO C 297 -45.31 -32.20 10.30
CA PRO C 297 -44.77 -31.78 9.04
C PRO C 297 -43.54 -30.89 9.19
N ILE C 298 -42.58 -31.08 8.30
CA ILE C 298 -41.31 -30.30 8.32
C ILE C 298 -41.22 -29.49 7.03
N ALA C 299 -40.86 -28.23 7.13
CA ALA C 299 -40.75 -27.34 5.97
C ALA C 299 -39.93 -28.02 4.89
N VAL C 300 -40.51 -28.09 3.69
CA VAL C 300 -39.80 -28.74 2.56
C VAL C 300 -38.48 -27.99 2.35
N GLU C 301 -37.40 -28.72 2.47
CA GLU C 301 -36.06 -28.14 2.26
C GLU C 301 -35.17 -29.23 1.69
N PRO C 302 -34.16 -28.90 0.88
CA PRO C 302 -33.27 -29.93 0.39
C PRO C 302 -32.51 -30.62 1.54
N TYR C 303 -32.35 -31.95 1.44
CA TYR C 303 -31.64 -32.74 2.45
C TYR C 303 -32.43 -32.75 3.77
N GLY C 304 -33.70 -32.36 3.73
CA GLY C 304 -34.56 -32.41 4.92
C GLY C 304 -33.91 -31.80 6.14
N SER C 305 -33.20 -30.71 5.95
CA SER C 305 -32.51 -30.05 7.08
C SER C 305 -33.51 -29.39 8.00
N VAL C 306 -33.20 -29.36 9.29
CA VAL C 306 -34.06 -28.70 10.29
C VAL C 306 -33.17 -27.82 11.15
N THR C 307 -33.47 -26.54 11.21
CA THR C 307 -32.66 -25.60 12.01
C THR C 307 -32.90 -25.80 13.51
N SER C 308 -34.15 -25.82 13.93
CA SER C 308 -34.46 -25.96 15.37
C SER C 308 -33.97 -27.30 15.88
N GLN C 309 -34.34 -28.38 15.21
CA GLN C 309 -33.95 -29.74 15.64
C GLN C 309 -32.45 -29.94 15.47
N GLY C 310 -31.83 -29.24 14.52
CA GLY C 310 -30.40 -29.39 14.30
C GLY C 310 -30.03 -30.70 13.64
N LYS C 311 -31.01 -31.42 13.10
CA LYS C 311 -30.77 -32.71 12.43
C LYS C 311 -31.35 -32.64 11.03
N ALA C 312 -30.67 -33.28 10.08
CA ALA C 312 -31.11 -33.29 8.68
C ALA C 312 -31.60 -34.68 8.33
N TYR C 313 -32.89 -34.80 8.09
CA TYR C 313 -33.48 -36.10 7.70
C TYR C 313 -33.37 -36.27 6.21
N ARG C 314 -33.64 -37.47 5.73
CA ARG C 314 -33.56 -37.75 4.27
C ARG C 314 -32.15 -37.48 3.78
N GLN C 315 -31.16 -38.07 4.42
CA GLN C 315 -29.75 -37.85 4.04
C GLN C 315 -29.51 -38.38 2.63
N PRO C 316 -28.44 -37.92 1.96
CA PRO C 316 -28.16 -38.37 0.61
C PRO C 316 -27.78 -39.85 0.52
N LYS C 317 -27.30 -40.44 1.60
CA LYS C 317 -26.86 -41.86 1.57
C LYS C 317 -28.04 -42.73 1.18
N GLN C 318 -29.23 -42.39 1.64
CA GLN C 318 -30.44 -43.18 1.31
C GLN C 318 -30.92 -42.82 -0.10
N LYS C 319 -31.91 -43.55 -0.59
CA LYS C 319 -32.46 -43.31 -1.93
C LYS C 319 -33.58 -42.28 -1.90
N LEU C 320 -34.00 -41.81 -0.73
CA LEU C 320 -35.11 -40.84 -0.64
C LEU C 320 -34.64 -39.43 -0.98
N ASP C 321 -33.35 -39.20 -1.15
CA ASP C 321 -32.84 -37.85 -1.45
C ASP C 321 -33.53 -37.30 -2.70
N PHE C 322 -33.84 -36.00 -2.67
CA PHE C 322 -34.53 -35.39 -3.83
C PHE C 322 -33.68 -35.49 -5.08
N TYR C 323 -32.42 -35.12 -5.01
CA TYR C 323 -31.55 -35.18 -6.20
C TYR C 323 -31.45 -36.60 -6.73
N THR C 324 -31.24 -37.56 -5.84
CA THR C 324 -31.10 -38.96 -6.29
C THR C 324 -32.42 -39.42 -6.92
N LEU C 325 -33.55 -39.13 -6.29
CA LEU C 325 -34.84 -39.57 -6.83
C LEU C 325 -35.06 -38.96 -8.22
N LEU C 326 -34.79 -37.67 -8.37
CA LEU C 326 -35.03 -37.04 -9.68
C LEU C 326 -34.08 -37.61 -10.72
N ASP C 327 -32.82 -37.80 -10.35
CA ASP C 327 -31.83 -38.33 -11.31
C ASP C 327 -32.28 -39.71 -11.76
N ASN C 328 -32.73 -40.55 -10.84
CA ASN C 328 -33.14 -41.91 -11.20
C ASN C 328 -34.39 -41.87 -12.07
N TRP C 329 -35.38 -41.09 -11.66
CA TRP C 329 -36.67 -41.04 -12.38
C TRP C 329 -36.50 -40.36 -13.75
N VAL C 330 -35.37 -39.68 -13.97
CA VAL C 330 -35.14 -39.01 -15.27
C VAL C 330 -34.28 -39.88 -16.16
N LEU C 331 -33.07 -40.20 -15.71
CA LEU C 331 -32.16 -41.01 -16.53
C LEU C 331 -32.65 -42.45 -16.66
N ARG C 332 -32.98 -43.10 -15.56
CA ARG C 332 -33.40 -44.52 -15.60
C ARG C 332 -34.92 -44.65 -15.71
N ASP C 333 -35.66 -43.55 -15.69
CA ASP C 333 -37.14 -43.59 -15.80
C ASP C 333 -37.73 -44.46 -14.70
N GLU C 334 -37.08 -44.52 -13.54
CA GLU C 334 -37.57 -45.34 -12.42
C GLU C 334 -38.53 -44.50 -11.60
N ALA C 335 -39.81 -44.83 -11.67
CA ALA C 335 -40.84 -44.09 -10.91
C ALA C 335 -40.76 -44.53 -9.46
N PRO C 336 -40.40 -43.65 -8.51
CA PRO C 336 -40.34 -44.04 -7.13
C PRO C 336 -41.71 -44.10 -6.49
N ALA C 337 -41.74 -44.45 -5.21
CA ALA C 337 -43.01 -44.57 -4.47
C ALA C 337 -43.78 -43.26 -4.56
N VAL C 338 -45.09 -43.36 -4.43
CA VAL C 338 -45.97 -42.17 -4.52
C VAL C 338 -45.47 -41.09 -3.55
N GLU C 339 -45.01 -41.49 -2.38
CA GLU C 339 -44.50 -40.51 -1.41
C GLU C 339 -43.30 -39.76 -1.99
N GLN C 340 -42.35 -40.47 -2.56
CA GLN C 340 -41.16 -39.83 -3.13
C GLN C 340 -41.58 -38.92 -4.28
N GLN C 341 -42.52 -39.37 -5.11
CA GLN C 341 -42.96 -38.55 -6.25
C GLN C 341 -43.59 -37.27 -5.74
N HIS C 342 -44.37 -37.35 -4.68
CA HIS C 342 -45.02 -36.16 -4.10
C HIS C 342 -43.95 -35.21 -3.58
N TYR C 343 -42.96 -35.73 -2.89
CA TYR C 343 -41.89 -34.88 -2.34
C TYR C 343 -41.15 -34.20 -3.48
N VAL C 344 -40.88 -34.94 -4.57
CA VAL C 344 -40.14 -34.37 -5.71
C VAL C 344 -40.97 -33.28 -6.36
N ILE C 345 -42.26 -33.50 -6.50
CA ILE C 345 -43.13 -32.48 -7.13
C ILE C 345 -43.18 -31.26 -6.23
N ALA C 346 -43.22 -31.45 -4.93
CA ALA C 346 -43.26 -30.32 -3.99
C ALA C 346 -41.99 -29.49 -4.15
N ASN C 347 -40.85 -30.15 -4.25
CA ASN C 347 -39.56 -29.44 -4.39
C ASN C 347 -39.56 -28.67 -5.71
N LEU C 348 -40.01 -29.30 -6.78
CA LEU C 348 -40.03 -28.63 -8.10
C LEU C 348 -40.95 -27.42 -8.02
N ILE C 349 -42.05 -27.52 -7.32
CA ILE C 349 -42.99 -26.39 -7.18
C ILE C 349 -42.31 -25.27 -6.41
N ARG C 350 -41.62 -25.59 -5.34
CA ARG C 350 -40.94 -24.58 -4.51
C ARG C 350 -39.87 -23.91 -5.35
N GLY C 351 -39.22 -24.64 -6.22
CA GLY C 351 -38.20 -24.07 -7.11
C GLY C 351 -36.87 -24.00 -6.44
N GLY C 352 -35.85 -23.68 -7.24
CA GLY C 352 -34.49 -23.55 -6.71
C GLY C 352 -33.43 -23.60 -7.77
N VAL C 353 -32.20 -23.87 -7.35
CA VAL C 353 -31.05 -24.01 -8.29
C VAL C 353 -30.53 -25.43 -8.19
N PHE C 354 -30.41 -26.11 -9.33
CA PHE C 354 -29.91 -27.49 -9.36
C PHE C 354 -28.78 -27.58 -10.39
N GLY C 355 -28.31 -28.79 -10.64
CA GLY C 355 -27.23 -29.03 -11.59
C GLY C 355 -25.89 -28.65 -11.01
N GLU C 356 -25.19 -27.73 -11.66
CA GLU C 356 -23.85 -27.33 -11.21
C GLU C 356 -23.72 -25.80 -11.29
N ILE D 23 -10.18 -7.64 -56.24
CA ILE D 23 -11.46 -7.98 -55.57
C ILE D 23 -11.78 -6.93 -54.52
N LEU D 24 -12.94 -7.06 -53.87
CA LEU D 24 -13.34 -6.12 -52.81
C LEU D 24 -13.30 -6.82 -51.46
N SER D 25 -12.56 -6.28 -50.50
CA SER D 25 -12.45 -6.84 -49.15
C SER D 25 -13.27 -6.01 -48.17
N THR D 26 -13.54 -6.56 -47.00
CA THR D 26 -14.29 -5.85 -45.96
C THR D 26 -13.39 -4.86 -45.20
N ALA D 27 -14.00 -4.06 -44.34
CA ALA D 27 -13.27 -3.07 -43.53
C ALA D 27 -12.96 -3.66 -42.18
N SER D 28 -11.72 -3.57 -41.75
CA SER D 28 -11.29 -4.13 -40.45
C SER D 28 -12.05 -3.47 -39.31
N VAL D 29 -12.55 -2.26 -39.52
CA VAL D 29 -13.31 -1.53 -38.49
C VAL D 29 -14.66 -1.16 -39.04
N LEU D 30 -15.72 -1.71 -38.46
CA LEU D 30 -17.10 -1.44 -38.88
C LEU D 30 -17.97 -1.27 -37.66
N ALA D 31 -18.80 -0.24 -37.65
CA ALA D 31 -19.72 0.00 -36.53
C ALA D 31 -21.02 0.55 -37.04
N PHE D 32 -22.12 0.18 -36.42
CA PHE D 32 -23.45 0.66 -36.82
C PHE D 32 -24.19 1.11 -35.58
N GLU D 33 -24.54 2.39 -35.53
CA GLU D 33 -25.24 2.94 -34.35
C GLU D 33 -26.59 2.27 -34.23
N ARG D 34 -26.97 1.98 -33.00
CA ARG D 34 -28.25 1.31 -32.77
C ARG D 34 -29.40 2.25 -33.06
N LYS D 35 -30.53 1.70 -33.47
CA LYS D 35 -31.74 2.47 -33.79
C LYS D 35 -32.83 1.96 -32.87
N LEU D 36 -33.90 2.70 -32.75
CA LEU D 36 -34.99 2.30 -31.84
C LEU D 36 -34.44 2.10 -30.43
N ASP D 37 -33.80 3.14 -29.91
CA ASP D 37 -33.19 3.06 -28.57
C ASP D 37 -34.17 3.62 -27.56
N PRO D 38 -34.77 2.79 -26.68
CA PRO D 38 -35.66 3.29 -25.69
C PRO D 38 -34.93 3.84 -24.47
N SER D 39 -35.69 4.37 -23.53
CA SER D 39 -35.13 4.96 -22.31
C SER D 39 -35.57 4.11 -21.13
N ASP D 40 -35.17 4.50 -19.95
CA ASP D 40 -35.45 3.73 -18.74
C ASP D 40 -36.94 3.69 -18.52
N ALA D 41 -37.41 2.65 -17.83
CA ALA D 41 -38.83 2.48 -17.53
C ALA D 41 -39.08 2.69 -16.05
N LEU D 42 -39.73 3.78 -15.72
CA LEU D 42 -40.09 4.06 -14.32
C LEU D 42 -41.28 3.20 -13.92
N MET D 43 -41.40 2.94 -12.61
CA MET D 43 -42.52 2.14 -12.10
C MET D 43 -43.24 2.83 -10.97
N SER D 44 -44.53 2.57 -10.85
CA SER D 44 -45.39 3.17 -9.81
C SER D 44 -46.50 2.19 -9.46
N ALA D 45 -47.28 2.50 -8.45
CA ALA D 45 -48.37 1.65 -8.00
C ALA D 45 -49.65 2.45 -7.88
N GLY D 46 -50.77 1.82 -8.21
CA GLY D 46 -52.07 2.48 -8.15
C GLY D 46 -53.18 1.47 -8.19
N ALA D 47 -54.41 1.96 -8.19
CA ALA D 47 -55.60 1.12 -8.24
C ALA D 47 -56.20 1.16 -9.64
N TRP D 48 -56.71 0.04 -10.10
CA TRP D 48 -57.30 -0.04 -11.44
C TRP D 48 -58.39 1.02 -11.59
N ALA D 49 -59.13 1.30 -10.53
CA ALA D 49 -60.21 2.30 -10.59
C ALA D 49 -59.59 3.68 -10.89
N GLN D 50 -58.42 3.95 -10.36
CA GLN D 50 -57.74 5.24 -10.54
C GLN D 50 -56.78 5.19 -11.73
N ARG D 51 -56.95 4.23 -12.64
CA ARG D 51 -56.05 4.11 -13.79
C ARG D 51 -56.01 5.43 -14.56
N ASP D 52 -57.12 6.13 -14.67
CA ASP D 52 -57.15 7.41 -15.40
C ASP D 52 -56.16 8.38 -14.76
N ALA D 53 -56.09 8.42 -13.44
CA ALA D 53 -55.14 9.30 -12.71
C ALA D 53 -53.78 8.61 -12.64
N SER D 54 -53.17 8.40 -13.78
CA SER D 54 -51.85 7.73 -13.85
C SER D 54 -50.80 8.59 -13.17
N GLN D 55 -50.85 9.89 -13.38
CA GLN D 55 -49.84 10.79 -12.80
C GLN D 55 -50.03 10.91 -11.29
N GLU D 56 -48.96 11.23 -10.58
CA GLU D 56 -48.94 11.46 -9.12
C GLU D 56 -48.93 10.14 -8.34
N TRP D 57 -48.82 9.01 -9.01
CA TRP D 57 -48.74 7.72 -8.31
C TRP D 57 -47.39 7.63 -7.59
N PRO D 58 -47.36 7.25 -6.31
CA PRO D 58 -46.09 7.20 -5.62
C PRO D 58 -45.16 6.18 -6.24
N ALA D 59 -43.87 6.35 -6.01
CA ALA D 59 -42.84 5.44 -6.54
C ALA D 59 -42.55 4.31 -5.56
N VAL D 60 -42.01 3.23 -6.11
CA VAL D 60 -41.62 2.07 -5.26
C VAL D 60 -40.18 2.26 -4.81
N THR D 61 -39.97 2.35 -3.50
CA THR D 61 -38.63 2.56 -2.95
C THR D 61 -38.06 1.21 -2.56
N VAL D 62 -36.83 0.94 -2.98
CA VAL D 62 -36.16 -0.33 -2.63
C VAL D 62 -35.83 -0.33 -1.14
N ARG D 63 -35.88 -1.50 -0.53
CA ARG D 63 -35.52 -1.65 0.89
C ARG D 63 -34.68 -2.90 1.08
N GLU D 64 -34.08 -3.03 2.25
CA GLU D 64 -33.23 -4.17 2.56
C GLU D 64 -33.87 -5.01 3.66
N LYS D 65 -33.69 -6.32 3.56
CA LYS D 65 -34.19 -7.23 4.60
C LYS D 65 -33.22 -8.39 4.79
N SER D 66 -33.06 -8.84 6.02
CA SER D 66 -32.14 -9.95 6.34
C SER D 66 -32.79 -11.24 5.89
N VAL D 67 -32.04 -12.07 5.16
CA VAL D 67 -32.53 -13.37 4.70
C VAL D 67 -31.54 -14.44 5.12
N ARG D 68 -31.99 -15.36 5.98
CA ARG D 68 -31.13 -16.45 6.48
C ARG D 68 -31.51 -17.73 5.77
N GLY D 69 -30.53 -18.39 5.18
CA GLY D 69 -30.79 -19.63 4.45
C GLY D 69 -29.71 -20.64 4.65
N THR D 70 -30.04 -21.90 4.49
CA THR D 70 -29.06 -23.00 4.67
C THR D 70 -28.31 -23.22 3.35
N ILE D 71 -27.53 -24.29 3.29
CA ILE D 71 -26.79 -24.64 2.06
C ILE D 71 -27.62 -25.64 1.27
N SER D 72 -28.21 -25.19 0.17
CA SER D 72 -28.98 -26.05 -0.74
C SER D 72 -28.15 -26.41 -1.98
N ASN D 73 -26.89 -26.03 -2.06
CA ASN D 73 -26.07 -26.31 -3.23
C ASN D 73 -25.93 -27.83 -3.37
N ARG D 74 -25.84 -28.29 -4.59
CA ARG D 74 -25.71 -29.74 -4.85
C ARG D 74 -24.40 -30.22 -4.25
N LEU D 75 -24.44 -31.39 -3.64
CA LEU D 75 -23.23 -31.96 -3.03
C LEU D 75 -22.22 -32.33 -4.10
N LYS D 76 -20.97 -32.45 -3.71
CA LYS D 76 -19.90 -32.79 -4.66
C LYS D 76 -20.04 -34.24 -5.10
N THR D 77 -19.17 -34.67 -5.98
CA THR D 77 -19.21 -36.05 -6.51
C THR D 77 -19.03 -37.04 -5.39
N LYS D 78 -18.14 -36.75 -4.45
CA LYS D 78 -17.88 -37.66 -3.32
C LYS D 78 -18.82 -37.29 -2.19
N ASP D 79 -19.82 -38.14 -1.93
CA ASP D 79 -20.79 -37.86 -0.86
C ASP D 79 -20.07 -37.90 0.47
N ARG D 80 -20.18 -36.84 1.24
CA ARG D 80 -19.50 -36.76 2.54
C ARG D 80 -20.33 -37.46 3.60
N ASP D 81 -19.78 -37.57 4.79
CA ASP D 81 -20.48 -38.21 5.91
C ASP D 81 -21.61 -37.28 6.38
N PRO D 82 -22.68 -37.83 6.98
CA PRO D 82 -23.77 -36.99 7.43
C PRO D 82 -23.39 -36.09 8.62
N ALA D 83 -22.31 -36.40 9.32
CA ALA D 83 -21.90 -35.60 10.49
C ALA D 83 -21.60 -34.16 10.05
N LYS D 84 -20.86 -34.00 8.96
CA LYS D 84 -20.53 -32.64 8.47
C LYS D 84 -21.79 -31.89 8.09
N LEU D 85 -22.77 -32.57 7.54
CA LEU D 85 -24.01 -31.89 7.11
C LEU D 85 -24.66 -31.22 8.32
N ASP D 86 -24.78 -31.94 9.44
CA ASP D 86 -25.42 -31.34 10.62
C ASP D 86 -24.62 -30.12 11.09
N ALA D 87 -23.31 -30.12 10.89
CA ALA D 87 -22.47 -28.98 11.31
C ALA D 87 -22.91 -27.71 10.58
N SER D 88 -23.23 -27.82 9.30
CA SER D 88 -23.62 -26.61 8.53
C SER D 88 -24.86 -25.97 9.16
N ILE D 89 -25.80 -26.79 9.61
CA ILE D 89 -27.04 -26.25 10.21
C ILE D 89 -26.68 -25.42 11.43
N GLN D 90 -25.71 -25.87 12.23
CA GLN D 90 -25.31 -25.10 13.43
C GLN D 90 -24.67 -23.76 13.06
N SER D 91 -24.26 -23.57 11.81
CA SER D 91 -23.67 -22.30 11.35
C SER D 91 -24.46 -21.80 10.14
N PRO D 92 -25.65 -21.23 10.34
CA PRO D 92 -26.44 -20.75 9.23
C PRO D 92 -25.73 -19.63 8.48
N ASN D 93 -26.07 -19.49 7.20
CA ASN D 93 -25.46 -18.44 6.34
C ASN D 93 -26.35 -17.21 6.33
N LEU D 94 -25.89 -16.13 6.96
CA LEU D 94 -26.67 -14.89 7.01
C LEU D 94 -26.40 -14.10 5.72
N GLN D 95 -27.47 -13.64 5.10
CA GLN D 95 -27.35 -12.86 3.86
C GLN D 95 -28.40 -11.77 3.83
N THR D 96 -28.05 -10.64 3.24
CA THR D 96 -28.97 -9.50 3.12
C THR D 96 -29.24 -9.25 1.64
N VAL D 97 -30.51 -9.09 1.28
CA VAL D 97 -30.90 -8.84 -0.12
C VAL D 97 -31.82 -7.63 -0.15
N ASP D 98 -32.22 -7.24 -1.35
CA ASP D 98 -33.12 -6.10 -1.53
C ASP D 98 -34.38 -6.56 -2.25
N VAL D 99 -35.53 -6.12 -1.78
CA VAL D 99 -36.82 -6.48 -2.40
C VAL D 99 -37.65 -5.23 -2.56
N ALA D 100 -38.55 -5.24 -3.54
CA ALA D 100 -39.44 -4.10 -3.79
C ALA D 100 -40.87 -4.60 -3.80
N ASN D 101 -41.72 -4.04 -2.95
CA ASN D 101 -43.13 -4.45 -2.87
C ASN D 101 -44.01 -3.23 -3.07
N LEU D 102 -45.19 -3.46 -3.58
CA LEU D 102 -46.13 -2.37 -3.84
C LEU D 102 -46.55 -1.74 -2.52
N PRO D 103 -47.13 -0.55 -2.54
CA PRO D 103 -47.54 0.10 -1.32
C PRO D 103 -48.55 -0.76 -0.55
N SER D 104 -48.80 -0.36 0.68
CA SER D 104 -49.72 -1.10 1.57
C SER D 104 -51.04 -1.36 0.86
N ASP D 105 -51.61 -0.35 0.20
CA ASP D 105 -52.89 -0.50 -0.52
C ASP D 105 -52.70 -0.16 -1.99
N ALA D 106 -52.31 -1.14 -2.80
CA ALA D 106 -52.15 -0.95 -4.25
C ALA D 106 -52.21 -2.32 -4.89
N ASP D 107 -53.07 -2.49 -5.89
CA ASP D 107 -53.22 -3.80 -6.58
C ASP D 107 -52.81 -3.74 -8.05
N THR D 108 -52.41 -2.59 -8.55
CA THR D 108 -52.03 -2.45 -9.97
C THR D 108 -50.66 -1.79 -10.07
N LEU D 109 -49.79 -2.37 -10.89
CA LEU D 109 -48.45 -1.82 -11.12
C LEU D 109 -48.46 -1.06 -12.44
N LYS D 110 -47.71 0.04 -12.50
CA LYS D 110 -47.62 0.88 -13.71
C LYS D 110 -46.17 1.00 -14.13
N VAL D 111 -45.92 0.90 -15.41
CA VAL D 111 -44.57 1.01 -16.00
C VAL D 111 -44.65 2.03 -17.12
N ARG D 112 -43.80 3.04 -17.10
CA ARG D 112 -43.81 4.11 -18.12
C ARG D 112 -42.45 4.25 -18.75
N PHE D 113 -42.36 4.11 -20.06
CA PHE D 113 -41.09 4.26 -20.79
C PHE D 113 -41.33 4.86 -22.15
N THR D 114 -40.39 5.68 -22.62
CA THR D 114 -40.50 6.33 -23.93
C THR D 114 -39.77 5.53 -25.00
N LEU D 115 -40.03 5.84 -26.25
CA LEU D 115 -39.33 5.19 -27.37
C LEU D 115 -39.13 6.20 -28.49
N ARG D 116 -37.94 6.23 -29.05
CA ARG D 116 -37.63 7.14 -30.18
C ARG D 116 -37.22 6.35 -31.40
N VAL D 117 -37.44 6.90 -32.57
CA VAL D 117 -37.06 6.26 -33.85
C VAL D 117 -36.06 7.20 -34.51
N LEU D 118 -34.82 6.79 -34.64
CA LEU D 118 -33.79 7.69 -35.22
C LEU D 118 -33.84 7.62 -36.73
N GLY D 119 -33.75 6.42 -37.30
CA GLY D 119 -33.73 6.24 -38.75
C GLY D 119 -32.35 6.09 -39.33
N GLY D 120 -32.28 5.90 -40.63
CA GLY D 120 -30.99 5.64 -41.30
C GLY D 120 -30.32 4.37 -40.81
N ALA D 121 -31.07 3.29 -40.66
CA ALA D 121 -30.49 2.01 -40.17
C ALA D 121 -29.32 1.59 -41.05
N GLY D 122 -29.53 1.57 -42.34
CA GLY D 122 -28.47 1.10 -43.24
C GLY D 122 -27.29 2.04 -43.28
N THR D 123 -27.48 3.31 -42.93
CA THR D 123 -26.39 4.29 -43.00
C THR D 123 -25.32 3.86 -41.99
N PRO D 124 -24.10 3.50 -42.44
CA PRO D 124 -23.07 3.11 -41.50
C PRO D 124 -22.50 4.31 -40.76
N SER D 125 -22.25 4.14 -39.47
CA SER D 125 -21.67 5.22 -38.64
C SER D 125 -20.21 5.47 -39.02
N ALA D 126 -19.40 4.41 -39.15
CA ALA D 126 -18.00 4.55 -39.56
C ALA D 126 -17.57 3.41 -40.44
N CYS D 127 -16.82 3.69 -41.49
CA CYS D 127 -16.31 2.65 -42.40
C CYS D 127 -14.95 3.06 -42.91
N ASN D 128 -14.01 2.13 -42.92
CA ASN D 128 -12.64 2.41 -43.39
C ASN D 128 -12.61 2.62 -44.90
N ASP D 129 -13.29 1.76 -45.64
CA ASP D 129 -13.30 1.82 -47.11
C ASP D 129 -14.57 2.48 -47.60
N ALA D 130 -14.44 3.37 -48.57
CA ALA D 130 -15.60 4.06 -49.16
C ALA D 130 -16.39 3.11 -50.07
N ALA D 131 -15.70 2.26 -50.81
CA ALA D 131 -16.38 1.35 -51.75
C ALA D 131 -17.36 0.48 -50.97
N TYR D 132 -16.94 -0.05 -49.83
CA TYR D 132 -17.82 -0.93 -49.03
C TYR D 132 -19.05 -0.15 -48.57
N ARG D 133 -18.85 1.07 -48.10
CA ARG D 133 -19.98 1.89 -47.62
C ARG D 133 -20.95 2.15 -48.77
N ASP D 134 -20.42 2.49 -49.94
CA ASP D 134 -21.30 2.78 -51.09
C ASP D 134 -22.07 1.53 -51.47
N LYS D 135 -21.41 0.38 -51.47
CA LYS D 135 -22.09 -0.87 -51.85
C LYS D 135 -23.19 -1.17 -50.84
N LEU D 136 -22.90 -0.96 -49.55
CA LEU D 136 -23.91 -1.23 -48.51
C LEU D 136 -25.10 -0.30 -48.70
N LEU D 137 -24.86 0.99 -48.93
CA LEU D 137 -25.97 1.94 -49.10
C LEU D 137 -26.77 1.53 -50.33
N GLN D 138 -26.10 1.11 -51.40
CA GLN D 138 -26.81 0.72 -52.63
C GLN D 138 -27.70 -0.48 -52.35
N THR D 139 -27.16 -1.49 -51.69
CA THR D 139 -27.95 -2.70 -51.40
C THR D 139 -29.13 -2.33 -50.51
N VAL D 140 -28.91 -1.46 -49.54
CA VAL D 140 -30.00 -1.06 -48.62
C VAL D 140 -31.09 -0.33 -49.42
N ALA D 141 -30.71 0.60 -50.27
CA ALA D 141 -31.69 1.35 -51.06
C ALA D 141 -32.46 0.37 -51.96
N THR D 142 -31.75 -0.59 -52.54
CA THR D 142 -32.41 -1.56 -53.43
C THR D 142 -33.43 -2.37 -52.63
N TYR D 143 -33.05 -2.84 -51.46
CA TYR D 143 -33.96 -3.64 -50.64
C TYR D 143 -35.17 -2.80 -50.26
N VAL D 144 -34.95 -1.56 -49.85
CA VAL D 144 -36.08 -0.69 -49.44
C VAL D 144 -37.02 -0.49 -50.63
N ASN D 145 -36.46 -0.26 -51.81
CA ASN D 145 -37.30 -0.03 -53.00
C ASN D 145 -38.11 -1.30 -53.29
N ASP D 146 -37.47 -2.45 -53.22
CA ASP D 146 -38.18 -3.71 -53.52
C ASP D 146 -39.31 -3.91 -52.53
N GLN D 147 -39.00 -3.83 -51.24
CA GLN D 147 -40.02 -3.99 -50.19
C GLN D 147 -39.62 -3.15 -49.01
N GLY D 148 -40.62 -2.56 -48.35
CA GLY D 148 -40.35 -1.67 -47.22
C GLY D 148 -40.19 -2.42 -45.92
N PHE D 149 -39.88 -1.70 -44.87
CA PHE D 149 -39.67 -2.31 -43.54
C PHE D 149 -41.00 -2.65 -42.88
N ALA D 150 -42.12 -2.56 -43.58
CA ALA D 150 -43.44 -2.76 -42.97
C ALA D 150 -43.46 -4.08 -42.19
N GLU D 151 -42.74 -5.10 -42.64
CA GLU D 151 -42.73 -6.36 -41.89
C GLU D 151 -42.09 -6.19 -40.52
N LEU D 152 -40.92 -5.57 -40.46
CA LEU D 152 -40.25 -5.35 -39.17
C LEU D 152 -41.10 -4.42 -38.30
N ALA D 153 -41.69 -3.40 -38.90
CA ALA D 153 -42.48 -2.45 -38.12
C ALA D 153 -43.68 -3.17 -37.53
N ARG D 154 -44.29 -4.05 -38.29
CA ARG D 154 -45.46 -4.80 -37.80
C ARG D 154 -45.04 -5.72 -36.66
N ARG D 155 -43.89 -6.36 -36.79
CA ARG D 155 -43.42 -7.25 -35.71
C ARG D 155 -43.18 -6.43 -34.45
N TYR D 156 -42.50 -5.30 -34.57
CA TYR D 156 -42.20 -4.45 -33.40
C TYR D 156 -43.51 -3.96 -32.80
N ALA D 157 -44.50 -3.67 -33.62
CA ALA D 157 -45.79 -3.17 -33.12
C ALA D 157 -46.39 -4.20 -32.19
N HIS D 158 -46.33 -5.48 -32.55
CA HIS D 158 -46.90 -6.53 -31.69
C HIS D 158 -46.18 -6.54 -30.35
N ASN D 159 -44.85 -6.49 -30.37
CA ASN D 159 -44.09 -6.51 -29.10
C ASN D 159 -44.46 -5.31 -28.24
N LEU D 160 -44.60 -4.13 -28.84
CA LEU D 160 -44.96 -2.93 -28.08
C LEU D 160 -46.38 -3.07 -27.54
N ALA D 161 -47.28 -3.62 -28.33
CA ALA D 161 -48.69 -3.75 -27.90
C ALA D 161 -48.79 -4.70 -26.73
N ASN D 162 -48.19 -5.87 -26.86
CA ASN D 162 -48.28 -6.88 -25.79
C ASN D 162 -47.33 -6.48 -24.67
N ALA D 163 -47.31 -7.27 -23.62
CA ALA D 163 -46.48 -7.02 -22.44
C ALA D 163 -45.18 -7.81 -22.49
N ARG D 164 -44.71 -8.20 -23.67
CA ARG D 164 -43.48 -9.02 -23.74
C ARG D 164 -42.33 -8.32 -23.05
N PHE D 165 -42.37 -7.00 -22.89
CA PHE D 165 -41.27 -6.27 -22.23
C PHE D 165 -41.10 -6.76 -20.79
N LEU D 166 -42.19 -7.05 -20.09
CA LEU D 166 -42.10 -7.59 -18.72
C LEU D 166 -41.61 -9.02 -18.79
N TRP D 167 -40.70 -9.38 -17.92
CA TRP D 167 -40.15 -10.76 -17.90
C TRP D 167 -40.85 -11.62 -16.87
N ARG D 168 -40.90 -11.15 -15.63
CA ARG D 168 -41.51 -11.94 -14.56
C ARG D 168 -42.76 -11.28 -14.01
N ASN D 169 -42.90 -9.96 -14.15
CA ASN D 169 -44.08 -9.26 -13.61
C ASN D 169 -45.34 -9.68 -14.38
N ARG D 170 -45.22 -9.95 -15.65
CA ARG D 170 -46.37 -10.34 -16.47
C ARG D 170 -46.91 -11.70 -16.02
N VAL D 171 -46.03 -12.65 -15.74
CA VAL D 171 -46.48 -14.00 -15.37
C VAL D 171 -47.39 -13.86 -14.15
N GLY D 172 -48.55 -14.51 -14.19
CA GLY D 172 -49.50 -14.42 -13.07
C GLY D 172 -50.08 -13.05 -12.90
N ALA D 173 -50.67 -12.51 -13.96
CA ALA D 173 -51.33 -11.18 -13.92
C ALA D 173 -52.80 -11.34 -14.29
N GLU D 174 -53.66 -10.59 -13.60
CA GLU D 174 -55.11 -10.66 -13.87
C GLU D 174 -55.46 -9.92 -15.15
N ALA D 175 -55.06 -8.66 -15.27
CA ALA D 175 -55.35 -7.86 -16.46
C ALA D 175 -54.18 -6.94 -16.76
N VAL D 176 -53.69 -7.00 -17.98
CA VAL D 176 -52.59 -6.10 -18.44
C VAL D 176 -53.14 -5.19 -19.52
N GLU D 177 -53.00 -3.88 -19.34
CA GLU D 177 -53.50 -2.89 -20.30
C GLU D 177 -52.34 -2.01 -20.72
N VAL D 178 -52.05 -1.98 -22.00
CA VAL D 178 -50.94 -1.17 -22.55
C VAL D 178 -51.53 0.04 -23.26
N ARG D 179 -50.90 1.20 -23.07
CA ARG D 179 -51.32 2.45 -23.73
C ARG D 179 -50.10 3.05 -24.41
N ILE D 180 -50.10 3.08 -25.73
CA ILE D 180 -48.99 3.63 -26.52
C ILE D 180 -49.46 4.95 -27.11
N ASN D 181 -48.90 6.03 -26.62
CA ASN D 181 -49.26 7.37 -27.12
C ASN D 181 -48.24 7.84 -28.15
N HIS D 182 -48.53 8.95 -28.80
CA HIS D 182 -47.61 9.54 -29.78
C HIS D 182 -47.46 11.01 -29.42
N ILE D 183 -46.24 11.43 -29.14
CA ILE D 183 -45.95 12.83 -28.75
C ILE D 183 -45.41 13.57 -29.97
N ARG D 184 -46.14 14.59 -30.40
CA ARG D 184 -45.74 15.41 -31.55
C ARG D 184 -45.58 16.86 -31.08
N GLN D 185 -44.41 17.42 -31.30
CA GLN D 185 -44.08 18.82 -30.91
C GLN D 185 -44.47 19.06 -29.46
N GLY D 186 -44.42 18.04 -28.63
CA GLY D 186 -44.74 18.18 -27.20
C GLY D 186 -46.17 17.88 -26.84
N GLU D 187 -47.04 17.69 -27.81
CA GLU D 187 -48.46 17.39 -27.56
C GLU D 187 -48.79 16.00 -28.04
N VAL D 188 -49.75 15.38 -27.39
CA VAL D 188 -50.17 14.01 -27.77
C VAL D 188 -50.83 14.09 -29.14
N ALA D 189 -50.31 13.36 -30.11
CA ALA D 189 -50.86 13.37 -31.48
C ALA D 189 -51.89 12.27 -31.65
N ARG D 190 -51.52 11.03 -31.36
CA ARG D 190 -52.44 9.89 -31.52
C ARG D 190 -52.18 8.88 -30.41
N ALA D 191 -53.23 8.48 -29.71
CA ALA D 191 -53.12 7.50 -28.62
C ALA D 191 -53.56 6.13 -29.11
N TRP D 192 -53.15 5.11 -28.40
CA TRP D 192 -53.55 3.72 -28.72
C TRP D 192 -53.67 2.94 -27.43
N ARG D 193 -54.64 2.05 -27.36
CA ARG D 193 -54.85 1.22 -26.17
C ARG D 193 -55.05 -0.21 -26.62
N PHE D 194 -54.24 -1.12 -26.10
CA PHE D 194 -54.29 -2.54 -26.47
C PHE D 194 -54.39 -3.41 -25.24
N ASP D 195 -54.48 -4.72 -25.47
CA ASP D 195 -54.53 -5.70 -24.38
C ASP D 195 -53.47 -6.78 -24.63
N ALA D 196 -52.54 -6.93 -23.71
CA ALA D 196 -51.48 -7.94 -23.86
C ALA D 196 -52.06 -9.34 -23.77
N LEU D 197 -53.00 -9.56 -22.86
CA LEU D 197 -53.58 -10.91 -22.70
C LEU D 197 -54.33 -11.32 -23.95
N ALA D 198 -55.16 -10.43 -24.50
CA ALA D 198 -55.95 -10.76 -25.69
C ALA D 198 -55.02 -11.06 -26.85
N ILE D 199 -53.93 -10.30 -26.97
CA ILE D 199 -52.98 -10.51 -28.08
C ILE D 199 -52.18 -11.78 -27.80
N GLY D 200 -52.07 -12.63 -28.80
CA GLY D 200 -51.35 -13.90 -28.62
C GLY D 200 -49.88 -13.65 -28.37
N LEU D 201 -49.29 -14.39 -27.45
CA LEU D 201 -47.85 -14.28 -27.18
C LEU D 201 -47.01 -14.94 -28.27
N ARG D 202 -47.40 -16.12 -28.73
CA ARG D 202 -46.62 -16.85 -29.75
C ARG D 202 -47.22 -16.71 -31.14
N ASP D 203 -48.32 -15.97 -31.29
CA ASP D 203 -48.98 -15.79 -32.59
C ASP D 203 -49.15 -14.30 -32.89
N PHE D 204 -48.88 -13.91 -34.13
CA PHE D 204 -49.02 -12.49 -34.55
C PHE D 204 -50.25 -12.34 -35.42
N LYS D 205 -51.18 -11.50 -35.00
CA LYS D 205 -52.43 -11.26 -35.75
C LYS D 205 -52.48 -9.82 -36.22
N ALA D 206 -53.17 -9.59 -37.31
CA ALA D 206 -53.29 -8.26 -37.91
C ALA D 206 -54.41 -7.45 -37.27
N ASP D 207 -54.19 -6.15 -37.13
CA ASP D 207 -55.22 -5.24 -36.59
C ASP D 207 -55.01 -3.86 -37.20
N ALA D 208 -56.08 -3.09 -37.30
CA ALA D 208 -55.97 -1.74 -37.88
C ALA D 208 -54.96 -0.91 -37.09
N GLU D 209 -55.06 -0.94 -35.76
CA GLU D 209 -54.13 -0.16 -34.93
C GLU D 209 -52.70 -0.66 -35.13
N LEU D 210 -52.50 -1.98 -35.17
CA LEU D 210 -51.15 -2.52 -35.35
C LEU D 210 -50.59 -2.04 -36.69
N ASP D 211 -51.40 -2.05 -37.74
CA ASP D 211 -50.93 -1.61 -39.06
C ASP D 211 -50.58 -0.13 -39.01
N ALA D 212 -51.40 0.67 -38.35
CA ALA D 212 -51.12 2.12 -38.25
C ALA D 212 -49.80 2.35 -37.52
N LEU D 213 -49.58 1.62 -36.42
CA LEU D 213 -48.34 1.78 -35.66
C LEU D 213 -47.16 1.35 -36.51
N ALA D 214 -47.31 0.26 -37.26
CA ALA D 214 -46.22 -0.23 -38.11
C ALA D 214 -45.90 0.82 -39.16
N GLU D 215 -46.91 1.45 -39.73
CA GLU D 215 -46.69 2.48 -40.75
C GLU D 215 -45.94 3.65 -40.12
N LEU D 216 -46.36 4.05 -38.92
CA LEU D 216 -45.69 5.18 -38.25
C LEU D 216 -44.22 4.83 -38.01
N ILE D 217 -43.95 3.61 -37.55
CA ILE D 217 -42.56 3.21 -37.27
C ILE D 217 -41.77 3.18 -38.57
N ALA D 218 -42.34 2.65 -39.64
CA ALA D 218 -41.64 2.57 -40.92
C ALA D 218 -41.29 3.98 -41.38
N SER D 219 -42.22 4.91 -41.23
CA SER D 219 -41.99 6.30 -41.66
C SER D 219 -40.85 6.89 -40.84
N GLY D 220 -40.92 6.72 -39.52
CA GLY D 220 -39.88 7.28 -38.66
C GLY D 220 -38.53 6.72 -39.05
N LEU D 221 -38.45 5.42 -39.27
CA LEU D 221 -37.17 4.80 -39.64
C LEU D 221 -36.71 5.34 -40.98
N SER D 222 -37.60 5.51 -41.93
CA SER D 222 -37.26 6.07 -43.26
C SER D 222 -36.84 7.54 -43.16
N GLY D 223 -37.14 8.20 -42.06
CA GLY D 223 -36.76 9.60 -41.87
C GLY D 223 -37.80 10.59 -42.36
N SER D 224 -39.08 10.28 -42.25
CA SER D 224 -40.15 11.21 -42.66
C SER D 224 -40.46 12.24 -41.58
N GLY D 225 -39.93 12.05 -40.37
CA GLY D 225 -40.12 13.06 -39.33
C GLY D 225 -39.81 12.51 -37.97
N HIS D 226 -39.82 13.38 -36.96
CA HIS D 226 -39.55 12.96 -35.59
C HIS D 226 -40.67 12.05 -35.10
N VAL D 227 -40.30 11.01 -34.36
CA VAL D 227 -41.32 10.08 -33.80
C VAL D 227 -40.99 9.80 -32.34
N LEU D 228 -41.95 10.02 -31.46
CA LEU D 228 -41.78 9.73 -30.02
C LEU D 228 -43.04 8.99 -29.56
N LEU D 229 -42.87 7.83 -28.95
CA LEU D 229 -44.00 7.05 -28.44
C LEU D 229 -43.81 6.77 -26.97
N GLU D 230 -44.76 7.20 -26.16
CA GLU D 230 -44.74 6.96 -24.70
C GLU D 230 -45.59 5.74 -24.40
N VAL D 231 -44.95 4.68 -23.94
CA VAL D 231 -45.67 3.43 -23.62
C VAL D 231 -45.90 3.38 -22.12
N VAL D 232 -47.11 3.11 -21.71
CA VAL D 232 -47.47 3.00 -20.28
C VAL D 232 -48.29 1.73 -20.11
N ALA D 233 -47.85 0.84 -19.25
CA ALA D 233 -48.56 -0.43 -19.01
C ALA D 233 -49.09 -0.47 -17.60
N PHE D 234 -50.23 -1.10 -17.42
CA PHE D 234 -50.87 -1.27 -16.11
C PHE D 234 -51.20 -2.75 -15.97
N ALA D 235 -50.54 -3.42 -15.03
CA ALA D 235 -50.76 -4.86 -14.80
C ALA D 235 -51.32 -5.09 -13.41
N ARG D 236 -52.40 -5.86 -13.33
CA ARG D 236 -53.02 -6.18 -12.02
C ARG D 236 -52.26 -7.36 -11.43
N ILE D 237 -51.58 -7.14 -10.31
CA ILE D 237 -50.80 -8.21 -9.64
C ILE D 237 -51.46 -8.57 -8.32
N GLY D 238 -51.62 -7.60 -7.42
CA GLY D 238 -52.25 -7.87 -6.13
C GLY D 238 -51.77 -6.91 -5.09
N ASP D 239 -52.48 -6.86 -3.98
CA ASP D 239 -52.14 -5.95 -2.88
C ASP D 239 -50.84 -6.39 -2.23
N GLY D 240 -49.90 -5.49 -2.10
CA GLY D 240 -48.66 -5.81 -1.38
C GLY D 240 -47.77 -6.79 -2.11
N GLN D 241 -48.00 -7.03 -3.39
CA GLN D 241 -47.19 -8.01 -4.11
C GLN D 241 -45.75 -7.53 -4.21
N GLU D 242 -44.87 -8.43 -4.63
CA GLU D 242 -43.44 -8.12 -4.76
C GLU D 242 -43.05 -8.05 -6.23
N VAL D 243 -42.58 -6.91 -6.68
CA VAL D 243 -42.11 -6.74 -8.07
C VAL D 243 -40.71 -7.33 -8.21
N PHE D 244 -40.27 -7.54 -9.45
CA PHE D 244 -38.96 -8.12 -9.75
C PHE D 244 -38.20 -7.18 -10.67
N PRO D 245 -37.58 -6.10 -10.13
CA PRO D 245 -36.78 -5.22 -10.96
C PRO D 245 -35.45 -5.85 -11.40
N SER D 246 -34.65 -5.12 -12.18
CA SER D 246 -33.38 -5.65 -12.67
C SER D 246 -32.31 -5.60 -11.60
N GLN D 247 -31.73 -6.73 -11.25
CA GLN D 247 -30.68 -6.79 -10.23
C GLN D 247 -29.40 -6.12 -10.72
N GLU D 248 -28.75 -5.39 -9.86
CA GLU D 248 -27.50 -4.69 -10.17
C GLU D 248 -26.32 -5.56 -9.74
N LEU D 249 -25.11 -5.13 -10.06
CA LEU D 249 -23.91 -5.88 -9.71
C LEU D 249 -23.52 -5.55 -8.27
N ILE D 250 -23.19 -6.57 -7.50
CA ILE D 250 -22.81 -6.36 -6.08
C ILE D 250 -21.54 -5.49 -6.04
N LEU D 251 -20.60 -5.74 -6.93
CA LEU D 251 -19.33 -4.98 -6.96
C LEU D 251 -18.66 -5.03 -5.58
N GLY D 258 -22.22 -3.26 2.25
CA GLY D 258 -23.04 -3.71 3.40
C GLY D 258 -23.42 -5.16 3.28
N GLN D 259 -22.50 -6.00 2.81
CA GLN D 259 -22.75 -7.46 2.66
C GLN D 259 -24.06 -7.68 1.92
N LYS D 260 -24.34 -6.87 0.91
CA LYS D 260 -25.59 -6.99 0.14
C LYS D 260 -25.30 -7.86 -1.07
N SER D 261 -25.88 -9.04 -1.11
CA SER D 261 -25.66 -9.98 -2.23
C SER D 261 -26.56 -9.67 -3.42
N LYS D 262 -27.70 -9.02 -3.16
CA LYS D 262 -28.66 -8.69 -4.23
C LYS D 262 -29.00 -7.21 -4.13
N THR D 263 -28.70 -6.46 -5.17
CA THR D 263 -28.98 -5.02 -5.23
C THR D 263 -29.92 -4.76 -6.40
N LEU D 264 -31.07 -4.19 -6.14
CA LEU D 264 -32.05 -3.89 -7.18
C LEU D 264 -31.77 -2.52 -7.77
N TYR D 265 -31.88 -2.41 -9.09
CA TYR D 265 -31.62 -1.15 -9.79
C TYR D 265 -32.68 -0.16 -9.39
N SER D 266 -32.26 1.01 -8.91
CA SER D 266 -33.19 2.06 -8.48
C SER D 266 -32.65 3.41 -8.88
N VAL D 267 -33.51 4.26 -9.42
CA VAL D 267 -33.13 5.62 -9.83
C VAL D 267 -34.09 6.58 -9.13
N ARG D 268 -33.54 7.65 -8.56
CA ARG D 268 -34.36 8.68 -7.89
C ARG D 268 -35.31 8.00 -6.91
N ASP D 269 -34.79 7.05 -6.15
CA ASP D 269 -35.61 6.33 -5.14
C ASP D 269 -36.81 5.68 -5.81
N ALA D 270 -36.63 5.23 -7.04
CA ALA D 270 -37.70 4.55 -7.79
C ALA D 270 -37.09 3.40 -8.57
N ALA D 271 -37.79 2.27 -8.57
CA ALA D 271 -37.32 1.09 -9.31
C ALA D 271 -37.46 1.31 -10.80
N ALA D 272 -36.63 0.66 -11.59
CA ALA D 272 -36.69 0.79 -13.04
C ALA D 272 -36.08 -0.41 -13.72
N ILE D 273 -36.11 -0.45 -15.03
CA ILE D 273 -35.55 -1.56 -15.85
C ILE D 273 -34.49 -0.98 -16.77
N HIS D 274 -33.46 -1.72 -16.99
CA HIS D 274 -32.35 -1.26 -17.83
C HIS D 274 -32.83 -0.98 -19.25
N SER D 275 -32.20 -0.01 -19.89
CA SER D 275 -32.54 0.34 -21.27
C SER D 275 -32.36 -0.85 -22.18
N GLN D 276 -31.23 -1.52 -22.08
CA GLN D 276 -30.97 -2.69 -22.94
C GLN D 276 -31.91 -3.82 -22.59
N LYS D 277 -32.23 -3.97 -21.32
CA LYS D 277 -33.14 -5.05 -20.91
C LYS D 277 -34.51 -4.80 -21.49
N ILE D 278 -34.88 -3.57 -21.71
CA ILE D 278 -36.19 -3.24 -22.32
C ILE D 278 -36.10 -3.42 -23.82
N GLY D 279 -35.05 -2.94 -24.43
CA GLY D 279 -34.89 -3.01 -25.88
C GLY D 279 -34.72 -4.42 -26.37
N ASN D 280 -34.26 -5.33 -25.53
CA ASN D 280 -34.13 -6.73 -25.95
C ASN D 280 -35.51 -7.36 -26.14
N ALA D 281 -36.37 -7.20 -25.15
CA ALA D 281 -37.73 -7.76 -25.26
C ALA D 281 -38.46 -7.05 -26.37
N LEU D 282 -38.34 -5.73 -26.44
CA LEU D 282 -39.02 -4.95 -27.49
C LEU D 282 -38.47 -5.35 -28.85
N ARG D 283 -37.32 -6.01 -28.91
CA ARG D 283 -36.71 -6.44 -30.18
C ARG D 283 -36.73 -7.95 -30.32
N THR D 284 -37.48 -8.66 -29.49
CA THR D 284 -37.63 -10.14 -29.59
C THR D 284 -38.66 -10.45 -30.68
N ILE D 285 -38.27 -10.23 -31.93
CA ILE D 285 -39.15 -10.45 -33.09
C ILE D 285 -38.67 -11.64 -33.92
N ASP D 286 -37.37 -11.75 -34.12
CA ASP D 286 -36.84 -12.80 -35.01
C ASP D 286 -37.33 -14.16 -34.58
N THR D 287 -38.04 -14.86 -35.48
CA THR D 287 -38.57 -16.20 -35.21
C THR D 287 -38.23 -17.20 -36.31
N TRP D 288 -37.44 -16.82 -37.31
CA TRP D 288 -37.08 -17.71 -38.44
C TRP D 288 -35.78 -18.47 -38.17
N TYR D 289 -35.40 -18.64 -36.92
CA TYR D 289 -34.13 -19.30 -36.60
C TYR D 289 -34.15 -20.71 -37.20
N PRO D 290 -33.00 -21.34 -37.43
CA PRO D 290 -32.96 -22.65 -38.05
C PRO D 290 -33.82 -23.71 -37.34
N ASP D 291 -34.09 -23.53 -36.06
CA ASP D 291 -34.90 -24.50 -35.30
C ASP D 291 -36.31 -24.54 -35.85
N GLU D 292 -37.10 -25.47 -35.37
CA GLU D 292 -38.50 -25.66 -35.84
C GLU D 292 -39.44 -24.69 -35.14
N ASP D 293 -38.92 -23.67 -34.46
CA ASP D 293 -39.77 -22.65 -33.80
C ASP D 293 -40.56 -23.30 -32.67
N GLY D 294 -39.94 -24.20 -31.91
CA GLY D 294 -40.60 -24.84 -30.77
C GLY D 294 -40.79 -23.87 -29.61
N LEU D 295 -39.98 -22.82 -29.54
CA LEU D 295 -40.05 -21.81 -28.47
C LEU D 295 -40.62 -20.51 -29.03
N GLY D 296 -40.66 -19.49 -28.19
CA GLY D 296 -41.16 -18.19 -28.60
C GLY D 296 -40.11 -17.39 -29.33
N PRO D 297 -40.34 -16.08 -29.54
CA PRO D 297 -39.40 -15.28 -30.27
C PRO D 297 -38.04 -15.14 -29.60
N ILE D 298 -37.00 -15.00 -30.43
CA ILE D 298 -35.61 -14.87 -29.94
C ILE D 298 -35.07 -13.54 -30.44
N ALA D 299 -34.47 -12.75 -29.58
CA ALA D 299 -33.94 -11.44 -29.95
C ALA D 299 -32.81 -11.59 -30.95
N VAL D 300 -32.76 -10.64 -31.89
CA VAL D 300 -31.67 -10.69 -32.88
C VAL D 300 -30.35 -10.47 -32.16
N GLU D 301 -29.46 -11.43 -32.28
CA GLU D 301 -28.14 -11.32 -31.67
C GLU D 301 -27.16 -12.07 -32.56
N PRO D 302 -25.88 -11.70 -32.58
CA PRO D 302 -24.90 -12.49 -33.34
C PRO D 302 -24.83 -13.94 -32.85
N TYR D 303 -24.70 -14.88 -33.75
CA TYR D 303 -24.60 -16.31 -33.43
C TYR D 303 -25.87 -16.81 -32.77
N GLY D 304 -26.96 -16.07 -32.84
CA GLY D 304 -28.25 -16.52 -32.29
C GLY D 304 -28.10 -17.06 -30.89
N SER D 305 -27.32 -16.40 -30.07
CA SER D 305 -27.08 -16.84 -28.68
C SER D 305 -28.33 -16.63 -27.84
N VAL D 306 -28.57 -17.53 -26.91
CA VAL D 306 -29.71 -17.44 -25.97
C VAL D 306 -29.17 -17.69 -24.57
N THR D 307 -29.42 -16.76 -23.66
CA THR D 307 -28.94 -16.91 -22.27
C THR D 307 -29.74 -17.95 -21.51
N SER D 308 -31.06 -17.84 -21.55
CA SER D 308 -31.91 -18.78 -20.79
C SER D 308 -31.74 -20.19 -21.34
N GLN D 309 -31.89 -20.37 -22.63
CA GLN D 309 -31.76 -21.71 -23.25
C GLN D 309 -30.33 -22.21 -23.13
N GLY D 310 -29.35 -21.32 -23.06
CA GLY D 310 -27.94 -21.72 -22.94
C GLY D 310 -27.38 -22.25 -24.23
N LYS D 311 -28.09 -22.12 -25.34
CA LYS D 311 -27.63 -22.60 -26.65
C LYS D 311 -27.52 -21.42 -27.60
N ALA D 312 -26.92 -21.66 -28.75
CA ALA D 312 -26.74 -20.61 -29.77
C ALA D 312 -27.28 -21.11 -31.10
N TYR D 313 -28.43 -20.58 -31.51
CA TYR D 313 -29.01 -20.96 -32.80
C TYR D 313 -28.24 -20.26 -33.92
N ARG D 314 -28.43 -20.72 -35.13
CA ARG D 314 -27.75 -20.12 -36.31
C ARG D 314 -26.24 -20.25 -36.14
N GLN D 315 -25.77 -21.43 -35.83
CA GLN D 315 -24.33 -21.69 -35.61
C GLN D 315 -23.55 -21.27 -36.85
N PRO D 316 -22.25 -20.98 -36.73
CA PRO D 316 -21.47 -20.55 -37.87
C PRO D 316 -21.30 -21.62 -38.96
N LYS D 317 -21.47 -22.90 -38.62
CA LYS D 317 -21.32 -23.98 -39.62
C LYS D 317 -22.36 -23.80 -40.72
N GLN D 318 -23.55 -23.36 -40.36
CA GLN D 318 -24.62 -23.15 -41.36
C GLN D 318 -24.34 -21.89 -42.16
N LYS D 319 -25.10 -21.70 -43.22
CA LYS D 319 -24.96 -20.51 -44.09
C LYS D 319 -25.91 -19.40 -43.68
N LEU D 320 -26.78 -19.64 -42.70
CA LEU D 320 -27.78 -18.62 -42.29
C LEU D 320 -27.14 -17.59 -41.36
N ASP D 321 -25.89 -17.77 -40.96
CA ASP D 321 -25.24 -16.81 -40.05
C ASP D 321 -25.30 -15.39 -40.62
N PHE D 322 -25.47 -14.41 -39.74
CA PHE D 322 -25.56 -13.01 -40.20
C PHE D 322 -24.30 -12.61 -40.95
N TYR D 323 -23.13 -12.89 -40.41
CA TYR D 323 -21.87 -12.51 -41.07
C TYR D 323 -21.78 -13.15 -42.45
N THR D 324 -22.06 -14.44 -42.56
CA THR D 324 -21.95 -15.14 -43.84
C THR D 324 -22.96 -14.54 -44.82
N LEU D 325 -24.20 -14.34 -44.37
CA LEU D 325 -25.24 -13.82 -45.27
C LEU D 325 -24.83 -12.43 -45.79
N LEU D 326 -24.35 -11.56 -44.90
CA LEU D 326 -23.98 -10.20 -45.33
C LEU D 326 -22.78 -10.27 -46.26
N ASP D 327 -21.79 -11.09 -45.94
CA ASP D 327 -20.59 -11.19 -46.78
C ASP D 327 -20.99 -11.67 -48.17
N ASN D 328 -21.87 -12.65 -48.26
CA ASN D 328 -22.26 -13.19 -49.57
C ASN D 328 -23.06 -12.13 -50.33
N TRP D 329 -24.03 -11.51 -49.67
CA TRP D 329 -24.91 -10.54 -50.34
C TRP D 329 -24.14 -9.27 -50.69
N VAL D 330 -22.95 -9.08 -50.14
CA VAL D 330 -22.16 -7.88 -50.46
C VAL D 330 -21.12 -8.20 -51.53
N LEU D 331 -20.25 -9.15 -51.25
CA LEU D 331 -19.17 -9.50 -52.22
C LEU D 331 -19.76 -10.18 -53.46
N ARG D 332 -20.57 -11.22 -53.27
CA ARG D 332 -21.12 -11.98 -54.41
C ARG D 332 -22.48 -11.44 -54.84
N ASP D 333 -23.04 -10.47 -54.12
CA ASP D 333 -24.35 -9.89 -54.47
C ASP D 333 -25.43 -10.96 -54.49
N GLU D 334 -25.29 -11.98 -53.64
CA GLU D 334 -26.27 -13.08 -53.58
C GLU D 334 -27.36 -12.68 -52.59
N ALA D 335 -28.55 -12.41 -53.10
CA ALA D 335 -29.67 -12.02 -52.24
C ALA D 335 -30.25 -13.29 -51.62
N PRO D 336 -30.19 -13.46 -50.28
CA PRO D 336 -30.75 -14.63 -49.66
C PRO D 336 -32.27 -14.57 -49.58
N ALA D 337 -32.87 -15.61 -49.01
CA ALA D 337 -34.33 -15.67 -48.90
C ALA D 337 -34.85 -14.44 -48.16
N VAL D 338 -36.09 -14.09 -48.42
CA VAL D 338 -36.70 -12.90 -47.80
C VAL D 338 -36.54 -12.97 -46.29
N GLU D 339 -36.65 -14.17 -45.71
CA GLU D 339 -36.51 -14.32 -44.25
C GLU D 339 -35.11 -13.90 -43.82
N GLN D 340 -34.09 -14.38 -44.50
CA GLN D 340 -32.71 -14.03 -44.15
C GLN D 340 -32.49 -12.53 -44.34
N GLN D 341 -33.05 -11.96 -45.39
CA GLN D 341 -32.88 -10.51 -45.64
C GLN D 341 -33.51 -9.74 -44.50
N HIS D 342 -34.66 -10.16 -44.02
CA HIS D 342 -35.33 -9.48 -42.92
C HIS D 342 -34.48 -9.57 -41.67
N TYR D 343 -33.94 -10.74 -41.39
CA TYR D 343 -33.10 -10.92 -40.20
C TYR D 343 -31.86 -10.02 -40.30
N VAL D 344 -31.27 -9.93 -41.48
CA VAL D 344 -30.06 -9.09 -41.66
C VAL D 344 -30.42 -7.63 -41.46
N ILE D 345 -31.55 -7.20 -41.96
CA ILE D 345 -31.96 -5.78 -41.81
C ILE D 345 -32.22 -5.51 -40.33
N ALA D 346 -32.81 -6.47 -39.63
CA ALA D 346 -33.08 -6.28 -38.20
C ALA D 346 -31.78 -6.12 -37.45
N ASN D 347 -30.79 -6.93 -37.79
CA ASN D 347 -29.48 -6.86 -37.10
C ASN D 347 -28.86 -5.49 -37.37
N LEU D 348 -28.91 -5.02 -38.60
CA LEU D 348 -28.31 -3.71 -38.94
C LEU D 348 -29.05 -2.62 -38.16
N ILE D 349 -30.35 -2.75 -38.01
CA ILE D 349 -31.14 -1.75 -37.27
C ILE D 349 -30.68 -1.75 -35.82
N ARG D 350 -30.50 -2.91 -35.24
CA ARG D 350 -30.06 -3.03 -33.82
C ARG D 350 -28.68 -2.40 -33.68
N GLY D 351 -27.83 -2.59 -34.67
CA GLY D 351 -26.49 -2.01 -34.65
C GLY D 351 -25.50 -2.87 -33.92
N GLY D 352 -24.24 -2.51 -34.03
CA GLY D 352 -23.19 -3.26 -33.33
C GLY D 352 -21.82 -2.98 -33.86
N VAL D 353 -20.89 -3.88 -33.57
CA VAL D 353 -19.50 -3.77 -34.05
C VAL D 353 -19.22 -5.01 -34.90
N PHE D 354 -18.80 -4.79 -36.14
CA PHE D 354 -18.49 -5.89 -37.05
C PHE D 354 -17.06 -5.72 -37.58
N GLY D 355 -16.69 -6.58 -38.51
CA GLY D 355 -15.36 -6.52 -39.12
C GLY D 355 -14.32 -7.13 -38.23
N GLU D 356 -13.29 -6.37 -37.88
CA GLU D 356 -12.19 -6.89 -37.04
C GLU D 356 -11.88 -5.88 -35.94
N ILE E 23 18.18 31.03 -48.61
CA ILE E 23 17.41 29.75 -48.62
C ILE E 23 16.22 29.89 -47.69
N LEU E 24 16.37 30.64 -46.60
CA LEU E 24 15.28 30.86 -45.64
C LEU E 24 14.65 29.52 -45.25
N SER E 25 15.47 28.57 -44.82
CA SER E 25 14.95 27.24 -44.45
C SER E 25 13.97 27.39 -43.28
N THR E 26 12.96 26.54 -43.25
CA THR E 26 11.95 26.60 -42.17
C THR E 26 12.63 26.32 -40.84
N ALA E 27 12.24 27.05 -39.81
CA ALA E 27 12.82 26.90 -38.47
C ALA E 27 12.47 25.51 -37.97
N SER E 28 13.46 24.82 -37.41
CA SER E 28 13.26 23.45 -36.92
C SER E 28 12.20 23.43 -35.82
N VAL E 29 12.00 24.55 -35.14
CA VAL E 29 11.00 24.66 -34.05
C VAL E 29 10.01 25.75 -34.40
N LEU E 30 8.76 25.36 -34.61
CA LEU E 30 7.69 26.32 -34.96
C LEU E 30 6.45 25.94 -34.17
N ALA E 31 5.82 26.92 -33.55
CA ALA E 31 4.61 26.69 -32.76
C ALA E 31 3.66 27.86 -32.93
N PHE E 32 2.39 27.57 -32.99
CA PHE E 32 1.34 28.61 -33.14
C PHE E 32 0.25 28.36 -32.12
N GLU E 33 0.05 29.32 -31.22
CA GLU E 33 -0.97 29.18 -30.18
C GLU E 33 -2.34 29.12 -30.84
N ARG E 34 -3.19 28.25 -30.34
CA ARG E 34 -4.53 28.09 -30.92
C ARG E 34 -5.37 29.31 -30.62
N LYS E 35 -6.30 29.60 -31.52
CA LYS E 35 -7.22 30.74 -31.40
C LYS E 35 -8.63 30.19 -31.36
N LEU E 36 -9.57 31.00 -30.95
CA LEU E 36 -10.97 30.52 -30.82
C LEU E 36 -11.01 29.32 -29.88
N ASP E 37 -10.52 29.51 -28.66
CA ASP E 37 -10.50 28.43 -27.66
C ASP E 37 -11.74 28.57 -26.78
N PRO E 38 -12.73 27.68 -26.90
CA PRO E 38 -13.90 27.77 -26.04
C PRO E 38 -13.65 27.15 -24.68
N SER E 39 -14.64 27.22 -23.81
CA SER E 39 -14.58 26.67 -22.46
C SER E 39 -15.44 25.43 -22.38
N ASP E 40 -15.53 24.86 -21.20
CA ASP E 40 -16.28 23.61 -21.02
C ASP E 40 -17.74 23.86 -21.29
N ALA E 41 -18.47 22.80 -21.65
CA ALA E 41 -19.91 22.92 -21.93
C ALA E 41 -20.70 22.18 -20.86
N LEU E 42 -21.35 22.91 -20.00
CA LEU E 42 -22.19 22.31 -18.94
C LEU E 42 -23.52 21.89 -19.56
N MET E 43 -24.17 20.93 -18.92
CA MET E 43 -25.48 20.44 -19.41
C MET E 43 -26.50 20.42 -18.30
N SER E 44 -27.76 20.54 -18.68
CA SER E 44 -28.88 20.56 -17.72
C SER E 44 -30.13 20.10 -18.45
N ALA E 45 -31.23 19.99 -17.73
CA ALA E 45 -32.50 19.56 -18.31
C ALA E 45 -33.61 20.51 -17.88
N GLY E 46 -34.68 20.50 -18.65
CA GLY E 46 -35.80 21.38 -18.36
C GLY E 46 -36.94 21.18 -19.32
N ALA E 47 -37.96 21.99 -19.20
CA ALA E 47 -39.14 21.93 -20.07
C ALA E 47 -38.96 22.95 -21.21
N TRP E 48 -39.30 22.53 -22.42
CA TRP E 48 -39.17 23.42 -23.58
C TRP E 48 -39.95 24.71 -23.35
N ALA E 49 -41.05 24.65 -22.62
CA ALA E 49 -41.85 25.86 -22.34
C ALA E 49 -41.06 26.84 -21.50
N GLN E 50 -40.40 26.36 -20.45
CA GLN E 50 -39.64 27.22 -19.52
C GLN E 50 -38.36 27.70 -20.18
N ARG E 51 -38.11 27.35 -21.43
CA ARG E 51 -36.84 27.73 -22.11
C ARG E 51 -36.53 29.21 -21.87
N ASP E 52 -37.52 30.07 -21.89
CA ASP E 52 -37.28 31.52 -21.70
C ASP E 52 -36.60 31.73 -20.35
N ALA E 53 -37.01 30.98 -19.33
CA ALA E 53 -36.40 31.07 -17.98
C ALA E 53 -35.65 29.77 -17.72
N SER E 54 -34.34 29.78 -17.86
CA SER E 54 -33.49 28.60 -17.64
C SER E 54 -32.38 28.95 -16.66
N GLN E 55 -32.68 28.81 -15.37
CA GLN E 55 -31.67 29.07 -14.33
C GLN E 55 -31.98 28.20 -13.12
N GLU E 56 -30.96 27.73 -12.44
CA GLU E 56 -31.13 26.90 -11.23
C GLU E 56 -31.55 25.48 -11.60
N TRP E 57 -31.41 25.11 -12.85
CA TRP E 57 -31.77 23.74 -13.28
C TRP E 57 -30.74 22.74 -12.75
N PRO E 58 -31.17 21.62 -12.15
CA PRO E 58 -30.22 20.68 -11.64
C PRO E 58 -29.46 19.99 -12.77
N ALA E 59 -28.17 19.81 -12.58
CA ALA E 59 -27.31 19.18 -13.59
C ALA E 59 -27.61 17.70 -13.66
N VAL E 60 -27.20 17.09 -14.76
CA VAL E 60 -27.37 15.62 -14.92
C VAL E 60 -26.16 14.93 -14.28
N THR E 61 -26.41 14.10 -13.28
CA THR E 61 -25.31 13.39 -12.60
C THR E 61 -25.13 12.03 -13.23
N VAL E 62 -23.89 11.67 -13.50
CA VAL E 62 -23.59 10.35 -14.07
C VAL E 62 -23.88 9.26 -13.04
N ARG E 63 -24.34 8.12 -13.50
CA ARG E 63 -24.61 6.98 -12.60
C ARG E 63 -24.12 5.69 -13.24
N GLU E 64 -24.05 4.63 -12.44
CA GLU E 64 -23.60 3.32 -12.92
C GLU E 64 -24.76 2.34 -12.92
N LYS E 65 -24.81 1.49 -13.95
CA LYS E 65 -25.83 0.44 -14.03
C LYS E 65 -25.21 -0.83 -14.59
N SER E 66 -25.52 -1.96 -13.99
CA SER E 66 -24.96 -3.25 -14.43
C SER E 66 -25.50 -3.58 -15.80
N VAL E 67 -24.64 -4.09 -16.67
CA VAL E 67 -25.05 -4.53 -18.02
C VAL E 67 -24.50 -5.92 -18.29
N ARG E 68 -25.36 -6.85 -18.67
CA ARG E 68 -24.96 -8.24 -18.96
C ARG E 68 -24.69 -8.33 -20.46
N GLY E 69 -23.43 -8.47 -20.82
CA GLY E 69 -23.06 -8.54 -22.22
C GLY E 69 -23.21 -9.92 -22.80
N THR E 70 -22.68 -10.10 -23.98
CA THR E 70 -22.68 -11.42 -24.63
C THR E 70 -21.47 -11.49 -25.56
N ILE E 71 -21.40 -12.55 -26.34
CA ILE E 71 -20.31 -12.70 -27.34
C ILE E 71 -20.81 -12.20 -28.68
N SER E 72 -20.51 -10.95 -29.00
CA SER E 72 -20.88 -10.33 -30.29
C SER E 72 -19.67 -10.13 -31.18
N ASN E 73 -18.48 -10.41 -30.69
CA ASN E 73 -17.27 -10.19 -31.51
C ASN E 73 -17.23 -11.22 -32.62
N ARG E 74 -16.60 -10.87 -33.74
CA ARG E 74 -16.50 -11.78 -34.88
C ARG E 74 -15.37 -12.75 -34.60
N LEU E 75 -15.70 -14.03 -34.45
CA LEU E 75 -14.68 -15.04 -34.19
C LEU E 75 -13.98 -15.42 -35.48
N LYS E 76 -12.77 -15.92 -35.35
CA LYS E 76 -11.98 -16.31 -36.53
C LYS E 76 -12.45 -17.66 -37.04
N THR E 77 -11.91 -18.11 -38.17
CA THR E 77 -12.28 -19.43 -38.73
C THR E 77 -11.48 -20.57 -38.10
N LYS E 78 -10.52 -20.27 -37.22
CA LYS E 78 -9.74 -21.32 -36.55
C LYS E 78 -10.63 -22.16 -35.64
N ASP E 79 -11.53 -21.53 -34.89
CA ASP E 79 -12.41 -22.27 -33.96
C ASP E 79 -13.83 -22.23 -34.52
N ARG E 80 -14.27 -23.34 -35.11
CA ARG E 80 -15.63 -23.45 -35.67
C ARG E 80 -16.46 -24.46 -34.89
N ASP E 81 -15.92 -25.03 -33.83
CA ASP E 81 -16.66 -26.08 -33.08
C ASP E 81 -17.83 -25.40 -32.39
N PRO E 82 -19.10 -25.81 -32.63
CA PRO E 82 -20.20 -25.15 -31.96
C PRO E 82 -20.16 -25.24 -30.44
N ALA E 83 -19.51 -26.26 -29.89
CA ALA E 83 -19.43 -26.43 -28.43
C ALA E 83 -18.77 -25.20 -27.81
N LYS E 84 -17.69 -24.71 -28.40
CA LYS E 84 -16.97 -23.57 -27.82
C LYS E 84 -17.92 -22.39 -27.68
N LEU E 85 -18.77 -22.14 -28.67
CA LEU E 85 -19.69 -21.00 -28.58
C LEU E 85 -20.66 -21.20 -27.43
N ASP E 86 -21.27 -22.37 -27.32
CA ASP E 86 -22.22 -22.61 -26.22
C ASP E 86 -21.51 -22.47 -24.89
N ALA E 87 -20.23 -22.83 -24.82
CA ALA E 87 -19.48 -22.74 -23.55
C ALA E 87 -19.40 -21.29 -23.08
N SER E 88 -19.09 -20.39 -24.00
CA SER E 88 -18.98 -18.95 -23.64
C SER E 88 -20.32 -18.46 -23.07
N ILE E 89 -21.43 -18.88 -23.65
CA ILE E 89 -22.74 -18.41 -23.13
C ILE E 89 -22.93 -18.89 -21.68
N GLN E 90 -22.33 -20.02 -21.32
CA GLN E 90 -22.46 -20.47 -19.91
C GLN E 90 -21.92 -19.42 -18.94
N SER E 91 -20.72 -18.89 -19.23
CA SER E 91 -20.11 -17.88 -18.34
C SER E 91 -20.26 -16.52 -19.01
N PRO E 92 -21.22 -15.67 -18.60
CA PRO E 92 -21.38 -14.40 -19.28
C PRO E 92 -20.28 -13.42 -18.91
N ASN E 93 -20.13 -12.39 -19.74
CA ASN E 93 -19.08 -11.38 -19.52
C ASN E 93 -19.70 -10.22 -18.77
N LEU E 94 -19.45 -10.12 -17.47
CA LEU E 94 -19.99 -9.03 -16.65
C LEU E 94 -19.16 -7.78 -16.88
N GLN E 95 -19.84 -6.67 -17.15
CA GLN E 95 -19.14 -5.40 -17.39
C GLN E 95 -19.97 -4.27 -16.82
N THR E 96 -19.33 -3.25 -16.32
CA THR E 96 -19.99 -2.08 -15.74
C THR E 96 -19.75 -0.87 -16.65
N VAL E 97 -20.80 -0.08 -16.86
CA VAL E 97 -20.70 1.12 -17.72
C VAL E 97 -21.34 2.27 -16.98
N ASP E 98 -21.19 3.46 -17.54
CA ASP E 98 -21.77 4.68 -16.97
C ASP E 98 -22.69 5.32 -18.00
N VAL E 99 -23.87 5.71 -17.57
CA VAL E 99 -24.85 6.35 -18.45
C VAL E 99 -25.43 7.56 -17.75
N ALA E 100 -25.83 8.55 -18.54
CA ALA E 100 -26.43 9.77 -18.01
C ALA E 100 -27.78 9.97 -18.66
N ASN E 101 -28.82 10.09 -17.87
CA ASN E 101 -30.19 10.27 -18.36
C ASN E 101 -30.80 11.50 -17.74
N LEU E 102 -31.71 12.12 -18.47
CA LEU E 102 -32.34 13.36 -18.01
C LEU E 102 -33.15 13.07 -16.77
N PRO E 103 -33.57 14.09 -16.02
CA PRO E 103 -34.33 13.88 -14.82
C PRO E 103 -35.62 13.14 -15.12
N SER E 104 -36.28 12.67 -14.06
CA SER E 104 -37.52 11.89 -14.21
C SER E 104 -38.51 12.64 -15.11
N ASP E 105 -38.72 13.93 -14.89
CA ASP E 105 -39.66 14.74 -15.69
C ASP E 105 -38.91 15.88 -16.37
N ALA E 106 -38.37 15.63 -17.55
CA ALA E 106 -37.66 16.64 -18.34
C ALA E 106 -37.63 16.19 -19.79
N ASP E 107 -38.05 17.04 -20.70
CA ASP E 107 -38.12 16.69 -22.14
C ASP E 107 -37.15 17.50 -22.99
N THR E 108 -36.43 18.44 -22.41
CA THR E 108 -35.51 19.31 -23.16
C THR E 108 -34.15 19.33 -22.51
N LEU E 109 -33.11 19.15 -23.31
CA LEU E 109 -31.72 19.19 -22.83
C LEU E 109 -31.14 20.56 -23.12
N LYS E 110 -30.33 21.09 -22.21
CA LYS E 110 -29.71 22.40 -22.36
C LYS E 110 -28.20 22.26 -22.26
N VAL E 111 -27.48 22.93 -23.13
CA VAL E 111 -26.01 22.92 -23.16
C VAL E 111 -25.54 24.37 -23.16
N ARG E 112 -24.62 24.73 -22.27
CA ARG E 112 -24.12 26.12 -22.17
C ARG E 112 -22.61 26.11 -22.24
N PHE E 113 -22.05 26.84 -23.20
CA PHE E 113 -20.59 26.95 -23.34
C PHE E 113 -20.21 28.32 -23.86
N THR E 114 -19.09 28.84 -23.41
CA THR E 114 -18.58 30.16 -23.85
C THR E 114 -17.56 30.04 -24.97
N LEU E 115 -17.29 31.14 -25.63
CA LEU E 115 -16.29 31.17 -26.72
C LEU E 115 -15.58 32.51 -26.68
N ARG E 116 -14.25 32.47 -26.83
CA ARG E 116 -13.44 33.68 -26.85
C ARG E 116 -12.65 33.78 -28.16
N VAL E 117 -12.36 34.98 -28.57
CA VAL E 117 -11.56 35.23 -29.80
C VAL E 117 -10.30 35.95 -29.35
N LEU E 118 -9.15 35.31 -29.48
CA LEU E 118 -7.89 35.93 -29.00
C LEU E 118 -7.34 36.87 -30.07
N GLY E 119 -7.15 36.37 -31.28
CA GLY E 119 -6.58 37.16 -32.38
C GLY E 119 -5.09 36.93 -32.59
N GLY E 120 -4.54 37.60 -33.59
CA GLY E 120 -3.13 37.39 -33.95
C GLY E 120 -2.82 35.98 -34.42
N ALA E 121 -3.67 35.40 -35.27
CA ALA E 121 -3.46 34.02 -35.74
C ALA E 121 -2.08 33.88 -36.38
N GLY E 122 -1.76 34.76 -37.29
CA GLY E 122 -0.48 34.65 -38.00
C GLY E 122 0.70 34.92 -37.10
N THR E 123 0.49 35.58 -35.96
CA THR E 123 1.61 35.92 -35.07
C THR E 123 2.19 34.61 -34.54
N PRO E 124 3.45 34.27 -34.86
CA PRO E 124 4.03 33.05 -34.34
C PRO E 124 4.41 33.17 -32.88
N SER E 125 4.17 32.12 -32.11
CA SER E 125 4.51 32.10 -30.67
C SER E 125 6.01 31.99 -30.45
N ALA E 126 6.68 31.10 -31.18
CA ALA E 126 8.13 30.91 -31.06
C ALA E 126 8.72 30.58 -32.42
N CYS E 127 9.81 31.23 -32.77
CA CYS E 127 10.52 30.96 -34.03
C CYS E 127 12.01 31.06 -33.82
N ASN E 128 12.75 30.09 -34.34
CA ASN E 128 14.21 30.06 -34.19
C ASN E 128 14.87 31.17 -35.00
N ASP E 129 14.46 31.31 -36.25
CA ASP E 129 15.05 32.32 -37.15
C ASP E 129 14.13 33.52 -37.25
N ALA E 130 14.71 34.70 -37.25
CA ALA E 130 13.94 35.95 -37.38
C ALA E 130 13.45 36.16 -38.82
N ALA E 131 14.27 35.80 -39.79
CA ALA E 131 13.88 36.00 -41.21
C ALA E 131 12.58 35.26 -41.50
N TYR E 132 12.47 34.03 -41.04
CA TYR E 132 11.25 33.23 -41.29
C TYR E 132 10.05 33.91 -40.65
N ARG E 133 10.19 34.37 -39.41
CA ARG E 133 9.08 35.02 -38.72
C ARG E 133 8.66 36.28 -39.47
N ASP E 134 9.62 37.06 -39.92
CA ASP E 134 9.29 38.31 -40.64
C ASP E 134 8.58 37.98 -41.93
N LYS E 135 9.06 36.96 -42.64
CA LYS E 135 8.42 36.59 -43.93
C LYS E 135 7.00 36.13 -43.66
N LEU E 136 6.79 35.35 -42.62
CA LEU E 136 5.44 34.86 -42.30
C LEU E 136 4.52 36.03 -41.98
N LEU E 137 5.00 36.96 -41.15
CA LEU E 137 4.14 38.11 -40.77
C LEU E 137 3.83 38.91 -42.03
N GLN E 138 4.80 39.07 -42.92
CA GLN E 138 4.58 39.86 -44.14
C GLN E 138 3.52 39.18 -45.00
N THR E 139 3.63 37.87 -45.18
CA THR E 139 2.67 37.13 -46.00
C THR E 139 1.27 37.25 -45.38
N VAL E 140 1.20 37.14 -44.06
CA VAL E 140 -0.10 37.23 -43.36
C VAL E 140 -0.70 38.62 -43.57
N ALA E 141 0.10 39.67 -43.39
CA ALA E 141 -0.41 41.04 -43.56
C ALA E 141 -0.87 41.22 -45.00
N THR E 142 -0.12 40.68 -45.96
CA THR E 142 -0.49 40.83 -47.38
C THR E 142 -1.82 40.15 -47.63
N TYR E 143 -1.98 38.94 -47.11
CA TYR E 143 -3.24 38.20 -47.32
C TYR E 143 -4.39 38.97 -46.69
N VAL E 144 -4.20 39.47 -45.48
CA VAL E 144 -5.29 40.21 -44.80
C VAL E 144 -5.65 41.44 -45.61
N ASN E 145 -4.65 42.16 -46.12
CA ASN E 145 -4.91 43.37 -46.91
C ASN E 145 -5.70 43.00 -48.16
N ASP E 146 -5.28 41.94 -48.85
CA ASP E 146 -5.95 41.54 -50.10
C ASP E 146 -7.40 41.18 -49.79
N GLN E 147 -7.60 40.31 -48.82
CA GLN E 147 -8.96 39.89 -48.43
C GLN E 147 -8.96 39.58 -46.95
N GLY E 148 -10.05 39.94 -46.27
CA GLY E 148 -10.15 39.74 -44.83
C GLY E 148 -10.62 38.35 -44.49
N PHE E 149 -10.67 38.07 -43.19
CA PHE E 149 -11.08 36.73 -42.70
C PHE E 149 -12.59 36.56 -42.77
N ALA E 150 -13.33 37.47 -43.38
CA ALA E 150 -14.80 37.42 -43.40
C ALA E 150 -15.26 36.03 -43.84
N GLU E 151 -14.55 35.38 -44.76
CA GLU E 151 -15.01 34.05 -45.21
C GLU E 151 -14.93 33.03 -44.07
N LEU E 152 -13.81 32.98 -43.37
CA LEU E 152 -13.66 32.03 -42.26
C LEU E 152 -14.66 32.39 -41.17
N ALA E 153 -14.85 33.67 -40.90
CA ALA E 153 -15.78 34.09 -39.84
C ALA E 153 -17.19 33.65 -40.20
N ARG E 154 -17.55 33.78 -41.47
CA ARG E 154 -18.90 33.38 -41.91
C ARG E 154 -19.06 31.88 -41.75
N ARG E 155 -18.03 31.13 -42.10
CA ARG E 155 -18.13 29.66 -41.96
C ARG E 155 -18.29 29.29 -40.50
N TYR E 156 -17.48 29.88 -39.62
CA TYR E 156 -17.56 29.58 -38.18
C TYR E 156 -18.92 29.98 -37.65
N ALA E 157 -19.49 31.06 -38.18
CA ALA E 157 -20.80 31.54 -37.70
C ALA E 157 -21.84 30.46 -37.93
N HIS E 158 -21.81 29.81 -39.08
CA HIS E 158 -22.79 28.75 -39.37
C HIS E 158 -22.63 27.62 -38.37
N ASN E 159 -21.39 27.19 -38.13
CA ASN E 159 -21.17 26.07 -37.18
C ASN E 159 -21.67 26.46 -35.79
N LEU E 160 -21.41 27.68 -35.37
CA LEU E 160 -21.86 28.12 -34.03
C LEU E 160 -23.38 28.20 -33.99
N ALA E 161 -24.01 28.67 -35.06
CA ALA E 161 -25.47 28.83 -35.10
C ALA E 161 -26.13 27.47 -35.05
N ASN E 162 -25.72 26.57 -35.91
CA ASN E 162 -26.33 25.24 -35.96
C ASN E 162 -25.77 24.40 -34.81
N ALA E 163 -26.24 23.20 -34.66
CA ALA E 163 -25.81 22.29 -33.59
C ALA E 163 -24.76 21.31 -34.09
N ARG E 164 -24.05 21.61 -35.17
CA ARG E 164 -23.06 20.66 -35.72
C ARG E 164 -22.06 20.26 -34.65
N PHE E 165 -21.88 21.06 -33.62
CA PHE E 165 -20.90 20.72 -32.56
C PHE E 165 -21.30 19.41 -31.88
N LEU E 166 -22.60 19.16 -31.70
CA LEU E 166 -23.07 17.90 -31.10
C LEU E 166 -22.81 16.77 -32.08
N TRP E 167 -22.39 15.62 -31.58
CA TRP E 167 -22.13 14.48 -32.48
C TRP E 167 -23.32 13.53 -32.53
N ARG E 168 -23.83 13.13 -31.37
CA ARG E 168 -24.94 12.18 -31.34
C ARG E 168 -26.19 12.79 -30.73
N ASN E 169 -26.05 13.84 -29.93
CA ASN E 169 -27.24 14.46 -29.28
C ASN E 169 -28.14 15.08 -30.34
N ARG E 170 -27.56 15.67 -31.37
CA ARG E 170 -28.36 16.31 -32.42
C ARG E 170 -29.13 15.25 -33.22
N VAL E 171 -28.52 14.14 -33.55
CA VAL E 171 -29.20 13.10 -34.34
C VAL E 171 -30.47 12.70 -33.59
N GLY E 172 -31.58 12.65 -34.29
CA GLY E 172 -32.86 12.31 -33.67
C GLY E 172 -33.32 13.35 -32.68
N ALA E 173 -33.39 14.61 -33.11
CA ALA E 173 -33.89 15.72 -32.29
C ALA E 173 -35.12 16.33 -32.92
N GLU E 174 -36.10 16.65 -32.10
CA GLU E 174 -37.35 17.24 -32.60
C GLU E 174 -37.20 18.73 -32.86
N ALA E 175 -36.71 19.49 -31.89
CA ALA E 175 -36.52 20.94 -32.03
C ALA E 175 -35.23 21.36 -31.35
N VAL E 176 -34.32 21.95 -32.10
CA VAL E 176 -33.03 22.45 -31.57
C VAL E 176 -33.02 23.96 -31.72
N GLU E 177 -32.84 24.68 -30.62
CA GLU E 177 -32.82 26.15 -30.63
C GLU E 177 -31.52 26.62 -30.03
N VAL E 178 -30.75 27.38 -30.77
CA VAL E 178 -29.46 27.93 -30.32
C VAL E 178 -29.60 29.41 -30.03
N ARG E 179 -29.01 29.86 -28.92
CA ARG E 179 -29.02 31.28 -28.53
C ARG E 179 -27.58 31.69 -28.29
N ILE E 180 -27.06 32.57 -29.12
CA ILE E 180 -25.67 33.07 -29.00
C ILE E 180 -25.73 34.51 -28.50
N ASN E 181 -25.26 34.73 -27.29
CA ASN E 181 -25.22 36.09 -26.71
C ASN E 181 -23.85 36.69 -26.91
N HIS E 182 -23.72 37.97 -26.61
CA HIS E 182 -22.43 38.68 -26.72
C HIS E 182 -22.20 39.44 -25.43
N ILE E 183 -21.15 39.09 -24.71
CA ILE E 183 -20.82 39.76 -23.43
C ILE E 183 -19.57 40.60 -23.63
N ARG E 184 -19.70 41.92 -23.49
CA ARG E 184 -18.56 42.84 -23.66
C ARG E 184 -18.01 43.27 -22.30
N GLN E 185 -18.84 43.82 -21.43
CA GLN E 185 -18.40 44.29 -20.09
C GLN E 185 -18.95 43.38 -19.00
N GLY E 186 -19.48 42.22 -19.36
CA GLY E 186 -20.02 41.26 -18.38
C GLY E 186 -21.53 41.18 -18.41
N GLU E 187 -22.18 42.00 -19.23
CA GLU E 187 -23.65 41.99 -19.37
C GLU E 187 -24.02 41.43 -20.74
N VAL E 188 -25.31 41.41 -21.03
CA VAL E 188 -25.78 40.92 -22.34
C VAL E 188 -25.81 42.12 -23.28
N ALA E 189 -24.83 42.21 -24.18
CA ALA E 189 -24.74 43.34 -25.11
C ALA E 189 -25.67 43.12 -26.30
N ARG E 190 -25.49 42.03 -27.03
CA ARG E 190 -26.32 41.71 -28.21
C ARG E 190 -26.63 40.24 -28.22
N ALA E 191 -27.91 39.89 -28.28
CA ALA E 191 -28.34 38.49 -28.31
C ALA E 191 -28.65 38.06 -29.73
N TRP E 192 -28.64 36.77 -29.96
CA TRP E 192 -28.98 36.19 -31.28
C TRP E 192 -29.65 34.85 -31.04
N ARG E 193 -30.64 34.53 -31.84
CA ARG E 193 -31.36 33.26 -31.72
C ARG E 193 -31.53 32.67 -33.11
N PHE E 194 -31.14 31.42 -33.28
CA PHE E 194 -31.22 30.75 -34.58
C PHE E 194 -31.89 29.39 -34.48
N ASP E 195 -31.98 28.70 -35.61
CA ASP E 195 -32.55 27.35 -35.66
C ASP E 195 -31.59 26.43 -36.40
N ALA E 196 -31.07 25.42 -35.71
CA ALA E 196 -30.13 24.49 -36.34
C ALA E 196 -30.85 23.61 -37.37
N LEU E 197 -32.05 23.18 -37.07
CA LEU E 197 -32.79 22.31 -38.00
C LEU E 197 -33.10 23.06 -39.29
N ALA E 198 -33.58 24.29 -39.19
CA ALA E 198 -33.95 25.07 -40.37
C ALA E 198 -32.70 25.32 -41.21
N ILE E 199 -31.57 25.58 -40.57
CA ILE E 199 -30.32 25.85 -41.30
C ILE E 199 -29.81 24.54 -41.89
N GLY E 200 -29.41 24.57 -43.14
CA GLY E 200 -28.93 23.35 -43.80
C GLY E 200 -27.64 22.87 -43.16
N LEU E 201 -27.53 21.58 -42.91
CA LEU E 201 -26.30 20.98 -42.38
C LEU E 201 -25.19 20.95 -43.43
N ARG E 202 -25.50 20.60 -44.66
CA ARG E 202 -24.48 20.49 -45.73
C ARG E 202 -24.46 21.72 -46.63
N ASP E 203 -25.32 22.70 -46.38
CA ASP E 203 -25.39 23.91 -47.22
C ASP E 203 -25.25 25.15 -46.36
N PHE E 204 -24.49 26.12 -46.84
CA PHE E 204 -24.29 27.39 -46.11
C PHE E 204 -25.08 28.50 -46.81
N LYS E 205 -25.99 29.12 -46.08
CA LYS E 205 -26.81 30.22 -46.62
C LYS E 205 -26.50 31.49 -45.86
N ALA E 206 -26.63 32.62 -46.55
CA ALA E 206 -26.35 33.94 -45.96
C ALA E 206 -27.55 34.48 -45.21
N ASP E 207 -27.29 35.19 -44.12
CA ASP E 207 -28.34 35.82 -43.32
C ASP E 207 -27.76 37.07 -42.66
N ALA E 208 -28.62 38.04 -42.36
CA ALA E 208 -28.16 39.29 -41.74
C ALA E 208 -27.44 38.98 -40.42
N GLU E 209 -28.05 38.14 -39.59
CA GLU E 209 -27.43 37.82 -38.29
C GLU E 209 -26.09 37.11 -38.52
N LEU E 210 -26.04 36.18 -39.46
CA LEU E 210 -24.79 35.44 -39.71
C LEU E 210 -23.71 36.43 -40.15
N ASP E 211 -24.06 37.39 -41.01
CA ASP E 211 -23.07 38.38 -41.48
C ASP E 211 -22.60 39.21 -40.30
N ALA E 212 -23.49 39.64 -39.42
CA ALA E 212 -23.10 40.46 -38.27
C ALA E 212 -22.15 39.66 -37.39
N LEU E 213 -22.46 38.39 -37.15
CA LEU E 213 -21.61 37.56 -36.29
C LEU E 213 -20.25 37.38 -36.94
N ALA E 214 -20.22 37.15 -38.25
CA ALA E 214 -18.96 36.95 -38.96
C ALA E 214 -18.12 38.22 -38.86
N GLU E 215 -18.76 39.38 -38.98
CA GLU E 215 -18.02 40.65 -38.89
C GLU E 215 -17.43 40.79 -37.48
N LEU E 216 -18.21 40.44 -36.47
CA LEU E 216 -17.72 40.55 -35.08
C LEU E 216 -16.52 39.63 -34.89
N ILE E 217 -16.61 38.41 -35.41
CA ILE E 217 -15.50 37.44 -35.25
C ILE E 217 -14.29 37.95 -36.00
N ALA E 218 -14.47 38.48 -37.19
CA ALA E 218 -13.33 38.98 -37.99
C ALA E 218 -12.67 40.11 -37.22
N SER E 219 -13.45 41.00 -36.62
CA SER E 219 -12.88 42.14 -35.88
C SER E 219 -12.08 41.61 -34.70
N GLY E 220 -12.66 40.67 -33.96
CA GLY E 220 -11.96 40.13 -32.78
C GLY E 220 -10.65 39.52 -33.21
N LEU E 221 -10.67 38.74 -34.28
CA LEU E 221 -9.44 38.08 -34.75
C LEU E 221 -8.43 39.14 -35.19
N SER E 222 -8.87 40.18 -35.86
CA SER E 222 -7.98 41.28 -36.29
C SER E 222 -7.45 42.07 -35.10
N GLY E 223 -8.06 41.93 -33.93
CA GLY E 223 -7.59 42.62 -32.72
C GLY E 223 -8.26 43.96 -32.49
N SER E 224 -9.52 44.11 -32.87
CA SER E 224 -10.26 45.37 -32.64
C SER E 224 -10.84 45.44 -31.23
N GLY E 225 -10.92 44.32 -30.53
CA GLY E 225 -11.38 44.35 -29.14
C GLY E 225 -11.74 42.98 -28.64
N HIS E 226 -11.96 42.88 -27.35
CA HIS E 226 -12.28 41.57 -26.74
C HIS E 226 -13.63 41.10 -27.25
N VAL E 227 -13.75 39.80 -27.49
CA VAL E 227 -15.03 39.21 -27.94
C VAL E 227 -15.34 37.99 -27.12
N LEU E 228 -16.50 37.96 -26.49
CA LEU E 228 -16.96 36.79 -25.69
C LEU E 228 -18.38 36.48 -26.11
N LEU E 229 -18.63 35.24 -26.50
CA LEU E 229 -19.97 34.80 -26.92
C LEU E 229 -20.39 33.60 -26.11
N GLU E 230 -21.52 33.71 -25.41
CA GLU E 230 -22.07 32.60 -24.62
C GLU E 230 -23.13 31.90 -25.45
N VAL E 231 -22.86 30.65 -25.82
CA VAL E 231 -23.80 29.86 -26.65
C VAL E 231 -24.58 28.94 -25.73
N VAL E 232 -25.89 28.92 -25.89
CA VAL E 232 -26.77 28.06 -25.10
C VAL E 232 -27.72 27.38 -26.07
N ALA E 233 -27.75 26.06 -26.06
CA ALA E 233 -28.62 25.30 -26.96
C ALA E 233 -29.66 24.52 -26.19
N PHE E 234 -30.84 24.37 -26.77
CA PHE E 234 -31.94 23.62 -26.17
C PHE E 234 -32.43 22.64 -27.21
N ALA E 235 -32.26 21.34 -26.94
CA ALA E 235 -32.67 20.28 -27.88
C ALA E 235 -33.76 19.41 -27.27
N ARG E 236 -34.82 19.17 -28.01
CA ARG E 236 -35.90 18.30 -27.52
C ARG E 236 -35.53 16.86 -27.80
N ILE E 237 -35.38 16.06 -26.77
CA ILE E 237 -35.00 14.63 -26.92
C ILE E 237 -36.15 13.76 -26.44
N GLY E 238 -36.53 13.91 -25.19
CA GLY E 238 -37.62 13.11 -24.63
C GLY E 238 -37.48 12.93 -23.15
N ASP E 239 -38.56 12.53 -22.50
CA ASP E 239 -38.55 12.32 -21.05
C ASP E 239 -37.70 11.13 -20.69
N GLY E 240 -36.79 11.29 -19.75
CA GLY E 240 -36.00 10.14 -19.28
C GLY E 240 -35.03 9.63 -20.32
N GLN E 241 -34.75 10.39 -21.36
CA GLN E 241 -33.84 9.92 -22.41
C GLN E 241 -32.42 9.83 -21.87
N GLU E 242 -31.53 9.26 -22.68
CA GLU E 242 -30.13 9.08 -22.28
C GLU E 242 -29.24 9.95 -23.15
N VAL E 243 -28.53 10.87 -22.54
CA VAL E 243 -27.59 11.76 -23.27
C VAL E 243 -26.31 11.00 -23.54
N PHE E 244 -25.50 11.50 -24.46
CA PHE E 244 -24.23 10.84 -24.86
C PHE E 244 -23.08 11.82 -24.60
N PRO E 245 -22.61 11.96 -23.35
CA PRO E 245 -21.50 12.83 -23.06
C PRO E 245 -20.18 12.26 -23.58
N SER E 246 -19.08 12.98 -23.37
CA SER E 246 -17.77 12.54 -23.87
C SER E 246 -17.21 11.46 -22.96
N GLN E 247 -17.04 10.26 -23.49
CA GLN E 247 -16.51 9.13 -22.71
C GLN E 247 -15.04 9.37 -22.39
N GLU E 248 -14.66 9.14 -21.16
CA GLU E 248 -13.28 9.29 -20.69
C GLU E 248 -12.48 8.01 -20.96
N LEU E 249 -11.21 8.04 -20.60
CA LEU E 249 -10.30 6.91 -20.82
C LEU E 249 -10.20 6.09 -19.53
N ILE E 250 -10.27 4.78 -19.66
CA ILE E 250 -10.17 3.86 -18.50
C ILE E 250 -8.77 3.27 -18.48
N LEU E 251 -8.19 3.20 -17.29
CA LEU E 251 -6.82 2.66 -17.12
C LEU E 251 -5.84 3.49 -17.93
N GLY E 258 -16.90 -5.96 -10.91
CA GLY E 258 -16.86 -5.77 -12.38
C GLY E 258 -16.16 -4.49 -12.73
N GLN E 259 -15.03 -4.59 -13.44
CA GLN E 259 -14.24 -3.39 -13.77
C GLN E 259 -15.08 -2.52 -14.68
N LYS E 260 -15.17 -1.23 -14.40
CA LYS E 260 -15.93 -0.31 -15.25
C LYS E 260 -15.10 0.04 -16.47
N SER E 261 -15.60 -0.29 -17.66
CA SER E 261 -14.88 -0.06 -18.92
C SER E 261 -15.34 1.22 -19.62
N LYS E 262 -16.37 1.87 -19.08
CA LYS E 262 -16.89 3.11 -19.68
C LYS E 262 -17.02 4.18 -18.61
N THR E 263 -16.31 5.27 -18.77
CA THR E 263 -16.32 6.38 -17.81
C THR E 263 -16.75 7.62 -18.54
N LEU E 264 -17.83 8.25 -18.09
CA LEU E 264 -18.35 9.46 -18.73
C LEU E 264 -17.71 10.69 -18.08
N TYR E 265 -17.34 11.66 -18.90
CA TYR E 265 -16.69 12.89 -18.40
C TYR E 265 -17.67 13.66 -17.56
N SER E 266 -17.29 13.98 -16.34
CA SER E 266 -18.17 14.72 -15.41
C SER E 266 -17.34 15.71 -14.62
N VAL E 267 -17.84 16.93 -14.47
CA VAL E 267 -17.16 18.00 -13.71
C VAL E 267 -18.15 18.55 -12.69
N ARG E 268 -17.69 18.73 -11.45
CA ARG E 268 -18.55 19.27 -10.38
C ARG E 268 -19.84 18.48 -10.31
N ASP E 269 -19.74 17.17 -10.40
CA ASP E 269 -20.94 16.29 -10.36
C ASP E 269 -21.93 16.67 -11.45
N ALA E 270 -21.42 17.09 -12.60
CA ALA E 270 -22.27 17.49 -13.72
C ALA E 270 -21.62 17.01 -15.02
N ALA E 271 -22.44 16.52 -15.93
CA ALA E 271 -21.95 16.02 -17.22
C ALA E 271 -21.54 17.20 -18.08
N ALA E 272 -20.57 16.97 -18.95
CA ALA E 272 -20.09 18.04 -19.84
C ALA E 272 -19.41 17.44 -21.04
N ILE E 273 -18.98 18.29 -21.96
CA ILE E 273 -18.30 17.89 -23.19
C ILE E 273 -16.92 18.51 -23.18
N HIS E 274 -15.95 17.80 -23.69
CA HIS E 274 -14.57 18.27 -23.68
C HIS E 274 -14.41 19.53 -24.51
N SER E 275 -13.54 20.42 -24.06
CA SER E 275 -13.27 21.68 -24.77
C SER E 275 -12.75 21.38 -26.16
N GLN E 276 -11.79 20.49 -26.27
CA GLN E 276 -11.22 20.14 -27.58
C GLN E 276 -12.27 19.44 -28.42
N LYS E 277 -13.10 18.64 -27.79
CA LYS E 277 -14.14 17.91 -28.54
C LYS E 277 -15.12 18.89 -29.14
N ILE E 278 -15.34 20.02 -28.51
CA ILE E 278 -16.24 21.06 -29.04
C ILE E 278 -15.52 21.88 -30.10
N GLY E 279 -14.30 22.27 -29.84
CA GLY E 279 -13.51 23.08 -30.77
C GLY E 279 -13.18 22.34 -32.02
N ASN E 280 -13.20 21.02 -31.99
CA ASN E 280 -12.92 20.22 -33.20
C ASN E 280 -14.08 20.28 -34.15
N ALA E 281 -15.28 20.10 -33.64
CA ALA E 281 -16.48 20.16 -34.48
C ALA E 281 -16.74 21.59 -34.93
N LEU E 282 -16.55 22.54 -34.05
CA LEU E 282 -16.81 23.97 -34.39
C LEU E 282 -15.97 24.38 -35.59
N ARG E 283 -14.80 23.79 -35.80
CA ARG E 283 -13.91 24.19 -36.91
C ARG E 283 -14.16 23.32 -38.13
N THR E 284 -15.33 22.70 -38.26
CA THR E 284 -15.67 21.89 -39.46
C THR E 284 -16.17 22.81 -40.56
N ILE E 285 -15.28 23.64 -41.06
CA ILE E 285 -15.60 24.62 -42.12
C ILE E 285 -15.07 24.11 -43.45
N ASP E 286 -13.86 23.60 -43.48
CA ASP E 286 -13.23 23.19 -44.75
C ASP E 286 -14.18 22.28 -45.53
N THR E 287 -14.49 22.67 -46.75
CA THR E 287 -15.37 21.89 -47.63
C THR E 287 -14.74 21.64 -49.00
N TRP E 288 -13.50 22.09 -49.22
CA TRP E 288 -12.82 21.93 -50.52
C TRP E 288 -11.99 20.65 -50.56
N TYR E 289 -12.31 19.67 -49.74
CA TYR E 289 -11.54 18.41 -49.71
C TYR E 289 -11.51 17.84 -51.13
N PRO E 290 -10.37 17.26 -51.55
CA PRO E 290 -10.28 16.74 -52.92
C PRO E 290 -11.36 15.71 -53.26
N ASP E 291 -11.80 14.91 -52.30
CA ASP E 291 -12.80 13.86 -52.59
C ASP E 291 -14.06 14.50 -53.17
N GLU E 292 -14.61 15.51 -52.53
CA GLU E 292 -15.82 16.20 -53.01
C GLU E 292 -16.86 15.17 -53.47
N ASP E 293 -17.11 14.17 -52.65
CA ASP E 293 -18.05 13.07 -52.98
C ASP E 293 -19.15 12.98 -51.93
N GLY E 294 -19.66 14.11 -51.47
CA GLY E 294 -20.77 14.12 -50.50
C GLY E 294 -20.34 14.15 -49.05
N LEU E 295 -19.04 14.08 -48.76
CA LEU E 295 -18.58 14.06 -47.36
C LEU E 295 -19.01 15.34 -46.67
N GLY E 296 -18.93 16.47 -47.36
CA GLY E 296 -19.31 17.76 -46.79
C GLY E 296 -18.20 18.38 -45.98
N PRO E 297 -18.53 19.31 -45.05
CA PRO E 297 -17.53 19.93 -44.25
C PRO E 297 -16.69 18.93 -43.45
N ILE E 298 -15.38 19.12 -43.46
CA ILE E 298 -14.43 18.25 -42.74
C ILE E 298 -13.63 19.14 -41.80
N ALA E 299 -13.34 18.65 -40.62
CA ALA E 299 -12.59 19.44 -39.62
C ALA E 299 -11.22 19.80 -40.19
N VAL E 300 -10.79 21.01 -39.92
CA VAL E 300 -9.47 21.47 -40.40
C VAL E 300 -8.41 20.76 -39.59
N GLU E 301 -7.69 19.83 -40.22
CA GLU E 301 -6.62 19.10 -39.55
C GLU E 301 -5.55 18.81 -40.58
N PRO E 302 -4.25 18.81 -40.23
CA PRO E 302 -3.24 18.51 -41.20
C PRO E 302 -3.44 17.11 -41.81
N TYR E 303 -3.25 16.99 -43.11
CA TYR E 303 -3.38 15.71 -43.85
C TYR E 303 -4.84 15.31 -43.98
N GLY E 304 -5.76 16.20 -43.65
CA GLY E 304 -7.19 15.91 -43.84
C GLY E 304 -7.59 14.58 -43.27
N SER E 305 -7.05 14.23 -42.13
CA SER E 305 -7.37 12.94 -41.50
C SER E 305 -8.79 12.96 -40.98
N VAL E 306 -9.48 11.83 -41.12
CA VAL E 306 -10.86 11.68 -40.59
C VAL E 306 -10.91 10.34 -39.85
N THR E 307 -11.30 10.36 -38.59
CA THR E 307 -11.40 9.12 -37.80
C THR E 307 -12.60 8.29 -38.23
N SER E 308 -13.77 8.91 -38.33
CA SER E 308 -14.99 8.16 -38.69
C SER E 308 -14.85 7.56 -40.08
N GLN E 309 -14.49 8.36 -41.05
CA GLN E 309 -14.33 7.89 -42.44
C GLN E 309 -13.13 6.97 -42.55
N GLY E 310 -12.15 7.11 -41.67
CA GLY E 310 -10.96 6.25 -41.70
C GLY E 310 -10.08 6.55 -42.89
N LYS E 311 -10.30 7.65 -43.58
CA LYS E 311 -9.50 8.03 -44.76
C LYS E 311 -8.96 9.43 -44.54
N ALA E 312 -7.74 9.66 -45.00
CA ALA E 312 -7.08 10.96 -44.86
C ALA E 312 -6.98 11.60 -46.23
N TYR E 313 -7.82 12.58 -46.49
CA TYR E 313 -7.81 13.28 -47.77
C TYR E 313 -6.68 14.30 -47.77
N ARG E 314 -6.36 14.81 -48.95
CA ARG E 314 -5.28 15.82 -49.08
C ARG E 314 -3.94 15.20 -48.71
N GLN E 315 -3.67 14.03 -49.24
CA GLN E 315 -2.42 13.31 -48.93
C GLN E 315 -1.24 14.14 -49.39
N PRO E 316 -0.03 13.87 -48.87
CA PRO E 316 1.13 14.64 -49.24
C PRO E 316 1.54 14.51 -50.71
N LYS E 317 1.10 13.46 -51.38
CA LYS E 317 1.48 13.25 -52.80
C LYS E 317 0.96 14.42 -53.63
N GLN E 318 -0.22 14.92 -53.31
CA GLN E 318 -0.80 16.05 -54.05
C GLN E 318 -0.21 17.35 -53.54
N LYS E 319 -0.25 18.37 -54.37
CA LYS E 319 0.28 19.70 -54.01
C LYS E 319 -0.65 20.40 -53.02
N LEU E 320 -1.83 19.86 -52.76
CA LEU E 320 -2.81 20.55 -51.88
C LEU E 320 -2.44 20.35 -50.41
N ASP E 321 -1.43 19.56 -50.09
CA ASP E 321 -1.05 19.33 -48.68
C ASP E 321 -0.76 20.65 -47.98
N PHE E 322 -1.11 20.73 -46.69
CA PHE E 322 -0.90 21.98 -45.96
C PHE E 322 0.58 22.33 -45.88
N TYR E 323 1.41 21.38 -45.50
CA TYR E 323 2.86 21.64 -45.40
C TYR E 323 3.44 22.05 -46.73
N THR E 324 3.10 21.34 -47.80
CA THR E 324 3.64 21.66 -49.12
C THR E 324 3.18 23.06 -49.51
N LEU E 325 1.91 23.36 -49.32
CA LEU E 325 1.38 24.68 -49.71
C LEU E 325 2.12 25.78 -48.94
N LEU E 326 2.28 25.61 -47.63
CA LEU E 326 2.96 26.66 -46.84
C LEU E 326 4.41 26.79 -47.27
N ASP E 327 5.08 25.66 -47.47
CA ASP E 327 6.50 25.71 -47.86
C ASP E 327 6.64 26.44 -49.19
N ASN E 328 5.77 26.15 -50.14
CA ASN E 328 5.86 26.80 -51.46
C ASN E 328 5.56 28.28 -51.32
N TRP E 329 4.49 28.63 -50.61
CA TRP E 329 4.07 30.03 -50.51
C TRP E 329 5.05 30.83 -49.66
N VAL E 330 5.95 30.16 -48.94
CA VAL E 330 6.94 30.87 -48.11
C VAL E 330 8.27 30.97 -48.85
N LEU E 331 8.84 29.83 -49.23
CA LEU E 331 10.15 29.85 -49.91
C LEU E 331 10.03 30.42 -51.32
N ARG E 332 9.08 29.92 -52.11
CA ARG E 332 8.96 30.38 -53.51
C ARG E 332 7.93 31.49 -53.65
N ASP E 333 7.27 31.89 -52.56
CA ASP E 333 6.27 32.97 -52.61
C ASP E 333 5.17 32.64 -53.61
N GLU E 334 4.85 31.36 -53.76
CA GLU E 334 3.80 30.92 -54.70
C GLU E 334 2.48 30.94 -53.97
N ALA E 335 1.62 31.88 -54.32
CA ALA E 335 0.30 32.00 -53.69
C ALA E 335 -0.62 30.97 -54.32
N PRO E 336 -1.12 29.98 -53.55
CA PRO E 336 -2.00 29.00 -54.11
C PRO E 336 -3.42 29.55 -54.28
N ALA E 337 -4.31 28.71 -54.78
CA ALA E 337 -5.69 29.13 -55.03
C ALA E 337 -6.30 29.66 -53.75
N VAL E 338 -7.30 30.52 -53.89
CA VAL E 338 -7.97 31.14 -52.73
C VAL E 338 -8.41 30.05 -51.76
N GLU E 339 -8.88 28.92 -52.27
CA GLU E 339 -9.33 27.83 -51.38
C GLU E 339 -8.17 27.32 -50.53
N GLN E 340 -7.04 27.07 -51.15
CA GLN E 340 -5.86 26.58 -50.42
C GLN E 340 -5.42 27.63 -49.41
N GLN E 341 -5.44 28.89 -49.79
CA GLN E 341 -5.02 29.96 -48.86
C GLN E 341 -5.94 29.98 -47.66
N HIS E 342 -7.23 29.81 -47.88
CA HIS E 342 -8.19 29.80 -46.77
C HIS E 342 -7.91 28.62 -45.85
N TYR E 343 -7.66 27.47 -46.42
CA TYR E 343 -7.37 26.26 -45.61
C TYR E 343 -6.11 26.50 -44.79
N VAL E 344 -5.09 27.10 -45.39
CA VAL E 344 -3.81 27.34 -44.69
C VAL E 344 -4.04 28.32 -43.55
N ILE E 345 -4.82 29.35 -43.79
CA ILE E 345 -5.08 30.36 -42.74
C ILE E 345 -5.87 29.69 -41.62
N ALA E 346 -6.78 28.79 -41.96
CA ALA E 346 -7.57 28.10 -40.93
C ALA E 346 -6.64 27.26 -40.06
N ASN E 347 -5.69 26.58 -40.68
CA ASN E 347 -4.74 25.74 -39.92
C ASN E 347 -3.92 26.63 -38.99
N LEU E 348 -3.44 27.77 -39.49
CA LEU E 348 -2.62 28.67 -38.65
C LEU E 348 -3.48 29.19 -37.50
N ILE E 349 -4.75 29.43 -37.75
CA ILE E 349 -5.66 29.93 -36.69
C ILE E 349 -5.80 28.84 -35.63
N ARG E 350 -5.99 27.61 -36.04
CA ARG E 350 -6.16 26.49 -35.09
C ARG E 350 -4.87 26.32 -34.30
N GLY E 351 -3.73 26.54 -34.92
CA GLY E 351 -2.44 26.46 -34.24
C GLY E 351 -1.92 25.06 -34.20
N GLY E 352 -0.67 24.91 -33.79
CA GLY E 352 -0.06 23.59 -33.67
C GLY E 352 1.44 23.64 -33.60
N VAL E 353 2.08 22.52 -33.91
CA VAL E 353 3.55 22.40 -33.94
C VAL E 353 3.97 22.01 -35.35
N PHE E 354 4.91 22.74 -35.93
CA PHE E 354 5.40 22.48 -37.29
C PHE E 354 6.91 22.34 -37.29
N GLY E 355 7.50 22.22 -38.46
CA GLY E 355 8.96 22.12 -38.60
C GLY E 355 9.41 20.69 -38.61
N GLU E 356 10.62 20.47 -38.12
CA GLU E 356 11.13 19.09 -38.02
C GLU E 356 12.29 19.04 -37.03
N ALA E 357 12.87 17.87 -36.85
CA ALA E 357 13.99 17.70 -35.92
C ALA E 357 15.23 18.44 -36.45
N ILE F 23 48.26 41.86 -12.67
CA ILE F 23 48.26 42.29 -11.24
C ILE F 23 47.00 41.76 -10.57
N LEU F 24 45.85 42.25 -10.99
CA LEU F 24 44.55 41.83 -10.41
C LEU F 24 43.87 40.86 -11.38
N SER F 25 43.35 39.76 -10.86
CA SER F 25 42.65 38.75 -11.68
C SER F 25 41.30 38.43 -11.08
N THR F 26 40.42 37.84 -11.88
CA THR F 26 39.08 37.49 -11.41
C THR F 26 39.13 36.35 -10.42
N ALA F 27 38.11 36.25 -9.59
CA ALA F 27 38.04 35.20 -8.56
C ALA F 27 37.42 33.95 -9.19
N SER F 28 38.05 32.80 -9.01
CA SER F 28 37.56 31.53 -9.58
C SER F 28 36.18 31.21 -9.04
N VAL F 29 35.81 31.74 -7.88
CA VAL F 29 34.50 31.47 -7.26
C VAL F 29 33.84 32.79 -6.97
N LEU F 30 32.74 33.07 -7.63
CA LEU F 30 31.97 34.31 -7.40
C LEU F 30 30.49 33.95 -7.37
N ALA F 31 29.77 34.50 -6.41
CA ALA F 31 28.34 34.26 -6.30
C ALA F 31 27.62 35.52 -5.86
N PHE F 32 26.42 35.73 -6.37
CA PHE F 32 25.61 36.91 -6.03
C PHE F 32 24.22 36.43 -5.72
N GLU F 33 23.76 36.66 -4.50
CA GLU F 33 22.42 36.24 -4.09
C GLU F 33 21.38 37.04 -4.87
N ARG F 34 20.34 36.38 -5.31
CA ARG F 34 19.29 37.05 -6.08
C ARG F 34 18.56 38.03 -5.19
N LYS F 35 18.10 39.12 -5.77
CA LYS F 35 17.34 40.16 -5.06
C LYS F 35 15.96 40.26 -5.70
N LEU F 36 15.02 40.83 -5.00
CA LEU F 36 13.64 40.93 -5.52
C LEU F 36 13.14 39.55 -5.90
N ASP F 37 13.24 38.62 -4.95
CA ASP F 37 12.78 37.23 -5.18
C ASP F 37 11.36 37.08 -4.65
N PRO F 38 10.34 36.93 -5.49
CA PRO F 38 9.01 36.75 -4.99
C PRO F 38 8.73 35.33 -4.55
N SER F 39 7.53 35.09 -4.06
CA SER F 39 7.09 33.77 -3.60
C SER F 39 6.06 33.21 -4.57
N ASP F 40 5.53 32.05 -4.26
CA ASP F 40 4.58 31.41 -5.17
C ASP F 40 3.35 32.28 -5.30
N ALA F 41 2.63 32.14 -6.42
CA ALA F 41 1.42 32.91 -6.68
C ALA F 41 0.20 32.00 -6.61
N LEU F 42 -0.61 32.16 -5.59
CA LEU F 42 -1.83 31.38 -5.46
C LEU F 42 -2.88 31.94 -6.40
N MET F 43 -3.84 31.10 -6.78
CA MET F 43 -4.89 31.53 -7.71
C MET F 43 -6.26 31.16 -7.18
N SER F 44 -7.25 31.93 -7.57
CA SER F 44 -8.64 31.73 -7.13
C SER F 44 -9.57 32.31 -8.17
N ALA F 45 -10.86 32.09 -8.01
CA ALA F 45 -11.86 32.62 -8.93
C ALA F 45 -12.92 33.41 -8.17
N GLY F 46 -13.62 34.26 -8.89
CA GLY F 46 -14.67 35.07 -8.27
C GLY F 46 -15.37 35.94 -9.27
N ALA F 47 -16.22 36.82 -8.78
CA ALA F 47 -16.98 37.76 -9.62
C ALA F 47 -16.27 39.11 -9.63
N TRP F 48 -16.15 39.72 -10.79
CA TRP F 48 -15.48 41.03 -10.92
C TRP F 48 -16.13 42.04 -9.99
N ALA F 49 -17.43 41.93 -9.74
CA ALA F 49 -18.11 42.86 -8.82
C ALA F 49 -17.56 42.71 -7.41
N GLN F 50 -17.40 41.48 -6.94
CA GLN F 50 -16.94 41.21 -5.56
C GLN F 50 -15.45 41.53 -5.43
N ARG F 51 -14.80 42.01 -6.48
CA ARG F 51 -13.34 42.26 -6.44
C ARG F 51 -12.96 43.01 -5.16
N ASP F 52 -13.77 43.96 -4.72
CA ASP F 52 -13.46 44.74 -3.51
C ASP F 52 -13.29 43.78 -2.34
N ALA F 53 -14.13 42.77 -2.23
CA ALA F 53 -14.01 41.74 -1.17
C ALA F 53 -13.67 40.41 -1.80
N SER F 54 -12.40 40.00 -1.69
CA SER F 54 -11.91 38.73 -2.26
C SER F 54 -11.24 37.93 -1.15
N GLN F 55 -12.02 37.15 -0.43
CA GLN F 55 -11.47 36.30 0.64
C GLN F 55 -12.32 35.04 0.75
N GLU F 56 -11.69 33.91 1.06
CA GLU F 56 -12.37 32.61 1.23
C GLU F 56 -12.67 31.98 -0.14
N TRP F 57 -12.29 32.63 -1.24
CA TRP F 57 -12.63 32.08 -2.55
C TRP F 57 -11.97 30.73 -2.73
N PRO F 58 -12.69 29.70 -3.20
CA PRO F 58 -12.08 28.41 -3.34
C PRO F 58 -11.05 28.40 -4.46
N ALA F 59 -9.92 27.74 -4.21
CA ALA F 59 -8.83 27.68 -5.18
C ALA F 59 -9.23 26.80 -6.33
N VAL F 60 -8.50 26.94 -7.44
CA VAL F 60 -8.76 26.05 -8.60
C VAL F 60 -8.03 24.73 -8.39
N THR F 61 -8.78 23.63 -8.32
CA THR F 61 -8.17 22.31 -8.10
C THR F 61 -7.91 21.70 -9.46
N VAL F 62 -6.71 21.19 -9.65
CA VAL F 62 -6.35 20.50 -10.91
C VAL F 62 -7.19 19.23 -11.02
N ARG F 63 -7.52 18.87 -12.25
CA ARG F 63 -8.30 17.66 -12.52
C ARG F 63 -7.74 16.93 -13.73
N GLU F 64 -8.23 15.74 -13.99
CA GLU F 64 -7.75 14.91 -15.10
C GLU F 64 -8.83 14.79 -16.16
N LYS F 65 -8.40 14.75 -17.41
CA LYS F 65 -9.34 14.56 -18.54
C LYS F 65 -8.70 13.69 -19.60
N SER F 66 -9.51 12.95 -20.33
CA SER F 66 -9.03 12.05 -21.39
C SER F 66 -9.01 12.82 -22.70
N VAL F 67 -7.93 12.68 -23.46
CA VAL F 67 -7.81 13.35 -24.78
C VAL F 67 -7.45 12.31 -25.83
N ARG F 68 -8.20 12.23 -26.90
CA ARG F 68 -7.95 11.30 -28.02
C ARG F 68 -7.61 12.12 -29.25
N GLY F 69 -6.33 12.26 -29.54
CA GLY F 69 -5.87 13.04 -30.69
C GLY F 69 -5.33 12.19 -31.79
N THR F 70 -5.38 12.69 -33.01
CA THR F 70 -4.89 11.95 -34.20
C THR F 70 -3.53 12.51 -34.55
N ILE F 71 -2.51 11.66 -34.52
CA ILE F 71 -1.13 12.14 -34.77
C ILE F 71 -1.13 12.79 -36.14
N SER F 72 -0.72 14.05 -36.21
CA SER F 72 -0.66 14.82 -37.47
C SER F 72 0.72 15.44 -37.63
N ASN F 73 1.75 14.78 -37.16
CA ASN F 73 3.13 15.28 -37.28
C ASN F 73 3.64 15.07 -38.70
N ARG F 74 4.82 15.57 -38.99
CA ARG F 74 5.38 15.45 -40.34
C ARG F 74 5.66 14.00 -40.67
N LEU F 75 5.56 13.63 -41.95
CA LEU F 75 5.81 12.25 -42.37
C LEU F 75 7.29 12.10 -42.75
N LYS F 76 7.98 11.16 -42.13
CA LYS F 76 9.40 10.90 -42.42
C LYS F 76 9.55 9.95 -43.59
N THR F 77 8.65 9.00 -43.74
CA THR F 77 8.74 8.02 -44.83
C THR F 77 8.30 8.67 -46.15
N LYS F 78 8.54 7.97 -47.25
CA LYS F 78 8.16 8.48 -48.57
C LYS F 78 6.68 8.87 -48.58
N ASP F 79 6.39 10.08 -49.03
CA ASP F 79 5.00 10.59 -49.02
C ASP F 79 4.17 9.94 -50.13
N ARG F 80 4.77 9.10 -50.96
CA ARG F 80 4.04 8.48 -52.09
C ARG F 80 3.29 7.24 -51.65
N ASP F 81 3.36 6.85 -50.38
CA ASP F 81 2.70 5.60 -49.94
C ASP F 81 1.19 5.80 -50.04
N PRO F 82 0.46 5.02 -50.86
CA PRO F 82 -0.97 5.26 -50.98
C PRO F 82 -1.79 5.04 -49.71
N ALA F 83 -1.63 3.90 -49.06
CA ALA F 83 -2.43 3.56 -47.87
C ALA F 83 -1.64 3.67 -46.57
N LYS F 84 -0.35 3.95 -46.61
CA LYS F 84 0.42 4.01 -45.35
C LYS F 84 -0.13 5.13 -44.49
N LEU F 85 -0.56 6.23 -45.09
CA LEU F 85 -1.11 7.36 -44.32
C LEU F 85 -2.45 6.97 -43.68
N ASP F 86 -3.29 6.24 -44.39
CA ASP F 86 -4.60 5.85 -43.85
C ASP F 86 -4.40 4.93 -42.64
N ALA F 87 -3.36 4.09 -42.65
CA ALA F 87 -3.12 3.19 -41.50
C ALA F 87 -2.70 4.01 -40.27
N SER F 88 -1.88 5.02 -40.48
CA SER F 88 -1.39 5.84 -39.34
C SER F 88 -2.56 6.57 -38.68
N ILE F 89 -3.48 7.09 -39.48
CA ILE F 89 -4.60 7.89 -38.89
C ILE F 89 -5.66 6.95 -38.30
N GLN F 90 -5.64 5.67 -38.62
CA GLN F 90 -6.62 4.74 -38.05
C GLN F 90 -6.36 4.50 -36.56
N SER F 91 -5.09 4.44 -36.17
CA SER F 91 -4.74 4.24 -34.74
C SER F 91 -4.53 5.60 -34.06
N PRO F 92 -5.48 6.14 -33.29
CA PRO F 92 -5.27 7.42 -32.66
C PRO F 92 -4.32 7.35 -31.47
N ASN F 93 -3.90 8.51 -30.98
CA ASN F 93 -2.98 8.62 -29.84
C ASN F 93 -3.78 8.97 -28.62
N LEU F 94 -3.98 8.01 -27.73
CA LEU F 94 -4.74 8.23 -26.48
C LEU F 94 -3.80 8.60 -25.35
N GLN F 95 -4.22 9.52 -24.51
CA GLN F 95 -3.41 9.93 -23.36
C GLN F 95 -4.25 10.66 -22.35
N THR F 96 -3.68 10.99 -21.21
CA THR F 96 -4.37 11.72 -20.14
C THR F 96 -3.58 12.98 -19.82
N VAL F 97 -4.26 14.09 -19.65
CA VAL F 97 -3.62 15.37 -19.34
C VAL F 97 -4.32 15.98 -18.13
N ASP F 98 -3.79 17.11 -17.68
CA ASP F 98 -4.36 17.83 -16.53
C ASP F 98 -4.69 19.25 -16.96
N VAL F 99 -5.87 19.70 -16.61
CA VAL F 99 -6.32 21.07 -16.95
C VAL F 99 -6.93 21.72 -15.71
N ALA F 100 -6.87 23.04 -15.65
CA ALA F 100 -7.45 23.79 -14.53
C ALA F 100 -8.42 24.80 -15.09
N ASN F 101 -9.67 24.73 -14.68
CA ASN F 101 -10.71 25.64 -15.17
C ASN F 101 -11.41 26.28 -13.99
N LEU F 102 -11.91 27.49 -14.21
CA LEU F 102 -12.57 28.24 -13.13
C LEU F 102 -13.84 27.51 -12.72
N PRO F 103 -14.41 27.85 -11.57
CA PRO F 103 -15.60 27.18 -11.12
C PRO F 103 -16.74 27.34 -12.12
N SER F 104 -17.80 26.57 -11.90
CA SER F 104 -18.97 26.57 -12.81
C SER F 104 -19.44 27.99 -13.04
N ASP F 105 -19.56 28.80 -12.00
CA ASP F 105 -20.02 30.20 -12.11
C ASP F 105 -18.94 31.13 -11.57
N ALA F 106 -18.00 31.52 -12.42
CA ALA F 106 -16.94 32.46 -12.05
C ALA F 106 -16.39 33.06 -13.32
N ASP F 107 -16.32 34.38 -13.40
CA ASP F 107 -15.84 35.08 -14.62
C ASP F 107 -14.55 35.85 -14.40
N THR F 108 -14.04 35.90 -13.18
CA THR F 108 -12.80 36.66 -12.89
C THR F 108 -11.79 35.78 -12.19
N LEU F 109 -10.56 35.81 -12.65
CA LEU F 109 -9.45 35.04 -12.04
C LEU F 109 -8.66 35.97 -11.15
N LYS F 110 -8.20 35.47 -10.01
CA LYS F 110 -7.42 36.25 -9.05
C LYS F 110 -6.10 35.56 -8.80
N VAL F 111 -5.02 36.32 -8.77
CA VAL F 111 -3.67 35.80 -8.52
C VAL F 111 -3.05 36.64 -7.41
N ARG F 112 -2.56 36.00 -6.36
CA ARG F 112 -1.95 36.72 -5.22
C ARG F 112 -0.54 36.23 -4.97
N PHE F 113 0.43 37.11 -5.01
CA PHE F 113 1.84 36.77 -4.74
C PHE F 113 2.51 37.92 -4.01
N THR F 114 3.43 37.60 -3.11
CA THR F 114 4.16 38.61 -2.32
C THR F 114 5.52 38.90 -2.95
N LEU F 115 6.16 39.97 -2.52
CA LEU F 115 7.49 40.33 -3.01
C LEU F 115 8.28 40.97 -1.87
N ARG F 116 9.54 40.59 -1.75
CA ARG F 116 10.42 41.13 -0.71
C ARG F 116 11.63 41.77 -1.35
N VAL F 117 12.19 42.77 -0.70
CA VAL F 117 13.39 43.48 -1.18
C VAL F 117 14.47 43.26 -0.12
N LEU F 118 15.51 42.53 -0.45
CA LEU F 118 16.55 42.21 0.54
C LEU F 118 17.56 43.35 0.60
N GLY F 119 18.14 43.71 -0.53
CA GLY F 119 19.16 44.78 -0.60
C GLY F 119 20.57 44.24 -0.66
N GLY F 120 21.53 45.15 -0.78
CA GLY F 120 22.95 44.75 -0.95
C GLY F 120 23.20 43.98 -2.23
N ALA F 121 22.63 44.43 -3.35
CA ALA F 121 22.81 43.71 -4.63
C ALA F 121 24.29 43.59 -4.96
N GLY F 122 25.01 44.68 -4.92
CA GLY F 122 26.43 44.64 -5.30
C GLY F 122 27.27 43.87 -4.32
N THR F 123 26.80 43.70 -3.09
CA THR F 123 27.59 43.01 -2.06
C THR F 123 27.75 41.55 -2.49
N PRO F 124 28.97 41.07 -2.77
CA PRO F 124 29.13 39.70 -3.17
C PRO F 124 28.96 38.75 -1.99
N SER F 125 28.29 37.62 -2.21
CA SER F 125 28.09 36.62 -1.15
C SER F 125 29.38 35.88 -0.82
N ALA F 126 30.12 35.46 -1.85
CA ALA F 126 31.40 34.75 -1.65
C ALA F 126 32.41 35.18 -2.68
N CYS F 127 33.62 35.48 -2.25
CA CYS F 127 34.72 35.84 -3.17
C CYS F 127 36.01 35.24 -2.64
N ASN F 128 36.78 34.65 -3.55
CA ASN F 128 38.06 34.04 -3.16
C ASN F 128 39.08 35.08 -2.75
N ASP F 129 39.23 36.14 -3.55
CA ASP F 129 40.23 37.18 -3.28
C ASP F 129 39.56 38.38 -2.63
N ALA F 130 40.22 38.96 -1.65
CA ALA F 130 39.69 40.15 -0.95
C ALA F 130 39.83 41.39 -1.84
N ALA F 131 40.92 41.51 -2.58
CA ALA F 131 41.14 42.70 -3.41
C ALA F 131 40.01 42.85 -4.41
N TYR F 132 39.61 41.75 -5.05
CA TYR F 132 38.53 41.81 -6.05
C TYR F 132 37.24 42.26 -5.38
N ARG F 133 36.93 41.71 -4.22
CA ARG F 133 35.68 42.08 -3.51
C ARG F 133 35.72 43.56 -3.17
N ASP F 134 36.85 44.05 -2.68
CA ASP F 134 36.94 45.48 -2.29
C ASP F 134 36.76 46.35 -3.53
N LYS F 135 37.37 45.98 -4.63
CA LYS F 135 37.26 46.77 -5.86
C LYS F 135 35.81 46.79 -6.32
N LEU F 136 35.14 45.64 -6.24
CA LEU F 136 33.73 45.56 -6.67
C LEU F 136 32.88 46.46 -5.79
N LEU F 137 33.07 46.38 -4.48
CA LEU F 137 32.26 47.21 -3.56
C LEU F 137 32.53 48.69 -3.85
N GLN F 138 33.78 49.04 -4.12
CA GLN F 138 34.12 50.45 -4.40
C GLN F 138 33.41 50.90 -5.66
N THR F 139 33.46 50.10 -6.70
CA THR F 139 32.83 50.47 -7.98
C THR F 139 31.32 50.61 -7.76
N VAL F 140 30.74 49.71 -7.00
CA VAL F 140 29.28 49.77 -6.75
C VAL F 140 28.95 51.05 -5.99
N ALA F 141 29.71 51.37 -4.96
CA ALA F 141 29.43 52.57 -4.17
C ALA F 141 29.57 53.80 -5.07
N THR F 142 30.59 53.81 -5.93
CA THR F 142 30.81 54.95 -6.82
C THR F 142 29.62 55.11 -7.76
N TYR F 143 29.16 54.01 -8.34
CA TYR F 143 28.02 54.07 -9.27
C TYR F 143 26.79 54.58 -8.53
N VAL F 144 26.55 54.06 -7.33
CA VAL F 144 25.35 54.47 -6.56
C VAL F 144 25.45 55.97 -6.28
N ASN F 145 26.62 56.45 -5.89
CA ASN F 145 26.78 57.88 -5.57
C ASN F 145 26.50 58.71 -6.83
N ASP F 146 27.07 58.30 -7.96
CA ASP F 146 26.88 59.07 -9.20
C ASP F 146 25.40 59.10 -9.56
N GLN F 147 24.76 57.94 -9.60
CA GLN F 147 23.33 57.87 -9.92
C GLN F 147 22.74 56.69 -9.18
N GLY F 148 21.52 56.85 -8.70
CA GLY F 148 20.86 55.81 -7.92
C GLY F 148 20.17 54.80 -8.79
N PHE F 149 19.63 53.77 -8.17
CA PHE F 149 18.93 52.70 -8.90
C PHE F 149 17.55 53.14 -9.35
N ALA F 150 17.19 54.41 -9.22
CA ALA F 150 15.84 54.88 -9.55
C ALA F 150 15.44 54.40 -10.94
N GLU F 151 16.37 54.30 -11.88
CA GLU F 151 16.00 53.82 -13.22
C GLU F 151 15.54 52.36 -13.18
N LEU F 152 16.31 51.49 -12.53
CA LEU F 152 15.92 50.07 -12.43
C LEU F 152 14.62 49.96 -11.65
N ALA F 153 14.47 50.72 -10.58
CA ALA F 153 13.25 50.64 -9.76
C ALA F 153 12.06 51.07 -10.59
N ARG F 154 12.22 52.09 -11.41
CA ARG F 154 11.11 52.57 -12.26
C ARG F 154 10.76 51.50 -13.27
N ARG F 155 11.75 50.86 -13.88
CA ARG F 155 11.47 49.81 -14.86
C ARG F 155 10.74 48.65 -14.17
N TYR F 156 11.21 48.23 -13.01
CA TYR F 156 10.57 47.13 -12.27
C TYR F 156 9.14 47.52 -11.91
N ALA F 157 8.91 48.78 -11.57
CA ALA F 157 7.57 49.23 -11.18
C ALA F 157 6.61 48.99 -12.32
N HIS F 158 7.04 49.24 -13.56
CA HIS F 158 6.13 49.03 -14.71
C HIS F 158 5.77 47.55 -14.81
N ASN F 159 6.76 46.66 -14.71
CA ASN F 159 6.47 45.22 -14.82
C ASN F 159 5.53 44.80 -13.70
N LEU F 160 5.75 45.30 -12.49
CA LEU F 160 4.88 44.92 -11.36
C LEU F 160 3.47 45.47 -11.57
N ALA F 161 3.36 46.68 -12.09
CA ALA F 161 2.03 47.30 -12.28
C ALA F 161 1.25 46.55 -13.35
N ASN F 162 1.87 46.34 -14.50
CA ASN F 162 1.17 45.67 -15.61
C ASN F 162 1.18 44.17 -15.33
N ALA F 163 0.55 43.41 -16.20
CA ALA F 163 0.43 41.96 -16.07
C ALA F 163 1.47 41.25 -16.92
N ARG F 164 2.59 41.89 -17.25
CA ARG F 164 3.59 41.26 -18.13
C ARG F 164 4.01 39.92 -17.55
N PHE F 165 3.88 39.73 -16.26
CA PHE F 165 4.27 38.45 -15.63
C PHE F 165 3.45 37.29 -16.20
N LEU F 166 2.17 37.52 -16.48
CA LEU F 166 1.32 36.47 -17.08
C LEU F 166 1.80 36.20 -18.50
N TRP F 167 1.83 34.94 -18.88
CA TRP F 167 2.27 34.58 -20.25
C TRP F 167 1.09 34.35 -21.17
N ARG F 168 0.14 33.53 -20.77
CA ARG F 168 -1.00 33.21 -21.63
C ARG F 168 -2.31 33.65 -21.01
N ASN F 169 -2.37 33.80 -19.71
CA ASN F 169 -3.63 34.21 -19.04
C ASN F 169 -4.01 35.64 -19.45
N ARG F 170 -3.04 36.50 -19.65
CA ARG F 170 -3.30 37.89 -20.03
C ARG F 170 -3.89 37.96 -21.44
N VAL F 171 -3.37 37.18 -22.38
CA VAL F 171 -3.87 37.23 -23.77
C VAL F 171 -5.36 36.94 -23.74
N GLY F 172 -6.15 37.77 -24.40
CA GLY F 172 -7.60 37.59 -24.43
C GLY F 172 -8.25 37.84 -23.09
N ALA F 173 -7.99 39.00 -22.50
CA ALA F 173 -8.60 39.40 -21.22
C ALA F 173 -9.42 40.68 -21.41
N GLU F 174 -10.59 40.73 -20.81
CA GLU F 174 -11.46 41.91 -20.91
C GLU F 174 -10.90 43.06 -20.06
N ALA F 175 -10.66 42.82 -18.79
CA ALA F 175 -10.16 43.85 -17.87
C ALA F 175 -9.19 43.22 -16.89
N VAL F 176 -8.00 43.79 -16.78
CA VAL F 176 -6.98 43.31 -15.81
C VAL F 176 -6.72 44.45 -14.84
N GLU F 177 -6.89 44.20 -13.55
CA GLU F 177 -6.68 45.19 -12.50
C GLU F 177 -5.67 44.65 -11.51
N VAL F 178 -4.57 45.36 -11.32
CA VAL F 178 -3.51 44.96 -10.38
C VAL F 178 -3.57 45.86 -9.17
N ARG F 179 -3.39 45.28 -7.98
CA ARG F 179 -3.38 46.01 -6.72
C ARG F 179 -2.11 45.65 -5.98
N ILE F 180 -1.21 46.61 -5.80
CA ILE F 180 0.08 46.39 -5.11
C ILE F 180 0.00 47.09 -3.77
N ASN F 181 -0.02 46.33 -2.70
CA ASN F 181 -0.06 46.90 -1.34
C ASN F 181 1.34 47.00 -0.78
N HIS F 182 1.48 47.68 0.35
CA HIS F 182 2.77 47.80 1.04
C HIS F 182 2.55 47.49 2.50
N ILE F 183 3.16 46.42 2.98
CA ILE F 183 3.03 46.00 4.40
C ILE F 183 4.37 46.23 5.08
N ARG F 184 4.40 47.13 6.05
CA ARG F 184 5.64 47.44 6.79
C ARG F 184 5.71 46.64 8.08
N GLN F 185 4.71 46.77 8.95
CA GLN F 185 4.68 46.08 10.26
C GLN F 185 3.70 44.92 10.24
N GLY F 186 3.27 44.48 9.07
CA GLY F 186 2.29 43.39 8.97
C GLY F 186 0.90 43.83 8.62
N GLU F 187 0.67 45.12 8.50
CA GLU F 187 -0.65 45.67 8.14
C GLU F 187 -0.52 46.48 6.86
N VAL F 188 -1.63 46.65 6.17
CA VAL F 188 -1.60 47.40 4.89
C VAL F 188 -1.25 48.84 5.24
N ALA F 189 -0.11 49.31 4.74
CA ALA F 189 0.36 50.68 5.01
C ALA F 189 -0.06 51.61 3.88
N ARG F 190 0.31 51.30 2.66
CA ARG F 190 -0.04 52.13 1.49
C ARG F 190 -0.40 51.21 0.34
N ALA F 191 -1.57 51.40 -0.24
CA ALA F 191 -2.05 50.58 -1.36
C ALA F 191 -1.85 51.32 -2.67
N TRP F 192 -1.87 50.58 -3.76
CA TRP F 192 -1.76 51.16 -5.11
C TRP F 192 -2.62 50.32 -6.03
N ARG F 193 -3.27 50.95 -6.99
CA ARG F 193 -4.12 50.23 -7.95
C ARG F 193 -3.79 50.72 -9.35
N PHE F 194 -3.52 49.83 -10.26
CA PHE F 194 -3.15 50.18 -11.63
C PHE F 194 -3.95 49.38 -12.66
N ASP F 195 -3.71 49.66 -13.92
CA ASP F 195 -4.38 48.95 -15.02
C ASP F 195 -3.32 48.46 -16.01
N ALA F 196 -3.22 47.16 -16.20
CA ALA F 196 -2.24 46.60 -17.13
C ALA F 196 -2.60 46.95 -18.57
N LEU F 197 -3.87 46.90 -18.91
CA LEU F 197 -4.29 47.22 -20.30
C LEU F 197 -3.96 48.67 -20.64
N ALA F 198 -4.33 49.59 -19.76
CA ALA F 198 -4.10 51.02 -20.03
C ALA F 198 -2.60 51.27 -20.14
N ILE F 199 -1.81 50.65 -19.28
CA ILE F 199 -0.35 50.85 -19.28
C ILE F 199 0.21 50.17 -20.52
N GLY F 200 1.11 50.85 -21.21
CA GLY F 200 1.67 50.29 -22.44
C GLY F 200 2.57 49.12 -22.13
N LEU F 201 2.48 48.06 -22.93
CA LEU F 201 3.36 46.88 -22.77
C LEU F 201 4.77 47.15 -23.29
N ARG F 202 4.92 47.77 -24.45
CA ARG F 202 6.28 48.01 -25.01
C ARG F 202 6.75 49.45 -24.76
N ASP F 203 5.96 50.25 -24.07
CA ASP F 203 6.32 51.67 -23.81
C ASP F 203 6.26 51.95 -22.32
N PHE F 204 7.22 52.71 -21.81
CA PHE F 204 7.28 53.06 -20.38
C PHE F 204 6.93 54.53 -20.22
N LYS F 205 5.89 54.81 -19.45
CA LYS F 205 5.44 56.18 -19.20
C LYS F 205 5.56 56.50 -17.73
N ALA F 206 5.75 57.77 -17.42
CA ALA F 206 5.93 58.22 -16.03
C ALA F 206 4.58 58.49 -15.36
N ASP F 207 4.50 58.20 -14.07
CA ASP F 207 3.28 58.45 -13.28
C ASP F 207 3.69 58.67 -11.83
N ALA F 208 2.89 59.43 -11.09
CA ALA F 208 3.19 59.71 -9.69
C ALA F 208 3.31 58.40 -8.91
N GLU F 209 2.36 57.49 -9.09
CA GLU F 209 2.40 56.21 -8.37
C GLU F 209 3.64 55.43 -8.77
N LEU F 210 3.98 55.40 -10.05
CA LEU F 210 5.16 54.65 -10.52
C LEU F 210 6.40 55.23 -9.86
N ASP F 211 6.52 56.55 -9.80
CA ASP F 211 7.69 57.18 -9.19
C ASP F 211 7.75 56.82 -7.70
N ALA F 212 6.63 56.86 -7.01
CA ALA F 212 6.61 56.53 -5.58
C ALA F 212 7.06 55.08 -5.38
N LEU F 213 6.56 54.16 -6.21
CA LEU F 213 6.92 52.75 -6.08
C LEU F 213 8.41 52.59 -6.37
N ALA F 214 8.92 53.28 -7.37
CA ALA F 214 10.34 53.16 -7.73
C ALA F 214 11.18 53.66 -6.56
N GLU F 215 10.74 54.73 -5.91
CA GLU F 215 11.50 55.27 -4.76
C GLU F 215 11.50 54.24 -3.64
N LEU F 216 10.35 53.65 -3.37
CA LEU F 216 10.27 52.65 -2.28
C LEU F 216 11.21 51.48 -2.61
N ILE F 217 11.21 51.02 -3.84
CA ILE F 217 12.08 49.89 -4.23
C ILE F 217 13.54 50.30 -4.10
N ALA F 218 13.89 51.49 -4.54
CA ALA F 218 15.30 51.95 -4.46
C ALA F 218 15.71 51.99 -3.00
N SER F 219 14.84 52.47 -2.12
CA SER F 219 15.18 52.55 -0.69
C SER F 219 15.39 51.15 -0.14
N GLY F 220 14.48 50.24 -0.45
CA GLY F 220 14.61 48.87 0.05
C GLY F 220 15.91 48.26 -0.41
N LEU F 221 16.25 48.44 -1.67
CA LEU F 221 17.51 47.87 -2.19
C LEU F 221 18.70 48.52 -1.50
N SER F 222 18.65 49.82 -1.27
CA SER F 222 19.74 50.55 -0.58
C SER F 222 19.83 50.13 0.89
N GLY F 223 18.80 49.49 1.42
CA GLY F 223 18.82 49.02 2.81
C GLY F 223 18.23 50.01 3.81
N SER F 224 17.34 50.89 3.38
CA SER F 224 16.70 51.84 4.31
C SER F 224 15.84 51.10 5.33
N GLY F 225 14.99 50.20 4.86
CA GLY F 225 14.08 49.48 5.75
C GLY F 225 13.49 48.27 5.07
N HIS F 226 12.91 47.36 5.84
CA HIS F 226 12.28 46.17 5.25
C HIS F 226 11.15 46.61 4.34
N VAL F 227 10.99 45.92 3.22
CA VAL F 227 9.90 46.25 2.26
C VAL F 227 9.17 44.98 1.87
N LEU F 228 7.86 44.98 2.00
CA LEU F 228 7.02 43.83 1.60
C LEU F 228 5.88 44.37 0.76
N LEU F 229 5.69 43.80 -0.43
CA LEU F 229 4.62 44.24 -1.33
C LEU F 229 3.76 43.05 -1.72
N GLU F 230 2.48 43.11 -1.42
CA GLU F 230 1.53 42.04 -1.77
C GLU F 230 0.83 42.45 -3.06
N VAL F 231 1.09 41.72 -4.13
CA VAL F 231 0.48 42.02 -5.45
C VAL F 231 -0.69 41.08 -5.64
N VAL F 232 -1.83 41.63 -6.00
CA VAL F 232 -3.05 40.83 -6.26
C VAL F 232 -3.64 41.33 -7.56
N ALA F 233 -3.78 40.45 -8.52
CA ALA F 233 -4.34 40.80 -9.84
C ALA F 233 -5.67 40.13 -10.06
N PHE F 234 -6.55 40.81 -10.78
CA PHE F 234 -7.87 40.29 -11.12
C PHE F 234 -8.04 40.45 -12.61
N ALA F 235 -8.13 39.35 -13.34
CA ALA F 235 -8.28 39.36 -14.80
C ALA F 235 -9.61 38.76 -15.21
N ARG F 236 -10.35 39.43 -16.09
CA ARG F 236 -11.64 38.91 -16.56
C ARG F 236 -11.36 37.98 -17.73
N ILE F 237 -11.69 36.71 -17.58
CA ILE F 237 -11.45 35.69 -18.64
C ILE F 237 -12.78 35.17 -19.17
N GLY F 238 -13.61 34.61 -18.30
CA GLY F 238 -14.90 34.09 -18.72
C GLY F 238 -15.34 32.94 -17.85
N ASP F 239 -16.60 32.60 -17.92
CA ASP F 239 -17.16 31.50 -17.13
C ASP F 239 -16.60 30.17 -17.61
N GLY F 240 -16.13 29.35 -16.70
CA GLY F 240 -15.66 28.01 -17.08
C GLY F 240 -14.42 28.01 -17.93
N GLN F 241 -13.71 29.12 -18.05
CA GLN F 241 -12.52 29.17 -18.90
C GLN F 241 -11.43 28.28 -18.34
N GLU F 242 -10.38 28.08 -19.13
CA GLU F 242 -9.26 27.22 -18.75
C GLU F 242 -8.01 28.05 -18.54
N VAL F 243 -7.50 28.06 -17.32
CA VAL F 243 -6.26 28.79 -16.99
C VAL F 243 -5.06 27.94 -17.40
N PHE F 244 -3.91 28.58 -17.60
CA PHE F 244 -2.68 27.90 -18.05
C PHE F 244 -1.63 28.04 -16.96
N PRO F 245 -1.67 27.22 -15.89
CA PRO F 245 -0.65 27.26 -14.88
C PRO F 245 0.68 26.71 -15.35
N SER F 246 1.70 26.75 -14.49
CA SER F 246 3.04 26.28 -14.87
C SER F 246 3.06 24.76 -14.83
N GLN F 247 3.40 24.13 -15.94
CA GLN F 247 3.41 22.67 -16.01
C GLN F 247 4.58 22.14 -15.19
N GLU F 248 4.34 21.05 -14.50
CA GLU F 248 5.36 20.39 -13.66
C GLU F 248 5.65 19.00 -14.21
N LEU F 249 6.85 18.51 -13.91
CA LEU F 249 7.29 17.18 -14.35
C LEU F 249 7.40 16.26 -13.13
N ILE F 250 6.92 15.04 -13.28
CA ILE F 250 7.01 14.05 -12.19
C ILE F 250 8.45 13.57 -12.03
N LEU F 251 9.12 13.28 -13.13
CA LEU F 251 10.55 12.85 -13.11
C LEU F 251 10.66 11.54 -12.34
N ASP F 252 9.58 10.77 -12.27
CA ASP F 252 9.58 9.48 -11.54
C ASP F 252 8.93 8.45 -12.45
N LYS F 253 9.60 7.32 -12.64
CA LYS F 253 9.02 6.23 -13.46
C LYS F 253 7.75 5.71 -12.80
N GLY F 254 7.71 5.76 -11.46
CA GLY F 254 6.51 5.30 -10.74
C GLY F 254 6.19 3.88 -11.11
N ASP F 255 4.99 3.63 -11.62
CA ASP F 255 4.56 2.25 -11.96
C ASP F 255 5.15 1.79 -13.29
N LYS F 256 5.77 2.69 -14.07
CA LYS F 256 6.37 2.35 -15.37
C LYS F 256 5.29 1.83 -16.32
N LYS F 257 4.04 2.21 -16.09
CA LYS F 257 2.91 1.79 -16.94
C LYS F 257 2.24 3.04 -17.49
N GLY F 258 1.14 2.87 -18.22
CA GLY F 258 0.43 4.01 -18.79
C GLY F 258 -0.07 4.93 -17.68
N GLN F 259 0.27 6.20 -17.76
CA GLN F 259 -0.13 7.20 -16.75
C GLN F 259 -0.29 8.54 -17.47
N LYS F 260 -0.55 9.59 -16.71
CA LYS F 260 -0.75 10.92 -17.32
C LYS F 260 0.54 11.45 -17.92
N SER F 261 0.40 12.40 -18.84
CA SER F 261 1.57 13.01 -19.52
C SER F 261 1.76 14.47 -19.11
N LYS F 262 0.71 15.27 -19.19
CA LYS F 262 0.80 16.70 -18.81
C LYS F 262 0.39 16.84 -17.36
N THR F 263 1.31 17.32 -16.53
CA THR F 263 1.06 17.51 -15.10
C THR F 263 1.24 18.97 -14.76
N LEU F 264 0.20 19.60 -14.24
CA LEU F 264 0.23 21.02 -13.89
C LEU F 264 0.70 21.17 -12.45
N TYR F 265 1.54 22.15 -12.21
CA TYR F 265 2.07 22.40 -10.86
C TYR F 265 0.94 22.83 -9.96
N SER F 266 0.78 22.13 -8.85
CA SER F 266 -0.28 22.43 -7.86
C SER F 266 0.26 22.26 -6.46
N VAL F 267 -0.06 23.19 -5.57
CA VAL F 267 0.37 23.14 -4.16
C VAL F 267 -0.88 23.19 -3.30
N ARG F 268 -0.95 22.33 -2.28
CA ARG F 268 -2.10 22.30 -1.36
C ARG F 268 -3.39 22.26 -2.16
N ASP F 269 -3.43 21.41 -3.18
CA ASP F 269 -4.63 21.26 -4.04
C ASP F 269 -5.02 22.61 -4.63
N ALA F 270 -4.04 23.45 -4.93
CA ALA F 270 -4.30 24.77 -5.53
C ALA F 270 -3.24 25.01 -6.60
N ALA F 271 -3.67 25.56 -7.73
CA ALA F 271 -2.75 25.86 -8.84
C ALA F 271 -1.91 27.07 -8.47
N ALA F 272 -0.69 27.12 -8.99
CA ALA F 272 0.19 28.26 -8.73
C ALA F 272 1.23 28.38 -9.81
N ILE F 273 2.06 29.39 -9.73
CA ILE F 273 3.13 29.67 -10.70
C ILE F 273 4.45 29.61 -9.95
N HIS F 274 5.47 29.10 -10.58
CA HIS F 274 6.78 28.96 -9.95
C HIS F 274 7.35 30.31 -9.56
N SER F 275 8.08 30.35 -8.46
CA SER F 275 8.71 31.58 -7.98
C SER F 275 9.67 32.12 -9.04
N GLN F 276 10.52 31.27 -9.56
CA GLN F 276 11.51 31.71 -10.58
C GLN F 276 10.76 32.10 -11.83
N LYS F 277 9.70 31.39 -12.15
CA LYS F 277 8.94 31.71 -13.37
C LYS F 277 8.33 33.09 -13.28
N ILE F 278 7.98 33.52 -12.09
CA ILE F 278 7.43 34.88 -11.89
C ILE F 278 8.55 35.91 -11.85
N GLY F 279 9.60 35.63 -11.12
CA GLY F 279 10.74 36.55 -10.99
C GLY F 279 11.46 36.75 -12.29
N ASN F 280 11.31 35.83 -13.23
CA ASN F 280 11.97 35.99 -14.55
C ASN F 280 11.24 37.02 -15.38
N ALA F 281 9.92 36.92 -15.45
CA ALA F 281 9.12 37.87 -16.21
C ALA F 281 9.17 39.24 -15.55
N LEU F 282 9.12 39.28 -14.23
CA LEU F 282 9.13 40.56 -13.49
C LEU F 282 10.38 41.35 -13.82
N ARG F 283 11.49 40.71 -14.16
CA ARG F 283 12.75 41.39 -14.43
C ARG F 283 12.96 41.62 -15.92
N THR F 284 11.90 41.63 -16.71
CA THR F 284 12.00 41.89 -18.17
C THR F 284 12.13 43.40 -18.38
N ILE F 285 13.30 43.92 -18.09
CA ILE F 285 13.58 45.36 -18.25
C ILE F 285 14.54 45.60 -19.41
N ASP F 286 15.57 44.78 -19.53
CA ASP F 286 16.60 45.00 -20.56
C ASP F 286 15.98 45.12 -21.94
N THR F 287 16.18 46.25 -22.59
CA THR F 287 15.67 46.51 -23.94
C THR F 287 16.71 47.18 -24.84
N TRP F 288 17.94 47.33 -24.36
CA TRP F 288 19.02 47.99 -25.13
C TRP F 288 19.80 46.97 -25.98
N TYR F 289 19.22 45.83 -26.28
CA TYR F 289 19.91 44.81 -27.07
C TYR F 289 20.48 45.46 -28.34
N PRO F 290 21.70 45.09 -28.76
CA PRO F 290 22.26 45.68 -29.97
C PRO F 290 21.58 45.25 -31.27
N ASP F 291 21.06 44.03 -31.31
CA ASP F 291 20.47 43.52 -32.56
C ASP F 291 19.41 44.49 -33.07
N GLU F 292 18.41 44.81 -32.25
CA GLU F 292 17.38 45.78 -32.66
C GLU F 292 16.46 46.03 -31.49
N ASP F 293 15.59 47.02 -31.62
CA ASP F 293 14.61 47.36 -30.57
C ASP F 293 13.21 46.91 -30.99
N GLY F 294 13.07 46.09 -32.03
CA GLY F 294 11.74 45.62 -32.42
C GLY F 294 11.11 44.78 -31.34
N LEU F 295 11.84 43.83 -30.77
CA LEU F 295 11.30 42.98 -29.70
C LEU F 295 11.15 43.81 -28.43
N GLY F 296 10.15 43.50 -27.64
CA GLY F 296 9.89 44.24 -26.40
C GLY F 296 10.81 43.79 -25.31
N PRO F 297 10.48 44.04 -24.03
CA PRO F 297 11.36 43.66 -22.96
C PRO F 297 11.64 42.16 -22.94
N ILE F 298 12.90 41.80 -22.70
CA ILE F 298 13.31 40.39 -22.63
C ILE F 298 13.95 40.15 -21.27
N ALA F 299 13.59 39.05 -20.62
CA ALA F 299 14.10 38.72 -19.29
C ALA F 299 15.62 38.80 -19.31
N VAL F 300 16.16 39.44 -18.28
CA VAL F 300 17.64 39.56 -18.16
C VAL F 300 18.21 38.18 -17.85
N GLU F 301 19.10 37.72 -18.70
CA GLU F 301 19.76 36.42 -18.49
C GLU F 301 21.17 36.53 -19.07
N PRO F 302 22.15 35.81 -18.55
CA PRO F 302 23.49 35.87 -19.11
C PRO F 302 23.46 35.48 -20.60
N TYR F 303 24.27 36.13 -21.40
CA TYR F 303 24.35 35.86 -22.85
C TYR F 303 23.04 36.22 -23.54
N GLY F 304 22.14 36.93 -22.87
CA GLY F 304 20.88 37.35 -23.49
C GLY F 304 20.18 36.21 -24.19
N SER F 305 20.23 35.03 -23.61
CA SER F 305 19.60 33.85 -24.22
C SER F 305 18.09 33.98 -24.16
N VAL F 306 17.42 33.58 -25.23
CA VAL F 306 15.94 33.57 -25.28
C VAL F 306 15.49 32.21 -25.80
N THR F 307 14.68 31.52 -25.03
CA THR F 307 14.18 30.19 -25.45
C THR F 307 13.17 30.33 -26.57
N SER F 308 12.24 31.27 -26.45
CA SER F 308 11.18 31.43 -27.47
C SER F 308 11.81 31.78 -28.82
N GLN F 309 12.74 32.71 -28.85
CA GLN F 309 13.37 33.15 -30.11
C GLN F 309 14.44 32.14 -30.56
N GLY F 310 14.82 31.20 -29.72
CA GLY F 310 15.82 30.18 -30.07
C GLY F 310 17.17 30.78 -30.37
N LYS F 311 17.36 32.05 -30.07
CA LYS F 311 18.65 32.72 -30.32
C LYS F 311 19.01 33.55 -29.11
N ALA F 312 20.31 33.76 -28.92
CA ALA F 312 20.82 34.51 -27.76
C ALA F 312 21.45 35.79 -28.24
N TYR F 313 20.85 36.92 -27.89
CA TYR F 313 21.40 38.22 -28.29
C TYR F 313 22.60 38.52 -27.41
N ARG F 314 23.36 39.53 -27.79
CA ARG F 314 24.56 39.92 -27.01
C ARG F 314 25.57 38.76 -26.98
N GLN F 315 25.84 38.18 -28.13
CA GLN F 315 26.80 37.06 -28.25
C GLN F 315 28.14 37.48 -27.67
N PRO F 316 29.02 36.55 -27.27
CA PRO F 316 30.29 36.91 -26.69
C PRO F 316 31.23 37.63 -27.65
N LYS F 317 31.01 37.53 -28.95
CA LYS F 317 31.89 38.19 -29.94
C LYS F 317 31.84 39.70 -29.71
N GLN F 318 30.69 40.23 -29.35
CA GLN F 318 30.54 41.67 -29.12
C GLN F 318 31.12 42.04 -27.75
N LYS F 319 31.49 43.30 -27.59
CA LYS F 319 32.06 43.79 -26.33
C LYS F 319 30.96 44.10 -25.33
N LEU F 320 29.69 44.04 -25.73
CA LEU F 320 28.58 44.39 -24.82
C LEU F 320 28.26 43.24 -23.87
N ASP F 321 28.92 42.10 -24.01
CA ASP F 321 28.65 40.94 -23.12
C ASP F 321 28.78 41.35 -21.66
N PHE F 322 27.96 40.77 -20.78
CA PHE F 322 28.01 41.12 -19.36
C PHE F 322 29.37 40.80 -18.76
N TYR F 323 29.85 39.59 -18.96
CA TYR F 323 31.16 39.20 -18.39
C TYR F 323 32.27 40.12 -18.91
N THR F 324 32.30 40.38 -20.20
CA THR F 324 33.35 41.22 -20.78
C THR F 324 33.25 42.62 -20.19
N LEU F 325 32.04 43.18 -20.14
CA LEU F 325 31.88 44.55 -19.61
C LEU F 325 32.35 44.62 -18.16
N LEU F 326 31.97 43.63 -17.34
CA LEU F 326 32.37 43.66 -15.92
C LEU F 326 33.89 43.50 -15.81
N ASP F 327 34.46 42.60 -16.59
CA ASP F 327 35.91 42.37 -16.52
C ASP F 327 36.63 43.66 -16.88
N ASN F 328 36.18 44.34 -17.93
CA ASN F 328 36.85 45.59 -18.36
C ASN F 328 36.68 46.66 -17.28
N TRP F 329 35.47 46.84 -16.80
CA TRP F 329 35.19 47.91 -15.81
C TRP F 329 35.84 47.61 -14.48
N VAL F 330 36.31 46.38 -14.27
CA VAL F 330 36.95 46.03 -12.99
C VAL F 330 38.47 46.09 -13.14
N LEU F 331 39.02 45.32 -14.07
CA LEU F 331 40.48 45.29 -14.24
C LEU F 331 40.98 46.61 -14.83
N ARG F 332 40.39 47.08 -15.92
CA ARG F 332 40.86 48.32 -16.58
C ARG F 332 40.12 49.55 -16.07
N ASP F 333 39.11 49.38 -15.22
CA ASP F 333 38.34 50.52 -14.68
C ASP F 333 37.71 51.33 -15.79
N GLU F 334 37.33 50.66 -16.89
CA GLU F 334 36.70 51.36 -18.02
C GLU F 334 35.20 51.40 -17.79
N ALA F 335 34.66 52.58 -17.56
CA ALA F 335 33.23 52.74 -17.31
C ALA F 335 32.51 52.71 -18.66
N PRO F 336 31.63 51.72 -18.91
CA PRO F 336 30.93 51.66 -20.17
C PRO F 336 29.76 52.63 -20.19
N ALA F 337 29.04 52.65 -21.31
CA ALA F 337 27.91 53.56 -21.48
C ALA F 337 26.91 53.34 -20.36
N VAL F 338 26.13 54.37 -20.06
CA VAL F 338 25.13 54.28 -18.97
C VAL F 338 24.25 53.07 -19.20
N GLU F 339 23.90 52.77 -20.44
CA GLU F 339 23.03 51.63 -20.74
C GLU F 339 23.71 50.33 -20.29
N GLN F 340 24.96 50.15 -20.68
CA GLN F 340 25.69 48.94 -20.29
C GLN F 340 25.82 48.85 -18.78
N GLN F 341 26.09 49.98 -18.11
CA GLN F 341 26.21 49.97 -16.64
C GLN F 341 24.89 49.54 -16.03
N HIS F 342 23.79 50.01 -16.56
CA HIS F 342 22.46 49.64 -16.02
C HIS F 342 22.25 48.14 -16.21
N TYR F 343 22.58 47.62 -17.36
CA TYR F 343 22.39 46.18 -17.63
C TYR F 343 23.27 45.37 -16.67
N VAL F 344 24.48 45.83 -16.43
CA VAL F 344 25.41 45.10 -15.53
C VAL F 344 24.86 45.11 -14.12
N ILE F 345 24.33 46.24 -13.68
CA ILE F 345 23.76 46.33 -12.32
C ILE F 345 22.55 45.43 -12.23
N ALA F 346 21.77 45.34 -13.30
CA ALA F 346 20.57 44.48 -13.29
C ALA F 346 21.01 43.03 -13.14
N ASN F 347 22.06 42.65 -13.83
CA ASN F 347 22.55 41.25 -13.75
C ASN F 347 23.01 40.97 -12.32
N LEU F 348 23.74 41.89 -11.72
CA LEU F 348 24.24 41.69 -10.34
C LEU F 348 23.04 41.59 -9.39
N ILE F 349 22.00 42.36 -9.62
CA ILE F 349 20.80 42.31 -8.77
C ILE F 349 20.14 40.94 -8.92
N ARG F 350 20.04 40.44 -10.14
CA ARG F 350 19.43 39.12 -10.38
C ARG F 350 20.26 38.05 -9.70
N GLY F 351 21.56 38.22 -9.68
CA GLY F 351 22.45 37.27 -9.01
C GLY F 351 22.82 36.12 -9.91
N GLY F 352 23.78 35.33 -9.46
CA GLY F 352 24.23 34.19 -10.24
C GLY F 352 25.51 33.61 -9.75
N VAL F 353 26.11 32.75 -10.57
CA VAL F 353 27.42 32.15 -10.27
C VAL F 353 28.40 32.56 -11.36
N PHE F 354 29.39 33.37 -11.01
CA PHE F 354 30.40 33.86 -11.95
C PHE F 354 31.77 33.33 -11.57
N GLY F 355 32.68 33.41 -12.52
CA GLY F 355 34.06 32.94 -12.29
C GLY F 355 34.22 31.44 -12.45
N GLU F 356 33.22 30.75 -12.97
CA GLU F 356 33.29 29.29 -13.12
C GLU F 356 34.53 28.92 -13.93
N ALA F 357 35.27 27.94 -13.44
CA ALA F 357 36.50 27.48 -14.12
C ALA F 357 36.84 26.07 -13.65
N LEU G 24 59.91 15.81 26.64
CA LEU G 24 58.44 15.64 26.77
C LEU G 24 57.78 15.99 25.45
N SER G 25 57.79 15.07 24.50
CA SER G 25 57.15 15.31 23.18
C SER G 25 55.64 15.19 23.29
N THR G 26 54.94 15.52 22.22
CA THR G 26 53.48 15.45 22.20
C THR G 26 52.99 14.02 21.99
N ALA G 27 51.69 13.81 22.13
CA ALA G 27 51.08 12.49 21.96
C ALA G 27 50.59 12.35 20.53
N SER G 28 50.97 11.28 19.85
CA SER G 28 50.58 11.07 18.45
C SER G 28 49.06 10.99 18.32
N VAL G 29 48.37 10.62 19.39
CA VAL G 29 46.90 10.49 19.39
C VAL G 29 46.34 11.41 20.46
N LEU G 30 45.63 12.44 20.03
CA LEU G 30 45.00 13.40 20.97
C LEU G 30 43.62 13.75 20.44
N ALA G 31 42.63 13.68 21.31
CA ALA G 31 41.24 14.00 20.92
C ALA G 31 40.54 14.69 22.07
N PHE G 32 39.67 15.64 21.75
CA PHE G 32 38.89 16.37 22.77
C PHE G 32 37.43 16.39 22.34
N GLU G 33 36.57 15.82 23.16
CA GLU G 33 35.13 15.76 22.83
C GLU G 33 34.58 17.18 22.80
N ARG G 34 33.71 17.43 21.85
CA ARG G 34 33.14 18.78 21.70
C ARG G 34 32.20 19.09 22.85
N LYS G 35 32.10 20.36 23.19
CA LYS G 35 31.22 20.84 24.28
C LYS G 35 30.18 21.76 23.67
N LEU G 36 29.13 22.03 24.41
CA LEU G 36 28.03 22.88 23.89
C LEU G 36 27.50 22.30 22.59
N ASP G 37 27.06 21.05 22.64
CA ASP G 37 26.54 20.37 21.45
C ASP G 37 25.03 20.49 21.44
N PRO G 38 24.43 21.29 20.54
CA PRO G 38 22.99 21.38 20.50
C PRO G 38 22.36 20.23 19.72
N SER G 39 21.05 20.25 19.61
CA SER G 39 20.28 19.21 18.90
C SER G 39 19.72 19.80 17.63
N ASP G 40 18.95 19.01 16.92
CA ASP G 40 18.36 19.46 15.64
C ASP G 40 17.42 20.61 15.91
N ALA G 41 17.23 21.45 14.89
CA ALA G 41 16.33 22.60 14.99
C ALA G 41 15.10 22.38 14.13
N LEU G 42 13.96 22.17 14.76
CA LEU G 42 12.71 21.98 14.03
C LEU G 42 12.17 23.33 13.59
N MET G 43 11.37 23.34 12.53
CA MET G 43 10.78 24.58 12.01
C MET G 43 9.29 24.46 11.82
N SER G 44 8.59 25.57 11.89
CA SER G 44 7.14 25.63 11.72
C SER G 44 6.75 27.04 11.29
N ALA G 45 5.48 27.25 11.00
CA ALA G 45 4.97 28.56 10.59
C ALA G 45 3.76 28.94 11.41
N GLY G 46 3.46 30.22 11.43
CA GLY G 46 2.31 30.69 12.20
C GLY G 46 2.09 32.18 12.04
N ALA G 47 1.16 32.71 12.81
CA ALA G 47 0.84 34.14 12.81
C ALA G 47 1.57 34.83 13.95
N TRP G 48 2.15 35.99 13.68
CA TRP G 48 2.87 36.75 14.72
C TRP G 48 1.97 37.01 15.91
N ALA G 49 0.67 37.17 15.69
CA ALA G 49 -0.27 37.43 16.81
C ALA G 49 -0.28 36.23 17.74
N GLN G 50 -0.35 35.02 17.20
CA GLN G 50 -0.43 33.80 18.02
C GLN G 50 0.93 33.50 18.68
N ARG G 51 1.94 34.34 18.47
CA ARG G 51 3.29 34.08 19.01
C ARG G 51 3.20 33.64 20.47
N ASP G 52 2.32 34.23 21.27
CA ASP G 52 2.21 33.88 22.69
C ASP G 52 1.91 32.38 22.80
N ALA G 53 1.03 31.86 21.94
CA ALA G 53 0.68 30.43 21.94
C ALA G 53 1.17 29.82 20.64
N SER G 54 2.25 29.05 20.70
CA SER G 54 2.85 28.42 19.50
C SER G 54 3.01 26.93 19.79
N GLN G 55 1.96 26.16 19.50
CA GLN G 55 2.02 24.70 19.67
C GLN G 55 1.05 24.06 18.69
N GLU G 56 1.40 22.89 18.17
CA GLU G 56 0.56 22.13 17.22
C GLU G 56 0.69 22.70 15.81
N TRP G 57 1.50 23.74 15.62
CA TRP G 57 1.60 24.34 14.27
C TRP G 57 2.14 23.32 13.30
N PRO G 58 1.54 23.12 12.12
CA PRO G 58 2.04 22.12 11.22
C PRO G 58 3.39 22.52 10.64
N ALA G 59 4.28 21.55 10.50
CA ALA G 59 5.63 21.80 10.00
C ALA G 59 5.59 22.08 8.52
N VAL G 60 6.65 22.70 8.02
CA VAL G 60 6.75 22.96 6.57
C VAL G 60 7.31 21.72 5.89
N THR G 61 6.54 21.09 5.02
CA THR G 61 6.97 19.87 4.33
C THR G 61 7.61 20.27 3.01
N VAL G 62 8.75 19.67 2.72
CA VAL G 62 9.44 19.94 1.45
C VAL G 62 8.63 19.40 0.28
N ARG G 63 8.71 20.07 -0.86
CA ARG G 63 8.01 19.61 -2.07
C ARG G 63 8.92 19.78 -3.28
N GLU G 64 8.53 19.23 -4.40
CA GLU G 64 9.32 19.29 -5.64
C GLU G 64 8.63 20.15 -6.68
N LYS G 65 9.41 20.89 -7.44
CA LYS G 65 8.90 21.71 -8.54
C LYS G 65 9.88 21.70 -9.70
N SER G 66 9.39 21.60 -10.91
CA SER G 66 10.25 21.58 -12.10
C SER G 66 10.84 22.94 -12.34
N VAL G 67 12.10 22.97 -12.75
CA VAL G 67 12.77 24.25 -13.10
C VAL G 67 13.55 24.07 -14.39
N ARG G 68 13.34 24.93 -15.36
CA ARG G 68 14.02 24.81 -16.66
C ARG G 68 15.43 25.32 -16.51
N GLY G 69 16.39 24.44 -16.71
CA GLY G 69 17.79 24.82 -16.58
C GLY G 69 18.21 25.76 -17.67
N THR G 70 19.15 26.61 -17.37
CA THR G 70 19.67 27.59 -18.34
C THR G 70 21.18 27.60 -18.27
N ILE G 71 21.79 28.15 -19.31
CA ILE G 71 23.25 28.26 -19.37
C ILE G 71 23.66 29.64 -18.84
N SER G 72 24.06 29.67 -17.58
CA SER G 72 24.48 30.91 -16.92
C SER G 72 25.96 30.85 -16.59
N ASN G 73 26.62 29.73 -16.80
CA ASN G 73 28.05 29.61 -16.45
C ASN G 73 28.87 30.42 -17.43
N ARG G 74 30.09 30.77 -17.05
CA ARG G 74 30.97 31.56 -17.91
C ARG G 74 31.72 30.59 -18.81
N LEU G 75 31.31 30.53 -20.07
CA LEU G 75 31.94 29.63 -21.04
C LEU G 75 33.15 30.32 -21.67
N LYS G 76 34.15 29.53 -22.03
CA LYS G 76 35.35 30.09 -22.65
C LYS G 76 34.98 30.62 -24.03
N THR G 77 35.28 31.87 -24.30
CA THR G 77 34.97 32.46 -25.62
C THR G 77 35.76 31.73 -26.71
N LYS G 78 36.96 31.27 -26.41
CA LYS G 78 37.79 30.57 -27.41
C LYS G 78 37.09 29.28 -27.85
N ASP G 79 36.58 28.50 -26.91
CA ASP G 79 35.89 27.24 -27.23
C ASP G 79 34.49 27.50 -27.77
N ARG G 80 33.81 28.48 -27.20
CA ARG G 80 32.43 28.80 -27.60
C ARG G 80 32.41 29.57 -28.90
N ASP G 81 31.29 29.49 -29.62
CA ASP G 81 31.13 30.18 -30.91
C ASP G 81 29.65 30.57 -31.07
N PRO G 82 29.27 31.38 -32.07
CA PRO G 82 27.88 31.77 -32.18
C PRO G 82 26.93 30.59 -32.38
N ALA G 83 27.28 29.66 -33.25
CA ALA G 83 26.44 28.47 -33.50
C ALA G 83 26.43 27.56 -32.27
N LYS G 84 27.58 27.37 -31.65
CA LYS G 84 27.66 26.46 -30.49
C LYS G 84 26.69 26.95 -29.41
N LEU G 85 26.58 28.26 -29.24
CA LEU G 85 25.68 28.78 -28.18
C LEU G 85 24.23 28.50 -28.53
N ASP G 86 23.81 28.80 -29.76
CA ASP G 86 22.42 28.55 -30.14
C ASP G 86 22.09 27.06 -30.02
N ALA G 87 23.08 26.19 -30.15
CA ALA G 87 22.84 24.74 -30.03
C ALA G 87 22.48 24.36 -28.60
N SER G 88 23.24 24.87 -27.63
CA SER G 88 22.98 24.52 -26.21
C SER G 88 21.62 25.06 -25.77
N ILE G 89 21.36 26.33 -26.04
CA ILE G 89 20.08 26.94 -25.58
C ILE G 89 18.91 26.29 -26.33
N GLN G 90 19.17 25.65 -27.47
CA GLN G 90 18.08 25.02 -28.23
C GLN G 90 17.48 23.88 -27.42
N SER G 91 18.34 23.04 -26.81
CA SER G 91 17.84 21.89 -26.01
C SER G 91 18.30 22.12 -24.57
N PRO G 92 17.55 22.85 -23.74
CA PRO G 92 17.98 23.10 -22.40
C PRO G 92 17.95 21.84 -21.54
N ASN G 93 18.83 21.80 -20.55
CA ASN G 93 18.93 20.64 -19.64
C ASN G 93 17.98 20.88 -18.47
N LEU G 94 16.96 20.06 -18.36
CA LEU G 94 15.97 20.20 -17.27
C LEU G 94 16.59 19.69 -15.98
N GLN G 95 16.26 20.36 -14.87
CA GLN G 95 16.80 19.99 -13.56
C GLN G 95 15.71 20.17 -12.52
N THR G 96 15.52 19.18 -11.67
CA THR G 96 14.51 19.23 -10.60
C THR G 96 15.17 19.64 -9.28
N VAL G 97 14.53 20.53 -8.56
CA VAL G 97 15.05 21.03 -7.27
C VAL G 97 13.96 20.90 -6.24
N ASP G 98 14.32 21.13 -4.99
CA ASP G 98 13.37 21.06 -3.87
C ASP G 98 13.33 22.40 -3.16
N VAL G 99 12.13 22.86 -2.87
CA VAL G 99 11.95 24.15 -2.18
C VAL G 99 10.96 23.96 -1.06
N ALA G 100 11.06 24.79 -0.02
CA ALA G 100 10.15 24.74 1.12
C ALA G 100 9.56 26.12 1.33
N ASN G 101 8.25 26.21 1.34
CA ASN G 101 7.57 27.50 1.51
C ASN G 101 6.58 27.40 2.65
N LEU G 102 6.33 28.52 3.30
CA LEU G 102 5.44 28.55 4.45
C LEU G 102 4.02 28.21 4.00
N PRO G 103 3.13 27.87 4.91
CA PRO G 103 1.77 27.55 4.54
C PRO G 103 1.09 28.70 3.80
N SER G 104 -0.05 28.39 3.20
CA SER G 104 -0.80 29.38 2.41
C SER G 104 -1.00 30.67 3.21
N ASP G 105 -1.42 30.56 4.47
CA ASP G 105 -1.65 31.73 5.34
C ASP G 105 -0.73 31.65 6.55
N ALA G 106 0.48 32.18 6.45
CA ALA G 106 1.44 32.22 7.55
C ALA G 106 2.48 33.28 7.25
N ASP G 107 2.71 34.19 8.18
CA ASP G 107 3.66 35.31 7.98
C ASP G 107 4.84 35.24 8.93
N THR G 108 4.87 34.31 9.86
CA THR G 108 5.98 34.20 10.84
C THR G 108 6.55 32.80 10.83
N LEU G 109 7.86 32.69 10.77
CA LEU G 109 8.55 31.39 10.82
C LEU G 109 9.04 31.15 12.24
N LYS G 110 8.96 29.91 12.70
CA LYS G 110 9.40 29.53 14.06
C LYS G 110 10.45 28.45 13.97
N VAL G 111 11.48 28.56 14.78
CA VAL G 111 12.59 27.58 14.85
C VAL G 111 12.80 27.24 16.31
N ARG G 112 12.86 25.95 16.63
CA ARG G 112 13.06 25.49 18.02
C ARG G 112 14.20 24.51 18.09
N PHE G 113 15.20 24.81 18.91
CA PHE G 113 16.35 23.93 19.11
C PHE G 113 16.84 24.01 20.54
N THR G 114 17.29 22.90 21.08
CA THR G 114 17.82 22.84 22.46
C THR G 114 19.34 22.94 22.49
N LEU G 115 19.88 23.21 23.66
CA LEU G 115 21.35 23.27 23.82
C LEU G 115 21.70 22.71 25.20
N ARG G 116 22.78 21.94 25.25
CA ARG G 116 23.26 21.36 26.51
C ARG G 116 24.69 21.81 26.79
N VAL G 117 25.03 21.86 28.06
CA VAL G 117 26.40 22.24 28.51
C VAL G 117 27.00 21.02 29.19
N LEU G 118 28.00 20.42 28.59
CA LEU G 118 28.60 19.20 29.18
C LEU G 118 29.64 19.59 30.25
N GLY G 119 30.61 20.42 29.90
CA GLY G 119 31.68 20.82 30.80
C GLY G 119 32.94 20.01 30.66
N GLY G 120 33.95 20.35 31.44
CA GLY G 120 35.26 19.67 31.34
C GLY G 120 35.93 19.86 29.99
N ALA G 121 35.92 21.07 29.46
CA ALA G 121 36.53 21.34 28.14
C ALA G 121 38.00 20.93 28.15
N GLY G 122 38.74 21.36 29.13
CA GLY G 122 40.18 21.07 29.16
C GLY G 122 40.46 19.60 29.38
N THR G 123 39.52 18.86 29.97
CA THR G 123 39.76 17.45 30.27
C THR G 123 39.93 16.71 28.94
N PRO G 124 41.10 16.13 28.65
CA PRO G 124 41.28 15.41 27.41
C PRO G 124 40.57 14.06 27.45
N SER G 125 39.96 13.68 26.32
CA SER G 125 39.27 12.39 26.22
C SER G 125 40.24 11.22 26.10
N ALA G 126 41.27 11.36 25.29
CA ALA G 126 42.30 10.31 25.12
C ALA G 126 43.68 10.92 24.95
N CYS G 127 44.68 10.35 25.62
CA CYS G 127 46.06 10.83 25.47
C CYS G 127 47.01 9.66 25.58
N ASN G 128 48.00 9.60 24.70
CA ASN G 128 48.99 8.51 24.72
C ASN G 128 49.89 8.59 25.95
N ASP G 129 50.41 9.77 26.23
CA ASP G 129 51.34 9.97 27.36
C ASP G 129 50.59 10.58 28.53
N ALA G 130 50.88 10.12 29.73
CA ALA G 130 50.23 10.65 30.95
C ALA G 130 50.80 12.02 31.31
N ALA G 131 52.11 12.22 31.11
CA ALA G 131 52.73 13.49 31.47
C ALA G 131 52.06 14.63 30.70
N TYR G 132 51.79 14.43 29.43
CA TYR G 132 51.16 15.48 28.60
C TYR G 132 49.77 15.79 29.18
N ARG G 133 49.01 14.77 29.51
CA ARG G 133 47.65 14.98 30.04
C ARG G 133 47.73 15.75 31.36
N ASP G 134 48.67 15.39 32.22
CA ASP G 134 48.78 16.08 33.52
C ASP G 134 49.16 17.53 33.28
N LYS G 135 50.09 17.79 32.37
CA LYS G 135 50.52 19.17 32.10
C LYS G 135 49.34 19.97 31.56
N LEU G 136 48.55 19.37 30.69
CA LEU G 136 47.40 20.07 30.10
C LEU G 136 46.40 20.41 31.21
N LEU G 137 46.09 19.43 32.06
CA LEU G 137 45.12 19.68 33.14
C LEU G 137 45.65 20.78 34.06
N GLN G 138 46.95 20.77 34.33
CA GLN G 138 47.54 21.80 35.23
C GLN G 138 47.40 23.16 34.57
N THR G 139 47.72 23.28 33.29
CA THR G 139 47.63 24.58 32.60
C THR G 139 46.19 25.05 32.61
N VAL G 140 45.25 24.14 32.40
CA VAL G 140 43.82 24.52 32.37
C VAL G 140 43.39 25.01 33.76
N ALA G 141 43.79 24.30 34.80
CA ALA G 141 43.40 24.70 36.16
C ALA G 141 44.01 26.07 36.45
N THR G 142 45.24 26.29 36.03
CA THR G 142 45.90 27.58 36.29
C THR G 142 45.14 28.70 35.58
N TYR G 143 44.78 28.47 34.32
CA TYR G 143 44.06 29.49 33.56
C TYR G 143 42.72 29.79 34.23
N VAL G 144 42.01 28.75 34.63
CA VAL G 144 40.67 28.93 35.25
C VAL G 144 40.85 29.73 36.54
N ASN G 145 41.86 29.41 37.33
CA ASN G 145 42.08 30.12 38.60
C ASN G 145 42.37 31.59 38.30
N ASP G 146 43.25 31.85 37.33
CA ASP G 146 43.61 33.25 37.02
C ASP G 146 42.36 34.01 36.57
N GLN G 147 41.61 33.46 35.62
CA GLN G 147 40.38 34.11 35.14
C GLN G 147 39.42 33.02 34.69
N GLY G 148 38.14 33.24 34.93
CA GLY G 148 37.11 32.26 34.58
C GLY G 148 36.66 32.38 33.14
N PHE G 149 35.77 31.51 32.74
CA PHE G 149 35.26 31.47 31.35
C PHE G 149 34.19 32.53 31.12
N ALA G 150 33.99 33.44 32.07
CA ALA G 150 32.91 34.45 31.96
C ALA G 150 33.01 35.18 30.63
N GLU G 151 34.22 35.43 30.13
CA GLU G 151 34.36 36.13 28.85
C GLU G 151 33.76 35.31 27.70
N LEU G 152 34.12 34.04 27.62
CA LEU G 152 33.60 33.17 26.54
C LEU G 152 32.09 33.05 26.72
N ALA G 153 31.61 32.91 27.94
CA ALA G 153 30.16 32.75 28.16
C ALA G 153 29.44 34.01 27.72
N ARG G 154 30.03 35.17 27.98
CA ARG G 154 29.40 36.44 27.59
C ARG G 154 29.34 36.53 26.07
N ARG G 155 30.41 36.13 25.40
CA ARG G 155 30.40 36.18 23.92
C ARG G 155 29.36 35.21 23.38
N TYR G 156 29.31 34.01 23.94
CA TYR G 156 28.33 33.00 23.49
C TYR G 156 26.91 33.51 23.70
N ALA G 157 26.68 34.23 24.79
CA ALA G 157 25.35 34.75 25.10
C ALA G 157 24.88 35.64 23.96
N HIS G 158 25.76 36.48 23.43
CA HIS G 158 25.35 37.39 22.35
C HIS G 158 24.92 36.57 21.13
N ASN G 159 25.73 35.57 20.76
CA ASN G 159 25.39 34.76 19.57
C ASN G 159 24.06 34.06 19.78
N LEU G 160 23.83 33.53 20.98
CA LEU G 160 22.57 32.82 21.27
C LEU G 160 21.41 33.80 21.23
N ALA G 161 21.60 35.00 21.74
CA ALA G 161 20.52 35.99 21.80
C ALA G 161 20.14 36.44 20.39
N ASN G 162 21.13 36.81 19.60
CA ASN G 162 20.84 37.29 18.24
C ASN G 162 20.54 36.10 17.36
N ALA G 163 20.14 36.36 16.13
CA ALA G 163 19.77 35.32 15.16
C ALA G 163 20.94 35.01 14.24
N ARG G 164 22.17 35.25 14.66
CA ARG G 164 23.32 35.00 13.78
C ARG G 164 23.31 33.58 13.27
N PHE G 165 22.68 32.66 13.98
CA PHE G 165 22.66 31.24 13.55
C PHE G 165 22.01 31.13 12.17
N LEU G 166 20.97 31.90 11.89
CA LEU G 166 20.32 31.88 10.58
C LEU G 166 21.27 32.46 9.53
N TRP G 167 21.30 31.88 8.35
CA TRP G 167 22.19 32.37 7.28
C TRP G 167 21.47 33.28 6.31
N ARG G 168 20.33 32.83 5.81
CA ARG G 168 19.58 33.64 4.83
C ARG G 168 18.20 34.04 5.35
N ASN G 169 17.64 33.31 6.29
CA ASN G 169 16.29 33.64 6.79
C ASN G 169 16.31 34.98 7.52
N ARG G 170 17.39 35.29 8.20
CA ARG G 170 17.50 36.56 8.93
C ARG G 170 17.54 37.74 7.97
N VAL G 171 18.28 37.62 6.88
CA VAL G 171 18.40 38.74 5.93
C VAL G 171 16.99 39.11 5.45
N GLY G 172 16.68 40.39 5.46
CA GLY G 172 15.37 40.86 5.01
C GLY G 172 14.24 40.35 5.89
N ALA G 173 14.33 40.59 7.19
CA ALA G 173 13.28 40.20 8.14
C ALA G 173 12.71 41.43 8.83
N GLU G 174 11.40 41.46 9.04
CA GLU G 174 10.76 42.61 9.71
C GLU G 174 11.06 42.59 11.20
N ALA G 175 10.80 41.48 11.87
CA ALA G 175 11.01 41.37 13.32
C ALA G 175 11.47 39.96 13.66
N VAL G 176 12.61 39.85 14.33
CA VAL G 176 13.15 38.56 14.79
C VAL G 176 13.18 38.58 16.30
N GLU G 177 12.51 37.63 16.94
CA GLU G 177 12.43 37.58 18.41
C GLU G 177 12.92 36.22 18.86
N VAL G 178 13.94 36.20 19.69
CA VAL G 178 14.53 34.96 20.23
C VAL G 178 14.10 34.81 21.68
N ARG G 179 13.77 33.59 22.07
CA ARG G 179 13.36 33.29 23.45
C ARG G 179 14.21 32.13 23.93
N ILE G 180 15.07 32.37 24.90
CA ILE G 180 15.96 31.34 25.46
C ILE G 180 15.44 30.98 26.84
N ASN G 181 14.91 29.79 26.99
CA ASN G 181 14.40 29.32 28.29
C ASN G 181 15.47 28.49 29.00
N HIS G 182 15.21 28.15 30.24
CA HIS G 182 16.13 27.29 31.02
C HIS G 182 15.32 26.12 31.54
N ILE G 183 15.72 24.91 31.16
CA ILE G 183 15.00 23.68 31.59
C ILE G 183 15.80 23.03 32.71
N ARG G 184 15.19 22.93 33.88
CA ARG G 184 15.84 22.30 35.05
C ARG G 184 14.92 21.20 35.57
N GLN G 185 15.42 19.98 35.60
CA GLN G 185 14.64 18.82 36.11
C GLN G 185 13.29 18.74 35.40
N GLY G 186 13.24 19.14 34.14
CA GLY G 186 11.99 19.06 33.36
C GLY G 186 11.09 20.26 33.48
N GLU G 187 11.47 21.27 34.25
CA GLU G 187 10.66 22.49 34.43
C GLU G 187 11.41 23.69 33.87
N VAL G 188 10.66 24.74 33.56
CA VAL G 188 11.27 25.97 33.00
C VAL G 188 11.74 26.82 34.18
N ALA G 189 13.02 26.75 34.50
CA ALA G 189 13.55 27.50 35.64
C ALA G 189 13.43 29.01 35.42
N ARG G 190 13.98 29.52 34.35
CA ARG G 190 13.94 30.96 34.05
C ARG G 190 13.94 31.17 32.54
N ALA G 191 13.05 32.04 32.07
CA ALA G 191 12.94 32.36 30.64
C ALA G 191 13.66 33.66 30.33
N TRP G 192 13.98 33.86 29.07
CA TRP G 192 14.62 35.10 28.62
C TRP G 192 14.11 35.42 27.23
N ARG G 193 13.91 36.70 26.95
CA ARG G 193 13.44 37.13 25.61
C ARG G 193 14.30 38.28 25.14
N PHE G 194 14.86 38.15 23.95
CA PHE G 194 15.76 39.17 23.38
C PHE G 194 15.31 39.56 21.99
N ASP G 195 16.02 40.50 21.39
CA ASP G 195 15.73 40.95 20.03
C ASP G 195 17.03 40.93 19.23
N ALA G 196 17.07 40.13 18.17
CA ALA G 196 18.27 40.04 17.33
C ALA G 196 18.51 41.35 16.60
N LEU G 197 17.46 41.97 16.10
CA LEU G 197 17.62 43.23 15.34
C LEU G 197 18.17 44.34 16.25
N ALA G 198 17.59 44.49 17.43
CA ALA G 198 18.03 45.56 18.35
C ALA G 198 19.49 45.31 18.74
N ILE G 199 19.85 44.05 18.95
CA ILE G 199 21.24 43.72 19.37
C ILE G 199 22.15 43.89 18.16
N GLY G 200 23.28 44.54 18.37
CA GLY G 200 24.22 44.77 17.27
C GLY G 200 24.80 43.47 16.76
N LEU G 201 24.86 43.32 15.44
CA LEU G 201 25.47 42.13 14.82
C LEU G 201 26.99 42.14 14.92
N ARG G 202 27.63 43.27 14.67
CA ARG G 202 29.11 43.36 14.69
C ARG G 202 29.62 43.94 16.01
N ASP G 203 28.73 44.27 16.93
CA ASP G 203 29.12 44.90 18.21
C ASP G 203 28.53 44.12 19.36
N PHE G 204 29.30 43.92 20.42
CA PHE G 204 28.83 43.20 21.62
C PHE G 204 28.57 44.21 22.73
N LYS G 205 27.32 44.30 23.17
CA LYS G 205 26.93 45.23 24.24
C LYS G 205 26.55 44.43 25.48
N ALA G 206 26.83 45.02 26.65
CA ALA G 206 26.53 44.37 27.93
C ALA G 206 25.08 44.57 28.34
N ASP G 207 24.48 43.55 28.93
CA ASP G 207 23.10 43.63 29.41
C ASP G 207 22.97 42.73 30.63
N ALA G 208 22.03 43.05 31.51
CA ALA G 208 21.82 42.26 32.73
C ALA G 208 21.48 40.81 32.35
N GLU G 209 20.57 40.63 31.40
CA GLU G 209 20.18 39.27 31.01
C GLU G 209 21.37 38.55 30.39
N LEU G 210 22.13 39.23 29.55
CA LEU G 210 23.29 38.59 28.90
C LEU G 210 24.28 38.15 29.98
N ASP G 211 24.51 38.99 30.97
CA ASP G 211 25.45 38.64 32.05
C ASP G 211 24.93 37.42 32.82
N ALA G 212 23.65 37.38 33.11
CA ALA G 212 23.07 36.24 33.85
C ALA G 212 23.24 34.97 33.03
N LEU G 213 22.95 35.05 31.73
CA LEU G 213 23.08 33.86 30.87
C LEU G 213 24.55 33.42 30.82
N ALA G 214 25.47 34.37 30.72
CA ALA G 214 26.90 34.03 30.67
C ALA G 214 27.30 33.34 31.97
N GLU G 215 26.78 33.82 33.09
CA GLU G 215 27.11 33.20 34.39
C GLU G 215 26.60 31.77 34.41
N LEU G 216 25.38 31.57 33.95
CA LEU G 216 24.80 30.21 33.94
C LEU G 216 25.65 29.30 33.05
N ILE G 217 26.06 29.79 31.90
CA ILE G 217 26.88 28.95 30.98
C ILE G 217 28.23 28.66 31.63
N ALA G 218 28.84 29.65 32.25
CA ALA G 218 30.16 29.45 32.88
C ALA G 218 30.02 28.40 33.97
N SER G 219 28.94 28.45 34.74
CA SER G 219 28.74 27.48 35.83
C SER G 219 28.60 26.09 35.23
N GLY G 220 27.76 25.97 34.21
CA GLY G 220 27.55 24.65 33.60
C GLY G 220 28.85 24.09 33.08
N LEU G 221 29.65 24.92 32.42
CA LEU G 221 30.93 24.44 31.87
C LEU G 221 31.86 24.05 33.02
N SER G 222 31.89 24.82 34.09
CA SER G 222 32.72 24.51 35.26
C SER G 222 32.23 23.26 35.98
N GLY G 223 31.02 22.81 35.71
CA GLY G 223 30.49 21.59 36.33
C GLY G 223 29.75 21.84 37.62
N SER G 224 29.07 22.97 37.76
CA SER G 224 28.28 23.27 38.97
C SER G 224 26.85 22.71 38.86
N GLY G 225 26.46 22.21 37.70
CA GLY G 225 25.15 21.56 37.56
C GLY G 225 24.77 21.42 36.11
N HIS G 226 23.79 20.59 35.84
CA HIS G 226 23.33 20.38 34.45
C HIS G 226 22.69 21.66 33.96
N VAL G 227 22.91 21.98 32.69
CA VAL G 227 22.31 23.19 32.09
C VAL G 227 21.68 22.84 30.76
N LEU G 228 20.41 23.17 30.59
CA LEU G 228 19.69 22.93 29.32
C LEU G 228 18.97 24.22 28.95
N LEU G 229 19.16 24.67 27.72
CA LEU G 229 18.52 25.91 27.25
C LEU G 229 17.77 25.64 25.97
N GLU G 230 16.48 25.92 25.97
CA GLU G 230 15.62 25.75 24.78
C GLU G 230 15.49 27.09 24.10
N VAL G 231 16.06 27.22 22.90
CA VAL G 231 16.03 28.47 22.14
C VAL G 231 14.94 28.35 21.10
N VAL G 232 14.04 29.31 21.06
CA VAL G 232 12.96 29.35 20.08
C VAL G 232 12.94 30.73 19.44
N ALA G 233 13.06 30.78 18.13
CA ALA G 233 13.08 32.06 17.41
C ALA G 233 11.86 32.21 16.54
N PHE G 234 11.39 33.44 16.40
CA PHE G 234 10.24 33.77 15.55
C PHE G 234 10.67 34.92 14.65
N ALA G 235 10.74 34.67 13.35
CA ALA G 235 11.16 35.69 12.37
C ALA G 235 10.03 36.01 11.41
N ARG G 236 9.77 37.29 11.18
CA ARG G 236 8.72 37.71 10.23
C ARG G 236 9.33 37.69 8.84
N ILE G 237 8.82 36.83 7.96
CA ILE G 237 9.33 36.73 6.57
C ILE G 237 8.26 37.22 5.61
N GLY G 238 7.10 36.60 5.63
CA GLY G 238 6.02 37.01 4.73
C GLY G 238 5.09 35.87 4.41
N ASP G 239 3.93 36.20 3.87
CA ASP G 239 2.94 35.17 3.53
C ASP G 239 3.44 34.32 2.37
N GLY G 240 3.42 33.02 2.52
CA GLY G 240 3.79 32.12 1.42
C GLY G 240 5.25 32.24 1.03
N GLN G 241 6.08 32.81 1.87
CA GLN G 241 7.49 32.97 1.52
C GLN G 241 8.17 31.62 1.42
N GLU G 242 9.39 31.64 0.87
CA GLU G 242 10.18 30.42 0.69
C GLU G 242 11.35 30.40 1.66
N VAL G 243 11.35 29.44 2.57
CA VAL G 243 12.45 29.28 3.55
C VAL G 243 13.63 28.60 2.87
N PHE G 244 14.81 28.78 3.43
CA PHE G 244 16.04 28.20 2.86
C PHE G 244 16.62 27.19 3.85
N PRO G 245 16.08 25.97 3.90
CA PRO G 245 16.61 24.95 4.77
C PRO G 245 17.98 24.44 4.30
N SER G 246 18.56 23.52 5.07
CA SER G 246 19.88 22.97 4.72
C SER G 246 19.74 21.91 3.65
N GLN G 247 20.39 22.11 2.52
CA GLN G 247 20.29 21.16 1.40
C GLN G 247 21.08 19.92 1.75
N GLU G 248 20.47 18.76 1.60
CA GLU G 248 21.13 17.49 1.86
C GLU G 248 22.06 17.11 0.69
N LEU G 249 23.03 16.28 0.98
CA LEU G 249 23.99 15.86 -0.03
C LEU G 249 23.29 15.15 -1.17
N ILE G 250 23.80 15.35 -2.37
CA ILE G 250 23.23 14.69 -3.58
C ILE G 250 23.76 13.27 -3.69
N LEU G 251 23.04 12.44 -4.42
CA LEU G 251 23.42 11.02 -4.57
C LEU G 251 24.70 10.94 -5.41
N GLN G 259 16.52 14.31 -13.56
CA GLN G 259 17.37 13.98 -12.38
C GLN G 259 16.96 14.87 -11.21
N LYS G 260 17.53 14.64 -10.02
CA LYS G 260 17.27 15.51 -8.85
C LYS G 260 18.60 16.13 -8.44
N SER G 261 18.63 17.46 -8.38
CA SER G 261 19.88 18.19 -8.09
C SER G 261 19.90 18.74 -6.67
N LYS G 262 18.84 19.43 -6.29
CA LYS G 262 18.75 20.02 -4.95
C LYS G 262 17.93 19.10 -4.06
N THR G 263 18.54 18.58 -3.00
CA THR G 263 17.88 17.69 -2.06
C THR G 263 17.90 18.36 -0.70
N LEU G 264 16.75 18.60 -0.12
CA LEU G 264 16.65 19.26 1.19
C LEU G 264 16.59 18.21 2.28
N TYR G 265 17.22 18.51 3.40
CA TYR G 265 17.26 17.57 4.54
C TYR G 265 15.97 17.71 5.33
N SER G 266 15.18 16.64 5.37
CA SER G 266 13.89 16.61 6.10
C SER G 266 13.93 15.52 7.15
N VAL G 267 13.52 15.85 8.36
CA VAL G 267 13.44 14.88 9.48
C VAL G 267 11.98 14.71 9.87
N ARG G 268 11.48 13.48 9.83
CA ARG G 268 10.07 13.19 10.15
C ARG G 268 9.15 14.09 9.32
N ASP G 269 9.42 14.17 8.03
CA ASP G 269 8.61 15.00 7.12
C ASP G 269 8.52 16.44 7.64
N ALA G 270 9.65 16.97 8.09
CA ALA G 270 9.71 18.36 8.55
C ALA G 270 11.11 18.90 8.26
N ALA G 271 11.19 20.17 7.90
CA ALA G 271 12.50 20.79 7.58
C ALA G 271 13.26 21.02 8.85
N ALA G 272 14.58 21.01 8.78
CA ALA G 272 15.42 21.26 9.95
C ALA G 272 16.77 21.78 9.53
N ILE G 273 17.60 22.10 10.49
CA ILE G 273 18.98 22.60 10.25
C ILE G 273 19.95 21.62 10.90
N HIS G 274 21.05 21.38 10.25
CA HIS G 274 22.04 20.42 10.75
C HIS G 274 22.64 20.88 12.07
N SER G 275 23.01 19.93 12.90
CA SER G 275 23.63 20.23 14.20
C SER G 275 24.92 21.00 13.98
N GLN G 276 25.77 20.52 13.09
CA GLN G 276 27.05 21.21 12.83
C GLN G 276 26.77 22.55 12.20
N LYS G 277 25.75 22.63 11.37
CA LYS G 277 25.43 23.91 10.69
C LYS G 277 25.03 24.94 11.72
N ILE G 278 24.41 24.53 12.80
CA ILE G 278 24.02 25.47 13.87
C ILE G 278 25.23 25.77 14.76
N GLY G 279 25.98 24.76 15.14
CA GLY G 279 27.14 24.93 16.01
C GLY G 279 28.24 25.74 15.35
N ASN G 280 28.26 25.79 14.02
CA ASN G 280 29.28 26.61 13.33
C ASN G 280 29.02 28.08 13.54
N ALA G 281 27.79 28.50 13.38
CA ALA G 281 27.41 29.92 13.58
C ALA G 281 27.46 30.25 15.06
N LEU G 282 27.01 29.34 15.90
CA LEU G 282 26.97 29.61 17.35
C LEU G 282 28.38 29.84 17.89
N ARG G 283 29.42 29.40 17.21
CA ARG G 283 30.80 29.56 17.70
C ARG G 283 31.50 30.72 17.01
N THR G 284 30.77 31.69 16.49
CA THR G 284 31.37 32.88 15.84
C THR G 284 31.88 33.81 16.92
N ILE G 285 32.98 33.44 17.55
CA ILE G 285 33.58 34.22 18.65
C ILE G 285 35.02 34.61 18.32
N ASP G 286 35.53 34.25 17.16
CA ASP G 286 36.93 34.54 16.79
C ASP G 286 36.95 35.87 16.07
N THR G 287 37.35 36.93 16.76
CA THR G 287 37.45 38.28 16.17
C THR G 287 38.82 38.90 16.37
N TRP G 288 39.81 38.13 16.80
CA TRP G 288 41.18 38.64 17.05
C TRP G 288 42.12 38.33 15.90
N TYR G 289 41.60 38.12 14.70
CA TYR G 289 42.44 37.81 13.54
C TYR G 289 43.38 39.00 13.30
N PRO G 290 44.45 38.81 12.51
CA PRO G 290 45.39 39.88 12.25
C PRO G 290 45.00 40.87 11.14
N ASP G 291 43.78 40.79 10.62
CA ASP G 291 43.32 41.67 9.52
C ASP G 291 42.42 42.81 10.03
N GLU G 292 41.53 42.54 10.97
CA GLU G 292 40.58 43.55 11.48
C GLU G 292 39.72 44.11 10.35
N ASP G 293 39.33 43.26 9.42
CA ASP G 293 38.45 43.66 8.30
C ASP G 293 37.01 43.80 8.78
N GLY G 294 36.12 44.15 7.86
CA GLY G 294 34.70 44.34 8.19
C GLY G 294 33.90 43.06 8.20
N LEU G 295 34.54 41.90 8.04
CA LEU G 295 33.79 40.63 7.97
C LEU G 295 33.03 40.44 9.27
N GLY G 296 33.63 40.80 10.40
CA GLY G 296 32.98 40.66 11.71
C GLY G 296 33.21 39.31 12.33
N PRO G 297 32.27 38.80 13.13
CA PRO G 297 32.46 37.55 13.81
C PRO G 297 32.84 36.40 12.87
N ILE G 298 33.86 35.64 13.25
CA ILE G 298 34.32 34.48 12.46
C ILE G 298 34.23 33.25 13.35
N ALA G 299 33.86 32.12 12.79
CA ALA G 299 33.72 30.87 13.55
C ALA G 299 35.09 30.40 14.00
N VAL G 300 35.13 29.79 15.17
CA VAL G 300 36.40 29.27 15.71
C VAL G 300 36.75 28.02 14.93
N GLU G 301 37.81 28.09 14.14
CA GLU G 301 38.27 26.94 13.36
C GLU G 301 39.78 26.99 13.31
N PRO G 302 40.49 25.85 13.33
CA PRO G 302 41.93 25.91 13.24
C PRO G 302 42.38 26.60 11.95
N TYR G 303 43.42 27.42 12.04
CA TYR G 303 43.99 28.15 10.89
C TYR G 303 43.03 29.23 10.40
N GLY G 304 41.99 29.55 11.18
CA GLY G 304 41.08 30.63 10.80
C GLY G 304 40.61 30.52 9.37
N SER G 305 40.34 29.32 8.92
CA SER G 305 39.90 29.10 7.54
C SER G 305 38.49 29.64 7.34
N VAL G 306 38.25 30.20 6.16
CA VAL G 306 36.92 30.71 5.79
C VAL G 306 36.60 30.18 4.40
N THR G 307 35.48 29.50 4.25
CA THR G 307 35.08 28.95 2.95
C THR G 307 34.57 30.04 2.02
N SER G 308 33.65 30.86 2.51
CA SER G 308 33.05 31.91 1.65
C SER G 308 34.12 32.91 1.22
N GLN G 309 34.89 33.42 2.17
CA GLN G 309 35.94 34.40 1.85
C GLN G 309 37.07 33.74 1.07
N GLY G 310 37.22 32.42 1.18
CA GLY G 310 38.26 31.71 0.43
C GLY G 310 39.64 32.02 0.97
N LYS G 311 39.75 32.65 2.14
CA LYS G 311 41.04 33.00 2.73
C LYS G 311 41.06 32.50 4.16
N ALA G 312 42.23 32.10 4.62
CA ALA G 312 42.40 31.57 5.98
C ALA G 312 43.28 32.52 6.76
N TYR G 313 42.70 33.22 7.71
CA TYR G 313 43.48 34.13 8.55
C TYR G 313 44.30 33.32 9.54
N ARG G 314 45.26 33.96 10.19
CA ARG G 314 46.12 33.28 11.18
C ARG G 314 46.89 32.17 10.49
N GLN G 315 47.51 32.48 9.38
CA GLN G 315 48.29 31.49 8.61
C GLN G 315 49.38 30.89 9.49
N PRO G 316 49.87 29.69 9.17
CA PRO G 316 50.88 29.04 9.96
C PRO G 316 52.23 29.77 10.01
N LYS G 317 52.49 30.67 9.08
CA LYS G 317 53.77 31.39 9.06
C LYS G 317 53.92 32.20 10.35
N GLN G 318 52.83 32.75 10.85
CA GLN G 318 52.88 33.53 12.09
C GLN G 318 52.85 32.61 13.30
N LYS G 319 53.06 33.19 14.47
CA LYS G 319 53.06 32.43 15.73
C LYS G 319 51.68 32.38 16.35
N LEU G 320 50.70 33.06 15.76
CA LEU G 320 49.34 33.10 16.37
C LEU G 320 48.58 31.81 16.12
N ASP G 321 49.07 30.92 15.27
CA ASP G 321 48.35 29.66 14.96
C ASP G 321 48.06 28.88 16.24
N PHE G 322 46.90 28.22 16.29
CA PHE G 322 46.51 27.48 17.50
C PHE G 322 47.53 26.40 17.84
N TYR G 323 47.95 25.60 16.87
CA TYR G 323 48.92 24.52 17.18
C TYR G 323 50.20 25.09 17.76
N THR G 324 50.76 26.12 17.15
CA THR G 324 52.01 26.69 17.65
C THR G 324 51.79 27.27 19.04
N LEU G 325 50.69 27.99 19.23
CA LEU G 325 50.44 28.61 20.55
C LEU G 325 50.35 27.52 21.62
N LEU G 326 49.61 26.45 21.36
CA LEU G 326 49.47 25.38 22.38
C LEU G 326 50.82 24.70 22.60
N ASP G 327 51.55 24.43 21.52
CA ASP G 327 52.85 23.74 21.68
C ASP G 327 53.77 24.60 22.53
N ASN G 328 53.80 25.91 22.29
CA ASN G 328 54.69 26.77 23.06
C ASN G 328 54.23 26.83 24.52
N TRP G 329 52.94 27.04 24.74
CA TRP G 329 52.42 27.19 26.11
C TRP G 329 52.48 25.87 26.86
N VAL G 330 52.71 24.76 26.18
CA VAL G 330 52.80 23.45 26.86
C VAL G 330 54.27 23.08 27.09
N LEU G 331 55.05 22.99 26.02
CA LEU G 331 56.46 22.60 26.16
C LEU G 331 57.28 23.69 26.83
N ARG G 332 57.18 24.92 26.34
CA ARG G 332 57.98 26.04 26.89
C ARG G 332 57.23 26.79 27.99
N ASP G 333 55.98 26.43 28.26
CA ASP G 333 55.19 27.10 29.32
C ASP G 333 55.09 28.60 29.04
N GLU G 334 55.10 28.99 27.78
CA GLU G 334 55.01 30.41 27.40
C GLU G 334 53.55 30.78 27.28
N ALA G 335 53.05 31.57 28.21
CA ALA G 335 51.64 32.00 28.19
C ALA G 335 51.49 33.12 27.18
N PRO G 336 50.71 32.94 26.09
CA PRO G 336 50.54 34.00 25.12
C PRO G 336 49.57 35.06 25.63
N ALA G 337 49.34 36.07 24.80
CA ALA G 337 48.45 37.19 25.17
C ALA G 337 47.08 36.63 25.57
N VAL G 338 46.38 37.39 26.39
CA VAL G 338 45.05 36.96 26.88
C VAL G 338 44.17 36.60 25.67
N GLU G 339 44.27 37.34 24.58
CA GLU G 339 43.44 37.06 23.40
C GLU G 339 43.76 35.66 22.86
N GLN G 340 45.03 35.35 22.71
CA GLN G 340 45.44 34.03 22.20
C GLN G 340 44.99 32.94 23.18
N GLN G 341 45.09 33.20 24.47
CA GLN G 341 44.67 32.19 25.47
C GLN G 341 43.18 31.94 25.32
N HIS G 342 42.40 32.98 25.11
CA HIS G 342 40.94 32.83 24.95
C HIS G 342 40.66 32.01 23.70
N TYR G 343 41.35 32.30 22.62
CA TYR G 343 41.13 31.56 21.36
C TYR G 343 41.47 30.09 21.56
N VAL G 344 42.55 29.81 22.27
CA VAL G 344 42.99 28.42 22.50
C VAL G 344 41.95 27.70 23.36
N ILE G 345 41.43 28.37 24.36
CA ILE G 345 40.42 27.73 25.23
C ILE G 345 39.15 27.48 24.41
N ALA G 346 38.81 28.39 23.51
CA ALA G 346 37.61 28.21 22.68
C ALA G 346 37.81 26.99 21.80
N ASN G 347 39.00 26.81 21.25
CA ASN G 347 39.26 25.65 20.38
C ASN G 347 39.14 24.37 21.20
N LEU G 348 39.70 24.35 22.40
CA LEU G 348 39.62 23.15 23.25
C LEU G 348 38.16 22.87 23.59
N ILE G 349 37.36 23.90 23.79
CA ILE G 349 35.93 23.72 24.11
C ILE G 349 35.23 23.10 22.90
N ARG G 350 35.53 23.58 21.72
CA ARG G 350 34.90 23.06 20.49
C ARG G 350 35.31 21.61 20.30
N GLY G 351 36.54 21.28 20.65
CA GLY G 351 37.03 19.90 20.55
C GLY G 351 37.54 19.58 19.17
N GLY G 352 38.20 18.45 19.05
CA GLY G 352 38.73 18.01 17.76
C GLY G 352 39.77 16.94 17.88
N VAL G 353 40.56 16.79 16.83
CA VAL G 353 41.66 15.80 16.81
C VAL G 353 42.96 16.57 16.60
N PHE G 354 43.93 16.36 17.49
CA PHE G 354 45.23 17.02 17.39
C PHE G 354 46.35 16.00 17.40
N GLY G 355 47.58 16.46 17.47
CA GLY G 355 48.75 15.58 17.49
C GLY G 355 49.08 15.12 16.09
N GLU G 356 49.23 13.81 15.92
CA GLU G 356 49.54 13.25 14.58
C GLU G 356 48.73 11.96 14.35
N LEU H 24 56.52 -30.86 36.34
CA LEU H 24 55.12 -30.54 35.96
C LEU H 24 55.09 -29.22 35.20
N SER H 25 55.21 -29.28 33.89
CA SER H 25 55.19 -28.06 33.05
C SER H 25 53.76 -27.61 32.83
N THR H 26 53.58 -26.48 32.17
CA THR H 26 52.25 -25.94 31.89
C THR H 26 51.65 -26.62 30.67
N ALA H 27 50.38 -26.31 30.38
CA ALA H 27 49.68 -26.88 29.23
C ALA H 27 49.77 -25.91 28.07
N SER H 28 50.22 -26.40 26.92
CA SER H 28 50.38 -25.57 25.71
C SER H 28 49.02 -24.99 25.29
N VAL H 29 47.93 -25.62 25.68
CA VAL H 29 46.57 -25.17 25.30
C VAL H 29 45.77 -24.95 26.57
N LEU H 30 45.40 -23.70 26.83
CA LEU H 30 44.58 -23.36 28.02
C LEU H 30 43.52 -22.36 27.59
N ALA H 31 42.28 -22.62 27.96
CA ALA H 31 41.17 -21.74 27.63
C ALA H 31 40.14 -21.77 28.73
N PHE H 32 39.50 -20.65 28.98
CA PHE H 32 38.46 -20.54 30.03
C PHE H 32 37.26 -19.83 29.43
N GLU H 33 36.11 -20.49 29.45
CA GLU H 33 34.89 -19.89 28.89
C GLU H 33 34.55 -18.63 29.66
N ARG H 34 34.14 -17.60 28.94
CA ARG H 34 33.82 -16.32 29.58
C ARG H 34 32.55 -16.45 30.40
N LYS H 35 32.47 -15.69 31.47
CA LYS H 35 31.30 -15.68 32.36
C LYS H 35 30.69 -14.30 32.34
N LEU H 36 29.45 -14.19 32.80
CA LEU H 36 28.75 -12.88 32.82
C LEU H 36 28.71 -12.31 31.40
N ASP H 37 28.13 -13.06 30.48
CA ASP H 37 28.05 -12.61 29.07
C ASP H 37 26.68 -11.98 28.84
N PRO H 38 26.58 -10.66 28.66
CA PRO H 38 25.30 -10.04 28.41
C PRO H 38 24.88 -10.11 26.96
N SER H 39 23.70 -9.55 26.67
CA SER H 39 23.14 -9.54 25.31
C SER H 39 23.05 -8.12 24.82
N ASP H 40 22.50 -7.92 23.64
CA ASP H 40 22.38 -6.59 23.08
C ASP H 40 21.49 -5.74 23.96
N ALA H 41 21.68 -4.42 23.90
CA ALA H 41 20.88 -3.48 24.72
C ALA H 41 19.95 -2.70 23.81
N LEU H 42 18.67 -2.94 23.91
CA LEU H 42 17.68 -2.18 23.13
C LEU H 42 17.54 -0.78 23.71
N MET H 43 17.18 0.18 22.86
CA MET H 43 17.00 1.57 23.32
C MET H 43 15.70 2.16 22.82
N SER H 44 15.19 3.13 23.55
CA SER H 44 13.93 3.79 23.21
C SER H 44 13.91 5.18 23.83
N ALA H 45 12.92 5.97 23.49
CA ALA H 45 12.78 7.32 24.04
C ALA H 45 11.36 7.54 24.56
N GLY H 46 11.22 8.47 25.48
CA GLY H 46 9.92 8.76 26.06
C GLY H 46 10.00 9.78 27.16
N ALA H 47 8.89 9.96 27.86
CA ALA H 47 8.80 10.93 28.96
C ALA H 47 9.07 10.22 30.28
N TRP H 48 9.91 10.81 31.11
CA TRP H 48 10.26 10.22 32.41
C TRP H 48 8.99 9.97 33.24
N ALA H 49 7.96 10.78 33.09
CA ALA H 49 6.73 10.61 33.86
C ALA H 49 6.07 9.27 33.53
N GLN H 50 6.04 8.90 32.26
CA GLN H 50 5.39 7.65 31.83
C GLN H 50 6.36 6.47 31.81
N ARG H 51 7.62 6.68 32.15
CA ARG H 51 8.58 5.57 32.10
C ARG H 51 8.16 4.45 33.04
N ASP H 52 7.75 4.80 34.24
CA ASP H 52 7.33 3.78 35.23
C ASP H 52 6.06 3.07 34.77
N ALA H 53 5.10 3.80 34.22
CA ALA H 53 3.80 3.23 33.82
C ALA H 53 3.78 2.82 32.34
N SER H 54 4.75 3.24 31.54
CA SER H 54 4.75 2.94 30.09
C SER H 54 6.08 2.30 29.72
N GLN H 55 6.05 1.09 29.18
CA GLN H 55 7.25 0.38 28.73
C GLN H 55 7.19 0.11 27.23
N GLU H 56 6.25 0.72 26.52
CA GLU H 56 6.08 0.53 25.06
C GLU H 56 6.80 1.64 24.29
N TRP H 57 7.75 2.33 24.91
CA TRP H 57 8.43 3.45 24.25
C TRP H 57 8.94 2.99 22.88
N PRO H 58 8.76 3.79 21.82
CA PRO H 58 9.24 3.42 20.51
C PRO H 58 10.76 3.52 20.41
N ALA H 59 11.33 2.65 19.59
CA ALA H 59 12.79 2.60 19.45
C ALA H 59 13.26 3.78 18.63
N VAL H 60 14.55 4.09 18.76
CA VAL H 60 15.16 5.19 17.98
C VAL H 60 15.69 4.61 16.68
N THR H 61 15.17 5.11 15.56
CA THR H 61 15.57 4.60 14.24
C THR H 61 16.74 5.44 13.74
N VAL H 62 17.73 4.76 13.20
CA VAL H 62 18.92 5.46 12.66
C VAL H 62 18.51 6.31 11.46
N ARG H 63 19.22 7.42 11.26
CA ARG H 63 18.96 8.31 10.14
C ARG H 63 20.28 8.74 9.52
N GLU H 64 20.21 9.32 8.34
CA GLU H 64 21.41 9.75 7.62
C GLU H 64 21.49 11.27 7.56
N LYS H 65 22.71 11.79 7.59
CA LYS H 65 22.94 13.24 7.51
C LYS H 65 24.22 13.51 6.74
N SER H 66 24.37 14.72 6.25
CA SER H 66 25.56 15.13 5.49
C SER H 66 26.26 16.28 6.19
N VAL H 67 27.58 16.21 6.29
CA VAL H 67 28.37 17.30 6.90
C VAL H 67 29.39 17.83 5.90
N ARG H 68 29.63 19.13 5.92
CA ARG H 68 30.61 19.78 5.04
C ARG H 68 31.66 20.42 5.92
N GLY H 69 32.80 19.79 6.05
CA GLY H 69 33.88 20.31 6.89
C GLY H 69 35.16 20.56 6.14
N THR H 70 36.00 21.41 6.71
CA THR H 70 37.32 21.73 6.13
C THR H 70 38.37 20.78 6.68
N ILE H 71 39.50 20.71 6.00
CA ILE H 71 40.61 19.84 6.47
C ILE H 71 41.38 20.64 7.51
N SER H 72 41.21 20.29 8.77
CA SER H 72 41.89 20.98 9.89
C SER H 72 43.04 20.14 10.43
N ASN H 73 43.45 19.10 9.74
CA ASN H 73 44.53 18.23 10.24
C ASN H 73 45.84 18.99 10.21
N ARG H 74 46.85 18.41 10.83
CA ARG H 74 48.17 19.06 10.90
C ARG H 74 48.81 19.13 9.52
N LEU H 75 49.41 20.26 9.21
CA LEU H 75 50.04 20.44 7.91
C LEU H 75 51.43 19.82 7.92
N LYS H 76 51.82 19.25 6.78
CA LYS H 76 53.15 18.62 6.63
C LYS H 76 54.10 19.51 5.83
N THR H 77 53.64 20.00 4.68
CA THR H 77 54.52 20.81 3.83
C THR H 77 54.88 22.11 4.54
N LYS H 78 55.99 22.71 4.15
CA LYS H 78 56.44 23.98 4.77
C LYS H 78 55.32 25.02 4.69
N ASP H 79 55.26 25.87 5.70
CA ASP H 79 54.21 26.90 5.80
C ASP H 79 54.59 28.15 5.00
N ARG H 80 55.60 28.08 4.15
CA ARG H 80 56.04 29.24 3.36
C ARG H 80 55.19 29.41 2.09
N ASP H 81 54.13 28.62 1.91
CA ASP H 81 53.27 28.70 0.72
C ASP H 81 51.87 29.13 1.21
N PRO H 82 51.62 30.44 1.37
CA PRO H 82 50.30 30.88 1.80
C PRO H 82 49.19 30.53 0.79
N ALA H 83 49.44 30.72 -0.50
CA ALA H 83 48.42 30.45 -1.52
C ALA H 83 48.05 28.96 -1.49
N LYS H 84 49.04 28.09 -1.34
CA LYS H 84 48.75 26.64 -1.34
C LYS H 84 47.74 26.32 -0.24
N LEU H 85 47.87 26.96 0.91
CA LEU H 85 46.94 26.68 2.02
C LEU H 85 45.54 27.16 1.67
N ASP H 86 45.40 28.39 1.19
CA ASP H 86 44.06 28.90 0.86
C ASP H 86 43.39 27.99 -0.18
N ALA H 87 44.18 27.34 -1.04
CA ALA H 87 43.60 26.45 -2.06
C ALA H 87 42.85 25.29 -1.41
N SER H 88 43.50 24.61 -0.48
CA SER H 88 42.86 23.46 0.19
C SER H 88 41.57 23.92 0.87
N ILE H 89 41.58 25.14 1.41
CA ILE H 89 40.37 25.64 2.11
C ILE H 89 39.20 25.77 1.15
N GLN H 90 39.47 26.11 -0.10
CA GLN H 90 38.39 26.22 -1.10
C GLN H 90 37.70 24.88 -1.31
N SER H 91 38.42 23.77 -1.20
CA SER H 91 37.82 22.44 -1.39
C SER H 91 37.49 21.83 -0.02
N PRO H 92 36.21 21.71 0.38
CA PRO H 92 35.88 21.11 1.64
C PRO H 92 35.88 19.59 1.60
N ASN H 93 35.54 18.96 2.71
CA ASN H 93 35.48 17.50 2.83
C ASN H 93 34.03 17.11 3.02
N LEU H 94 33.49 16.30 2.12
CA LEU H 94 32.09 15.86 2.17
C LEU H 94 32.02 14.37 2.47
N GLN H 95 31.16 13.99 3.39
CA GLN H 95 30.99 12.57 3.74
C GLN H 95 29.62 12.36 4.34
N THR H 96 29.20 11.11 4.39
CA THR H 96 27.90 10.75 4.97
C THR H 96 28.13 9.96 6.25
N VAL H 97 27.29 10.20 7.23
CA VAL H 97 27.36 9.48 8.52
C VAL H 97 25.96 9.07 8.95
N ASP H 98 25.88 8.37 10.07
CA ASP H 98 24.60 7.93 10.62
C ASP H 98 24.45 8.49 12.02
N VAL H 99 23.29 9.03 12.31
CA VAL H 99 22.99 9.57 13.65
C VAL H 99 21.64 9.06 14.12
N ALA H 100 21.48 9.02 15.45
CA ALA H 100 20.22 8.58 16.06
C ALA H 100 19.75 9.68 17.01
N ASN H 101 18.56 10.21 16.78
CA ASN H 101 18.01 11.27 17.63
C ASN H 101 16.66 10.84 18.17
N LEU H 102 16.34 11.33 19.35
CA LEU H 102 15.07 10.98 19.99
C LEU H 102 13.91 11.58 19.21
N PRO H 103 12.69 11.10 19.43
CA PRO H 103 11.56 11.62 18.73
C PRO H 103 11.36 13.12 18.99
N SER H 104 10.47 13.73 18.23
CA SER H 104 10.24 15.19 18.34
C SER H 104 10.01 15.58 19.79
N ASP H 105 9.17 14.85 20.52
CA ASP H 105 8.87 15.16 21.93
C ASP H 105 9.29 13.98 22.80
N ALA H 106 10.54 13.95 23.20
CA ALA H 106 11.06 12.90 24.10
C ALA H 106 12.30 13.44 24.79
N ASP H 107 12.31 13.44 26.10
CA ASP H 107 13.45 13.97 26.89
C ASP H 107 14.14 12.91 27.72
N THR H 108 13.65 11.68 27.71
CA THR H 108 14.24 10.60 28.50
C THR H 108 14.59 9.42 27.62
N LEU H 109 15.81 8.91 27.76
CA LEU H 109 16.27 7.74 26.99
C LEU H 109 16.17 6.51 27.87
N LYS H 110 15.77 5.39 27.30
CA LYS H 110 15.63 4.12 28.02
C LYS H 110 16.49 3.06 27.35
N VAL H 111 17.19 2.29 28.15
CA VAL H 111 18.07 1.21 27.66
C VAL H 111 17.73 -0.05 28.46
N ARG H 112 17.50 -1.16 27.78
CA ARG H 112 17.16 -2.43 28.44
C ARG H 112 18.08 -3.54 27.95
N PHE H 113 18.74 -4.23 28.87
CA PHE H 113 19.62 -5.35 28.52
C PHE H 113 19.60 -6.38 29.63
N THR H 114 19.74 -7.65 29.26
CA THR H 114 19.74 -8.76 30.23
C THR H 114 21.16 -9.21 30.53
N LEU H 115 21.31 -9.95 31.62
CA LEU H 115 22.62 -10.49 32.01
C LEU H 115 22.42 -11.88 32.61
N ARG H 116 23.30 -12.79 32.25
CA ARG H 116 23.24 -14.17 32.78
C ARG H 116 24.52 -14.50 33.53
N VAL H 117 24.41 -15.38 34.52
CA VAL H 117 25.57 -15.84 35.31
C VAL H 117 25.70 -17.34 35.08
N LEU H 118 26.77 -17.76 34.44
CA LEU H 118 26.95 -19.19 34.15
C LEU H 118 27.53 -19.92 35.36
N GLY H 119 28.69 -19.47 35.84
CA GLY H 119 29.37 -20.10 36.96
C GLY H 119 30.51 -21.01 36.55
N GLY H 120 31.16 -21.60 37.55
CA GLY H 120 32.32 -22.46 37.29
C GLY H 120 33.46 -21.72 36.62
N ALA H 121 33.78 -20.52 37.09
CA ALA H 121 34.88 -19.74 36.49
C ALA H 121 36.19 -20.53 36.57
N GLY H 122 36.53 -21.03 37.74
CA GLY H 122 37.79 -21.77 37.92
C GLY H 122 37.84 -23.02 37.08
N THR H 123 36.70 -23.58 36.73
CA THR H 123 36.67 -24.85 35.98
C THR H 123 37.29 -24.59 34.61
N PRO H 124 38.43 -25.21 34.28
CA PRO H 124 39.02 -25.01 32.97
C PRO H 124 38.25 -25.73 31.87
N SER H 125 38.12 -25.08 30.72
CA SER H 125 37.41 -25.68 29.57
C SER H 125 38.23 -26.80 28.92
N ALA H 126 39.52 -26.57 28.71
CA ALA H 126 40.39 -27.59 28.08
C ALA H 126 41.78 -27.49 28.67
N CYS H 127 42.40 -28.61 28.98
CA CYS H 127 43.78 -28.64 29.50
C CYS H 127 44.51 -29.84 28.91
N ASN H 128 45.74 -29.63 28.49
CA ASN H 128 46.54 -30.73 27.91
C ASN H 128 46.85 -31.80 28.96
N ASP H 129 47.36 -31.39 30.11
CA ASP H 129 47.75 -32.33 31.18
C ASP H 129 46.67 -32.36 32.25
N ALA H 130 46.39 -33.55 32.78
CA ALA H 130 45.39 -33.70 33.85
C ALA H 130 45.93 -33.16 35.17
N ALA H 131 47.20 -33.35 35.45
CA ALA H 131 47.79 -32.90 36.73
C ALA H 131 47.59 -31.39 36.86
N TYR H 132 47.82 -30.65 35.79
CA TYR H 132 47.67 -29.18 35.84
C TYR H 132 46.22 -28.82 36.16
N ARG H 133 45.27 -29.48 35.52
CA ARG H 133 43.85 -29.20 35.76
C ARG H 133 43.50 -29.50 37.21
N ASP H 134 43.98 -30.61 37.73
CA ASP H 134 43.68 -30.98 39.13
C ASP H 134 44.27 -29.94 40.07
N LYS H 135 45.50 -29.52 39.81
CA LYS H 135 46.15 -28.53 40.68
C LYS H 135 45.36 -27.22 40.64
N LEU H 136 44.92 -26.83 39.46
CA LEU H 136 44.15 -25.58 39.32
C LEU H 136 42.84 -25.68 40.10
N LEU H 137 42.13 -26.80 39.97
CA LEU H 137 40.85 -26.96 40.67
C LEU H 137 41.11 -26.93 42.18
N GLN H 138 42.20 -27.56 42.63
CA GLN H 138 42.50 -27.59 44.08
C GLN H 138 42.79 -26.17 44.57
N THR H 139 43.60 -25.42 43.84
CA THR H 139 43.94 -24.06 44.24
C THR H 139 42.67 -23.20 44.27
N VAL H 140 41.80 -23.38 43.30
CA VAL H 140 40.55 -22.59 43.25
C VAL H 140 39.69 -22.93 44.47
N ALA H 141 39.54 -24.20 44.78
CA ALA H 141 38.72 -24.60 45.94
C ALA H 141 39.33 -24.03 47.21
N THR H 142 40.65 -24.06 47.32
CA THR H 142 41.33 -23.54 48.52
C THR H 142 41.07 -22.05 48.65
N TYR H 143 41.20 -21.31 47.56
CA TYR H 143 40.99 -19.85 47.60
C TYR H 143 39.54 -19.57 47.99
N VAL H 144 38.61 -20.29 47.40
CA VAL H 144 37.17 -20.05 47.69
C VAL H 144 36.92 -20.32 49.17
N ASN H 145 37.48 -21.40 49.70
CA ASN H 145 37.28 -21.73 51.12
C ASN H 145 37.85 -20.61 52.00
N ASP H 146 39.06 -20.17 51.68
CA ASP H 146 39.71 -19.12 52.51
C ASP H 146 38.85 -17.85 52.47
N GLN H 147 38.49 -17.39 51.29
CA GLN H 147 37.66 -16.19 51.14
C GLN H 147 36.83 -16.33 49.88
N GLY H 148 35.58 -15.85 49.93
CA GLY H 148 34.67 -15.98 48.79
C GLY H 148 34.85 -14.88 47.77
N PHE H 149 34.11 -14.97 46.68
CA PHE H 149 34.16 -13.97 45.58
C PHE H 149 33.38 -12.71 45.94
N ALA H 150 32.93 -12.57 47.19
CA ALA H 150 32.12 -11.41 47.60
C ALA H 150 32.79 -10.10 47.16
N GLU H 151 34.11 -10.03 47.15
CA GLU H 151 34.78 -8.80 46.70
C GLU H 151 34.47 -8.51 45.22
N LEU H 152 34.67 -9.49 44.36
CA LEU H 152 34.41 -9.28 42.93
C LEU H 152 32.92 -9.02 42.72
N ALA H 153 32.07 -9.72 43.43
CA ALA H 153 30.61 -9.55 43.25
C ALA H 153 30.24 -8.14 43.67
N ARG H 154 30.83 -7.63 44.73
CA ARG H 154 30.53 -6.27 45.19
C ARG H 154 31.02 -5.26 44.16
N ARG H 155 32.19 -5.48 43.59
CA ARG H 155 32.70 -4.54 42.58
C ARG H 155 31.76 -4.53 41.36
N TYR H 156 31.35 -5.71 40.90
CA TYR H 156 30.44 -5.80 39.75
C TYR H 156 29.11 -5.14 40.08
N ALA H 157 28.67 -5.26 41.33
CA ALA H 157 27.38 -4.67 41.74
C ALA H 157 27.42 -3.18 41.52
N HIS H 158 28.52 -2.52 41.87
CA HIS H 158 28.62 -1.06 41.68
C HIS H 158 28.53 -0.72 40.19
N ASN H 159 29.27 -1.45 39.37
CA ASN H 159 29.24 -1.17 37.91
C ASN H 159 27.81 -1.34 37.37
N LEU H 160 27.12 -2.38 37.79
CA LEU H 160 25.75 -2.60 37.31
C LEU H 160 24.82 -1.52 37.82
N ALA H 161 24.99 -1.10 39.06
CA ALA H 161 24.10 -0.08 39.66
C ALA H 161 24.28 1.25 38.95
N ASN H 162 25.52 1.69 38.82
CA ASN H 162 25.79 2.99 38.18
C ASN H 162 25.75 2.82 36.66
N ALA H 163 25.92 3.90 35.95
CA ALA H 163 25.89 3.91 34.48
C ALA H 163 27.29 3.88 33.89
N ARG H 164 28.28 3.36 34.61
CA ARG H 164 29.67 3.36 34.12
C ARG H 164 29.71 2.70 32.75
N PHE H 165 28.77 1.83 32.44
CA PHE H 165 28.79 1.14 31.13
C PHE H 165 28.64 2.16 29.99
N LEU H 166 27.81 3.18 30.18
CA LEU H 166 27.61 4.21 29.15
C LEU H 166 28.89 5.02 29.03
N TRP H 167 29.27 5.35 27.81
CA TRP H 167 30.51 6.14 27.59
C TRP H 167 30.20 7.62 27.42
N ARG H 168 29.31 7.94 26.49
CA ARG H 168 29.00 9.36 26.25
C ARG H 168 27.58 9.71 26.64
N ASN H 169 26.68 8.75 26.71
CA ASN H 169 25.28 9.03 27.07
C ASN H 169 25.21 9.52 28.51
N ARG H 170 26.05 9.00 29.38
CA ARG H 170 26.04 9.41 30.79
C ARG H 170 26.48 10.87 30.94
N VAL H 171 27.54 11.25 30.26
CA VAL H 171 28.05 12.63 30.38
C VAL H 171 26.93 13.58 30.03
N GLY H 172 26.74 14.62 30.85
CA GLY H 172 25.68 15.60 30.61
C GLY H 172 24.29 15.02 30.73
N ALA H 173 24.00 14.38 31.86
CA ALA H 173 22.68 13.80 32.13
C ALA H 173 22.10 14.44 33.39
N GLU H 174 20.80 14.74 33.35
CA GLU H 174 20.14 15.35 34.52
C GLU H 174 19.90 14.30 35.60
N ALA H 175 19.24 13.20 35.27
CA ALA H 175 18.95 12.13 36.23
C ALA H 175 19.08 10.79 35.54
N VAL H 176 19.88 9.91 36.12
CA VAL H 176 20.05 8.53 35.60
C VAL H 176 19.52 7.56 36.66
N GLU H 177 18.56 6.72 36.28
CA GLU H 177 17.95 5.76 37.21
C GLU H 177 18.11 4.36 36.64
N VAL H 178 18.76 3.50 37.39
CA VAL H 178 18.99 2.10 36.97
C VAL H 178 18.07 1.20 37.79
N ARG H 179 17.45 0.24 37.12
CA ARG H 179 16.57 -0.73 37.80
C ARG H 179 16.97 -2.14 37.41
N ILE H 180 17.37 -2.94 38.38
CA ILE H 180 17.79 -4.34 38.13
C ILE H 180 16.70 -5.25 38.66
N ASN H 181 16.22 -6.14 37.81
CA ASN H 181 15.16 -7.09 38.18
C ASN H 181 15.69 -8.50 38.07
N HIS H 182 15.60 -9.27 39.15
CA HIS H 182 16.06 -10.67 39.16
C HIS H 182 14.91 -11.53 38.66
N ILE H 183 15.01 -11.97 37.41
CA ILE H 183 13.92 -12.76 36.80
C ILE H 183 14.04 -14.19 37.30
N ARG H 184 13.09 -14.60 38.12
CA ARG H 184 13.05 -15.98 38.66
C ARG H 184 12.22 -16.85 37.73
N GLN H 185 11.85 -18.03 38.17
CA GLN H 185 11.07 -18.95 37.32
C GLN H 185 9.85 -18.21 36.79
N GLY H 186 9.21 -17.39 37.62
CA GLY H 186 8.03 -16.63 37.21
C GLY H 186 8.34 -15.17 36.97
N GLU H 187 7.32 -14.41 36.58
CA GLU H 187 7.49 -12.97 36.32
C GLU H 187 7.89 -12.25 37.60
N VAL H 188 7.50 -12.76 38.75
CA VAL H 188 7.80 -12.09 40.04
C VAL H 188 9.32 -11.91 40.14
N ALA H 189 9.74 -10.77 40.66
CA ALA H 189 11.18 -10.49 40.80
C ALA H 189 11.43 -9.45 41.88
N ARG H 190 12.66 -9.36 42.36
CA ARG H 190 13.07 -8.34 43.36
C ARG H 190 13.60 -7.11 42.63
N ALA H 191 12.69 -6.35 42.02
CA ALA H 191 13.09 -5.15 41.29
C ALA H 191 13.73 -4.14 42.24
N TRP H 192 14.85 -3.59 41.83
CA TRP H 192 15.59 -2.59 42.62
C TRP H 192 15.66 -1.27 41.86
N ARG H 193 16.06 -0.22 42.56
CA ARG H 193 16.19 1.11 41.95
C ARG H 193 17.39 1.80 42.58
N PHE H 194 18.30 2.31 41.76
CA PHE H 194 19.51 2.99 42.25
C PHE H 194 19.70 4.33 41.57
N ASP H 195 20.76 5.03 41.93
CA ASP H 195 21.10 6.33 41.30
C ASP H 195 22.57 6.33 40.93
N ALA H 196 22.87 6.41 39.64
CA ALA H 196 24.26 6.43 39.18
C ALA H 196 24.97 7.71 39.61
N LEU H 197 24.27 8.83 39.53
CA LEU H 197 24.89 10.13 39.91
C LEU H 197 25.23 10.13 41.40
N ALA H 198 24.31 9.70 42.25
CA ALA H 198 24.55 9.72 43.70
C ALA H 198 25.71 8.79 44.03
N ILE H 199 25.79 7.66 43.35
CA ILE H 199 26.88 6.69 43.61
C ILE H 199 28.18 7.24 43.04
N GLY H 200 29.24 7.16 43.80
CA GLY H 200 30.53 7.71 43.35
C GLY H 200 31.06 6.91 42.18
N LEU H 201 31.59 7.59 41.18
CA LEU H 201 32.21 6.93 40.02
C LEU H 201 33.59 6.37 40.38
N ARG H 202 34.39 7.12 41.12
CA ARG H 202 35.77 6.70 41.45
C ARG H 202 35.85 6.10 42.86
N ASP H 203 34.74 6.05 43.58
CA ASP H 203 34.73 5.52 44.96
C ASP H 203 33.66 4.45 45.10
N PHE H 204 33.98 3.38 45.81
CA PHE H 204 33.03 2.27 46.04
C PHE H 204 32.56 2.32 47.49
N LYS H 205 31.27 2.46 47.68
CA LYS H 205 30.68 2.52 49.02
C LYS H 205 29.74 1.34 49.22
N ALA H 206 29.62 0.90 50.48
CA ALA H 206 28.77 -0.23 50.82
C ALA H 206 27.31 0.19 51.00
N ASP H 207 26.39 -0.67 50.60
CA ASP H 207 24.96 -0.41 50.75
C ASP H 207 24.24 -1.75 50.87
N ALA H 208 23.08 -1.76 51.51
CA ALA H 208 22.31 -3.00 51.70
C ALA H 208 22.00 -3.62 50.33
N GLU H 209 21.50 -2.81 49.40
CA GLU H 209 21.15 -3.34 48.06
C GLU H 209 22.42 -3.86 47.37
N LEU H 210 23.52 -3.13 47.45
CA LEU H 210 24.76 -3.58 46.80
C LEU H 210 25.19 -4.92 47.39
N ASP H 211 25.11 -5.07 48.70
CA ASP H 211 25.50 -6.33 49.34
C ASP H 211 24.59 -7.46 48.87
N ALA H 212 23.29 -7.21 48.80
CA ALA H 212 22.34 -8.25 48.36
C ALA H 212 22.68 -8.66 46.92
N LEU H 213 22.95 -7.69 46.06
CA LEU H 213 23.27 -8.00 44.65
C LEU H 213 24.57 -8.80 44.60
N ALA H 214 25.56 -8.43 45.38
CA ALA H 214 26.85 -9.14 45.37
C ALA H 214 26.61 -10.59 45.83
N GLU H 215 25.76 -10.78 46.84
CA GLU H 215 25.47 -12.13 47.33
C GLU H 215 24.80 -12.94 46.22
N LEU H 216 23.85 -12.33 45.52
CA LEU H 216 23.14 -13.04 44.44
C LEU H 216 24.15 -13.43 43.36
N ILE H 217 25.07 -12.52 43.02
CA ILE H 217 26.06 -12.81 41.97
C ILE H 217 26.98 -13.94 42.45
N ALA H 218 27.40 -13.90 43.70
CA ALA H 218 28.31 -14.94 44.22
C ALA H 218 27.59 -16.28 44.15
N SER H 219 26.31 -16.31 44.50
CA SER H 219 25.55 -17.58 44.47
C SER H 219 25.47 -18.08 43.03
N GLY H 220 25.11 -17.21 42.10
CA GLY H 220 24.99 -17.62 40.70
C GLY H 220 26.30 -18.19 40.21
N LEU H 221 27.40 -17.52 40.53
CA LEU H 221 28.73 -18.01 40.08
C LEU H 221 29.02 -19.35 40.74
N SER H 222 28.66 -19.51 42.00
CA SER H 222 28.87 -20.77 42.73
C SER H 222 27.99 -21.89 42.18
N GLY H 223 26.98 -21.58 41.39
CA GLY H 223 26.10 -22.61 40.81
C GLY H 223 24.78 -22.75 41.52
N SER H 224 24.14 -21.64 41.86
CA SER H 224 22.80 -21.68 42.49
C SER H 224 21.85 -22.49 41.62
N GLY H 225 21.93 -22.34 40.29
CA GLY H 225 21.09 -23.15 39.38
C GLY H 225 20.52 -22.32 38.26
N HIS H 226 20.18 -21.07 38.54
CA HIS H 226 19.70 -20.16 37.46
C HIS H 226 19.79 -18.71 37.94
N VAL H 227 20.34 -17.83 37.10
CA VAL H 227 20.39 -16.40 37.46
C VAL H 227 20.18 -15.55 36.22
N LEU H 228 19.20 -14.66 36.26
CA LEU H 228 18.93 -13.73 35.14
C LEU H 228 18.65 -12.36 35.74
N LEU H 229 19.39 -11.36 35.29
CA LEU H 229 19.20 -9.98 35.78
C LEU H 229 18.89 -9.07 34.59
N GLU H 230 17.70 -8.46 34.60
CA GLU H 230 17.29 -7.53 33.54
C GLU H 230 17.55 -6.12 34.05
N VAL H 231 18.50 -5.44 33.43
CA VAL H 231 18.88 -4.07 33.84
C VAL H 231 18.23 -3.10 32.86
N VAL H 232 17.49 -2.14 33.41
CA VAL H 232 16.86 -1.09 32.58
C VAL H 232 17.26 0.25 33.14
N ALA H 233 17.81 1.11 32.29
CA ALA H 233 18.25 2.45 32.70
C ALA H 233 17.42 3.52 32.04
N PHE H 234 17.19 4.61 32.75
CA PHE H 234 16.45 5.77 32.23
C PHE H 234 17.31 7.00 32.50
N ALA H 235 17.76 7.65 31.45
CA ALA H 235 18.63 8.84 31.57
C ALA H 235 17.95 10.05 30.95
N ARG H 236 17.90 11.15 31.70
CA ARG H 236 17.29 12.39 31.20
C ARG H 236 18.36 13.14 30.41
N ILE H 237 18.14 13.29 29.10
CA ILE H 237 19.12 13.98 28.23
C ILE H 237 18.52 15.28 27.72
N GLY H 238 17.39 15.21 27.05
CA GLY H 238 16.75 16.42 26.53
C GLY H 238 15.95 16.13 25.29
N ASP H 239 15.10 17.07 24.93
CA ASP H 239 14.23 16.91 23.75
C ASP H 239 15.06 16.93 22.47
N GLY H 240 14.84 16.00 21.58
CA GLY H 240 15.52 16.01 20.29
C GLY H 240 17.01 15.74 20.38
N GLN H 241 17.50 15.26 21.51
CA GLN H 241 18.94 15.02 21.66
C GLN H 241 19.40 13.89 20.75
N GLU H 242 20.72 13.73 20.65
CA GLU H 242 21.31 12.69 19.81
C GLU H 242 22.04 11.67 20.66
N VAL H 243 21.65 10.41 20.55
CA VAL H 243 22.31 9.31 21.28
C VAL H 243 23.57 8.92 20.52
N PHE H 244 24.45 8.18 21.16
CA PHE H 244 25.73 7.76 20.55
C PHE H 244 25.88 6.24 20.68
N PRO H 245 25.34 5.47 19.72
CA PRO H 245 25.50 4.04 19.74
C PRO H 245 26.89 3.59 19.30
N SER H 246 27.13 2.29 19.38
CA SER H 246 28.44 1.73 19.03
C SER H 246 28.55 1.58 17.51
N GLN H 247 29.56 2.19 16.93
CA GLN H 247 29.77 2.11 15.47
C GLN H 247 30.10 0.68 15.09
N GLU H 248 29.46 0.18 14.05
CA GLU H 248 29.69 -1.18 13.58
C GLU H 248 30.85 -1.18 12.61
N LEU H 249 31.86 -2.00 12.88
CA LEU H 249 33.03 -2.10 11.99
C LEU H 249 32.64 -2.84 10.72
N ILE H 250 33.11 -2.34 9.58
CA ILE H 250 32.83 -2.98 8.28
C ILE H 250 34.12 -3.55 7.70
N LEU H 251 35.15 -2.72 7.57
CA LEU H 251 36.48 -3.12 7.04
C LEU H 251 36.47 -3.20 5.51
N ASP H 252 35.33 -2.96 4.86
CA ASP H 252 35.24 -2.99 3.39
C ASP H 252 35.22 -1.56 2.89
N LYS H 253 36.36 -1.07 2.41
CA LYS H 253 36.44 0.31 1.91
C LYS H 253 35.55 0.48 0.69
N GLY H 254 35.54 -0.49 -0.21
CA GLY H 254 34.70 -0.43 -1.41
C GLY H 254 35.46 0.03 -2.63
N ASP H 255 34.94 -0.28 -3.80
CA ASP H 255 35.59 0.08 -5.09
C ASP H 255 34.88 1.26 -5.76
N LYS H 256 33.85 1.82 -5.14
CA LYS H 256 33.12 2.95 -5.74
C LYS H 256 32.60 3.84 -4.62
N LYS H 257 32.15 5.03 -5.00
CA LYS H 257 31.62 5.99 -4.02
C LYS H 257 30.14 5.72 -3.80
N GLY H 258 29.49 6.60 -3.03
CA GLY H 258 28.07 6.42 -2.72
C GLY H 258 27.89 5.54 -1.51
N GLN H 259 28.75 5.68 -0.52
CA GLN H 259 28.68 4.91 0.71
C GLN H 259 28.76 5.84 1.90
N LYS H 260 28.47 5.31 3.07
CA LYS H 260 28.49 6.09 4.33
C LYS H 260 29.82 5.87 5.03
N SER H 261 30.34 6.92 5.66
CA SER H 261 31.62 6.85 6.37
C SER H 261 31.47 6.41 7.82
N LYS H 262 30.25 6.48 8.35
CA LYS H 262 29.99 6.06 9.74
C LYS H 262 28.73 5.23 9.76
N THR H 263 28.84 3.98 10.18
CA THR H 263 27.70 3.06 10.24
C THR H 263 27.48 2.68 11.69
N LEU H 264 26.30 2.98 12.20
CA LEU H 264 25.96 2.69 13.59
C LEU H 264 25.30 1.31 13.68
N TYR H 265 25.70 0.53 14.68
CA TYR H 265 25.15 -0.82 14.87
C TYR H 265 23.68 -0.69 15.22
N SER H 266 22.83 -1.36 14.46
CA SER H 266 21.37 -1.32 14.69
C SER H 266 20.78 -2.70 14.45
N VAL H 267 19.89 -3.13 15.33
CA VAL H 267 19.20 -4.42 15.21
C VAL H 267 17.70 -4.18 15.28
N ARG H 268 16.94 -4.86 14.45
CA ARG H 268 15.47 -4.69 14.41
C ARG H 268 15.13 -3.22 14.18
N ASP H 269 15.91 -2.55 13.35
CA ASP H 269 15.69 -1.12 13.05
C ASP H 269 15.70 -0.30 14.33
N ALA H 270 16.53 -0.69 15.29
CA ALA H 270 16.66 0.02 16.57
C ALA H 270 18.13 0.04 16.96
N ALA H 271 18.58 1.16 17.50
CA ALA H 271 19.98 1.30 17.91
C ALA H 271 20.23 0.47 19.14
N ALA H 272 21.46 0.01 19.32
CA ALA H 272 21.84 -0.80 20.49
C ALA H 272 23.33 -0.73 20.69
N ILE H 273 23.81 -1.36 21.73
CA ILE H 273 25.25 -1.41 22.06
C ILE H 273 25.68 -2.86 22.02
N HIS H 274 26.89 -3.11 21.56
CA HIS H 274 27.40 -4.47 21.43
C HIS H 274 27.46 -5.17 22.78
N SER H 275 27.19 -6.47 22.78
CA SER H 275 27.23 -7.26 24.03
C SER H 275 28.61 -7.21 24.65
N GLN H 276 29.64 -7.44 23.85
CA GLN H 276 31.01 -7.43 24.37
C GLN H 276 31.37 -6.01 24.81
N LYS H 277 30.90 -5.02 24.07
CA LYS H 277 31.21 -3.63 24.45
C LYS H 277 30.60 -3.30 25.80
N ILE H 278 29.45 -3.87 26.12
CA ILE H 278 28.82 -3.65 27.44
C ILE H 278 29.53 -4.45 28.52
N GLY H 279 29.82 -5.70 28.24
CA GLY H 279 30.47 -6.58 29.23
C GLY H 279 31.89 -6.13 29.52
N ASN H 280 32.50 -5.39 28.60
CA ASN H 280 33.87 -4.89 28.87
C ASN H 280 33.84 -3.75 29.87
N ALA H 281 32.91 -2.82 29.67
CA ALA H 281 32.80 -1.69 30.62
C ALA H 281 32.31 -2.19 31.98
N LEU H 282 31.37 -3.14 31.98
CA LEU H 282 30.80 -3.61 33.25
C LEU H 282 31.90 -4.23 34.11
N ARG H 283 32.91 -4.85 33.49
CA ARG H 283 34.00 -5.49 34.25
C ARG H 283 35.19 -4.57 34.50
N THR H 284 34.97 -3.26 34.52
CA THR H 284 36.05 -2.29 34.80
C THR H 284 36.29 -2.25 36.30
N ILE H 285 36.95 -3.27 36.82
CA ILE H 285 37.26 -3.36 38.28
C ILE H 285 38.76 -3.43 38.54
N ASP H 286 39.59 -3.40 37.52
CA ASP H 286 41.05 -3.53 37.71
C ASP H 286 41.59 -2.18 38.17
N THR H 287 41.62 -1.97 39.48
CA THR H 287 42.11 -0.72 40.07
C THR H 287 43.47 -0.89 40.74
N TRP H 288 44.05 -2.09 40.72
CA TRP H 288 45.34 -2.36 41.37
C TRP H 288 46.52 -2.19 40.42
N TYR H 289 46.32 -1.58 39.27
CA TYR H 289 47.42 -1.44 38.28
C TYR H 289 48.59 -0.72 38.97
N PRO H 290 49.83 -0.92 38.50
CA PRO H 290 50.98 -0.31 39.17
C PRO H 290 50.95 1.22 39.26
N ASP H 291 50.55 1.91 38.20
CA ASP H 291 50.59 3.39 38.23
C ASP H 291 49.62 3.92 39.27
N GLU H 292 48.35 3.58 39.18
CA GLU H 292 47.30 4.05 40.12
C GLU H 292 47.52 5.52 40.45
N ASP H 293 47.71 6.35 39.44
CA ASP H 293 47.97 7.79 39.64
C ASP H 293 46.95 8.58 38.83
N GLY H 294 45.76 8.79 39.39
CA GLY H 294 44.72 9.62 38.75
C GLY H 294 43.73 8.81 37.93
N LEU H 295 44.15 7.72 37.32
CA LEU H 295 43.25 6.86 36.55
C LEU H 295 42.29 6.15 37.51
N GLY H 296 41.06 5.95 37.07
CA GLY H 296 40.06 5.25 37.90
C GLY H 296 39.95 3.80 37.49
N PRO H 297 38.74 3.22 37.47
CA PRO H 297 38.58 1.84 37.10
C PRO H 297 39.03 1.57 35.66
N ILE H 298 39.64 0.41 35.44
CA ILE H 298 40.12 0.02 34.10
C ILE H 298 39.61 -1.37 33.78
N ALA H 299 39.44 -1.65 32.50
CA ALA H 299 38.94 -2.95 32.04
C ALA H 299 39.92 -4.04 32.42
N VAL H 300 39.38 -5.18 32.83
CA VAL H 300 40.22 -6.34 33.19
C VAL H 300 40.63 -7.03 31.89
N GLU H 301 41.83 -6.75 31.44
CA GLU H 301 42.36 -7.34 30.20
C GLU H 301 43.78 -7.81 30.44
N PRO H 302 44.27 -8.82 29.71
CA PRO H 302 45.65 -9.24 29.87
C PRO H 302 46.64 -8.12 29.51
N TYR H 303 47.71 -8.01 30.26
CA TYR H 303 48.76 -6.98 30.04
C TYR H 303 48.20 -5.59 30.33
N GLY H 304 47.05 -5.49 30.98
CA GLY H 304 46.48 -4.18 31.35
C GLY H 304 46.49 -3.18 30.21
N SER H 305 46.16 -3.62 29.02
CA SER H 305 46.16 -2.73 27.85
C SER H 305 45.01 -1.74 27.93
N VAL H 306 45.21 -0.54 27.40
CA VAL H 306 44.16 0.50 27.39
C VAL H 306 44.12 1.11 25.99
N THR H 307 42.95 1.09 25.36
CA THR H 307 42.82 1.68 24.01
C THR H 307 42.81 3.19 24.05
N SER H 308 41.99 3.78 24.90
CA SER H 308 41.89 5.25 24.97
C SER H 308 43.23 5.83 25.38
N GLN H 309 43.82 5.32 26.44
CA GLN H 309 45.11 5.85 26.92
C GLN H 309 46.25 5.41 26.00
N GLY H 310 46.09 4.32 25.29
CA GLY H 310 47.14 3.86 24.35
C GLY H 310 48.32 3.25 25.08
N LYS H 311 48.21 2.98 26.37
CA LYS H 311 49.31 2.41 27.16
C LYS H 311 48.85 1.11 27.81
N ALA H 312 49.79 0.22 28.07
CA ALA H 312 49.49 -1.07 28.71
C ALA H 312 50.23 -1.17 30.03
N TYR H 313 49.50 -1.10 31.13
CA TYR H 313 50.11 -1.22 32.47
C TYR H 313 50.41 -2.68 32.75
N ARG H 314 51.20 -2.92 33.79
CA ARG H 314 51.56 -4.30 34.17
C ARG H 314 52.33 -4.97 33.04
N GLN H 315 53.34 -4.29 32.54
CA GLN H 315 54.16 -4.83 31.44
C GLN H 315 54.77 -6.16 31.87
N PRO H 316 55.17 -7.01 30.91
CA PRO H 316 55.72 -8.32 31.26
C PRO H 316 57.06 -8.25 31.99
N LYS H 317 57.78 -7.16 31.90
CA LYS H 317 59.10 -7.05 32.55
C LYS H 317 58.93 -7.21 34.06
N GLN H 318 57.86 -6.68 34.62
CA GLN H 318 57.63 -6.79 36.07
C GLN H 318 57.13 -8.19 36.41
N LYS H 319 57.07 -8.49 37.70
CA LYS H 319 56.60 -9.82 38.16
C LYS H 319 55.09 -9.82 38.41
N LEU H 320 54.42 -8.67 38.28
CA LEU H 320 52.98 -8.58 38.55
C LEU H 320 52.17 -9.09 37.36
N ASP H 321 52.82 -9.45 36.25
CA ASP H 321 52.10 -9.92 35.06
C ASP H 321 51.18 -11.08 35.44
N PHE H 322 50.02 -11.13 34.80
CA PHE H 322 49.05 -12.21 35.11
C PHE H 322 49.65 -13.57 34.82
N TYR H 323 50.23 -13.77 33.65
CA TYR H 323 50.80 -15.08 33.30
C TYR H 323 51.88 -15.47 34.31
N THR H 324 52.77 -14.57 34.64
CA THR H 324 53.86 -14.88 35.58
C THR H 324 53.27 -15.22 36.95
N LEU H 325 52.33 -14.42 37.43
CA LEU H 325 51.74 -14.67 38.76
C LEU H 325 51.07 -16.04 38.78
N LEU H 326 50.31 -16.38 37.74
CA LEU H 326 49.62 -17.67 37.73
C LEU H 326 50.63 -18.82 37.67
N ASP H 327 51.65 -18.67 36.83
CA ASP H 327 52.67 -19.72 36.71
C ASP H 327 53.33 -19.94 38.07
N ASN H 328 53.67 -18.86 38.77
CA ASN H 328 54.33 -18.99 40.07
C ASN H 328 53.39 -19.63 41.09
N TRP H 329 52.16 -19.16 41.16
CA TRP H 329 51.18 -19.66 42.15
C TRP H 329 50.77 -21.10 41.83
N VAL H 330 51.06 -21.58 40.62
CA VAL H 330 50.68 -22.96 40.25
C VAL H 330 51.88 -23.89 40.44
N LEU H 331 52.98 -23.61 39.76
CA LEU H 331 54.17 -24.49 39.86
C LEU H 331 54.81 -24.37 41.23
N ARG H 332 55.10 -23.15 41.69
CA ARG H 332 55.79 -22.96 42.99
C ARG H 332 54.80 -22.86 44.14
N ASP H 333 53.50 -22.82 43.86
CA ASP H 333 52.47 -22.73 44.92
C ASP H 333 52.65 -21.45 45.74
N GLU H 334 53.18 -20.40 45.12
CA GLU H 334 53.42 -19.13 45.83
C GLU H 334 52.13 -18.31 45.76
N ALA H 335 51.48 -18.12 46.90
CA ALA H 335 50.24 -17.34 46.97
C ALA H 335 50.59 -15.86 46.91
N PRO H 336 50.19 -15.13 45.86
CA PRO H 336 50.51 -13.73 45.77
C PRO H 336 49.59 -12.89 46.67
N ALA H 337 49.83 -11.58 46.67
CA ALA H 337 49.04 -10.66 47.51
C ALA H 337 47.55 -10.83 47.18
N VAL H 338 46.72 -10.53 48.18
CA VAL H 338 45.26 -10.68 48.01
C VAL H 338 44.82 -9.90 46.76
N GLU H 339 45.41 -8.74 46.51
CA GLU H 339 45.03 -7.95 45.34
C GLU H 339 45.33 -8.72 44.06
N GLN H 340 46.52 -9.31 43.96
CA GLN H 340 46.88 -10.08 42.76
C GLN H 340 45.96 -11.28 42.63
N GLN H 341 45.63 -11.94 43.73
CA GLN H 341 44.73 -13.10 43.67
C GLN H 341 43.36 -12.67 43.15
N HIS H 342 42.87 -11.54 43.61
CA HIS H 342 41.56 -11.03 43.16
C HIS H 342 41.62 -10.75 41.65
N TYR H 343 42.69 -10.11 41.21
CA TYR H 343 42.83 -9.79 39.77
C TYR H 343 42.86 -11.08 38.96
N VAL H 344 43.58 -12.08 39.46
CA VAL H 344 43.70 -13.36 38.73
C VAL H 344 42.32 -14.04 38.65
N ILE H 345 41.57 -14.01 39.74
CA ILE H 345 40.24 -14.63 39.73
C ILE H 345 39.33 -13.86 38.76
N ALA H 346 39.46 -12.55 38.73
CA ALA H 346 38.62 -11.72 37.83
C ALA H 346 38.94 -12.08 36.39
N ASN H 347 40.21 -12.22 36.06
CA ASN H 347 40.60 -12.55 34.68
C ASN H 347 40.06 -13.93 34.32
N LEU H 348 40.19 -14.88 35.25
CA LEU H 348 39.70 -16.25 34.97
C LEU H 348 38.18 -16.21 34.75
N ILE H 349 37.49 -15.36 35.49
CA ILE H 349 36.02 -15.23 35.32
C ILE H 349 35.73 -14.65 33.95
N ARG H 350 36.49 -13.64 33.54
CA ARG H 350 36.29 -13.02 32.21
C ARG H 350 36.52 -14.08 31.13
N GLY H 351 37.49 -14.95 31.34
CA GLY H 351 37.78 -16.00 30.38
C GLY H 351 38.68 -15.54 29.26
N GLY H 352 39.19 -16.50 28.51
CA GLY H 352 40.06 -16.18 27.37
C GLY H 352 40.91 -17.36 26.98
N VAL H 353 41.99 -17.08 26.26
CA VAL H 353 42.94 -18.11 25.82
C VAL H 353 44.32 -17.76 26.34
N PHE H 354 44.96 -18.70 27.04
CA PHE H 354 46.28 -18.46 27.63
C PHE H 354 47.24 -19.57 27.18
N GLY H 355 48.43 -19.55 27.74
CA GLY H 355 49.45 -20.56 27.40
C GLY H 355 50.07 -20.29 26.06
N GLU H 356 49.94 -21.22 25.13
CA GLU H 356 50.52 -21.05 23.78
C GLU H 356 49.61 -21.70 22.75
N MET J 1 -48.95 -35.00 47.36
CA MET J 1 -49.50 -35.02 45.98
C MET J 1 -50.02 -36.43 45.71
N ASP J 2 -51.35 -36.56 45.61
CA ASP J 2 -51.98 -37.87 45.37
C ASP J 2 -52.11 -38.16 43.88
N HIS J 3 -51.92 -37.17 43.03
CA HIS J 3 -52.02 -37.35 41.56
C HIS J 3 -50.85 -36.63 40.89
N TYR J 4 -50.11 -37.34 40.04
CA TYR J 4 -48.97 -36.77 39.30
C TYR J 4 -49.36 -36.64 37.84
N LEU J 5 -49.14 -35.47 37.26
CA LEU J 5 -49.46 -35.22 35.82
C LEU J 5 -48.17 -35.01 35.06
N ASP J 6 -47.93 -35.85 34.05
CA ASP J 6 -46.67 -35.79 33.29
C ASP J 6 -46.94 -35.10 31.96
N ILE J 7 -46.37 -33.91 31.78
CA ILE J 7 -46.53 -33.15 30.51
C ILE J 7 -45.23 -33.34 29.72
N ARG J 8 -45.33 -34.06 28.62
CA ARG J 8 -44.16 -34.35 27.77
C ARG J 8 -44.21 -33.40 26.59
N LEU J 9 -43.18 -32.57 26.45
CA LEU J 9 -43.14 -31.60 25.35
C LEU J 9 -42.74 -32.35 24.08
N ARG J 10 -43.63 -32.37 23.10
CA ARG J 10 -43.37 -33.10 21.84
C ARG J 10 -42.46 -32.26 20.97
N PRO J 11 -41.48 -32.86 20.25
CA PRO J 11 -40.63 -32.01 19.44
C PRO J 11 -41.42 -31.31 18.33
N ASP J 12 -41.14 -30.04 18.10
CA ASP J 12 -41.85 -29.27 17.05
C ASP J 12 -40.84 -28.47 16.23
N PRO J 13 -41.00 -28.43 14.91
CA PRO J 13 -40.07 -27.66 14.08
C PRO J 13 -40.27 -26.15 14.15
N GLU J 14 -41.50 -25.72 14.35
CA GLU J 14 -41.82 -24.28 14.37
C GLU J 14 -41.09 -23.61 15.53
N PHE J 15 -41.00 -24.29 16.66
CA PHE J 15 -40.36 -23.72 17.87
C PHE J 15 -39.22 -24.61 18.31
N PRO J 16 -38.23 -24.04 19.02
CA PRO J 16 -37.12 -24.84 19.51
C PRO J 16 -37.48 -25.47 20.87
N PRO J 17 -36.67 -26.43 21.36
CA PRO J 17 -36.97 -27.03 22.64
C PRO J 17 -36.93 -26.02 23.80
N ALA J 18 -35.93 -25.14 23.82
CA ALA J 18 -35.80 -24.17 24.91
C ALA J 18 -37.00 -23.22 24.90
N GLN J 19 -37.32 -22.66 23.75
CA GLN J 19 -38.45 -21.70 23.66
C GLN J 19 -39.74 -22.46 24.00
N LEU J 20 -39.86 -23.69 23.52
CA LEU J 20 -41.10 -24.46 23.78
C LEU J 20 -41.27 -24.67 25.29
N MET J 21 -40.22 -25.11 25.95
CA MET J 21 -40.30 -25.38 27.40
C MET J 21 -40.59 -24.07 28.14
N SER J 22 -39.96 -22.98 27.71
CA SER J 22 -40.15 -21.69 28.39
C SER J 22 -41.61 -21.27 28.27
N VAL J 23 -42.17 -21.39 27.09
CA VAL J 23 -43.58 -20.99 26.86
C VAL J 23 -44.49 -21.89 27.69
N LEU J 24 -44.19 -23.18 27.74
CA LEU J 24 -45.05 -24.11 28.49
C LEU J 24 -45.02 -23.73 29.96
N PHE J 25 -43.84 -23.48 30.50
CA PHE J 25 -43.72 -23.14 31.93
C PHE J 25 -44.46 -21.82 32.21
N GLY J 26 -44.29 -20.84 31.32
CA GLY J 26 -44.95 -19.55 31.54
C GLY J 26 -46.45 -19.69 31.52
N LYS J 27 -46.97 -20.47 30.57
CA LYS J 27 -48.43 -20.66 30.47
C LYS J 27 -48.92 -21.39 31.71
N LEU J 28 -48.17 -22.39 32.18
CA LEU J 28 -48.59 -23.16 33.37
C LEU J 28 -48.59 -22.24 34.59
N HIS J 29 -47.68 -21.29 34.63
CA HIS J 29 -47.57 -20.41 35.83
C HIS J 29 -48.89 -19.70 36.06
N GLN J 30 -49.46 -19.10 35.01
CA GLN J 30 -50.75 -18.40 35.18
C GLN J 30 -51.90 -19.38 35.41
N ALA J 31 -51.75 -20.61 34.93
CA ALA J 31 -52.81 -21.64 35.06
C ALA J 31 -52.84 -22.24 36.47
N LEU J 32 -51.80 -22.03 37.28
CA LEU J 32 -51.73 -22.63 38.64
C LEU J 32 -51.90 -21.57 39.72
N VAL J 33 -51.13 -20.50 39.68
CA VAL J 33 -51.20 -19.47 40.74
C VAL J 33 -52.59 -18.83 40.72
N ALA J 34 -53.06 -18.44 39.53
CA ALA J 34 -54.39 -17.81 39.41
C ALA J 34 -55.47 -18.84 39.74
N GLN J 35 -55.25 -20.09 39.40
CA GLN J 35 -56.26 -21.15 39.64
C GLN J 35 -56.42 -21.44 41.14
N GLY J 36 -55.40 -21.14 41.93
CA GLY J 36 -55.45 -21.40 43.38
C GLY J 36 -54.91 -22.77 43.73
N GLY J 37 -55.21 -23.24 44.94
CA GLY J 37 -54.76 -24.56 45.40
C GLY J 37 -53.80 -24.45 46.56
N ASP J 38 -53.85 -25.41 47.48
CA ASP J 38 -53.00 -25.38 48.68
C ASP J 38 -51.54 -25.67 48.32
N ARG J 39 -51.30 -26.73 47.56
CA ARG J 39 -49.91 -27.11 47.19
C ARG J 39 -49.84 -27.29 45.69
N ILE J 40 -48.99 -26.50 45.03
CA ILE J 40 -48.78 -26.61 43.57
C ILE J 40 -47.29 -26.66 43.32
N GLY J 41 -46.81 -27.74 42.72
CA GLY J 41 -45.37 -27.88 42.45
C GLY J 41 -45.11 -28.72 41.24
N VAL J 42 -43.99 -28.47 40.57
CA VAL J 42 -43.60 -29.30 39.41
C VAL J 42 -42.10 -29.58 39.47
N SER J 43 -41.70 -30.66 38.85
CA SER J 43 -40.28 -31.06 38.80
C SER J 43 -39.90 -31.49 37.40
N PHE J 44 -38.63 -31.35 37.05
CA PHE J 44 -38.14 -31.73 35.72
C PHE J 44 -37.58 -33.14 35.82
N PRO J 45 -38.31 -34.16 35.38
CA PRO J 45 -37.76 -35.52 35.43
C PRO J 45 -36.57 -35.72 34.49
N ASP J 46 -36.50 -34.97 33.40
CA ASP J 46 -35.43 -35.11 32.40
C ASP J 46 -34.24 -34.23 32.76
N LEU J 47 -34.24 -33.58 33.91
CA LEU J 47 -33.14 -32.67 34.28
C LEU J 47 -31.82 -33.41 34.21
N ASP J 48 -30.87 -32.86 33.46
CA ASP J 48 -29.53 -33.46 33.33
C ASP J 48 -28.51 -32.32 33.36
N GLU J 49 -27.48 -32.45 34.17
CA GLU J 49 -26.45 -31.39 34.28
C GLU J 49 -25.40 -31.51 33.15
N SER J 50 -25.39 -32.61 32.41
CA SER J 50 -24.43 -32.76 31.30
C SER J 50 -24.77 -31.81 30.15
N ARG J 51 -26.02 -31.79 29.72
CA ARG J 51 -26.45 -30.94 28.60
C ARG J 51 -26.82 -29.54 29.09
N SER J 52 -26.92 -29.32 30.40
CA SER J 52 -27.31 -28.00 30.96
C SER J 52 -28.71 -27.62 30.48
N ARG J 53 -29.56 -28.60 30.23
CA ARG J 53 -30.93 -28.34 29.76
C ARG J 53 -31.89 -28.43 30.95
N LEU J 54 -33.13 -28.05 30.74
CA LEU J 54 -34.16 -28.10 31.81
C LEU J 54 -35.02 -29.35 31.70
N GLY J 55 -34.74 -30.22 30.74
CA GLY J 55 -35.50 -31.46 30.56
C GLY J 55 -36.55 -31.33 29.46
N GLU J 56 -36.90 -32.44 28.84
CA GLU J 56 -37.89 -32.47 27.75
C GLU J 56 -39.29 -32.77 28.30
N ARG J 57 -39.44 -33.01 29.59
CA ARG J 57 -40.76 -33.26 30.17
C ARG J 57 -40.83 -32.70 31.58
N LEU J 58 -42.04 -32.47 32.06
CA LEU J 58 -42.25 -32.00 33.44
C LEU J 58 -43.31 -32.83 34.15
N ARG J 59 -43.19 -32.92 35.46
CA ARG J 59 -44.17 -33.69 36.27
C ARG J 59 -44.72 -32.75 37.33
N ILE J 60 -46.04 -32.55 37.31
CA ILE J 60 -46.71 -31.68 38.30
C ILE J 60 -47.27 -32.57 39.39
N HIS J 61 -46.79 -32.36 40.63
CA HIS J 61 -47.25 -33.15 41.79
C HIS J 61 -48.29 -32.34 42.55
N ALA J 62 -49.53 -32.79 42.50
CA ALA J 62 -50.64 -32.09 43.18
C ALA J 62 -51.68 -33.12 43.60
N SER J 63 -52.70 -32.66 44.30
CA SER J 63 -53.79 -33.53 44.76
C SER J 63 -54.71 -33.91 43.59
N ALA J 64 -55.64 -34.82 43.83
CA ALA J 64 -56.58 -35.25 42.79
C ALA J 64 -57.56 -34.14 42.46
N ASP J 65 -58.14 -33.51 43.46
CA ASP J 65 -59.14 -32.44 43.22
C ASP J 65 -58.46 -31.25 42.57
N ASP J 66 -57.23 -30.96 42.98
CA ASP J 66 -56.50 -29.80 42.40
C ASP J 66 -56.25 -30.05 40.92
N LEU J 67 -55.80 -31.24 40.57
CA LEU J 67 -55.50 -31.54 39.16
C LEU J 67 -56.80 -31.62 38.35
N ARG J 68 -57.89 -32.01 39.01
CA ARG J 68 -59.17 -32.15 38.29
C ARG J 68 -59.53 -30.80 37.67
N ALA J 69 -59.39 -29.72 38.42
CA ALA J 69 -59.68 -28.38 37.87
C ALA J 69 -58.48 -27.81 37.10
N LEU J 70 -57.26 -28.23 37.44
CA LEU J 70 -56.07 -27.68 36.75
C LEU J 70 -56.07 -28.12 35.29
N LEU J 71 -56.22 -29.41 35.04
CA LEU J 71 -56.21 -29.92 33.66
C LEU J 71 -57.45 -29.43 32.93
N ALA J 72 -58.57 -29.33 33.63
CA ALA J 72 -59.84 -28.88 33.02
C ALA J 72 -59.79 -27.39 32.68
N ARG J 73 -58.94 -26.62 33.34
CA ARG J 73 -58.90 -25.16 33.10
C ARG J 73 -58.48 -24.93 31.64
N PRO J 74 -59.13 -23.99 30.94
CA PRO J 74 -58.73 -23.72 29.55
C PRO J 74 -57.30 -23.21 29.43
N TRP J 75 -56.86 -22.38 30.37
CA TRP J 75 -55.50 -21.80 30.30
C TRP J 75 -54.46 -22.92 30.30
N LEU J 76 -54.58 -23.86 31.22
CA LEU J 76 -53.59 -24.96 31.31
C LEU J 76 -53.74 -25.92 30.14
N GLU J 77 -54.85 -25.87 29.43
CA GLU J 77 -55.10 -26.76 28.28
C GLU J 77 -54.87 -26.03 26.96
N GLY J 78 -55.21 -26.66 25.85
CA GLY J 78 -55.16 -26.01 24.54
C GLY J 78 -53.81 -26.14 23.84
N LEU J 79 -52.76 -26.48 24.58
CA LEU J 79 -51.42 -26.67 23.99
C LEU J 79 -51.18 -28.15 23.74
N ARG J 80 -52.23 -28.96 23.67
CA ARG J 80 -52.09 -30.40 23.38
C ARG J 80 -51.57 -30.62 21.97
N ASP J 81 -51.64 -29.61 21.10
CA ASP J 81 -51.16 -29.74 19.72
C ASP J 81 -49.66 -29.98 19.67
N HIS J 82 -48.90 -29.20 20.43
CA HIS J 82 -47.42 -29.31 20.44
C HIS J 82 -46.91 -30.14 21.62
N LEU J 83 -47.77 -30.46 22.59
CA LEU J 83 -47.35 -31.21 23.78
C LEU J 83 -48.29 -32.38 24.01
N GLN J 84 -47.73 -33.53 24.33
CA GLN J 84 -48.51 -34.77 24.55
C GLN J 84 -48.78 -34.87 26.03
N PHE J 85 -50.06 -34.83 26.40
CA PHE J 85 -50.46 -34.86 27.82
C PHE J 85 -51.40 -36.03 28.05
N GLY J 86 -51.19 -36.75 29.16
CA GLY J 86 -52.05 -37.89 29.51
C GLY J 86 -53.02 -37.55 30.61
N GLU J 87 -53.37 -38.53 31.43
CA GLU J 87 -54.33 -38.34 32.53
C GLU J 87 -53.63 -38.63 33.85
N PRO J 88 -54.26 -38.31 34.99
CA PRO J 88 -53.59 -38.54 36.25
C PRO J 88 -53.34 -40.03 36.50
N ALA J 89 -52.14 -40.35 36.99
CA ALA J 89 -51.78 -41.75 37.34
C ALA J 89 -51.14 -41.77 38.73
N VAL J 90 -51.52 -42.74 39.54
CA VAL J 90 -51.00 -42.80 40.91
C VAL J 90 -49.49 -43.00 40.85
N VAL J 91 -48.77 -42.18 41.60
CA VAL J 91 -47.29 -42.25 41.59
C VAL J 91 -46.84 -43.48 42.37
N PRO J 92 -45.63 -43.99 42.10
CA PRO J 92 -45.20 -45.18 42.81
C PRO J 92 -44.97 -44.87 44.30
N HIS J 93 -45.19 -45.87 45.14
CA HIS J 93 -45.07 -45.66 46.60
C HIS J 93 -43.65 -45.20 46.95
N PRO J 94 -42.57 -45.79 46.41
CA PRO J 94 -41.24 -45.29 46.75
C PRO J 94 -40.98 -43.93 46.10
N THR J 95 -40.53 -42.97 46.88
CA THR J 95 -40.24 -41.62 46.36
C THR J 95 -38.98 -41.06 47.04
N PRO J 96 -38.15 -40.32 46.31
CA PRO J 96 -36.98 -39.70 46.92
C PRO J 96 -37.30 -38.34 47.53
N TYR J 97 -36.28 -37.69 48.11
CA TYR J 97 -36.45 -36.35 48.71
C TYR J 97 -35.66 -35.33 47.90
N ARG J 98 -36.37 -34.44 47.23
CA ARG J 98 -35.71 -33.35 46.45
C ARG J 98 -36.55 -32.09 46.59
N GLN J 99 -35.89 -30.95 46.79
CA GLN J 99 -36.60 -29.66 46.89
C GLN J 99 -36.05 -28.74 45.82
N VAL J 100 -36.89 -28.35 44.87
CA VAL J 100 -36.48 -27.41 43.80
C VAL J 100 -36.79 -26.00 44.27
N SER J 101 -35.83 -25.11 44.16
CA SER J 101 -35.99 -23.71 44.63
C SER J 101 -35.44 -22.74 43.60
N ARG J 102 -35.64 -21.45 43.85
CA ARG J 102 -35.18 -20.38 42.94
C ARG J 102 -34.28 -19.42 43.71
N VAL J 103 -33.27 -18.90 43.06
CA VAL J 103 -32.32 -17.93 43.66
C VAL J 103 -32.66 -16.54 43.13
N GLN J 104 -32.87 -15.57 44.02
CA GLN J 104 -33.18 -14.18 43.62
C GLN J 104 -31.98 -13.31 43.97
N ALA J 105 -31.31 -12.76 42.96
CA ALA J 105 -30.18 -11.85 43.19
C ALA J 105 -29.97 -10.98 41.96
N LYS J 106 -29.23 -9.90 42.12
CA LYS J 106 -28.96 -8.96 41.00
C LYS J 106 -27.48 -9.05 40.64
N SER J 107 -27.18 -9.21 39.36
CA SER J 107 -25.79 -9.34 38.88
C SER J 107 -25.24 -8.02 38.34
N ASN J 108 -26.01 -6.94 38.43
CA ASN J 108 -25.57 -5.64 37.88
C ASN J 108 -25.24 -4.70 39.04
N PRO J 109 -24.00 -4.18 39.11
CA PRO J 109 -23.67 -3.25 40.20
C PRO J 109 -24.49 -1.95 40.14
N GLU J 110 -24.90 -1.54 38.94
CA GLU J 110 -25.66 -0.28 38.80
C GLU J 110 -27.00 -0.40 39.52
N ARG J 111 -27.69 -1.51 39.37
CA ARG J 111 -29.01 -1.68 40.01
C ARG J 111 -28.83 -1.63 41.53
N LEU J 112 -27.78 -2.26 42.04
CA LEU J 112 -27.56 -2.28 43.50
C LEU J 112 -27.21 -0.87 43.99
N ARG J 113 -26.36 -0.17 43.26
CA ARG J 113 -25.96 1.19 43.69
C ARG J 113 -27.19 2.08 43.69
N ARG J 114 -28.07 1.92 42.70
CA ARG J 114 -29.29 2.75 42.62
C ARG J 114 -30.22 2.42 43.78
N ARG J 115 -30.40 1.13 44.08
CA ARG J 115 -31.30 0.72 45.17
C ARG J 115 -30.75 1.26 46.49
N LEU J 116 -29.43 1.28 46.65
CA LEU J 116 -28.82 1.78 47.90
C LEU J 116 -28.96 3.30 48.00
N MET J 117 -28.70 4.01 46.91
CA MET J 117 -28.76 5.48 46.92
C MET J 117 -30.21 5.96 47.04
N ARG J 118 -31.17 5.13 46.67
CA ARG J 118 -32.59 5.52 46.73
C ARG J 118 -33.18 5.34 48.13
N ARG J 119 -32.41 4.80 49.08
CA ARG J 119 -32.90 4.60 50.46
C ARG J 119 -32.32 5.63 51.42
N HIS J 120 -31.00 5.79 51.46
CA HIS J 120 -30.34 6.76 52.36
C HIS J 120 -30.13 8.10 51.68
N ASP J 121 -30.58 8.26 50.44
CA ASP J 121 -30.41 9.54 49.69
C ASP J 121 -28.94 9.92 49.61
N LEU J 122 -28.12 9.04 49.04
CA LEU J 122 -26.68 9.29 48.88
C LEU J 122 -26.39 9.93 47.53
N SER J 123 -25.13 10.27 47.30
CA SER J 123 -24.69 10.88 46.02
C SER J 123 -24.34 9.81 45.01
N GLU J 124 -24.08 10.23 43.77
CA GLU J 124 -23.73 9.27 42.71
C GLU J 124 -22.40 8.59 43.05
N GLU J 125 -21.41 9.36 43.47
CA GLU J 125 -20.10 8.77 43.83
C GLU J 125 -20.23 7.95 45.11
N GLU J 126 -21.10 8.39 46.02
CA GLU J 126 -21.28 7.64 47.29
C GLU J 126 -21.87 6.27 46.99
N ALA J 127 -22.84 6.21 46.08
CA ALA J 127 -23.45 4.92 45.70
C ALA J 127 -22.50 4.08 44.86
N ARG J 128 -21.69 4.73 44.01
CA ARG J 128 -20.76 3.98 43.15
C ARG J 128 -19.63 3.37 43.97
N LYS J 129 -19.06 4.13 44.91
CA LYS J 129 -17.92 3.60 45.69
C LYS J 129 -18.42 2.52 46.64
N ARG J 130 -19.67 2.66 47.11
CA ARG J 130 -20.19 1.67 48.10
C ARG J 130 -20.46 0.33 47.40
N ILE J 131 -20.67 0.33 46.08
CA ILE J 131 -20.86 -0.95 45.36
C ILE J 131 -19.55 -1.40 44.71
N PRO J 132 -18.86 -2.40 45.27
CA PRO J 132 -17.62 -2.86 44.66
C PRO J 132 -17.83 -3.91 43.57
N ASP J 133 -16.74 -4.41 43.00
CA ASP J 133 -16.80 -5.45 41.94
C ASP J 133 -17.12 -6.82 42.53
N THR J 134 -17.09 -6.98 43.84
CA THR J 134 -17.35 -8.28 44.50
C THR J 134 -18.84 -8.50 44.77
N VAL J 135 -19.69 -7.57 44.38
CA VAL J 135 -21.15 -7.69 44.65
C VAL J 135 -21.90 -8.30 43.47
N ALA J 136 -21.22 -8.59 42.36
CA ALA J 136 -21.86 -9.20 41.20
C ALA J 136 -21.76 -10.72 41.30
N ARG J 137 -22.87 -11.38 41.57
CA ARG J 137 -22.89 -12.86 41.70
C ARG J 137 -24.12 -13.41 41.00
N ALA J 138 -23.98 -14.55 40.35
CA ALA J 138 -25.13 -15.19 39.67
C ALA J 138 -24.97 -16.69 39.66
N LEU J 139 -26.09 -17.41 39.54
CA LEU J 139 -26.03 -18.88 39.49
C LEU J 139 -25.40 -19.32 38.16
N ASP J 140 -24.59 -20.36 38.19
CA ASP J 140 -23.95 -20.92 36.97
C ASP J 140 -24.65 -22.20 36.52
N LEU J 141 -25.76 -22.56 37.14
CA LEU J 141 -26.49 -23.79 36.80
C LEU J 141 -27.21 -23.59 35.48
N PRO J 142 -27.76 -24.68 34.90
CA PRO J 142 -28.44 -24.54 33.63
C PRO J 142 -29.66 -23.62 33.73
N PHE J 143 -29.75 -22.65 32.84
CA PHE J 143 -30.85 -21.66 32.85
C PHE J 143 -31.48 -21.63 31.46
N VAL J 144 -32.75 -21.96 31.41
CA VAL J 144 -33.47 -21.99 30.11
C VAL J 144 -33.63 -20.57 29.59
N THR J 145 -33.72 -20.45 28.29
CA THR J 145 -33.88 -19.13 27.65
C THR J 145 -35.35 -18.71 27.74
N LEU J 146 -35.63 -17.64 28.45
CA LEU J 146 -37.01 -17.12 28.57
C LEU J 146 -37.02 -15.65 28.14
N ARG J 147 -37.72 -15.35 27.06
CA ARG J 147 -37.82 -13.96 26.55
C ARG J 147 -39.19 -13.42 26.94
N SER J 148 -39.20 -12.31 27.64
CA SER J 148 -40.46 -11.69 28.11
C SER J 148 -40.22 -10.20 28.31
N GLN J 149 -41.17 -9.52 28.91
CA GLN J 149 -41.05 -8.07 29.16
C GLN J 149 -39.84 -7.77 30.05
N SER J 150 -39.30 -8.75 30.77
CA SER J 150 -38.11 -8.52 31.60
C SER J 150 -36.87 -8.24 30.76
N THR J 151 -36.66 -9.03 29.71
CA THR J 151 -35.48 -8.86 28.84
C THR J 151 -35.89 -9.11 27.39
N GLY J 152 -35.37 -8.31 26.47
CA GLY J 152 -35.69 -8.49 25.04
C GLY J 152 -35.17 -9.81 24.51
N GLN J 153 -33.94 -10.15 24.82
CA GLN J 153 -33.33 -11.40 24.33
C GLN J 153 -33.72 -12.52 25.28
N HIS J 154 -33.12 -13.69 25.12
CA HIS J 154 -33.42 -14.83 26.00
C HIS J 154 -32.85 -14.56 27.38
N PHE J 155 -33.70 -14.61 28.40
CA PHE J 155 -33.28 -14.37 29.80
C PHE J 155 -33.08 -15.72 30.49
N ARG J 156 -32.04 -15.81 31.30
CA ARG J 156 -31.75 -17.06 32.00
C ARG J 156 -32.79 -17.29 33.10
N LEU J 157 -33.12 -18.55 33.35
CA LEU J 157 -34.05 -18.92 34.44
C LEU J 157 -33.26 -19.68 35.50
N PHE J 158 -33.15 -19.09 36.69
CA PHE J 158 -32.34 -19.71 37.77
C PHE J 158 -33.20 -20.77 38.43
N ILE J 159 -32.81 -22.03 38.27
CA ILE J 159 -33.54 -23.16 38.91
C ILE J 159 -32.55 -23.97 39.71
N ARG J 160 -32.76 -24.09 41.01
CA ARG J 160 -31.86 -24.86 41.89
C ARG J 160 -32.50 -26.21 42.20
N HIS J 161 -31.77 -27.30 41.94
CA HIS J 161 -32.29 -28.65 42.21
C HIS J 161 -31.72 -29.17 43.52
N GLY J 162 -32.60 -29.54 44.44
CA GLY J 162 -32.17 -30.02 45.76
C GLY J 162 -31.50 -31.38 45.67
N PRO J 163 -30.49 -31.62 46.50
CA PRO J 163 -29.83 -32.91 46.48
C PRO J 163 -30.75 -34.04 46.94
N LEU J 164 -30.47 -35.24 46.47
CA LEU J 164 -31.32 -36.40 46.81
C LEU J 164 -31.10 -36.77 48.27
N GLN J 165 -32.19 -36.89 49.02
CA GLN J 165 -32.13 -37.23 50.46
C GLN J 165 -33.07 -38.40 50.71
N VAL J 166 -33.08 -38.92 51.93
CA VAL J 166 -33.97 -40.04 52.27
C VAL J 166 -35.27 -39.48 52.85
N THR J 167 -35.16 -38.68 53.90
CA THR J 167 -36.36 -38.11 54.54
C THR J 167 -36.98 -37.09 53.59
N ALA J 168 -38.27 -37.23 53.30
CA ALA J 168 -38.98 -36.29 52.42
C ALA J 168 -40.05 -35.59 53.25
N GLU J 169 -39.88 -34.29 53.46
CA GLU J 169 -40.86 -33.49 54.23
C GLU J 169 -41.75 -32.77 53.22
N GLU J 170 -43.03 -33.08 53.22
CA GLU J 170 -43.99 -32.44 52.30
C GLU J 170 -44.60 -31.23 52.96
N GLY J 171 -45.51 -30.57 52.26
CA GLY J 171 -46.22 -29.42 52.83
C GLY J 171 -46.72 -28.50 51.75
N GLY J 172 -47.37 -27.42 52.16
CA GLY J 172 -47.93 -26.46 51.20
C GLY J 172 -46.82 -25.79 50.43
N PHE J 173 -46.96 -25.71 49.11
CA PHE J 173 -45.94 -25.11 48.24
C PHE J 173 -46.33 -23.68 47.90
N THR J 174 -45.46 -23.00 47.18
CA THR J 174 -45.70 -21.60 46.80
C THR J 174 -46.72 -21.51 45.69
N CYS J 175 -47.20 -20.30 45.45
CA CYS J 175 -48.16 -20.11 44.33
C CYS J 175 -47.54 -20.32 42.95
N TYR J 176 -46.29 -19.91 42.78
CA TYR J 176 -45.60 -20.05 41.47
C TYR J 176 -44.76 -21.32 41.40
N GLY J 177 -44.83 -22.17 42.42
CA GLY J 177 -44.08 -23.43 42.42
C GLY J 177 -42.71 -23.34 43.06
N LEU J 178 -42.41 -22.26 43.73
CA LEU J 178 -41.10 -22.09 44.38
C LEU J 178 -41.00 -23.02 45.58
N SER J 179 -39.79 -23.29 46.01
CA SER J 179 -39.57 -24.17 47.17
C SER J 179 -40.19 -23.53 48.42
N LYS J 180 -41.01 -24.29 49.14
CA LYS J 180 -41.65 -23.81 50.39
C LYS J 180 -40.86 -24.31 51.61
N GLY J 181 -39.69 -24.89 51.41
CA GLY J 181 -38.86 -25.42 52.51
C GLY J 181 -38.95 -26.92 52.68
N GLY J 182 -39.60 -27.63 51.77
CA GLY J 182 -39.74 -29.09 51.85
C GLY J 182 -39.48 -29.76 50.52
N PHE J 183 -39.07 -31.02 50.58
CA PHE J 183 -38.79 -31.78 49.36
C PHE J 183 -40.11 -32.20 48.71
N VAL J 184 -40.00 -32.77 47.52
CA VAL J 184 -41.20 -33.20 46.75
C VAL J 184 -40.98 -34.65 46.32
N PRO J 185 -42.07 -35.36 45.99
CA PRO J 185 -41.90 -36.74 45.60
C PRO J 185 -41.03 -36.87 44.35
N TRP J 186 -40.01 -37.72 44.41
CA TRP J 186 -39.12 -37.98 43.27
C TRP J 186 -39.35 -39.41 42.80
N PHE J 187 -39.88 -39.56 41.59
CA PHE J 187 -40.20 -40.90 41.04
C PHE J 187 -40.39 -40.79 39.53
N SER K 3 10.51 -13.87 -31.45
CA SER K 3 10.16 -12.90 -30.38
C SER K 3 9.19 -11.85 -30.90
N THR K 4 7.95 -11.90 -30.43
CA THR K 4 6.91 -10.93 -30.85
C THR K 4 7.09 -9.64 -30.09
N TYR K 5 7.34 -8.55 -30.81
CA TYR K 5 7.52 -7.22 -30.21
C TYR K 5 6.51 -6.27 -30.84
N ILE K 6 5.86 -5.47 -30.02
CA ILE K 6 4.85 -4.50 -30.48
C ILE K 6 5.53 -3.14 -30.56
N ILE K 7 5.61 -2.59 -31.75
CA ILE K 7 6.23 -1.27 -31.97
C ILE K 7 5.12 -0.25 -32.01
N LYS K 8 5.20 0.75 -31.13
CA LYS K 8 4.16 1.80 -31.06
C LYS K 8 4.81 3.16 -31.18
N GLU K 9 4.02 4.14 -31.60
CA GLU K 9 4.50 5.53 -31.75
C GLU K 9 3.55 6.42 -30.97
N VAL K 10 4.09 7.37 -30.23
CA VAL K 10 3.26 8.32 -29.45
C VAL K 10 4.00 9.63 -29.31
N GLN K 11 3.27 10.70 -29.03
CA GLN K 11 3.91 12.00 -28.84
C GLN K 11 4.75 12.02 -27.57
N ASN K 12 4.19 11.58 -26.46
CA ASN K 12 4.91 11.55 -25.17
C ASN K 12 5.03 10.12 -24.70
N ILE K 13 6.06 9.83 -23.92
CA ILE K 13 6.32 8.45 -23.44
C ILE K 13 5.06 7.92 -22.76
N ASN K 14 4.24 8.80 -22.20
CA ASN K 14 3.01 8.38 -21.51
C ASN K 14 1.85 8.47 -22.49
N SER K 15 1.40 7.34 -23.01
CA SER K 15 0.25 7.29 -23.93
C SER K 15 -0.15 5.83 -24.14
N ASP K 16 -1.31 5.62 -24.73
CA ASP K 16 -1.82 4.26 -25.01
C ASP K 16 -2.23 4.18 -26.46
N ARG K 17 -1.30 3.85 -27.35
CA ARG K 17 -1.58 3.67 -28.79
C ARG K 17 -1.15 2.28 -29.24
N GLU K 18 -1.95 1.68 -30.13
CA GLU K 18 -1.65 0.32 -30.61
C GLU K 18 -0.36 0.32 -31.42
N GLY K 19 0.19 -0.86 -31.64
CA GLY K 19 1.45 -0.99 -32.39
C GLY K 19 1.46 -2.22 -33.26
N VAL K 20 2.41 -2.26 -34.19
CA VAL K 20 2.54 -3.41 -35.12
C VAL K 20 3.37 -4.50 -34.47
N LYS K 21 3.06 -5.76 -34.81
CA LYS K 21 3.79 -6.92 -34.27
C LYS K 21 4.88 -7.28 -35.25
N VAL K 22 6.13 -7.10 -34.87
CA VAL K 22 7.26 -7.40 -35.77
C VAL K 22 7.58 -8.88 -35.80
N GLU K 23 7.54 -9.57 -34.66
CA GLU K 23 7.88 -11.01 -34.61
C GLU K 23 9.34 -11.20 -34.98
N THR K 24 10.19 -10.31 -34.51
CA THR K 24 11.63 -10.37 -34.82
C THR K 24 12.37 -11.32 -33.88
N THR K 25 13.59 -11.69 -34.27
CA THR K 25 14.43 -12.57 -33.43
C THR K 25 14.90 -11.88 -32.16
N SER K 26 15.47 -10.70 -32.27
CA SER K 26 16.01 -9.95 -31.11
C SER K 26 15.50 -8.53 -31.10
N LEU K 27 15.67 -7.85 -29.97
CA LEU K 27 15.21 -6.46 -29.81
C LEU K 27 15.97 -5.53 -30.76
N THR K 28 17.26 -5.74 -30.95
CA THR K 28 18.06 -4.85 -31.82
C THR K 28 17.42 -4.78 -33.21
N SER K 29 16.89 -5.89 -33.71
CA SER K 29 16.25 -5.89 -35.03
C SER K 29 15.02 -5.00 -35.02
N ALA K 30 14.18 -5.12 -34.00
CA ALA K 30 12.97 -4.28 -33.92
C ALA K 30 13.36 -2.82 -33.82
N LYS K 31 14.41 -2.51 -33.09
CA LYS K 31 14.85 -1.11 -32.95
C LYS K 31 15.32 -0.56 -34.29
N ARG K 32 16.13 -1.32 -35.01
CA ARG K 32 16.64 -0.85 -36.31
C ARG K 32 15.47 -0.70 -37.27
N ILE K 33 14.49 -1.60 -37.20
CA ILE K 33 13.32 -1.54 -38.10
C ILE K 33 12.48 -0.31 -37.77
N ALA K 34 12.26 -0.03 -36.50
CA ALA K 34 11.48 1.14 -36.11
C ALA K 34 12.16 2.42 -36.58
N SER K 35 13.48 2.48 -36.44
CA SER K 35 14.23 3.68 -36.84
C SER K 35 14.20 3.84 -38.36
N LYS K 36 14.40 2.76 -39.09
CA LYS K 36 14.45 2.84 -40.57
C LYS K 36 13.05 3.18 -41.11
N ASN K 37 12.00 2.66 -40.47
CA ASN K 37 10.61 2.89 -40.94
C ASN K 37 9.90 3.97 -40.13
N GLN K 38 10.62 4.73 -39.31
CA GLN K 38 9.97 5.76 -38.48
C GLN K 38 9.10 6.65 -39.37
N PHE K 39 7.82 6.71 -39.05
CA PHE K 39 6.85 7.47 -39.84
C PHE K 39 6.71 8.92 -39.37
N PHE K 40 7.37 9.30 -38.29
CA PHE K 40 7.26 10.69 -37.80
C PHE K 40 8.58 11.15 -37.20
N HIS K 41 8.77 12.46 -37.18
CA HIS K 41 10.00 13.05 -36.64
C HIS K 41 9.93 13.23 -35.12
N GLY K 42 8.86 13.84 -34.62
CA GLY K 42 8.73 14.14 -33.20
C GLY K 42 8.08 13.05 -32.36
N THR K 43 7.76 11.90 -32.92
CA THR K 43 7.15 10.82 -32.13
C THR K 43 8.15 10.16 -31.21
N VAL K 44 7.65 9.48 -30.19
CA VAL K 44 8.48 8.77 -29.20
C VAL K 44 8.25 7.28 -29.41
N LEU K 45 9.26 6.60 -29.92
CA LEU K 45 9.14 5.15 -30.19
C LEU K 45 9.01 4.40 -28.88
N ARG K 46 8.09 3.45 -28.81
CA ARG K 46 7.90 2.64 -27.60
C ARG K 46 7.74 1.19 -28.02
N ILE K 47 8.70 0.34 -27.65
CA ILE K 47 8.66 -1.10 -27.97
C ILE K 47 8.13 -1.83 -26.75
N GLU K 48 7.16 -2.70 -26.96
CA GLU K 48 6.57 -3.49 -25.87
C GLU K 48 6.33 -4.91 -26.32
N SER K 49 6.33 -5.83 -25.37
CA SER K 49 6.13 -7.27 -25.68
C SER K 49 4.65 -7.51 -25.95
N GLU K 50 4.29 -8.76 -26.17
CA GLU K 50 2.88 -9.11 -26.45
C GLU K 50 1.99 -8.68 -25.30
N SER K 51 2.50 -8.73 -24.07
CA SER K 51 1.72 -8.32 -22.89
C SER K 51 1.78 -6.79 -22.75
N GLY K 52 1.29 -6.27 -21.64
CA GLY K 52 1.26 -4.82 -21.41
C GLY K 52 2.56 -4.27 -20.85
N ASN K 53 3.59 -5.09 -20.74
CA ASN K 53 4.87 -4.64 -20.15
C ASN K 53 5.64 -3.82 -21.18
N TRP K 54 6.13 -2.66 -20.78
CA TRP K 54 6.91 -1.80 -21.69
C TRP K 54 8.33 -2.32 -21.74
N LEU K 55 8.82 -2.62 -22.94
CA LEU K 55 10.18 -3.16 -23.10
C LEU K 55 11.19 -2.02 -23.14
N ALA K 56 10.98 -1.01 -23.97
CA ALA K 56 11.90 0.13 -24.05
C ALA K 56 11.25 1.31 -24.73
N TYR K 57 11.85 2.48 -24.59
CA TYR K 57 11.34 3.71 -25.21
C TYR K 57 12.49 4.56 -25.72
N LYS K 58 12.21 5.38 -26.72
CA LYS K 58 13.23 6.27 -27.30
C LYS K 58 12.57 7.58 -27.70
N GLU K 59 13.04 8.67 -27.13
CA GLU K 59 12.51 10.02 -27.43
C GLU K 59 13.05 10.51 -28.77
N ASP K 60 12.43 11.56 -29.30
CA ASP K 60 12.87 12.09 -30.60
C ASP K 60 14.32 12.56 -30.52
N GLY K 61 14.66 13.33 -29.51
CA GLY K 61 16.02 13.89 -29.38
C GLY K 61 16.89 13.15 -28.40
N LYS K 62 16.52 11.93 -28.05
CA LYS K 62 17.26 11.14 -27.04
C LYS K 62 17.54 9.75 -27.54
N ARG K 63 18.50 9.08 -26.92
CA ARG K 63 18.89 7.72 -27.30
C ARG K 63 17.95 6.69 -26.67
N TRP K 64 18.08 5.46 -27.12
CA TRP K 64 17.24 4.37 -26.60
C TRP K 64 17.39 4.27 -25.09
N ILE K 65 16.29 3.96 -24.41
CA ILE K 65 16.30 3.76 -22.95
C ILE K 65 15.44 2.55 -22.62
N GLU K 66 15.73 1.87 -21.53
CA GLU K 66 14.96 0.68 -21.10
C GLU K 66 14.40 0.91 -19.71
N SER L 3 47.94 9.70 -19.22
CA SER L 3 46.91 9.16 -18.30
C SER L 3 46.50 10.20 -17.28
N THR L 4 45.28 10.73 -17.40
CA THR L 4 44.77 11.75 -16.47
C THR L 4 44.30 11.06 -15.20
N TYR L 5 44.89 11.43 -14.08
CA TYR L 5 44.51 10.87 -12.76
C TYR L 5 44.14 12.01 -11.85
N ILE L 6 43.03 11.86 -11.13
CA ILE L 6 42.55 12.89 -10.18
C ILE L 6 43.01 12.51 -8.79
N ILE L 7 43.83 13.36 -8.19
CA ILE L 7 44.35 13.13 -6.83
C ILE L 7 43.48 13.92 -5.88
N LYS L 8 42.92 13.23 -4.89
CA LYS L 8 42.04 13.87 -3.90
C LYS L 8 42.51 13.54 -2.50
N GLU L 9 42.15 14.38 -1.56
CA GLU L 9 42.52 14.20 -0.15
C GLU L 9 41.27 14.34 0.69
N VAL L 10 41.12 13.49 1.69
CA VAL L 10 39.94 13.53 2.58
C VAL L 10 40.32 13.00 3.95
N GLN L 11 39.54 13.35 4.95
CA GLN L 11 39.81 12.89 6.32
C GLN L 11 39.59 11.38 6.43
N ASN L 12 38.49 10.90 5.89
CA ASN L 12 38.15 9.46 5.95
C ASN L 12 38.16 8.88 4.54
N ILE L 13 38.48 7.61 4.42
CA ILE L 13 38.57 6.94 3.12
C ILE L 13 37.26 7.13 2.37
N ASN L 14 36.14 7.24 3.08
CA ASN L 14 34.82 7.44 2.46
C ASN L 14 34.47 8.92 2.49
N SER L 15 34.62 9.59 1.37
CA SER L 15 34.30 11.02 1.27
C SER L 15 34.35 11.44 -0.19
N ASP L 16 33.78 12.59 -0.50
CA ASP L 16 33.77 13.13 -1.88
C ASP L 16 34.43 14.50 -1.85
N ARG L 17 35.44 14.70 -2.66
CA ARG L 17 36.14 16.00 -2.75
C ARG L 17 36.81 16.12 -4.11
N GLU L 18 36.96 17.35 -4.59
CA GLU L 18 37.62 17.57 -5.88
C GLU L 18 39.09 17.23 -5.78
N GLY L 19 39.69 16.97 -6.93
CA GLY L 19 41.11 16.63 -6.97
C GLY L 19 41.83 17.25 -8.13
N VAL L 20 43.15 17.30 -8.03
CA VAL L 20 43.99 17.88 -9.11
C VAL L 20 44.22 16.83 -10.20
N LYS L 21 44.32 17.30 -11.44
CA LYS L 21 44.56 16.39 -12.59
C LYS L 21 46.06 16.34 -12.82
N VAL L 22 46.66 15.18 -12.59
CA VAL L 22 48.13 15.03 -12.75
C VAL L 22 48.51 14.85 -14.22
N GLU L 23 47.72 14.11 -14.98
CA GLU L 23 48.04 13.83 -16.40
C GLU L 23 49.37 13.10 -16.50
N THR L 24 49.60 12.16 -15.58
CA THR L 24 50.85 11.40 -15.56
C THR L 24 50.82 10.22 -16.53
N THR L 25 52.01 9.67 -16.81
CA THR L 25 52.11 8.51 -17.72
C THR L 25 51.50 7.26 -17.10
N SER L 26 51.89 6.96 -15.85
CA SER L 26 51.58 5.68 -15.13
C SER L 26 50.93 5.92 -13.76
N LEU L 27 50.16 4.95 -13.24
CA LEU L 27 49.50 5.08 -11.92
C LEU L 27 50.50 5.09 -10.75
N THR L 28 51.57 4.30 -10.84
CA THR L 28 52.59 4.26 -9.76
C THR L 28 53.24 5.64 -9.68
N SER L 29 53.46 6.25 -10.84
CA SER L 29 54.03 7.61 -10.84
C SER L 29 53.05 8.53 -10.11
N ALA L 30 51.76 8.31 -10.36
CA ALA L 30 50.72 9.15 -9.71
C ALA L 30 50.81 8.97 -8.20
N LYS L 31 51.00 7.73 -7.76
CA LYS L 31 51.03 7.50 -6.30
C LYS L 31 52.20 8.29 -5.75
N ARG L 32 53.35 8.22 -6.41
CA ARG L 32 54.53 8.90 -5.82
C ARG L 32 54.25 10.41 -5.78
N ILE L 33 53.67 10.95 -6.85
CA ILE L 33 53.43 12.41 -6.90
C ILE L 33 52.47 12.80 -5.78
N ALA L 34 51.43 12.01 -5.57
CA ALA L 34 50.40 12.35 -4.56
C ALA L 34 51.06 12.36 -3.19
N SER L 35 51.88 11.35 -2.93
CA SER L 35 52.51 11.28 -1.60
C SER L 35 53.39 12.51 -1.43
N LYS L 36 54.11 12.89 -2.49
CA LYS L 36 55.01 14.07 -2.43
C LYS L 36 54.18 15.31 -2.14
N ASN L 37 53.01 15.42 -2.75
CA ASN L 37 52.21 16.67 -2.62
C ASN L 37 51.30 16.62 -1.40
N GLN L 38 51.39 15.56 -0.60
CA GLN L 38 50.43 15.49 0.51
C GLN L 38 50.58 16.75 1.35
N PHE L 39 49.45 17.35 1.73
CA PHE L 39 49.49 18.62 2.50
C PHE L 39 49.17 18.30 3.96
N PHE L 40 49.03 17.02 4.29
CA PHE L 40 48.41 16.67 5.60
C PHE L 40 48.90 15.33 6.08
N HIS L 41 48.80 15.10 7.38
CA HIS L 41 49.26 13.83 8.00
C HIS L 41 48.11 12.84 8.15
N GLY L 42 46.95 13.29 8.60
CA GLY L 42 45.81 12.40 8.85
C GLY L 42 44.92 12.17 7.64
N THR L 43 45.20 12.79 6.50
CA THR L 43 44.36 12.61 5.32
C THR L 43 44.58 11.26 4.68
N VAL L 44 43.60 10.82 3.90
CA VAL L 44 43.67 9.53 3.18
C VAL L 44 43.81 9.85 1.70
N LEU L 45 44.96 9.55 1.13
CA LEU L 45 45.19 9.82 -0.30
C LEU L 45 44.27 8.93 -1.12
N ARG L 46 43.59 9.50 -2.10
CA ARG L 46 42.71 8.71 -2.99
C ARG L 46 42.95 9.11 -4.44
N ILE L 47 43.44 8.17 -5.24
CA ILE L 47 43.69 8.42 -6.68
C ILE L 47 42.47 7.91 -7.42
N GLU L 48 41.91 8.72 -8.30
CA GLU L 48 40.72 8.36 -9.07
C GLU L 48 40.88 8.82 -10.50
N SER L 49 40.30 8.06 -11.42
CA SER L 49 40.38 8.38 -12.86
C SER L 49 39.42 9.52 -13.17
N GLU L 50 39.36 9.91 -14.44
CA GLU L 50 38.45 11.01 -14.85
C GLU L 50 37.01 10.63 -14.54
N SER L 51 36.66 9.37 -14.65
CA SER L 51 35.28 8.90 -14.39
C SER L 51 35.10 8.70 -12.88
N GLY L 52 33.98 8.11 -12.49
CA GLY L 52 33.67 7.89 -11.07
C GLY L 52 34.29 6.63 -10.50
N ASN L 53 35.07 5.90 -11.28
CA ASN L 53 35.69 4.65 -10.78
C ASN L 53 36.90 4.99 -9.92
N TRP L 54 36.96 4.41 -8.73
CA TRP L 54 38.09 4.65 -7.80
C TRP L 54 39.28 3.83 -8.25
N LEU L 55 40.42 4.48 -8.43
CA LEU L 55 41.64 3.76 -8.87
C LEU L 55 42.35 3.13 -7.68
N ALA L 56 42.65 3.90 -6.64
CA ALA L 56 43.33 3.36 -5.46
C ALA L 56 43.24 4.30 -4.29
N TYR L 57 43.52 3.79 -3.10
CA TYR L 57 43.50 4.60 -1.88
C TYR L 57 44.66 4.22 -0.98
N LYS L 58 45.07 5.15 -0.14
CA LYS L 58 46.18 4.91 0.82
C LYS L 58 45.87 5.63 2.11
N GLU L 59 45.79 4.89 3.20
CA GLU L 59 45.51 5.48 4.52
C GLU L 59 46.76 6.14 5.07
N ASP L 60 46.60 7.01 6.03
CA ASP L 60 47.75 7.73 6.61
C ASP L 60 48.71 6.73 7.24
N GLY L 61 48.20 5.79 8.00
CA GLY L 61 49.03 4.80 8.71
C GLY L 61 49.12 3.47 8.00
N LYS L 62 48.72 3.40 6.74
CA LYS L 62 48.71 2.13 5.99
C LYS L 62 49.36 2.30 4.64
N ARG L 63 49.70 1.17 4.02
CA ARG L 63 50.35 1.18 2.70
C ARG L 63 49.32 1.33 1.60
N TRP L 64 49.80 1.53 0.38
CA TRP L 64 48.90 1.70 -0.78
C TRP L 64 47.98 0.49 -0.93
N ILE L 65 46.75 0.75 -1.32
CA ILE L 65 45.76 -0.33 -1.55
C ILE L 65 44.98 -0.01 -2.82
N GLU L 66 44.51 -1.04 -3.51
CA GLU L 66 43.72 -0.85 -4.75
C GLU L 66 42.36 -1.53 -4.60
#